data_5TXT
#
_entry.id   5TXT
#
_cell.length_a   63.489
_cell.length_b   113.814
_cell.length_c   119.344
_cell.angle_alpha   116.52
_cell.angle_beta   98.18
_cell.angle_gamma   92.56
#
_symmetry.space_group_name_H-M   'P 1'
#
loop_
_entity.id
_entity.type
_entity.pdbx_description
1 polymer '5-aminolevulinate synthase, mitochondrial'
2 polymer '5-aminolevulinate synthase, mitochondrial'
3 non-polymer 3,6,9,12,15,18,21,24,27,30,33,36,39-TRIDECAOXAHENTETRACONTANE-1,41-DIOL
4 non-polymer 'SULFATE ION'
5 water water
#
loop_
_entity_poly.entity_id
_entity_poly.type
_entity_poly.pdbx_seq_one_letter_code
_entity_poly.pdbx_strand_id
1 'polypeptide(L)'
;AAAAANHSTQESGFDYEGLIDSELQKKRLDKSYRYFNNINRLAKEFPLAHRQREADKVTVWCSNDYLALSKHPEVLDAMH
KTIDKYGCGAGGTRNIAGHNIPTLNLEAELATLHKKEGALVFSSCYVANDAVLSLLGQKMKDLVIFSDELNHASMIVGIK
HANVKKHIFKHNDLNELEQLLQSYPKSVPKLIAFESVYSMAGSVADIEKICDLADKYGALTFLDEVHAVGLYGPHGAGVA
EHCDFESHRASGIATPKTNDKGGAKTVMDRVDMITGTLGKSFGSVGGYVAASRKLIDWFRSFAPGFIFTTTLPPSVMAGA
TAAIRYQRCHIDLRTSQQKHTMYVKKAFHELGIPVIPNPSHIVPVLIGNADLAKQASDILINKHQIYVQAINFPTVARGT
ERLRITPTPGHTNDLSDILINAVDDVFNELQLPRVRDWESQGGLLGVGESGFVEESNLWTSSQLSLTNDDLNPNVRDPIV
KQLEVSSGIKQ
;
A,D,E
2 'polypeptide(L)'
;AAAAANHSTQESGFDYEGLIDSELQKKRLDKSYRYFNNINRLAKEFPLAHRQREADKVTVWCSNDYLALSKHPEVLDAMH
KTIDKYGCGAGGTRNIAGHNIPTLNLEAELATLHKKEGALVFSSCYVANDAVLSLLGQKMKDLVIFSDELNHASMIVGIK
HANVKKHIFKHNDLNELEQLLQSYPKSVPKLIAFESVYSMAGSVADIEKICDLADKYGALTFLDEVHAVGLYGPHGAGVA
EHCDFESHRASGIATPKTNDKGGAKTVMDRVDMITGTLG(LLP)SFGSVGGYVAASRKLIDWFRSFAPGFIFTTTLPPSV
MAGATAAIRYQRCHIDLRTSQQKHTMYVKKAFHELGIPVIPNPSHIVPVLIGNADLAKQASDILINKHQIYVQAINFPTV
ARGTERLRITPTPGHTNDLSDILINAVDDVFNELQLPRVRDWESQGGLLGVGESGFVEESNLWTSSQLSLTNDDLNPNVR
DPIVKQLEVSSGIKQ
;
B,C,F
#
# COMPACT_ATOMS: atom_id res chain seq x y z
N GLY A 13 -27.84 -32.93 48.35
CA GLY A 13 -28.22 -33.99 47.44
C GLY A 13 -27.03 -34.63 46.76
N PHE A 14 -27.19 -35.01 45.48
CA PHE A 14 -26.09 -35.63 44.75
C PHE A 14 -24.92 -34.67 44.66
N ASP A 15 -23.71 -35.24 44.70
CA ASP A 15 -22.50 -34.42 44.70
C ASP A 15 -22.04 -34.31 43.26
N TYR A 16 -22.27 -33.15 42.66
CA TYR A 16 -21.83 -32.91 41.29
C TYR A 16 -20.37 -32.47 41.25
N GLU A 17 -19.97 -31.59 42.18
CA GLU A 17 -18.62 -31.06 42.17
C GLU A 17 -17.59 -32.14 42.47
N GLY A 18 -17.95 -33.12 43.32
CA GLY A 18 -17.04 -34.21 43.58
C GLY A 18 -16.78 -35.04 42.33
N LEU A 19 -17.85 -35.37 41.59
CA LEU A 19 -17.69 -36.12 40.34
C LEU A 19 -16.84 -35.34 39.35
N ILE A 20 -17.12 -34.05 39.19
CA ILE A 20 -16.34 -33.22 38.26
C ILE A 20 -14.88 -33.18 38.69
N ASP A 21 -14.64 -32.96 39.99
CA ASP A 21 -13.27 -32.92 40.49
C ASP A 21 -12.58 -34.26 40.28
N SER A 22 -13.29 -35.36 40.53
CA SER A 22 -12.68 -36.69 40.36
C SER A 22 -12.20 -36.90 38.93
N GLU A 23 -13.01 -36.52 37.94
CA GLU A 23 -12.63 -36.74 36.55
C GLU A 23 -11.52 -35.78 36.11
N LEU A 24 -11.60 -34.52 36.56
CA LEU A 24 -10.59 -33.54 36.15
C LEU A 24 -9.22 -33.88 36.71
N GLN A 25 -9.15 -34.23 37.99
CA GLN A 25 -7.88 -34.58 38.63
C GLN A 25 -7.38 -35.94 38.17
N LYS A 57 6.69 -14.79 16.88
CA LYS A 57 6.46 -15.28 15.52
C LYS A 57 7.01 -16.69 15.32
N VAL A 58 6.18 -17.56 14.74
CA VAL A 58 6.55 -18.94 14.46
C VAL A 58 6.06 -19.31 13.07
N THR A 59 6.60 -20.41 12.55
CA THR A 59 6.17 -20.96 11.27
C THR A 59 5.28 -22.17 11.53
N VAL A 60 4.08 -22.15 10.97
CA VAL A 60 3.04 -23.13 11.30
C VAL A 60 3.11 -24.25 10.26
N TRP A 61 3.50 -25.44 10.72
CA TRP A 61 3.53 -26.62 9.84
C TRP A 61 2.37 -27.60 10.02
N CYS A 62 1.50 -27.42 11.01
CA CYS A 62 0.36 -28.32 11.22
C CYS A 62 -0.98 -27.77 10.74
N SER A 63 -1.01 -26.61 10.08
CA SER A 63 -2.26 -25.90 9.86
C SER A 63 -3.26 -26.69 9.02
N ASN A 64 -4.53 -26.32 9.16
CA ASN A 64 -5.62 -26.96 8.42
C ASN A 64 -5.78 -26.39 7.02
N ASP A 65 -5.22 -25.23 6.72
CA ASP A 65 -5.49 -24.59 5.43
C ASP A 65 -4.44 -25.10 4.46
N TYR A 66 -4.86 -26.04 3.61
CA TYR A 66 -3.91 -26.83 2.84
C TYR A 66 -3.40 -26.08 1.62
N LEU A 67 -4.23 -25.24 1.02
CA LEU A 67 -3.87 -24.45 -0.14
C LEU A 67 -3.44 -23.03 0.21
N ALA A 68 -3.38 -22.68 1.50
CA ALA A 68 -3.01 -21.34 1.94
C ALA A 68 -3.92 -20.28 1.33
N LEU A 69 -5.18 -20.62 1.10
CA LEU A 69 -6.13 -19.72 0.47
C LEU A 69 -6.85 -18.81 1.46
N SER A 70 -6.71 -19.07 2.76
CA SER A 70 -7.46 -18.28 3.75
C SER A 70 -7.11 -16.80 3.65
N LYS A 71 -5.84 -16.50 3.38
CA LYS A 71 -5.39 -15.12 3.18
C LYS A 71 -5.29 -14.71 1.72
N HIS A 72 -5.73 -15.55 0.78
CA HIS A 72 -5.60 -15.21 -0.63
C HIS A 72 -6.43 -13.96 -0.95
N PRO A 73 -5.95 -13.10 -1.86
CA PRO A 73 -6.68 -11.84 -2.12
C PRO A 73 -8.12 -12.01 -2.58
N GLU A 74 -8.40 -12.94 -3.49
CA GLU A 74 -9.76 -13.10 -4.00
C GLU A 74 -10.73 -13.54 -2.92
N VAL A 75 -10.26 -14.29 -1.92
CA VAL A 75 -11.13 -14.66 -0.79
C VAL A 75 -11.36 -13.46 0.10
N LEU A 76 -10.28 -12.75 0.46
CA LEU A 76 -10.42 -11.58 1.32
C LEU A 76 -11.27 -10.51 0.66
N ASP A 77 -11.09 -10.31 -0.65
CA ASP A 77 -11.87 -9.29 -1.35
C ASP A 77 -13.35 -9.65 -1.36
N ALA A 78 -13.68 -10.95 -1.53
CA ALA A 78 -15.07 -11.37 -1.52
C ALA A 78 -15.72 -11.14 -0.16
N MET A 79 -14.96 -11.36 0.91
CA MET A 79 -15.51 -11.15 2.25
C MET A 79 -15.68 -9.67 2.57
N HIS A 80 -14.65 -8.88 2.35
CA HIS A 80 -14.77 -7.44 2.55
C HIS A 80 -15.98 -6.90 1.81
N LYS A 81 -16.14 -7.27 0.55
CA LYS A 81 -17.25 -6.76 -0.24
C LYS A 81 -18.59 -7.28 0.27
N THR A 82 -18.65 -8.58 0.62
CA THR A 82 -19.90 -9.14 1.13
C THR A 82 -20.27 -8.56 2.48
N ILE A 83 -19.27 -8.34 3.35
CA ILE A 83 -19.53 -7.69 4.63
C ILE A 83 -20.19 -6.34 4.43
N ASP A 84 -19.58 -5.48 3.61
CA ASP A 84 -20.13 -4.14 3.40
C ASP A 84 -21.59 -4.21 2.94
N LYS A 85 -21.91 -5.17 2.09
CA LYS A 85 -23.27 -5.26 1.54
C LYS A 85 -24.24 -5.96 2.51
N TYR A 86 -23.84 -7.11 3.05
CA TYR A 86 -24.73 -7.93 3.87
C TYR A 86 -24.60 -7.74 5.37
N GLY A 87 -23.57 -7.04 5.84
CA GLY A 87 -23.28 -7.05 7.25
C GLY A 87 -22.55 -8.31 7.65
N CYS A 88 -22.62 -8.61 8.96
CA CYS A 88 -21.86 -9.74 9.51
C CYS A 88 -22.65 -11.04 9.44
N GLY A 89 -23.67 -11.17 10.27
CA GLY A 89 -24.43 -12.41 10.33
C GLY A 89 -25.58 -12.47 9.33
N ALA A 90 -26.10 -13.69 9.16
CA ALA A 90 -27.21 -13.91 8.23
C ALA A 90 -28.52 -13.39 8.81
N GLY A 91 -28.63 -13.34 10.14
CA GLY A 91 -29.83 -12.83 10.76
C GLY A 91 -31.01 -13.75 10.74
N GLY A 92 -30.79 -15.05 10.55
CA GLY A 92 -31.89 -16.00 10.56
C GLY A 92 -31.42 -17.39 10.16
N THR A 93 -32.41 -18.27 10.01
CA THR A 93 -32.19 -19.63 9.53
C THR A 93 -32.57 -19.70 8.05
N ARG A 94 -32.36 -20.87 7.44
CA ARG A 94 -32.70 -21.00 6.03
C ARG A 94 -34.20 -20.80 5.80
N ASN A 95 -35.02 -21.18 6.79
CA ASN A 95 -36.47 -21.00 6.66
C ASN A 95 -36.92 -19.58 6.99
N ILE A 96 -36.26 -18.90 7.92
CA ILE A 96 -36.64 -17.55 8.32
C ILE A 96 -35.46 -16.63 8.10
N ALA A 97 -35.55 -15.75 7.09
CA ALA A 97 -34.65 -14.61 6.91
C ALA A 97 -33.21 -14.98 6.58
N GLY A 98 -32.84 -16.25 6.69
CA GLY A 98 -31.46 -16.67 6.51
C GLY A 98 -31.14 -17.39 5.21
N HIS A 99 -31.96 -17.19 4.18
CA HIS A 99 -31.72 -17.76 2.87
C HIS A 99 -31.48 -16.63 1.89
N ASN A 100 -30.39 -16.73 1.11
CA ASN A 100 -29.87 -15.57 0.41
C ASN A 100 -29.01 -16.04 -0.77
N ILE A 101 -28.48 -15.07 -1.51
CA ILE A 101 -27.70 -15.32 -2.72
C ILE A 101 -26.36 -15.99 -2.40
N PRO A 102 -25.61 -15.53 -1.41
CA PRO A 102 -24.34 -16.22 -1.10
C PRO A 102 -24.52 -17.68 -0.74
N THR A 103 -25.64 -18.05 -0.11
CA THR A 103 -25.94 -19.45 0.12
C THR A 103 -26.19 -20.18 -1.19
N LEU A 104 -27.01 -19.59 -2.07
CA LEU A 104 -27.35 -20.25 -3.32
C LEU A 104 -26.12 -20.44 -4.19
N ASN A 105 -25.21 -19.45 -4.22
CA ASN A 105 -24.01 -19.57 -5.02
C ASN A 105 -23.06 -20.62 -4.45
N LEU A 106 -22.92 -20.66 -3.12
CA LEU A 106 -22.05 -21.64 -2.50
C LEU A 106 -22.52 -23.07 -2.77
N GLU A 107 -23.80 -23.34 -2.56
CA GLU A 107 -24.31 -24.70 -2.79
C GLU A 107 -24.20 -25.08 -4.26
N ALA A 108 -24.45 -24.12 -5.16
CA ALA A 108 -24.30 -24.40 -6.59
C ALA A 108 -22.85 -24.71 -6.95
N GLU A 109 -21.90 -23.97 -6.37
CA GLU A 109 -20.49 -24.20 -6.67
C GLU A 109 -20.02 -25.55 -6.16
N LEU A 110 -20.50 -25.96 -4.98
CA LEU A 110 -20.12 -27.26 -4.44
C LEU A 110 -20.68 -28.39 -5.29
N ALA A 111 -21.94 -28.29 -5.71
CA ALA A 111 -22.53 -29.32 -6.56
C ALA A 111 -21.81 -29.38 -7.91
N THR A 112 -21.40 -28.22 -8.42
CA THR A 112 -20.65 -28.18 -9.67
C THR A 112 -19.28 -28.82 -9.50
N LEU A 113 -18.63 -28.58 -8.36
CA LEU A 113 -17.32 -29.17 -8.11
C LEU A 113 -17.39 -30.69 -8.14
N HIS A 114 -18.38 -31.26 -7.44
CA HIS A 114 -18.53 -32.71 -7.37
C HIS A 114 -19.43 -33.26 -8.47
N LYS A 115 -19.87 -32.42 -9.39
CA LYS A 115 -20.69 -32.84 -10.53
C LYS A 115 -21.92 -33.61 -10.07
N LYS A 116 -22.55 -33.09 -9.02
CA LYS A 116 -23.71 -33.69 -8.37
C LYS A 116 -24.91 -32.79 -8.62
N GLU A 117 -26.09 -33.39 -8.55
CA GLU A 117 -27.32 -32.64 -8.77
C GLU A 117 -27.49 -31.50 -7.78
N GLY A 118 -27.05 -31.69 -6.53
CA GLY A 118 -27.21 -30.66 -5.52
C GLY A 118 -26.21 -30.80 -4.39
N ALA A 119 -26.18 -29.75 -3.56
CA ALA A 119 -25.33 -29.73 -2.38
C ALA A 119 -26.05 -28.95 -1.30
N LEU A 120 -25.75 -29.29 -0.04
CA LEU A 120 -26.37 -28.64 1.11
C LEU A 120 -25.27 -28.25 2.09
N VAL A 121 -25.31 -27.00 2.56
CA VAL A 121 -24.30 -26.45 3.45
C VAL A 121 -24.79 -26.52 4.89
N PHE A 122 -23.90 -26.90 5.81
CA PHE A 122 -24.17 -27.01 7.22
C PHE A 122 -23.18 -26.14 7.99
N SER A 123 -23.49 -25.90 9.28
CA SER A 123 -22.65 -25.05 10.11
C SER A 123 -21.19 -25.46 10.08
N SER A 124 -20.93 -26.77 10.01
CA SER A 124 -19.55 -27.26 10.00
C SER A 124 -19.54 -28.66 9.41
N CYS A 125 -18.33 -29.22 9.26
CA CYS A 125 -18.20 -30.58 8.73
C CYS A 125 -18.79 -31.60 9.68
N TYR A 126 -18.54 -31.47 10.99
CA TYR A 126 -19.05 -32.47 11.92
C TYR A 126 -20.57 -32.38 12.08
N VAL A 127 -21.15 -31.21 11.83
CA VAL A 127 -22.60 -31.11 11.76
C VAL A 127 -23.12 -31.85 10.52
N ALA A 128 -22.41 -31.72 9.40
CA ALA A 128 -22.85 -32.37 8.17
C ALA A 128 -22.85 -33.88 8.32
N ASN A 129 -21.74 -34.45 8.79
CA ASN A 129 -21.67 -35.90 8.98
C ASN A 129 -22.74 -36.37 9.95
N ASP A 130 -22.90 -35.66 11.07
CA ASP A 130 -23.88 -36.06 12.08
C ASP A 130 -25.31 -35.95 11.55
N ALA A 131 -25.58 -34.93 10.74
CA ALA A 131 -26.92 -34.77 10.18
C ALA A 131 -27.26 -35.89 9.22
N VAL A 132 -26.40 -36.15 8.24
CA VAL A 132 -26.69 -37.15 7.22
C VAL A 132 -26.81 -38.52 7.85
N LEU A 133 -25.80 -38.92 8.62
CA LEU A 133 -25.80 -40.26 9.21
C LEU A 133 -26.99 -40.46 10.15
N SER A 134 -27.27 -39.46 11.00
CA SER A 134 -28.41 -39.57 11.90
C SER A 134 -29.70 -39.83 11.14
N LEU A 135 -29.92 -39.08 10.05
CA LEU A 135 -31.17 -39.19 9.33
C LEU A 135 -31.29 -40.53 8.62
N LEU A 136 -30.18 -41.04 8.09
CA LEU A 136 -30.19 -42.36 7.46
C LEU A 136 -30.65 -43.43 8.44
N GLY A 137 -30.08 -43.42 9.66
CA GLY A 137 -30.48 -44.41 10.65
C GLY A 137 -31.84 -44.14 11.27
N GLN A 138 -32.28 -42.88 11.30
CA GLN A 138 -33.61 -42.58 11.81
C GLN A 138 -34.69 -43.08 10.87
N LYS A 139 -34.56 -42.78 9.57
CA LYS A 139 -35.60 -43.11 8.61
C LYS A 139 -35.55 -44.57 8.16
N MET A 140 -34.37 -45.20 8.15
CA MET A 140 -34.26 -46.64 7.96
C MET A 140 -33.68 -47.20 9.25
N LYS A 141 -34.55 -47.81 10.08
CA LYS A 141 -34.12 -48.32 11.37
C LYS A 141 -33.41 -49.65 11.23
N ASP A 142 -33.70 -50.40 10.17
CA ASP A 142 -33.07 -51.68 9.90
C ASP A 142 -31.73 -51.54 9.18
N LEU A 143 -31.33 -50.32 8.80
CA LEU A 143 -30.13 -50.17 8.01
C LEU A 143 -28.91 -50.69 8.76
N VAL A 144 -28.01 -51.33 8.02
CA VAL A 144 -26.77 -51.87 8.57
C VAL A 144 -25.63 -51.02 8.04
N ILE A 145 -24.83 -50.45 8.95
CA ILE A 145 -23.74 -49.55 8.61
C ILE A 145 -22.43 -50.31 8.72
N PHE A 146 -21.62 -50.25 7.66
CA PHE A 146 -20.29 -50.84 7.63
C PHE A 146 -19.30 -49.69 7.62
N SER A 147 -18.51 -49.58 8.68
CA SER A 147 -17.67 -48.42 8.94
C SER A 147 -16.20 -48.84 8.99
N ASP A 148 -15.35 -48.06 8.33
CA ASP A 148 -13.91 -48.28 8.43
C ASP A 148 -13.42 -47.95 9.84
N GLU A 149 -12.49 -48.75 10.35
CA GLU A 149 -12.10 -48.62 11.75
C GLU A 149 -11.45 -47.28 12.07
N LEU A 150 -10.88 -46.60 11.07
CA LEU A 150 -10.15 -45.35 11.28
C LEU A 150 -10.99 -44.11 11.04
N ASN A 151 -12.30 -44.24 10.81
CA ASN A 151 -13.13 -43.06 10.62
C ASN A 151 -13.00 -42.13 11.83
N HIS A 152 -12.95 -40.82 11.56
CA HIS A 152 -12.75 -39.85 12.62
C HIS A 152 -14.01 -39.70 13.46
N ALA A 153 -13.83 -39.13 14.66
CA ALA A 153 -14.88 -39.12 15.68
C ALA A 153 -16.21 -38.61 15.14
N SER A 154 -16.18 -37.61 14.26
CA SER A 154 -17.41 -37.04 13.73
C SER A 154 -18.25 -38.10 13.04
N MET A 155 -17.63 -38.97 12.24
CA MET A 155 -18.37 -40.07 11.62
C MET A 155 -18.80 -41.11 12.67
N ILE A 156 -17.93 -41.38 13.64
CA ILE A 156 -18.30 -42.31 14.70
C ILE A 156 -19.50 -41.80 15.46
N VAL A 157 -19.48 -40.51 15.83
CA VAL A 157 -20.61 -39.91 16.52
C VAL A 157 -21.87 -40.00 15.67
N GLY A 158 -21.76 -39.69 14.38
CA GLY A 158 -22.93 -39.74 13.50
C GLY A 158 -23.51 -41.14 13.40
N ILE A 159 -22.65 -42.16 13.36
CA ILE A 159 -23.11 -43.54 13.28
C ILE A 159 -23.78 -43.96 14.59
N LYS A 160 -23.21 -43.56 15.72
CA LYS A 160 -23.87 -43.79 17.00
C LYS A 160 -25.26 -43.18 17.01
N HIS A 161 -25.37 -41.91 16.59
CA HIS A 161 -26.67 -41.24 16.56
C HIS A 161 -27.62 -41.86 15.53
N ALA A 162 -27.10 -42.59 14.54
CA ALA A 162 -27.98 -43.31 13.63
C ALA A 162 -28.76 -44.40 14.36
N ASN A 163 -28.19 -44.94 15.44
CA ASN A 163 -28.85 -45.93 16.27
C ASN A 163 -29.34 -47.12 15.45
N VAL A 164 -28.40 -47.73 14.72
CA VAL A 164 -28.66 -48.90 13.90
C VAL A 164 -27.50 -49.87 14.06
N LYS A 165 -27.71 -51.10 13.61
CA LYS A 165 -26.64 -52.10 13.66
C LYS A 165 -25.48 -51.63 12.80
N LYS A 166 -24.26 -51.87 13.29
CA LYS A 166 -23.05 -51.47 12.59
C LYS A 166 -22.02 -52.58 12.66
N HIS A 167 -21.14 -52.60 11.65
CA HIS A 167 -19.99 -53.49 11.64
C HIS A 167 -18.75 -52.67 11.33
N ILE A 168 -17.73 -52.78 12.16
CA ILE A 168 -16.45 -52.11 11.94
C ILE A 168 -15.53 -53.09 11.24
N PHE A 169 -15.06 -52.73 10.04
CA PHE A 169 -14.15 -53.58 9.29
C PHE A 169 -12.73 -53.03 9.34
N LYS A 170 -11.76 -53.93 9.39
CA LYS A 170 -10.37 -53.52 9.55
C LYS A 170 -9.99 -52.52 8.47
N HIS A 171 -9.10 -51.61 8.83
CA HIS A 171 -8.86 -50.44 8.00
C HIS A 171 -8.46 -50.83 6.59
N ASN A 172 -9.20 -50.32 5.61
CA ASN A 172 -8.93 -50.56 4.20
C ASN A 172 -8.88 -52.03 3.87
N ASP A 173 -9.50 -52.88 4.67
CA ASP A 173 -9.58 -54.30 4.36
C ASP A 173 -10.89 -54.51 3.63
N LEU A 174 -10.82 -54.74 2.32
CA LEU A 174 -12.01 -54.92 1.51
C LEU A 174 -12.43 -56.38 1.41
N ASN A 175 -11.56 -57.31 1.80
CA ASN A 175 -11.96 -58.70 1.86
C ASN A 175 -12.93 -58.93 3.02
N GLU A 176 -12.60 -58.39 4.19
CA GLU A 176 -13.50 -58.47 5.34
C GLU A 176 -14.78 -57.69 5.09
N LEU A 177 -14.68 -56.51 4.47
CA LEU A 177 -15.88 -55.76 4.12
C LEU A 177 -16.82 -56.61 3.24
N GLU A 178 -16.27 -57.22 2.19
CA GLU A 178 -17.12 -58.06 1.33
C GLU A 178 -17.70 -59.23 2.11
N GLN A 179 -16.93 -59.79 3.05
CA GLN A 179 -17.47 -60.86 3.88
C GLN A 179 -18.60 -60.36 4.78
N LEU A 180 -18.48 -59.13 5.28
CA LEU A 180 -19.57 -58.57 6.08
C LEU A 180 -20.78 -58.26 5.23
N LEU A 181 -20.57 -57.81 3.99
CA LEU A 181 -21.71 -57.48 3.12
C LEU A 181 -22.42 -58.73 2.63
N GLN A 182 -21.70 -59.84 2.43
CA GLN A 182 -22.30 -61.05 1.88
C GLN A 182 -23.16 -61.79 2.91
N SER A 183 -22.93 -61.56 4.20
CA SER A 183 -23.70 -62.26 5.24
C SER A 183 -25.14 -61.76 5.35
N TYR A 184 -25.53 -60.74 4.57
CA TYR A 184 -26.90 -60.27 4.53
C TYR A 184 -27.46 -60.44 3.13
N PRO A 185 -28.76 -60.65 2.99
CA PRO A 185 -29.38 -60.56 1.67
C PRO A 185 -29.16 -59.18 1.08
N LYS A 186 -29.24 -59.11 -0.25
CA LYS A 186 -29.03 -57.83 -0.92
C LYS A 186 -30.12 -56.82 -0.55
N SER A 187 -31.32 -57.30 -0.20
CA SER A 187 -32.46 -56.42 0.01
C SER A 187 -32.35 -55.61 1.30
N VAL A 188 -31.51 -56.03 2.24
CA VAL A 188 -31.34 -55.29 3.49
C VAL A 188 -30.63 -53.97 3.19
N PRO A 189 -31.18 -52.82 3.58
CA PRO A 189 -30.47 -51.57 3.33
C PRO A 189 -29.13 -51.53 4.06
N LYS A 190 -28.11 -51.02 3.37
CA LYS A 190 -26.76 -50.98 3.91
C LYS A 190 -26.13 -49.64 3.57
N LEU A 191 -25.24 -49.21 4.45
CA LEU A 191 -24.43 -48.03 4.21
C LEU A 191 -22.98 -48.39 4.47
N ILE A 192 -22.12 -48.06 3.52
CA ILE A 192 -20.67 -48.20 3.67
C ILE A 192 -20.11 -46.79 3.87
N ALA A 193 -19.58 -46.53 5.06
CA ALA A 193 -19.13 -45.21 5.45
C ALA A 193 -17.62 -45.24 5.61
N PHE A 194 -16.94 -44.33 4.92
CA PHE A 194 -15.49 -44.31 4.93
C PHE A 194 -15.01 -42.92 4.53
N GLU A 195 -13.69 -42.72 4.59
CA GLU A 195 -13.06 -41.48 4.18
C GLU A 195 -12.17 -41.75 2.98
N SER A 196 -11.95 -40.70 2.19
CA SER A 196 -11.04 -40.81 1.06
C SER A 196 -9.58 -40.77 1.52
N VAL A 197 -9.26 -39.86 2.43
CA VAL A 197 -7.92 -39.73 2.98
C VAL A 197 -8.03 -39.74 4.50
N TYR A 198 -7.31 -40.65 5.15
CA TYR A 198 -7.24 -40.72 6.60
C TYR A 198 -6.06 -39.88 7.07
N SER A 199 -6.36 -38.85 7.87
CA SER A 199 -5.43 -37.74 8.07
C SER A 199 -4.25 -38.08 8.97
N MET A 200 -4.38 -39.10 9.82
CA MET A 200 -3.32 -39.36 10.79
C MET A 200 -2.13 -40.07 10.17
N ALA A 201 -2.36 -41.15 9.41
CA ALA A 201 -1.30 -41.80 8.65
C ALA A 201 -1.28 -41.46 7.16
N GLY A 202 -2.26 -40.70 6.66
CA GLY A 202 -2.27 -40.34 5.26
C GLY A 202 -2.58 -41.46 4.28
N SER A 203 -3.18 -42.56 4.73
CA SER A 203 -3.58 -43.62 3.81
C SER A 203 -4.87 -43.26 3.07
N VAL A 204 -5.06 -43.92 1.93
CA VAL A 204 -6.14 -43.59 1.00
C VAL A 204 -7.00 -44.83 0.76
N ALA A 205 -8.31 -44.62 0.76
CA ALA A 205 -9.25 -45.69 0.48
C ALA A 205 -9.33 -45.94 -1.02
N ASP A 206 -9.66 -47.18 -1.39
CA ASP A 206 -9.93 -47.51 -2.79
C ASP A 206 -11.42 -47.31 -2.97
N ILE A 207 -11.79 -46.21 -3.63
CA ILE A 207 -13.19 -45.81 -3.70
C ILE A 207 -13.92 -46.62 -4.76
N GLU A 208 -13.25 -46.88 -5.89
CA GLU A 208 -13.89 -47.63 -6.97
C GLU A 208 -14.26 -49.03 -6.50
N LYS A 209 -13.33 -49.71 -5.83
CA LYS A 209 -13.61 -51.07 -5.38
C LYS A 209 -14.77 -51.10 -4.39
N ILE A 210 -14.83 -50.12 -3.48
CA ILE A 210 -15.94 -50.07 -2.54
C ILE A 210 -17.26 -49.85 -3.26
N CYS A 211 -17.27 -48.97 -4.28
CA CYS A 211 -18.47 -48.78 -5.09
C CYS A 211 -18.87 -50.08 -5.77
N ASP A 212 -17.89 -50.83 -6.28
CA ASP A 212 -18.19 -52.14 -6.85
C ASP A 212 -18.87 -53.03 -5.83
N LEU A 213 -18.36 -53.04 -4.59
CA LEU A 213 -18.98 -53.83 -3.54
C LEU A 213 -20.37 -53.31 -3.18
N ALA A 214 -20.56 -51.98 -3.22
CA ALA A 214 -21.85 -51.40 -2.89
C ALA A 214 -22.89 -51.75 -3.94
N ASP A 215 -22.50 -51.75 -5.22
CA ASP A 215 -23.43 -52.14 -6.28
C ASP A 215 -23.82 -53.61 -6.16
N LYS A 216 -22.87 -54.47 -5.80
CA LYS A 216 -23.12 -55.90 -5.76
C LYS A 216 -24.06 -56.26 -4.63
N TYR A 217 -23.79 -55.75 -3.43
CA TYR A 217 -24.55 -56.09 -2.23
C TYR A 217 -25.64 -55.07 -1.89
N GLY A 218 -25.89 -54.09 -2.75
CA GLY A 218 -27.04 -53.21 -2.61
C GLY A 218 -26.93 -52.16 -1.52
N ALA A 219 -25.78 -51.52 -1.39
CA ALA A 219 -25.52 -50.59 -0.31
C ALA A 219 -25.36 -49.17 -0.84
N LEU A 220 -25.73 -48.20 -0.01
CA LEU A 220 -25.36 -46.81 -0.25
C LEU A 220 -23.93 -46.59 0.22
N THR A 221 -23.29 -45.58 -0.37
CA THR A 221 -21.94 -45.17 0.01
C THR A 221 -21.99 -43.77 0.61
N PHE A 222 -21.27 -43.60 1.71
CA PHE A 222 -21.09 -42.30 2.35
C PHE A 222 -19.60 -42.04 2.41
N LEU A 223 -19.13 -41.04 1.68
CA LEU A 223 -17.70 -40.76 1.54
C LEU A 223 -17.38 -39.41 2.15
N ASP A 224 -16.41 -39.39 3.06
CA ASP A 224 -15.93 -38.17 3.67
C ASP A 224 -14.62 -37.77 3.00
N GLU A 225 -14.68 -36.70 2.21
CA GLU A 225 -13.55 -36.15 1.47
C GLU A 225 -12.88 -34.97 2.19
N VAL A 226 -13.21 -34.74 3.46
CA VAL A 226 -12.76 -33.55 4.17
C VAL A 226 -11.28 -33.28 3.94
N HIS A 227 -10.45 -34.32 3.99
CA HIS A 227 -9.00 -34.19 3.86
C HIS A 227 -8.51 -34.31 2.43
N ALA A 228 -9.43 -34.35 1.46
CA ALA A 228 -9.15 -34.47 0.03
C ALA A 228 -9.48 -33.21 -0.74
N VAL A 229 -10.72 -32.71 -0.62
CA VAL A 229 -11.21 -31.65 -1.49
C VAL A 229 -10.20 -30.51 -1.56
N GLY A 230 -9.92 -30.06 -2.79
CA GLY A 230 -8.93 -29.08 -3.10
C GLY A 230 -7.54 -29.65 -3.38
N LEU A 231 -7.24 -30.83 -2.82
CA LEU A 231 -5.93 -31.45 -2.96
C LEU A 231 -5.85 -32.54 -4.02
N TYR A 232 -6.97 -32.98 -4.58
CA TYR A 232 -6.94 -34.15 -5.46
C TYR A 232 -7.95 -33.96 -6.58
N GLY A 233 -7.71 -34.69 -7.66
CA GLY A 233 -8.43 -34.50 -8.91
C GLY A 233 -7.88 -33.29 -9.61
N PRO A 234 -8.10 -33.19 -10.92
CA PRO A 234 -7.57 -32.02 -11.64
C PRO A 234 -8.07 -30.72 -11.06
N HIS A 235 -9.35 -30.68 -10.67
CA HIS A 235 -10.01 -29.48 -10.19
C HIS A 235 -10.13 -29.39 -8.67
N GLY A 236 -9.57 -30.34 -7.91
CA GLY A 236 -9.68 -30.31 -6.47
C GLY A 236 -10.97 -30.86 -5.92
N ALA A 237 -11.70 -31.65 -6.70
CA ALA A 237 -12.94 -32.25 -6.24
C ALA A 237 -12.72 -33.43 -5.29
N GLY A 238 -11.48 -33.84 -5.08
CA GLY A 238 -11.14 -34.91 -4.17
C GLY A 238 -10.70 -36.18 -4.89
N VAL A 239 -10.48 -37.22 -4.07
CA VAL A 239 -9.95 -38.48 -4.58
C VAL A 239 -10.93 -39.13 -5.55
N ALA A 240 -12.24 -38.99 -5.28
CA ALA A 240 -13.22 -39.56 -6.20
C ALA A 240 -13.04 -39.02 -7.61
N GLU A 241 -12.74 -37.72 -7.74
CA GLU A 241 -12.44 -37.15 -9.05
C GLU A 241 -11.11 -37.68 -9.58
N HIS A 242 -10.12 -37.85 -8.70
CA HIS A 242 -8.83 -38.39 -9.13
C HIS A 242 -8.97 -39.80 -9.70
N CYS A 243 -9.98 -40.55 -9.27
CA CYS A 243 -10.16 -41.92 -9.74
C CYS A 243 -10.37 -41.96 -11.25
N ASP A 244 -11.12 -41.02 -11.80
CA ASP A 244 -11.06 -40.76 -13.23
C ASP A 244 -10.47 -39.38 -13.37
N PHE A 245 -9.15 -39.32 -13.57
CA PHE A 245 -8.47 -38.03 -13.62
C PHE A 245 -8.56 -37.43 -15.02
N GLU A 246 -8.37 -38.25 -16.04
CA GLU A 246 -8.29 -37.75 -17.40
C GLU A 246 -9.67 -37.46 -17.98
N SER A 247 -10.67 -38.26 -17.63
CA SER A 247 -12.04 -37.95 -18.04
C SER A 247 -12.50 -36.61 -17.47
N HIS A 248 -12.20 -36.34 -16.20
CA HIS A 248 -12.62 -35.07 -15.59
C HIS A 248 -11.82 -33.89 -16.14
N ARG A 249 -10.51 -34.07 -16.32
CA ARG A 249 -9.70 -32.99 -16.86
C ARG A 249 -10.16 -32.61 -18.25
N ALA A 250 -10.46 -33.61 -19.09
CA ALA A 250 -10.93 -33.33 -20.45
C ALA A 250 -12.26 -32.58 -20.42
N SER A 251 -13.24 -33.11 -19.69
CA SER A 251 -14.57 -32.51 -19.69
C SER A 251 -14.62 -31.21 -18.90
N GLY A 252 -13.69 -31.00 -17.96
CA GLY A 252 -13.70 -29.79 -17.16
C GLY A 252 -14.93 -29.68 -16.26
N ILE A 253 -15.70 -28.61 -16.45
CA ILE A 253 -16.88 -28.40 -15.62
C ILE A 253 -17.94 -29.46 -15.88
N ALA A 254 -17.98 -30.01 -17.10
CA ALA A 254 -19.05 -30.89 -17.55
C ALA A 254 -18.86 -32.31 -17.05
N THR A 255 -19.97 -33.04 -16.96
CA THR A 255 -19.91 -34.47 -16.70
C THR A 255 -19.31 -35.17 -17.92
N PRO A 256 -18.28 -35.99 -17.76
CA PRO A 256 -17.74 -36.71 -18.92
C PRO A 256 -18.67 -37.84 -19.36
N LYS A 257 -18.60 -38.15 -20.66
CA LYS A 257 -19.48 -39.18 -21.21
C LYS A 257 -19.07 -40.58 -20.78
N THR A 258 -17.78 -40.79 -20.47
CA THR A 258 -17.30 -42.06 -19.97
C THR A 258 -16.25 -41.81 -18.90
N ASN A 259 -15.99 -42.85 -18.10
CA ASN A 259 -14.96 -42.76 -17.09
C ASN A 259 -13.59 -43.02 -17.73
N ASP A 260 -12.56 -43.09 -16.89
CA ASP A 260 -11.20 -43.34 -17.38
C ASP A 260 -11.05 -44.72 -18.00
N LYS A 261 -11.91 -45.67 -17.65
CA LYS A 261 -11.87 -47.02 -18.18
C LYS A 261 -12.81 -47.25 -19.37
N GLY A 262 -13.50 -46.21 -19.83
CA GLY A 262 -14.45 -46.36 -20.90
C GLY A 262 -15.87 -46.67 -20.47
N GLY A 263 -16.07 -46.93 -19.18
CA GLY A 263 -17.38 -47.27 -18.66
C GLY A 263 -18.33 -46.08 -18.63
N ALA A 264 -19.53 -46.34 -18.11
CA ALA A 264 -20.62 -45.37 -18.20
C ALA A 264 -20.52 -44.27 -17.16
N LYS A 265 -20.19 -44.59 -15.91
CA LYS A 265 -20.28 -43.65 -14.80
C LYS A 265 -18.93 -43.51 -14.11
N THR A 266 -18.57 -42.26 -13.81
CA THR A 266 -17.35 -41.98 -13.06
C THR A 266 -17.52 -42.42 -11.61
N VAL A 267 -16.39 -42.60 -10.92
CA VAL A 267 -16.45 -42.97 -9.50
C VAL A 267 -17.19 -41.91 -8.72
N MET A 268 -16.84 -40.63 -8.92
CA MET A 268 -17.48 -39.55 -8.17
C MET A 268 -18.97 -39.51 -8.41
N ASP A 269 -19.43 -39.93 -9.59
CA ASP A 269 -20.86 -39.99 -9.86
C ASP A 269 -21.52 -41.13 -9.08
N ARG A 270 -20.80 -42.25 -8.91
CA ARG A 270 -21.38 -43.43 -8.30
C ARG A 270 -21.48 -43.31 -6.78
N VAL A 271 -20.64 -42.48 -6.16
CA VAL A 271 -20.72 -42.27 -4.72
C VAL A 271 -22.05 -41.58 -4.39
N ASP A 272 -22.80 -42.16 -3.46
CA ASP A 272 -24.15 -41.67 -3.18
C ASP A 272 -24.13 -40.35 -2.41
N MET A 273 -23.25 -40.24 -1.41
CA MET A 273 -23.15 -39.04 -0.60
C MET A 273 -21.69 -38.70 -0.41
N ILE A 274 -21.32 -37.46 -0.75
CA ILE A 274 -19.97 -36.95 -0.57
C ILE A 274 -20.03 -35.76 0.37
N THR A 275 -19.37 -35.88 1.52
CA THR A 275 -19.30 -34.79 2.49
C THR A 275 -17.90 -34.18 2.47
N GLY A 276 -17.84 -32.90 2.77
CA GLY A 276 -16.58 -32.19 2.81
C GLY A 276 -16.70 -31.03 3.77
N THR A 277 -15.60 -30.26 3.85
CA THR A 277 -15.55 -29.08 4.71
C THR A 277 -15.18 -27.87 3.87
N LEU A 278 -15.65 -26.71 4.32
CA LEU A 278 -15.17 -25.43 3.82
C LEU A 278 -14.08 -24.85 4.72
N GLY A 279 -13.69 -25.59 5.76
CA GLY A 279 -12.80 -25.13 6.79
C GLY A 279 -11.32 -25.43 6.61
N LYS A 280 -10.94 -26.14 5.55
CA LYS A 280 -9.52 -26.47 5.41
C LYS A 280 -8.94 -25.93 4.10
N SER A 281 -9.16 -26.64 2.99
CA SER A 281 -8.56 -26.19 1.74
C SER A 281 -9.21 -24.92 1.22
N PHE A 282 -10.50 -24.76 1.50
CA PHE A 282 -11.27 -23.62 1.02
C PHE A 282 -11.16 -22.41 1.93
N GLY A 283 -10.37 -22.49 2.99
CA GLY A 283 -9.99 -21.33 3.77
C GLY A 283 -11.16 -20.56 4.35
N SER A 284 -12.14 -21.28 4.89
CA SER A 284 -13.40 -20.70 5.37
C SER A 284 -13.85 -21.52 6.57
N VAL A 285 -15.12 -21.43 6.92
CA VAL A 285 -15.72 -22.37 7.85
C VAL A 285 -16.99 -22.93 7.22
N GLY A 286 -17.28 -24.18 7.52
CA GLY A 286 -18.55 -24.77 7.12
C GLY A 286 -18.40 -26.26 6.84
N GLY A 287 -19.52 -26.83 6.40
CA GLY A 287 -19.55 -28.22 5.98
C GLY A 287 -20.64 -28.41 4.95
N TYR A 288 -20.57 -29.51 4.21
CA TYR A 288 -21.54 -29.74 3.17
C TYR A 288 -21.64 -31.22 2.83
N VAL A 289 -22.72 -31.56 2.12
CA VAL A 289 -22.86 -32.85 1.44
C VAL A 289 -23.26 -32.58 0.01
N ALA A 290 -22.74 -33.38 -0.91
CA ALA A 290 -23.12 -33.35 -2.31
C ALA A 290 -23.71 -34.71 -2.68
N ALA A 291 -24.89 -34.71 -3.29
CA ALA A 291 -25.61 -35.94 -3.59
C ALA A 291 -26.66 -35.63 -4.64
N SER A 292 -27.54 -36.61 -4.90
CA SER A 292 -28.68 -36.38 -5.77
C SER A 292 -29.59 -35.32 -5.16
N ARG A 293 -30.32 -34.61 -6.04
CA ARG A 293 -31.22 -33.57 -5.56
C ARG A 293 -32.30 -34.13 -4.63
N LYS A 294 -32.69 -35.39 -4.83
CA LYS A 294 -33.68 -35.99 -3.95
C LYS A 294 -33.11 -36.19 -2.55
N LEU A 295 -31.87 -36.69 -2.47
CA LEU A 295 -31.22 -36.80 -1.16
C LEU A 295 -31.02 -35.43 -0.53
N ILE A 296 -30.62 -34.44 -1.32
CA ILE A 296 -30.41 -33.10 -0.79
C ILE A 296 -31.70 -32.54 -0.22
N ASP A 297 -32.80 -32.69 -0.96
CA ASP A 297 -34.09 -32.23 -0.46
C ASP A 297 -34.51 -33.00 0.78
N TRP A 298 -34.12 -34.27 0.87
CA TRP A 298 -34.39 -35.07 2.06
C TRP A 298 -33.67 -34.49 3.27
N PHE A 299 -32.36 -34.24 3.16
CA PHE A 299 -31.62 -33.62 4.25
C PHE A 299 -32.16 -32.22 4.56
N ARG A 300 -32.38 -31.43 3.52
CA ARG A 300 -32.92 -30.09 3.70
C ARG A 300 -34.22 -30.14 4.50
N SER A 301 -35.08 -31.12 4.23
CA SER A 301 -36.40 -31.17 4.85
C SER A 301 -36.38 -31.80 6.25
N PHE A 302 -35.66 -32.91 6.44
CA PHE A 302 -35.79 -33.70 7.67
C PHE A 302 -34.66 -33.54 8.68
N ALA A 303 -33.58 -32.82 8.38
CA ALA A 303 -32.40 -32.86 9.25
C ALA A 303 -32.45 -31.71 10.26
N PRO A 304 -32.68 -31.97 11.55
CA PRO A 304 -32.79 -30.86 12.50
C PRO A 304 -31.52 -30.03 12.59
N GLY A 305 -30.35 -30.66 12.44
CA GLY A 305 -29.11 -29.93 12.48
C GLY A 305 -28.92 -28.99 11.32
N PHE A 306 -29.65 -29.21 10.22
CA PHE A 306 -29.70 -28.22 9.14
C PHE A 306 -30.73 -27.15 9.43
N ILE A 307 -31.91 -27.55 9.92
CA ILE A 307 -33.07 -26.67 9.99
C ILE A 307 -32.94 -25.64 11.10
N PHE A 308 -32.56 -26.08 12.29
CA PHE A 308 -32.77 -25.35 13.54
C PHE A 308 -31.57 -24.50 13.97
N THR A 309 -30.58 -24.30 13.11
CA THR A 309 -29.44 -23.48 13.44
C THR A 309 -29.33 -22.29 12.49
N THR A 310 -28.63 -21.25 12.94
CA THR A 310 -28.47 -20.04 12.14
C THR A 310 -27.62 -20.33 10.90
N THR A 311 -28.01 -19.71 9.78
CA THR A 311 -27.22 -19.81 8.55
C THR A 311 -25.87 -19.12 8.75
N LEU A 312 -24.85 -19.68 8.10
CA LEU A 312 -23.51 -19.13 8.21
C LEU A 312 -23.49 -17.70 7.64
N PRO A 313 -22.61 -16.83 8.14
CA PRO A 313 -22.54 -15.46 7.65
C PRO A 313 -22.37 -15.40 6.15
N PRO A 314 -23.04 -14.47 5.47
CA PRO A 314 -22.86 -14.38 4.00
C PRO A 314 -21.42 -14.20 3.56
N SER A 315 -20.63 -13.42 4.30
CA SER A 315 -19.24 -13.19 3.90
C SER A 315 -18.43 -14.47 3.99
N VAL A 316 -18.70 -15.29 5.00
CA VAL A 316 -18.03 -16.59 5.12
C VAL A 316 -18.33 -17.44 3.91
N MET A 317 -19.58 -17.41 3.45
CA MET A 317 -19.96 -18.20 2.28
C MET A 317 -19.32 -17.64 1.02
N ALA A 318 -19.37 -16.31 0.84
CA ALA A 318 -18.70 -15.72 -0.32
C ALA A 318 -17.23 -16.05 -0.32
N GLY A 319 -16.60 -16.04 0.86
CA GLY A 319 -15.19 -16.39 0.94
C GLY A 319 -14.92 -17.80 0.44
N ALA A 320 -15.71 -18.77 0.91
CA ALA A 320 -15.56 -20.14 0.44
C ALA A 320 -15.80 -20.24 -1.06
N THR A 321 -16.83 -19.56 -1.56
CA THR A 321 -17.13 -19.62 -2.98
C THR A 321 -15.97 -19.11 -3.82
N ALA A 322 -15.36 -18.01 -3.39
CA ALA A 322 -14.20 -17.47 -4.09
C ALA A 322 -13.07 -18.49 -4.10
N ALA A 323 -12.83 -19.15 -2.97
CA ALA A 323 -11.77 -20.15 -2.88
C ALA A 323 -12.05 -21.32 -3.81
N ILE A 324 -13.29 -21.84 -3.78
CA ILE A 324 -13.64 -22.97 -4.63
C ILE A 324 -13.42 -22.63 -6.09
N ARG A 325 -13.83 -21.43 -6.51
CA ARG A 325 -13.68 -21.04 -7.91
C ARG A 325 -12.21 -20.88 -8.28
N TYR A 326 -11.43 -20.25 -7.41
CA TYR A 326 -10.01 -20.09 -7.69
C TYR A 326 -9.32 -21.45 -7.75
N GLN A 327 -9.52 -22.29 -6.74
CA GLN A 327 -8.81 -23.56 -6.67
C GLN A 327 -9.22 -24.49 -7.79
N ARG A 328 -10.48 -24.43 -8.24
CA ARG A 328 -10.93 -25.30 -9.31
C ARG A 328 -10.05 -25.16 -10.55
N CYS A 329 -9.78 -23.93 -10.95
CA CYS A 329 -9.04 -23.65 -12.18
C CYS A 329 -7.55 -23.40 -11.95
N HIS A 330 -7.05 -23.55 -10.72
CA HIS A 330 -5.61 -23.52 -10.48
C HIS A 330 -5.17 -24.90 -10.01
N ILE A 331 -4.60 -25.68 -10.91
CA ILE A 331 -4.06 -26.97 -10.54
C ILE A 331 -2.66 -26.82 -9.94
N ASP A 332 -2.01 -25.67 -10.18
CA ASP A 332 -0.69 -25.42 -9.64
C ASP A 332 -0.67 -25.35 -8.13
N LEU A 333 -1.83 -25.11 -7.49
CA LEU A 333 -1.90 -25.21 -6.04
C LEU A 333 -1.67 -26.66 -5.60
N ARG A 334 -2.29 -27.61 -6.30
CA ARG A 334 -2.16 -29.02 -5.95
C ARG A 334 -0.79 -29.57 -6.31
N THR A 335 -0.25 -29.20 -7.48
CA THR A 335 1.11 -29.62 -7.82
C THR A 335 2.12 -29.00 -6.87
N SER A 336 1.88 -27.74 -6.49
CA SER A 336 2.77 -27.07 -5.53
C SER A 336 2.81 -27.82 -4.21
N GLN A 337 1.64 -28.12 -3.64
CA GLN A 337 1.60 -28.81 -2.35
C GLN A 337 2.24 -30.18 -2.44
N GLN A 338 1.93 -30.93 -3.50
CA GLN A 338 2.52 -32.26 -3.66
C GLN A 338 4.05 -32.17 -3.77
N LYS A 339 4.55 -31.21 -4.55
CA LYS A 339 6.00 -31.07 -4.70
C LYS A 339 6.64 -30.66 -3.38
N HIS A 340 5.99 -29.78 -2.60
CA HIS A 340 6.54 -29.41 -1.30
C HIS A 340 6.52 -30.58 -0.34
N THR A 341 5.43 -31.37 -0.33
CA THR A 341 5.36 -32.56 0.50
C THR A 341 6.44 -33.56 0.08
N MET A 342 6.60 -33.79 -1.22
CA MET A 342 7.61 -34.74 -1.68
C MET A 342 9.02 -34.24 -1.38
N TYR A 343 9.25 -32.94 -1.51
CA TYR A 343 10.55 -32.37 -1.18
C TYR A 343 10.95 -32.70 0.26
N VAL A 344 10.04 -32.46 1.20
CA VAL A 344 10.30 -32.76 2.61
C VAL A 344 10.56 -34.25 2.80
N LYS A 345 9.67 -35.09 2.26
CA LYS A 345 9.81 -36.53 2.42
C LYS A 345 11.18 -37.01 1.95
N LYS A 346 11.60 -36.56 0.77
CA LYS A 346 12.91 -36.95 0.26
C LYS A 346 14.01 -36.55 1.24
N ALA A 347 13.98 -35.30 1.71
CA ALA A 347 15.04 -34.83 2.61
C ALA A 347 15.05 -35.62 3.91
N PHE A 348 13.87 -35.92 4.46
CA PHE A 348 13.81 -36.76 5.64
C PHE A 348 14.32 -38.16 5.36
N HIS A 349 14.10 -38.67 4.14
CA HIS A 349 14.60 -39.98 3.79
C HIS A 349 16.13 -40.00 3.80
N GLU A 350 16.76 -39.02 3.15
CA GLU A 350 18.22 -38.98 3.09
C GLU A 350 18.84 -38.76 4.46
N LEU A 351 18.11 -38.21 5.42
CA LEU A 351 18.59 -38.03 6.77
C LEU A 351 18.16 -39.15 7.72
N GLY A 352 17.42 -40.13 7.22
CA GLY A 352 16.92 -41.17 8.09
C GLY A 352 15.86 -40.73 9.07
N ILE A 353 15.17 -39.62 8.78
CA ILE A 353 14.03 -39.20 9.59
C ILE A 353 12.88 -40.13 9.24
N PRO A 354 12.29 -40.85 10.23
CA PRO A 354 11.33 -41.91 9.92
C PRO A 354 9.93 -41.42 9.60
N VAL A 355 9.66 -41.13 8.33
CA VAL A 355 8.31 -40.79 7.90
C VAL A 355 7.53 -42.07 7.62
N ILE A 356 6.30 -42.14 8.12
CA ILE A 356 5.42 -43.26 7.82
C ILE A 356 5.03 -43.15 6.36
N PRO A 357 5.33 -44.15 5.52
CA PRO A 357 5.08 -44.01 4.09
C PRO A 357 3.59 -43.93 3.77
N ASN A 358 3.22 -42.93 2.98
CA ASN A 358 1.84 -42.77 2.53
C ASN A 358 1.84 -42.13 1.15
N PRO A 359 0.81 -42.42 0.31
CA PRO A 359 0.70 -41.78 -1.01
C PRO A 359 -0.17 -40.53 -1.02
N SER A 360 0.09 -39.61 -0.10
CA SER A 360 -0.78 -38.43 0.06
C SER A 360 0.09 -37.25 0.49
N HIS A 361 -0.58 -36.18 0.93
CA HIS A 361 0.07 -34.91 1.25
C HIS A 361 0.60 -34.82 2.67
N ILE A 362 0.50 -35.89 3.45
CA ILE A 362 0.79 -35.82 4.88
C ILE A 362 2.18 -36.39 5.14
N VAL A 363 2.87 -35.79 6.10
CA VAL A 363 4.23 -36.20 6.47
C VAL A 363 4.22 -36.55 7.95
N PRO A 364 3.67 -37.68 8.36
CA PRO A 364 3.80 -38.11 9.76
C PRO A 364 5.22 -38.59 10.04
N VAL A 365 5.79 -38.11 11.14
CA VAL A 365 7.15 -38.45 11.53
C VAL A 365 7.06 -39.33 12.76
N LEU A 366 7.52 -40.58 12.61
CA LEU A 366 7.35 -41.57 13.67
C LEU A 366 8.33 -41.31 14.81
N ILE A 367 7.79 -41.23 16.02
CA ILE A 367 8.57 -41.05 17.25
C ILE A 367 8.59 -42.34 18.07
N GLY A 368 7.42 -42.81 18.48
CA GLY A 368 7.30 -44.07 19.19
C GLY A 368 7.07 -43.94 20.68
N ASN A 369 7.11 -42.72 21.21
CA ASN A 369 6.93 -42.49 22.63
C ASN A 369 6.18 -41.18 22.82
N ALA A 370 5.18 -41.19 23.70
CA ALA A 370 4.33 -40.01 23.87
C ALA A 370 5.11 -38.84 24.45
N ASP A 371 5.88 -39.10 25.51
CA ASP A 371 6.61 -38.02 26.17
C ASP A 371 7.69 -37.43 25.26
N LEU A 372 8.36 -38.28 24.48
CA LEU A 372 9.37 -37.77 23.55
C LEU A 372 8.73 -36.97 22.42
N ALA A 373 7.55 -37.40 21.96
CA ALA A 373 6.88 -36.67 20.89
C ALA A 373 6.46 -35.29 21.36
N LYS A 374 5.90 -35.19 22.57
CA LYS A 374 5.57 -33.88 23.12
C LYS A 374 6.83 -33.05 23.34
N GLN A 375 7.90 -33.69 23.82
CA GLN A 375 9.14 -32.95 24.08
C GLN A 375 9.77 -32.46 22.78
N ALA A 376 9.70 -33.27 21.71
CA ALA A 376 10.19 -32.83 20.41
C ALA A 376 9.37 -31.65 19.89
N SER A 377 8.06 -31.69 20.09
CA SER A 377 7.20 -30.58 19.68
C SER A 377 7.52 -29.32 20.46
N ASP A 378 7.72 -29.45 21.78
CA ASP A 378 8.03 -28.29 22.61
C ASP A 378 9.36 -27.67 22.20
N ILE A 379 10.37 -28.50 21.96
CA ILE A 379 11.67 -27.99 21.52
C ILE A 379 11.53 -27.29 20.18
N LEU A 380 10.77 -27.88 19.25
CA LEU A 380 10.65 -27.31 17.93
C LEU A 380 10.08 -25.90 17.98
N ILE A 381 9.04 -25.68 18.79
CA ILE A 381 8.39 -24.39 18.84
C ILE A 381 9.22 -23.38 19.64
N ASN A 382 9.76 -23.79 20.78
CA ASN A 382 10.50 -22.86 21.63
C ASN A 382 11.89 -22.57 21.06
N LYS A 383 12.65 -23.62 20.73
CA LYS A 383 14.02 -23.41 20.25
C LYS A 383 14.06 -23.02 18.78
N HIS A 384 13.34 -23.74 17.91
CA HIS A 384 13.41 -23.56 16.47
C HIS A 384 12.25 -22.74 15.89
N GLN A 385 11.29 -22.31 16.71
CA GLN A 385 10.15 -21.54 16.22
C GLN A 385 9.38 -22.29 15.13
N ILE A 386 9.28 -23.61 15.28
CA ILE A 386 8.54 -24.47 14.36
C ILE A 386 7.38 -25.08 15.14
N TYR A 387 6.16 -24.90 14.64
CA TYR A 387 4.97 -25.42 15.30
C TYR A 387 4.51 -26.69 14.58
N VAL A 388 4.68 -27.83 15.25
CA VAL A 388 4.16 -29.12 14.82
C VAL A 388 3.57 -29.78 16.04
N GLN A 389 2.33 -30.24 15.94
CA GLN A 389 1.66 -30.83 17.08
C GLN A 389 1.89 -32.33 17.12
N ALA A 390 2.24 -32.84 18.31
CA ALA A 390 2.45 -34.26 18.50
C ALA A 390 1.12 -34.98 18.61
N ILE A 391 1.02 -36.13 17.96
CA ILE A 391 -0.19 -36.93 17.91
C ILE A 391 0.03 -38.16 18.77
N ASN A 392 -0.83 -38.34 19.78
CA ASN A 392 -0.67 -39.40 20.76
C ASN A 392 -1.97 -40.19 20.87
N PHE A 393 -1.96 -41.16 21.78
CA PHE A 393 -3.16 -41.90 22.14
C PHE A 393 -4.19 -40.96 22.76
N PRO A 394 -5.49 -41.21 22.57
CA PRO A 394 -6.17 -42.26 21.79
C PRO A 394 -6.08 -42.15 20.27
N THR A 395 -5.75 -40.96 19.74
CA THR A 395 -5.82 -40.74 18.30
C THR A 395 -5.12 -41.86 17.54
N VAL A 396 -3.96 -42.29 18.04
CA VAL A 396 -3.19 -43.36 17.44
C VAL A 396 -2.84 -44.36 18.54
N ALA A 397 -2.42 -45.55 18.12
CA ALA A 397 -2.05 -46.58 19.08
C ALA A 397 -0.79 -46.18 19.84
N ARG A 398 -0.76 -46.51 21.13
CA ARG A 398 0.42 -46.23 21.93
C ARG A 398 1.64 -46.89 21.30
N GLY A 399 2.77 -46.18 21.33
CA GLY A 399 3.98 -46.62 20.67
C GLY A 399 4.09 -46.18 19.22
N THR A 400 3.02 -45.70 18.62
CA THR A 400 3.05 -45.12 17.28
C THR A 400 3.09 -43.60 17.30
N GLU A 401 3.26 -42.98 18.47
CA GLU A 401 3.18 -41.53 18.56
C GLU A 401 4.08 -40.87 17.54
N ARG A 402 3.61 -39.74 16.99
CA ARG A 402 4.22 -39.17 15.81
C ARG A 402 4.03 -37.66 15.82
N LEU A 403 4.77 -36.99 14.95
CA LEU A 403 4.58 -35.57 14.66
C LEU A 403 3.92 -35.45 13.29
N ARG A 404 2.79 -34.74 13.22
CA ARG A 404 2.05 -34.58 11.98
C ARG A 404 2.45 -33.27 11.32
N ILE A 405 2.87 -33.35 10.06
CA ILE A 405 3.32 -32.20 9.28
C ILE A 405 2.49 -32.12 8.01
N THR A 406 1.96 -30.93 7.70
CA THR A 406 1.07 -30.72 6.56
C THR A 406 1.61 -29.57 5.71
N PRO A 407 2.42 -29.87 4.70
CA PRO A 407 2.91 -28.80 3.82
C PRO A 407 1.82 -28.25 2.91
N THR A 408 1.98 -26.99 2.53
CA THR A 408 1.04 -26.27 1.68
C THR A 408 1.79 -25.58 0.57
N PRO A 409 1.08 -24.97 -0.37
CA PRO A 409 1.77 -24.16 -1.40
C PRO A 409 2.54 -23.00 -0.83
N GLY A 410 2.19 -22.52 0.36
CA GLY A 410 2.94 -21.46 1.00
C GLY A 410 4.22 -21.89 1.67
N HIS A 411 4.46 -23.19 1.83
CA HIS A 411 5.73 -23.65 2.38
C HIS A 411 6.65 -23.85 1.20
N THR A 412 7.53 -22.88 0.99
CA THR A 412 8.55 -22.92 -0.03
C THR A 412 9.77 -23.68 0.49
N ASN A 413 10.57 -24.20 -0.44
CA ASN A 413 11.70 -25.04 -0.04
C ASN A 413 12.57 -24.37 1.02
N ASP A 414 12.66 -23.04 0.99
CA ASP A 414 13.43 -22.34 2.02
C ASP A 414 12.85 -22.59 3.41
N LEU A 415 11.52 -22.53 3.53
CA LEU A 415 10.86 -22.87 4.79
C LEU A 415 11.02 -24.35 5.10
N SER A 416 10.90 -25.20 4.08
CA SER A 416 11.14 -26.63 4.28
C SER A 416 12.55 -26.87 4.80
N ASP A 417 13.54 -26.16 4.25
CA ASP A 417 14.92 -26.33 4.71
C ASP A 417 15.06 -26.02 6.19
N ILE A 418 14.40 -24.96 6.66
CA ILE A 418 14.43 -24.64 8.08
C ILE A 418 13.76 -25.74 8.89
N LEU A 419 12.62 -26.23 8.42
CA LEU A 419 11.95 -27.35 9.09
C LEU A 419 12.85 -28.57 9.11
N ILE A 420 13.47 -28.89 7.97
CA ILE A 420 14.26 -30.11 7.88
C ILE A 420 15.45 -30.07 8.82
N ASN A 421 16.17 -28.95 8.83
CA ASN A 421 17.33 -28.84 9.70
C ASN A 421 16.94 -28.86 11.17
N ALA A 422 15.80 -28.24 11.51
CA ALA A 422 15.36 -28.23 12.91
C ALA A 422 14.98 -29.63 13.39
N VAL A 423 14.27 -30.40 12.55
CA VAL A 423 13.90 -31.75 12.95
C VAL A 423 15.14 -32.62 13.12
N ASP A 424 16.10 -32.49 12.20
CA ASP A 424 17.33 -33.26 12.32
C ASP A 424 18.05 -32.93 13.62
N ASP A 425 18.09 -31.66 14.01
CA ASP A 425 18.71 -31.27 15.26
C ASP A 425 17.96 -31.86 16.46
N VAL A 426 16.62 -31.75 16.46
CA VAL A 426 15.84 -32.26 17.58
C VAL A 426 16.02 -33.76 17.74
N PHE A 427 16.10 -34.49 16.61
CA PHE A 427 16.35 -35.92 16.68
C PHE A 427 17.69 -36.23 17.35
N ASN A 428 18.69 -35.37 17.13
CA ASN A 428 19.97 -35.57 17.79
C ASN A 428 19.92 -35.17 19.26
N GLU A 429 19.23 -34.07 19.57
CA GLU A 429 19.16 -33.60 20.95
C GLU A 429 18.44 -34.62 21.84
N LEU A 430 17.39 -35.24 21.33
CA LEU A 430 16.61 -36.21 22.10
C LEU A 430 17.00 -37.66 21.82
N GLN A 431 17.99 -37.90 20.95
CA GLN A 431 18.45 -39.26 20.68
C GLN A 431 17.31 -40.12 20.11
N LEU A 432 16.48 -39.53 19.27
CA LEU A 432 15.31 -40.24 18.77
C LEU A 432 15.71 -41.29 17.74
N PRO A 433 14.96 -42.39 17.63
CA PRO A 433 15.34 -43.44 16.68
C PRO A 433 15.24 -42.95 15.25
N ARG A 434 16.20 -43.38 14.43
CA ARG A 434 16.20 -43.10 13.00
C ARG A 434 15.66 -44.32 12.25
N VAL A 435 15.57 -44.19 10.93
CA VAL A 435 15.02 -45.28 10.11
C VAL A 435 15.77 -46.57 10.38
N ARG A 436 17.10 -46.51 10.39
CA ARG A 436 17.90 -47.72 10.61
C ARG A 436 17.59 -48.33 11.97
N ASP A 437 17.30 -47.50 12.97
CA ASP A 437 16.98 -48.01 14.30
C ASP A 437 15.66 -48.76 14.28
N TRP A 438 14.62 -48.19 13.65
CA TRP A 438 13.36 -48.92 13.48
C TRP A 438 13.58 -50.18 12.64
N GLU A 439 14.52 -50.13 11.70
CA GLU A 439 14.81 -51.29 10.86
C GLU A 439 15.39 -52.44 11.67
N SER A 440 16.17 -52.12 12.70
CA SER A 440 16.79 -53.17 13.52
C SER A 440 15.75 -53.88 14.38
N GLN A 441 14.68 -53.18 14.76
CA GLN A 441 13.62 -53.74 15.60
C GLN A 441 12.51 -54.38 14.78
N GLY A 442 12.67 -54.49 13.46
CA GLY A 442 11.71 -55.15 12.61
C GLY A 442 10.80 -54.22 11.85
N GLY A 443 10.82 -52.93 12.16
CA GLY A 443 9.98 -51.96 11.49
C GLY A 443 8.63 -51.79 12.17
N LEU A 444 8.05 -50.62 11.95
CA LEU A 444 6.71 -50.30 12.45
C LEU A 444 5.98 -49.45 11.42
N LEU A 445 4.75 -49.84 11.11
CA LEU A 445 3.90 -49.08 10.19
C LEU A 445 4.63 -48.78 8.88
N GLY A 446 5.36 -49.77 8.36
CA GLY A 446 6.04 -49.63 7.09
C GLY A 446 7.35 -48.88 7.15
N VAL A 447 7.75 -48.37 8.31
CA VAL A 447 9.06 -47.75 8.48
C VAL A 447 10.07 -48.85 8.79
N GLY A 448 11.06 -49.01 7.92
CA GLY A 448 12.12 -49.98 8.14
C GLY A 448 11.64 -51.42 8.17
N GLU A 449 10.62 -51.73 7.38
CA GLU A 449 10.03 -53.06 7.36
C GLU A 449 10.55 -53.83 6.16
N SER A 450 11.10 -55.01 6.41
CA SER A 450 11.71 -55.80 5.34
C SER A 450 10.66 -56.17 4.30
N GLY A 451 11.01 -56.01 3.04
CA GLY A 451 10.12 -56.40 1.95
C GLY A 451 8.80 -55.67 1.96
N PHE A 452 8.83 -54.38 2.28
CA PHE A 452 7.63 -53.55 2.29
C PHE A 452 7.63 -52.69 1.03
N VAL A 453 6.54 -52.79 0.26
CA VAL A 453 6.36 -52.00 -0.96
C VAL A 453 5.43 -50.85 -0.64
N GLU A 454 5.89 -49.62 -0.86
CA GLU A 454 5.11 -48.44 -0.56
C GLU A 454 4.07 -48.19 -1.66
N GLU A 455 2.88 -47.78 -1.25
CA GLU A 455 1.84 -47.37 -2.18
C GLU A 455 2.34 -46.19 -3.00
N SER A 456 2.16 -46.27 -4.32
CA SER A 456 2.60 -45.18 -5.17
C SER A 456 1.71 -43.94 -4.97
N ASN A 457 2.33 -42.78 -5.09
CA ASN A 457 1.63 -41.52 -4.86
C ASN A 457 0.38 -41.44 -5.73
N LEU A 458 -0.69 -40.88 -5.16
CA LEU A 458 -1.89 -40.61 -5.95
C LEU A 458 -1.57 -39.69 -7.13
N TRP A 459 -0.68 -38.73 -6.93
CA TRP A 459 -0.27 -37.82 -7.99
C TRP A 459 0.92 -38.43 -8.72
N THR A 460 0.70 -38.81 -9.97
CA THR A 460 1.73 -39.35 -10.84
C THR A 460 2.64 -38.24 -11.34
N SER A 461 3.82 -38.64 -11.84
CA SER A 461 4.75 -37.70 -12.47
C SER A 461 4.07 -36.96 -13.62
N SER A 462 3.27 -37.67 -14.42
CA SER A 462 2.53 -37.03 -15.50
C SER A 462 1.59 -35.95 -14.97
N GLN A 463 0.88 -36.24 -13.88
CA GLN A 463 -0.09 -35.29 -13.34
C GLN A 463 0.61 -34.11 -12.69
N LEU A 464 1.74 -34.34 -12.01
CA LEU A 464 2.48 -33.25 -11.39
C LEU A 464 3.07 -32.30 -12.42
N SER A 465 3.21 -32.71 -13.69
CA SER A 465 3.74 -31.83 -14.72
C SER A 465 2.68 -30.91 -15.33
N LEU A 466 1.40 -31.16 -15.07
CA LEU A 466 0.35 -30.33 -15.63
C LEU A 466 0.43 -28.91 -15.07
N THR A 467 -0.06 -27.96 -15.84
CA THR A 467 -0.16 -26.56 -15.43
C THR A 467 -1.60 -26.10 -15.62
N ASN A 468 -1.87 -24.86 -15.22
CA ASN A 468 -3.22 -24.33 -15.35
C ASN A 468 -3.69 -24.26 -16.80
N ASP A 469 -2.76 -24.27 -17.76
CA ASP A 469 -3.12 -24.25 -19.17
C ASP A 469 -3.64 -25.59 -19.65
N ASP A 470 -3.37 -26.67 -18.91
CA ASP A 470 -3.83 -28.01 -19.27
C ASP A 470 -5.25 -28.30 -18.82
N LEU A 471 -5.89 -27.38 -18.10
CA LEU A 471 -7.28 -27.51 -17.71
C LEU A 471 -8.19 -27.00 -18.83
N ASN A 472 -9.37 -27.59 -18.92
CA ASN A 472 -10.38 -27.12 -19.86
C ASN A 472 -10.71 -25.66 -19.54
N PRO A 473 -10.82 -24.79 -20.55
CA PRO A 473 -11.15 -23.38 -20.25
C PRO A 473 -12.46 -23.20 -19.53
N ASN A 474 -13.40 -24.15 -19.64
CA ASN A 474 -14.72 -23.94 -19.06
C ASN A 474 -14.72 -23.95 -17.55
N VAL A 475 -13.60 -24.31 -16.91
CA VAL A 475 -13.47 -24.20 -15.46
C VAL A 475 -12.98 -22.83 -15.03
N ARG A 476 -12.58 -21.98 -15.96
CA ARG A 476 -12.15 -20.61 -15.66
C ARG A 476 -13.33 -19.68 -15.87
N ASP A 477 -13.65 -18.90 -14.83
CA ASP A 477 -14.77 -17.96 -14.84
C ASP A 477 -16.07 -18.58 -15.34
N PRO A 478 -16.47 -19.75 -14.81
CA PRO A 478 -17.73 -20.36 -15.25
C PRO A 478 -18.92 -19.67 -14.62
N ILE A 479 -20.03 -19.68 -15.36
CA ILE A 479 -21.31 -19.18 -14.87
C ILE A 479 -22.04 -20.37 -14.26
N VAL A 480 -22.21 -20.36 -12.94
CA VAL A 480 -22.78 -21.48 -12.20
C VAL A 480 -24.20 -21.08 -11.81
N LYS A 481 -25.18 -21.72 -12.43
CA LYS A 481 -26.57 -21.40 -12.15
C LYS A 481 -26.96 -21.90 -10.77
N GLN A 482 -27.85 -21.14 -10.12
CA GLN A 482 -28.34 -21.55 -8.82
C GLN A 482 -29.25 -22.77 -8.97
N LEU A 483 -29.40 -23.50 -7.86
CA LEU A 483 -30.14 -24.76 -7.84
C LEU A 483 -31.50 -24.56 -7.21
N GLU A 484 -32.51 -25.22 -7.78
CA GLU A 484 -33.87 -25.12 -7.23
C GLU A 484 -33.95 -25.81 -5.87
N VAL A 485 -33.35 -27.00 -5.75
CA VAL A 485 -33.44 -27.76 -4.52
C VAL A 485 -32.95 -26.98 -3.32
N SER A 486 -32.07 -25.99 -3.53
CA SER A 486 -31.62 -25.15 -2.43
C SER A 486 -32.78 -24.37 -1.82
N SER A 487 -33.76 -23.97 -2.64
CA SER A 487 -34.94 -23.27 -2.17
C SER A 487 -36.15 -24.18 -2.00
N GLY A 488 -36.04 -25.45 -2.33
CA GLY A 488 -37.19 -26.33 -2.37
C GLY A 488 -37.74 -26.50 -3.77
N ILE A 489 -38.28 -27.69 -4.05
CA ILE A 489 -38.69 -28.07 -5.40
C ILE A 489 -40.21 -28.01 -5.51
N LYS A 490 -40.70 -27.46 -6.60
CA LYS A 490 -42.12 -27.30 -6.85
C LYS A 490 -42.61 -28.41 -7.76
N GLN A 491 -43.76 -29.01 -7.41
CA GLN A 491 -44.37 -30.07 -8.22
C GLN A 491 -45.80 -29.74 -8.59
N GLU B 11 -30.82 -60.49 -7.61
CA GLU B 11 -31.69 -59.92 -6.58
C GLU B 11 -31.77 -58.41 -6.72
N SER B 12 -32.70 -57.80 -6.00
CA SER B 12 -32.92 -56.35 -6.03
C SER B 12 -32.62 -55.77 -4.66
N GLY B 13 -31.98 -54.62 -4.64
CA GLY B 13 -31.69 -53.95 -3.39
C GLY B 13 -32.88 -53.15 -2.86
N PHE B 14 -32.76 -52.72 -1.62
CA PHE B 14 -33.80 -51.88 -1.04
C PHE B 14 -34.00 -50.66 -1.92
N ASP B 15 -35.24 -50.19 -2.00
CA ASP B 15 -35.55 -49.03 -2.83
C ASP B 15 -35.36 -47.81 -1.93
N TYR B 16 -34.23 -47.12 -2.11
CA TYR B 16 -33.93 -45.95 -1.29
C TYR B 16 -34.67 -44.74 -1.80
N GLU B 17 -34.67 -44.56 -3.13
CA GLU B 17 -35.35 -43.43 -3.72
C GLU B 17 -36.86 -43.48 -3.47
N GLY B 18 -37.43 -44.69 -3.43
CA GLY B 18 -38.83 -44.83 -3.08
C GLY B 18 -39.14 -44.34 -1.68
N LEU B 19 -38.32 -44.75 -0.71
CA LEU B 19 -38.51 -44.29 0.67
C LEU B 19 -38.42 -42.77 0.74
N ILE B 20 -37.37 -42.19 0.15
CA ILE B 20 -37.20 -40.75 0.16
C ILE B 20 -38.39 -40.06 -0.49
N ASP B 21 -38.86 -40.58 -1.62
CA ASP B 21 -40.00 -39.98 -2.31
C ASP B 21 -41.25 -40.01 -1.45
N SER B 22 -41.54 -41.15 -0.81
CA SER B 22 -42.76 -41.27 -0.02
C SER B 22 -42.73 -40.31 1.17
N GLU B 23 -41.56 -40.15 1.80
CA GLU B 23 -41.47 -39.28 2.97
C GLU B 23 -41.62 -37.81 2.58
N LEU B 24 -40.94 -37.39 1.50
CA LEU B 24 -41.07 -36.02 1.03
C LEU B 24 -42.47 -35.74 0.53
N GLN B 25 -43.14 -36.74 -0.03
CA GLN B 25 -44.51 -36.55 -0.48
C GLN B 25 -45.45 -36.30 0.69
N LYS B 26 -45.24 -36.99 1.81
CA LYS B 26 -46.03 -36.71 3.01
C LYS B 26 -45.92 -35.25 3.42
N LYS B 27 -44.69 -34.70 3.38
CA LYS B 27 -44.52 -33.30 3.72
C LYS B 27 -45.22 -32.39 2.72
N ARG B 28 -45.42 -32.85 1.49
CA ARG B 28 -46.18 -32.07 0.53
C ARG B 28 -47.68 -32.16 0.80
N LEU B 29 -48.16 -33.33 1.22
CA LEU B 29 -49.59 -33.49 1.52
C LEU B 29 -50.00 -32.61 2.69
N ASP B 30 -49.30 -32.71 3.81
CA ASP B 30 -49.69 -31.99 5.02
C ASP B 30 -49.27 -30.53 4.98
N LYS B 31 -48.66 -30.08 3.88
CA LYS B 31 -48.29 -28.69 3.66
C LYS B 31 -47.18 -28.22 4.60
N SER B 32 -46.37 -29.15 5.12
CA SER B 32 -45.19 -28.79 5.90
C SER B 32 -43.91 -28.79 5.06
N TYR B 33 -44.00 -29.12 3.77
CA TYR B 33 -42.87 -28.94 2.88
C TYR B 33 -42.58 -27.44 2.74
N ARG B 34 -41.31 -27.08 2.81
CA ARG B 34 -40.90 -25.69 2.98
C ARG B 34 -40.23 -25.14 1.72
N TYR B 35 -40.53 -23.89 1.41
CA TYR B 35 -39.90 -23.15 0.31
C TYR B 35 -39.19 -21.94 0.91
N PHE B 36 -37.88 -21.89 0.73
CA PHE B 36 -37.11 -20.80 1.31
C PHE B 36 -37.20 -19.56 0.42
N ASN B 37 -37.26 -18.40 1.05
CA ASN B 37 -37.34 -17.12 0.35
C ASN B 37 -35.95 -16.53 0.21
N ASN B 38 -35.63 -16.06 -0.99
CA ASN B 38 -34.34 -15.41 -1.20
C ASN B 38 -34.45 -14.01 -0.62
N ILE B 39 -33.68 -13.76 0.43
CA ILE B 39 -33.74 -12.51 1.18
C ILE B 39 -32.31 -12.09 1.45
N ASN B 40 -31.91 -10.95 0.90
CA ASN B 40 -30.56 -10.43 1.07
C ASN B 40 -30.66 -9.14 1.86
N ARG B 41 -30.25 -9.19 3.12
CA ARG B 41 -30.42 -8.06 4.03
C ARG B 41 -29.33 -7.04 3.74
N LEU B 42 -29.73 -5.78 3.62
CA LEU B 42 -28.83 -4.70 3.23
C LEU B 42 -28.25 -4.06 4.49
N ALA B 43 -26.94 -4.20 4.67
CA ALA B 43 -26.26 -3.59 5.80
C ALA B 43 -26.43 -2.08 5.82
N LYS B 44 -26.47 -1.47 4.64
CA LYS B 44 -26.58 -0.01 4.56
C LYS B 44 -28.03 0.47 4.64
N GLU B 45 -29.00 -0.38 4.31
CA GLU B 45 -30.42 -0.01 4.26
C GLU B 45 -31.29 -0.58 5.39
N PHE B 46 -30.72 -1.10 6.47
CA PHE B 46 -31.51 -1.84 7.48
C PHE B 46 -32.81 -1.11 7.91
N PRO B 47 -33.90 -1.86 8.15
CA PRO B 47 -34.09 -3.31 7.96
C PRO B 47 -34.63 -3.70 6.58
N LEU B 48 -34.08 -3.14 5.51
CA LEU B 48 -34.48 -3.56 4.17
C LEU B 48 -33.69 -4.78 3.73
N ALA B 49 -34.27 -5.51 2.79
CA ALA B 49 -33.57 -6.57 2.09
C ALA B 49 -34.06 -6.59 0.64
N HIS B 50 -33.28 -7.20 -0.24
CA HIS B 50 -33.70 -7.39 -1.61
C HIS B 50 -33.85 -8.87 -1.93
N ARG B 51 -34.75 -9.15 -2.86
CA ARG B 51 -35.00 -10.50 -3.34
C ARG B 51 -33.96 -10.83 -4.42
N GLN B 52 -34.18 -11.88 -5.21
CA GLN B 52 -33.15 -12.27 -6.18
C GLN B 52 -32.81 -11.10 -7.11
N ARG B 53 -33.80 -10.28 -7.47
CA ARG B 53 -33.53 -9.05 -8.18
C ARG B 53 -33.20 -7.94 -7.17
N GLU B 54 -32.04 -7.30 -7.34
CA GLU B 54 -31.63 -6.27 -6.40
C GLU B 54 -32.65 -5.13 -6.33
N ALA B 55 -33.38 -4.88 -7.42
CA ALA B 55 -34.31 -3.75 -7.44
C ALA B 55 -35.54 -4.02 -6.56
N ASP B 56 -35.93 -5.28 -6.38
CA ASP B 56 -37.11 -5.56 -5.56
C ASP B 56 -36.68 -5.60 -4.10
N LYS B 57 -37.14 -4.61 -3.34
CA LYS B 57 -36.75 -4.45 -1.94
C LYS B 57 -37.95 -4.71 -1.06
N VAL B 58 -37.69 -5.27 0.12
CA VAL B 58 -38.74 -5.56 1.09
C VAL B 58 -38.26 -5.12 2.46
N THR B 59 -39.20 -4.93 3.36
CA THR B 59 -38.90 -4.64 4.76
C THR B 59 -39.00 -5.94 5.54
N VAL B 60 -37.93 -6.27 6.26
CA VAL B 60 -37.85 -7.54 6.99
C VAL B 60 -38.38 -7.30 8.39
N TRP B 61 -39.54 -7.87 8.68
CA TRP B 61 -40.10 -7.83 10.03
C TRP B 61 -39.94 -9.13 10.83
N CYS B 62 -39.44 -10.21 10.23
CA CYS B 62 -39.27 -11.48 10.93
C CYS B 62 -37.84 -11.85 11.33
N SER B 63 -36.86 -10.99 11.06
CA SER B 63 -35.48 -11.41 11.27
C SER B 63 -35.17 -11.49 12.76
N ASN B 64 -34.27 -12.41 13.09
CA ASN B 64 -33.87 -12.64 14.47
C ASN B 64 -32.69 -11.80 14.90
N ASP B 65 -32.25 -10.85 14.08
CA ASP B 65 -31.18 -9.95 14.49
C ASP B 65 -31.91 -8.82 15.21
N TYR B 66 -31.92 -8.91 16.53
CA TYR B 66 -32.90 -8.17 17.32
C TYR B 66 -32.47 -6.74 17.56
N LEU B 67 -31.16 -6.54 17.75
CA LEU B 67 -30.59 -5.21 17.98
C LEU B 67 -30.00 -4.59 16.72
N ALA B 68 -30.13 -5.24 15.57
CA ALA B 68 -29.57 -4.73 14.33
C ALA B 68 -28.04 -4.62 14.38
N LEU B 69 -27.40 -5.39 15.25
CA LEU B 69 -25.96 -5.29 15.39
C LEU B 69 -25.20 -5.98 14.26
N SER B 70 -25.90 -6.71 13.38
CA SER B 70 -25.21 -7.38 12.29
C SER B 70 -24.54 -6.37 11.36
N LYS B 71 -25.13 -5.18 11.22
CA LYS B 71 -24.57 -4.12 10.41
C LYS B 71 -23.85 -3.01 11.19
N HIS B 72 -23.74 -3.14 12.52
CA HIS B 72 -23.24 -2.02 13.33
C HIS B 72 -21.77 -1.71 13.01
N PRO B 73 -21.37 -0.43 13.02
CA PRO B 73 -19.99 -0.09 12.69
C PRO B 73 -18.92 -0.83 13.49
N GLU B 74 -19.08 -0.97 14.80
CA GLU B 74 -18.04 -1.63 15.60
C GLU B 74 -17.93 -3.11 15.26
N VAL B 75 -19.01 -3.73 14.81
CA VAL B 75 -18.95 -5.12 14.38
C VAL B 75 -18.29 -5.23 13.01
N LEU B 76 -18.75 -4.43 12.05
CA LEU B 76 -18.18 -4.46 10.71
C LEU B 76 -16.70 -4.09 10.74
N ASP B 77 -16.33 -3.09 11.53
CA ASP B 77 -14.93 -2.73 11.65
C ASP B 77 -14.13 -3.87 12.28
N ALA B 78 -14.74 -4.59 13.23
CA ALA B 78 -14.04 -5.70 13.86
C ALA B 78 -13.73 -6.79 12.84
N MET B 79 -14.68 -7.09 11.95
CA MET B 79 -14.45 -8.11 10.93
C MET B 79 -13.39 -7.67 9.94
N HIS B 80 -13.54 -6.47 9.38
CA HIS B 80 -12.59 -5.98 8.39
C HIS B 80 -11.16 -6.01 8.94
N LYS B 81 -10.95 -5.42 10.11
CA LYS B 81 -9.60 -5.37 10.67
C LYS B 81 -9.10 -6.76 11.04
N THR B 82 -9.99 -7.63 11.52
CA THR B 82 -9.55 -8.98 11.87
C THR B 82 -9.27 -9.83 10.64
N ILE B 83 -9.99 -9.57 9.54
CA ILE B 83 -9.71 -10.28 8.29
C ILE B 83 -8.31 -9.94 7.79
N ASP B 84 -7.99 -8.65 7.72
CA ASP B 84 -6.70 -8.22 7.22
C ASP B 84 -5.56 -8.94 7.95
N LYS B 85 -5.67 -9.04 9.28
CA LYS B 85 -4.61 -9.65 10.06
C LYS B 85 -4.65 -11.17 10.03
N TYR B 86 -5.82 -11.77 10.28
CA TYR B 86 -5.93 -13.22 10.41
C TYR B 86 -6.34 -13.95 9.15
N GLY B 87 -6.79 -13.25 8.12
CA GLY B 87 -7.37 -13.94 6.97
C GLY B 87 -8.82 -14.34 7.21
N CYS B 88 -9.26 -15.39 6.52
CA CYS B 88 -10.66 -15.83 6.60
C CYS B 88 -10.86 -16.92 7.64
N GLY B 89 -10.43 -18.14 7.34
CA GLY B 89 -10.68 -19.29 8.19
C GLY B 89 -9.88 -19.35 9.48
N ASN B 100 -6.18 -19.34 20.35
CA ASN B 100 -5.66 -18.05 19.93
C ASN B 100 -6.30 -16.93 20.74
N ILE B 101 -5.91 -15.69 20.45
CA ILE B 101 -6.41 -14.53 21.18
C ILE B 101 -7.91 -14.34 20.92
N PRO B 102 -8.37 -14.37 19.66
CA PRO B 102 -9.80 -14.08 19.41
C PRO B 102 -10.75 -14.98 20.18
N THR B 103 -10.39 -16.25 20.42
CA THR B 103 -11.26 -17.13 21.19
C THR B 103 -11.29 -16.73 22.65
N LEU B 104 -10.14 -16.41 23.24
CA LEU B 104 -10.10 -16.02 24.63
C LEU B 104 -10.85 -14.71 24.86
N ASN B 105 -10.69 -13.75 23.95
CA ASN B 105 -11.41 -12.49 24.08
C ASN B 105 -12.92 -12.74 24.07
N LEU B 106 -13.39 -13.56 23.14
CA LEU B 106 -14.83 -13.83 23.04
C LEU B 106 -15.33 -14.58 24.26
N GLU B 107 -14.61 -15.63 24.67
CA GLU B 107 -15.01 -16.39 25.85
C GLU B 107 -14.97 -15.53 27.11
N ALA B 108 -14.01 -14.61 27.18
CA ALA B 108 -13.93 -13.73 28.34
C ALA B 108 -15.10 -12.76 28.39
N GLU B 109 -15.52 -12.25 27.23
CA GLU B 109 -16.66 -11.34 27.19
C GLU B 109 -17.94 -12.06 27.57
N LEU B 110 -18.13 -13.29 27.10
CA LEU B 110 -19.33 -14.04 27.43
C LEU B 110 -19.37 -14.39 28.91
N ALA B 111 -18.24 -14.78 29.47
CA ALA B 111 -18.19 -15.01 30.92
C ALA B 111 -18.49 -13.73 31.69
N THR B 112 -18.00 -12.60 31.21
CA THR B 112 -18.29 -11.32 31.84
C THR B 112 -19.77 -10.99 31.75
N LEU B 113 -20.36 -11.17 30.57
CA LEU B 113 -21.76 -10.81 30.36
C LEU B 113 -22.65 -11.51 31.37
N HIS B 114 -22.47 -12.81 31.55
CA HIS B 114 -23.27 -13.59 32.47
C HIS B 114 -22.69 -13.64 33.88
N LYS B 115 -21.58 -12.95 34.12
CA LYS B 115 -20.92 -12.95 35.42
C LYS B 115 -20.67 -14.38 35.89
N LYS B 116 -20.12 -15.18 34.98
CA LYS B 116 -19.76 -16.56 35.23
C LYS B 116 -18.24 -16.69 35.16
N GLU B 117 -17.71 -17.68 35.87
CA GLU B 117 -16.26 -17.84 35.94
C GLU B 117 -15.64 -18.10 34.57
N GLY B 118 -16.36 -18.77 33.69
CA GLY B 118 -15.86 -19.00 32.34
C GLY B 118 -16.99 -19.22 31.37
N ALA B 119 -16.62 -19.31 30.10
CA ALA B 119 -17.54 -19.62 29.03
C ALA B 119 -16.80 -20.40 27.95
N LEU B 120 -17.54 -21.21 27.22
CA LEU B 120 -16.98 -22.04 26.16
C LEU B 120 -17.76 -21.79 24.88
N VAL B 121 -17.05 -21.53 23.78
CA VAL B 121 -17.67 -21.20 22.49
C VAL B 121 -17.72 -22.44 21.62
N PHE B 122 -18.82 -22.59 20.88
CA PHE B 122 -19.02 -23.69 19.92
C PHE B 122 -19.37 -23.11 18.56
N SER B 123 -19.51 -23.99 17.57
CA SER B 123 -19.90 -23.57 16.23
C SER B 123 -21.30 -22.95 16.23
N SER B 124 -22.18 -23.44 17.10
CA SER B 124 -23.52 -22.91 17.19
C SER B 124 -24.11 -23.29 18.54
N CYS B 125 -25.17 -22.60 18.93
CA CYS B 125 -25.84 -22.97 20.17
C CYS B 125 -26.57 -24.29 20.03
N TYR B 126 -26.99 -24.64 18.82
CA TYR B 126 -27.50 -25.98 18.58
C TYR B 126 -26.48 -27.01 19.02
N VAL B 127 -25.22 -26.82 18.62
CA VAL B 127 -24.15 -27.71 19.07
C VAL B 127 -23.94 -27.58 20.56
N ALA B 128 -23.90 -26.34 21.06
CA ALA B 128 -23.66 -26.12 22.49
C ALA B 128 -24.68 -26.88 23.33
N ASN B 129 -25.96 -26.79 22.97
CA ASN B 129 -26.99 -27.55 23.68
C ASN B 129 -26.76 -29.04 23.56
N ASP B 130 -26.57 -29.53 22.33
CA ASP B 130 -26.37 -30.96 22.12
C ASP B 130 -25.15 -31.47 22.88
N ALA B 131 -24.04 -30.71 22.84
CA ALA B 131 -22.81 -31.17 23.49
C ALA B 131 -22.94 -31.20 25.01
N VAL B 132 -23.46 -30.12 25.61
CA VAL B 132 -23.55 -30.06 27.07
C VAL B 132 -24.53 -31.10 27.60
N LEU B 133 -25.72 -31.15 27.00
CA LEU B 133 -26.71 -32.12 27.46
C LEU B 133 -26.20 -33.56 27.27
N SER B 134 -25.63 -33.85 26.09
CA SER B 134 -25.09 -35.18 25.87
C SER B 134 -24.05 -35.54 26.94
N LEU B 135 -23.18 -34.60 27.28
CA LEU B 135 -22.11 -34.91 28.22
C LEU B 135 -22.65 -35.14 29.63
N LEU B 136 -23.63 -34.34 30.04
CA LEU B 136 -24.25 -34.53 31.35
C LEU B 136 -24.88 -35.91 31.46
N GLY B 137 -25.47 -36.40 30.38
CA GLY B 137 -26.10 -37.72 30.37
C GLY B 137 -25.10 -38.85 30.32
N GLN B 138 -24.00 -38.67 29.57
CA GLN B 138 -23.00 -39.72 29.51
C GLN B 138 -22.26 -39.86 30.84
N LYS B 139 -21.94 -38.74 31.49
CA LYS B 139 -21.15 -38.80 32.71
C LYS B 139 -21.97 -39.22 33.92
N MET B 140 -23.25 -38.86 33.97
CA MET B 140 -24.16 -39.35 35.00
C MET B 140 -25.24 -40.20 34.30
N LYS B 141 -25.13 -41.52 34.44
CA LYS B 141 -26.10 -42.41 33.81
C LYS B 141 -27.39 -42.50 34.62
N ASP B 142 -27.31 -42.23 35.93
CA ASP B 142 -28.50 -42.15 36.78
C ASP B 142 -29.25 -40.84 36.62
N LEU B 143 -28.71 -39.90 35.84
CA LEU B 143 -29.32 -38.59 35.72
C LEU B 143 -30.77 -38.71 35.26
N VAL B 144 -31.61 -37.81 35.77
CA VAL B 144 -32.99 -37.68 35.34
C VAL B 144 -33.17 -36.24 34.86
N ILE B 145 -33.63 -36.09 33.62
CA ILE B 145 -33.78 -34.77 33.00
C ILE B 145 -35.26 -34.40 33.00
N PHE B 146 -35.55 -33.18 33.46
CA PHE B 146 -36.91 -32.63 33.47
C PHE B 146 -36.93 -31.49 32.46
N SER B 147 -37.77 -31.62 31.44
CA SER B 147 -37.68 -30.80 30.25
C SER B 147 -39.01 -30.12 29.95
N ASP B 148 -38.98 -28.82 29.72
CA ASP B 148 -40.18 -28.09 29.31
C ASP B 148 -40.64 -28.58 27.95
N GLU B 149 -41.95 -28.77 27.80
CA GLU B 149 -42.51 -29.37 26.59
C GLU B 149 -42.24 -28.54 25.34
N LEU B 150 -41.95 -27.25 25.49
CA LEU B 150 -41.69 -26.38 24.36
C LEU B 150 -40.21 -26.17 24.04
N ASN B 151 -39.32 -26.91 24.71
CA ASN B 151 -37.89 -26.71 24.53
C ASN B 151 -37.51 -26.87 23.07
N HIS B 152 -36.45 -26.16 22.69
CA HIS B 152 -35.98 -26.10 21.31
C HIS B 152 -35.55 -27.47 20.82
N ALA B 153 -35.58 -27.64 19.49
CA ALA B 153 -35.19 -28.91 18.89
C ALA B 153 -33.80 -29.34 19.32
N SER B 154 -32.87 -28.38 19.39
CA SER B 154 -31.51 -28.70 19.81
C SER B 154 -31.49 -29.33 21.20
N MET B 155 -32.32 -28.81 22.12
CA MET B 155 -32.36 -29.34 23.47
C MET B 155 -33.02 -30.71 23.51
N ILE B 156 -34.09 -30.90 22.72
CA ILE B 156 -34.71 -32.22 22.61
C ILE B 156 -33.67 -33.23 22.11
N VAL B 157 -32.90 -32.83 21.09
CA VAL B 157 -31.88 -33.71 20.52
C VAL B 157 -30.80 -34.01 21.56
N GLY B 158 -30.34 -32.99 22.26
CA GLY B 158 -29.34 -33.21 23.30
C GLY B 158 -29.84 -34.14 24.40
N ILE B 159 -31.10 -33.96 24.83
CA ILE B 159 -31.65 -34.83 25.87
C ILE B 159 -31.74 -36.26 25.38
N LYS B 160 -32.18 -36.46 24.14
CA LYS B 160 -32.14 -37.79 23.54
C LYS B 160 -30.73 -38.36 23.56
N HIS B 161 -29.75 -37.59 23.06
CA HIS B 161 -28.38 -38.06 23.03
C HIS B 161 -27.82 -38.28 24.43
N ALA B 162 -28.36 -37.61 25.43
CA ALA B 162 -27.96 -37.84 26.82
C ALA B 162 -28.27 -39.26 27.26
N ASN B 163 -29.24 -39.92 26.62
CA ASN B 163 -29.57 -41.32 26.88
C ASN B 163 -29.75 -41.60 28.36
N VAL B 164 -30.62 -40.81 28.99
CA VAL B 164 -30.99 -40.98 30.39
C VAL B 164 -32.49 -40.84 30.50
N LYS B 165 -33.04 -41.21 31.66
CA LYS B 165 -34.47 -41.11 31.88
C LYS B 165 -34.88 -39.64 31.94
N LYS B 166 -35.98 -39.32 31.26
CA LYS B 166 -36.44 -37.95 31.14
C LYS B 166 -37.91 -37.84 31.46
N HIS B 167 -38.33 -36.65 31.89
CA HIS B 167 -39.74 -36.33 32.08
C HIS B 167 -40.03 -34.99 31.43
N ILE B 168 -41.03 -34.97 30.56
CA ILE B 168 -41.49 -33.74 29.93
C ILE B 168 -42.65 -33.20 30.75
N PHE B 169 -42.51 -31.98 31.26
CA PHE B 169 -43.58 -31.34 32.01
C PHE B 169 -44.28 -30.30 31.14
N LYS B 170 -45.58 -30.15 31.36
CA LYS B 170 -46.39 -29.22 30.58
C LYS B 170 -45.80 -27.82 30.68
N HIS B 171 -45.97 -27.05 29.60
CA HIS B 171 -45.20 -25.83 29.43
C HIS B 171 -45.39 -24.88 30.61
N ASN B 172 -44.27 -24.50 31.22
CA ASN B 172 -44.25 -23.53 32.31
C ASN B 172 -45.15 -23.93 33.47
N ASP B 173 -45.46 -25.21 33.61
CA ASP B 173 -46.25 -25.67 34.73
C ASP B 173 -45.26 -26.05 35.81
N LEU B 174 -45.14 -25.18 36.82
CA LEU B 174 -44.20 -25.43 37.91
C LEU B 174 -44.79 -26.39 38.92
N ASN B 175 -46.12 -26.44 39.00
CA ASN B 175 -46.79 -27.43 39.82
C ASN B 175 -46.43 -28.84 39.36
N GLU B 176 -46.61 -29.13 38.07
CA GLU B 176 -46.29 -30.47 37.58
C GLU B 176 -44.80 -30.76 37.72
N LEU B 177 -43.95 -29.74 37.50
CA LEU B 177 -42.51 -29.97 37.64
C LEU B 177 -42.17 -30.44 39.04
N GLU B 178 -42.75 -29.81 40.06
CA GLU B 178 -42.37 -30.13 41.44
C GLU B 178 -42.76 -31.57 41.80
N GLN B 179 -43.95 -32.01 41.39
CA GLN B 179 -44.36 -33.37 41.73
C GLN B 179 -43.51 -34.41 41.01
N LEU B 180 -43.02 -34.08 39.81
CA LEU B 180 -42.06 -34.97 39.14
C LEU B 180 -40.75 -35.04 39.94
N LEU B 181 -40.29 -33.90 40.45
CA LEU B 181 -39.09 -33.90 41.27
C LEU B 181 -39.33 -34.62 42.60
N GLN B 182 -40.54 -34.54 43.15
CA GLN B 182 -40.83 -35.17 44.42
C GLN B 182 -40.73 -36.69 44.34
N SER B 183 -41.06 -37.28 43.19
CA SER B 183 -41.09 -38.73 43.07
C SER B 183 -39.72 -39.38 43.24
N TYR B 184 -38.66 -38.59 43.38
CA TYR B 184 -37.30 -39.12 43.50
C TYR B 184 -36.68 -38.75 44.84
N PRO B 185 -35.78 -39.59 45.35
CA PRO B 185 -34.93 -39.15 46.46
C PRO B 185 -34.10 -37.95 46.01
N LYS B 186 -33.73 -37.11 46.97
CA LYS B 186 -32.90 -35.96 46.65
C LYS B 186 -31.54 -36.37 46.13
N SER B 187 -31.06 -37.56 46.51
CA SER B 187 -29.74 -38.02 46.12
C SER B 187 -29.65 -38.43 44.66
N VAL B 188 -30.78 -38.60 43.99
CA VAL B 188 -30.75 -38.91 42.56
C VAL B 188 -30.33 -37.66 41.79
N PRO B 189 -29.32 -37.73 40.92
CA PRO B 189 -28.94 -36.53 40.16
C PRO B 189 -30.04 -36.13 39.20
N LYS B 190 -30.25 -34.82 39.07
CA LYS B 190 -31.36 -34.30 38.27
C LYS B 190 -30.90 -33.06 37.48
N LEU B 191 -31.54 -32.86 36.33
CA LEU B 191 -31.30 -31.69 35.50
C LEU B 191 -32.64 -31.12 35.05
N ILE B 192 -32.82 -29.82 35.23
CA ILE B 192 -34.02 -29.12 34.79
C ILE B 192 -33.61 -28.26 33.60
N ALA B 193 -34.09 -28.63 32.42
CA ALA B 193 -33.70 -27.98 31.17
C ALA B 193 -34.88 -27.16 30.65
N PHE B 194 -34.66 -25.87 30.45
CA PHE B 194 -35.74 -24.97 30.04
C PHE B 194 -35.13 -23.77 29.33
N GLU B 195 -36.00 -22.91 28.81
CA GLU B 195 -35.61 -21.67 28.14
C GLU B 195 -36.14 -20.50 28.94
N SER B 196 -35.45 -19.36 28.83
CA SER B 196 -35.95 -18.14 29.45
C SER B 196 -37.07 -17.53 28.62
N VAL B 197 -36.87 -17.41 27.31
CA VAL B 197 -37.88 -16.86 26.40
C VAL B 197 -38.11 -17.86 25.28
N TYR B 198 -39.36 -18.32 25.15
CA TYR B 198 -39.76 -19.24 24.09
C TYR B 198 -40.31 -18.40 22.94
N SER B 199 -39.75 -18.61 21.75
CA SER B 199 -39.92 -17.63 20.68
C SER B 199 -41.28 -17.70 20.00
N MET B 200 -41.88 -18.88 19.88
CA MET B 200 -43.08 -18.99 19.06
C MET B 200 -44.24 -18.20 19.65
N ALA B 201 -44.49 -18.34 20.95
CA ALA B 201 -45.51 -17.54 21.62
C ALA B 201 -44.95 -16.36 22.44
N GLY B 202 -43.63 -16.25 22.58
CA GLY B 202 -43.05 -15.18 23.39
C GLY B 202 -43.24 -15.32 24.89
N SER B 203 -43.54 -16.52 25.39
CA SER B 203 -43.70 -16.71 26.82
C SER B 203 -42.35 -16.72 27.53
N VAL B 204 -42.39 -16.52 28.84
CA VAL B 204 -41.20 -16.42 29.67
C VAL B 204 -41.31 -17.39 30.83
N ALA B 205 -40.20 -18.07 31.12
CA ALA B 205 -40.15 -18.97 32.27
C ALA B 205 -39.95 -18.16 33.55
N ASP B 206 -40.38 -18.75 34.66
CA ASP B 206 -40.09 -18.17 35.97
C ASP B 206 -38.80 -18.83 36.46
N ILE B 207 -37.69 -18.09 36.39
CA ILE B 207 -36.39 -18.71 36.59
C ILE B 207 -36.10 -18.87 38.07
N GLU B 208 -36.50 -17.90 38.89
CA GLU B 208 -36.25 -17.98 40.32
C GLU B 208 -36.98 -19.16 40.95
N LYS B 209 -38.23 -19.39 40.54
CA LYS B 209 -38.99 -20.51 41.08
C LYS B 209 -38.40 -21.85 40.65
N ILE B 210 -37.82 -21.93 39.45
CA ILE B 210 -37.15 -23.16 39.04
C ILE B 210 -35.85 -23.33 39.82
N CYS B 211 -35.13 -22.24 40.07
CA CYS B 211 -33.94 -22.33 40.92
C CYS B 211 -34.31 -22.80 42.32
N ASP B 212 -35.42 -22.29 42.88
CA ASP B 212 -35.88 -22.75 44.19
C ASP B 212 -36.17 -24.25 44.17
N LEU B 213 -36.87 -24.71 43.13
CA LEU B 213 -37.15 -26.14 43.01
C LEU B 213 -35.86 -26.94 42.86
N ALA B 214 -34.88 -26.39 42.14
CA ALA B 214 -33.61 -27.08 41.98
C ALA B 214 -32.91 -27.25 43.32
N ASP B 215 -32.85 -26.18 44.11
CA ASP B 215 -32.21 -26.25 45.42
C ASP B 215 -32.91 -27.26 46.32
N LYS B 216 -34.24 -27.32 46.24
CA LYS B 216 -35.00 -28.20 47.12
C LYS B 216 -34.76 -29.65 46.78
N TYR B 217 -34.83 -30.00 45.49
CA TYR B 217 -34.77 -31.38 45.03
C TYR B 217 -33.38 -31.80 44.54
N GLY B 218 -32.37 -30.95 44.69
CA GLY B 218 -31.00 -31.33 44.40
C GLY B 218 -30.71 -31.50 42.93
N ALA B 219 -31.14 -30.54 42.12
CA ALA B 219 -31.01 -30.60 40.67
C ALA B 219 -30.12 -29.47 40.16
N LEU B 220 -29.41 -29.77 39.08
CA LEU B 220 -28.77 -28.73 38.29
C LEU B 220 -29.80 -28.06 37.41
N THR B 221 -29.54 -26.81 37.05
CA THR B 221 -30.37 -26.07 36.11
C THR B 221 -29.61 -25.83 34.81
N PHE B 222 -30.31 -26.01 33.69
CA PHE B 222 -29.79 -25.74 32.35
C PHE B 222 -30.74 -24.76 31.68
N LEU B 223 -30.25 -23.57 31.37
CA LEU B 223 -31.08 -22.47 30.90
C LEU B 223 -30.61 -21.99 29.54
N ASP B 224 -31.52 -22.01 28.57
CA ASP B 224 -31.24 -21.52 27.22
C ASP B 224 -31.84 -20.12 27.09
N GLU B 225 -30.96 -19.12 27.07
CA GLU B 225 -31.31 -17.69 27.02
C GLU B 225 -31.31 -17.13 25.60
N VAL B 226 -31.24 -17.99 24.60
CA VAL B 226 -30.95 -17.58 23.23
C VAL B 226 -31.78 -16.37 22.80
N HIS B 227 -33.07 -16.36 23.13
CA HIS B 227 -33.95 -15.26 22.75
C HIS B 227 -34.01 -14.16 23.80
N ALA B 228 -33.21 -14.26 24.84
CA ALA B 228 -33.08 -13.27 25.90
C ALA B 228 -31.83 -12.42 25.73
N VAL B 229 -30.66 -13.06 25.61
CA VAL B 229 -29.37 -12.35 25.65
C VAL B 229 -29.39 -11.18 24.68
N GLY B 230 -28.96 -10.03 25.18
CA GLY B 230 -28.97 -8.78 24.47
C GLY B 230 -30.26 -7.98 24.64
N LEU B 231 -31.39 -8.66 24.90
CA LEU B 231 -32.68 -8.02 25.01
C LEU B 231 -33.16 -7.77 26.44
N TYR B 232 -32.52 -8.34 27.45
CA TYR B 232 -33.07 -8.31 28.80
C TYR B 232 -31.96 -8.23 29.83
N GLY B 233 -32.29 -7.64 30.97
CA GLY B 233 -31.30 -7.24 31.93
C GLY B 233 -30.71 -5.91 31.50
N PRO B 234 -30.15 -5.16 32.46
CA PRO B 234 -29.60 -3.85 32.08
C PRO B 234 -28.51 -3.93 31.04
N HIS B 235 -27.68 -4.98 31.11
CA HIS B 235 -26.60 -5.20 30.17
C HIS B 235 -26.93 -6.22 29.09
N GLY B 236 -28.15 -6.72 29.05
CA GLY B 236 -28.52 -7.70 28.05
C GLY B 236 -28.04 -9.11 28.33
N ALA B 237 -27.69 -9.42 29.57
CA ALA B 237 -27.27 -10.77 29.94
C ALA B 237 -28.43 -11.76 29.95
N GLY B 238 -29.65 -11.31 29.70
CA GLY B 238 -30.82 -12.17 29.61
C GLY B 238 -31.77 -11.97 30.78
N VAL B 239 -32.82 -12.81 30.77
CA VAL B 239 -33.87 -12.72 31.78
C VAL B 239 -33.31 -13.03 33.17
N ALA B 240 -32.34 -13.94 33.26
CA ALA B 240 -31.75 -14.25 34.55
C ALA B 240 -31.17 -13.00 35.20
N GLU B 241 -30.60 -12.11 34.38
CA GLU B 241 -30.10 -10.84 34.90
C GLU B 241 -31.24 -9.88 35.21
N HIS B 242 -32.27 -9.86 34.35
CA HIS B 242 -33.44 -9.03 34.61
C HIS B 242 -34.06 -9.36 35.96
N CYS B 243 -33.92 -10.61 36.42
CA CYS B 243 -34.54 -11.03 37.67
C CYS B 243 -34.07 -10.20 38.84
N ASP B 244 -32.77 -9.88 38.90
CA ASP B 244 -32.31 -8.84 39.79
C ASP B 244 -31.80 -7.73 38.86
N PHE B 245 -32.68 -6.80 38.52
CA PHE B 245 -32.29 -5.79 37.53
C PHE B 245 -31.49 -4.69 38.18
N GLU B 246 -31.93 -4.25 39.36
CA GLU B 246 -31.28 -3.12 40.02
C GLU B 246 -29.95 -3.54 40.64
N SER B 247 -29.88 -4.78 41.16
CA SER B 247 -28.63 -5.26 41.72
C SER B 247 -27.54 -5.35 40.66
N HIS B 248 -27.89 -5.82 39.45
CA HIS B 248 -26.91 -5.91 38.38
C HIS B 248 -26.56 -4.53 37.82
N ARG B 249 -27.57 -3.68 37.61
CA ARG B 249 -27.29 -2.35 37.07
C ARG B 249 -26.34 -1.58 37.97
N ALA B 250 -26.57 -1.61 39.27
CA ALA B 250 -25.72 -0.87 40.20
C ALA B 250 -24.29 -1.41 40.16
N SER B 251 -24.14 -2.74 40.21
CA SER B 251 -22.81 -3.34 40.26
C SER B 251 -22.11 -3.37 38.92
N GLY B 252 -22.82 -3.18 37.81
CA GLY B 252 -22.21 -3.14 36.49
C GLY B 252 -21.60 -4.46 36.10
N ILE B 253 -20.30 -4.48 35.76
CA ILE B 253 -19.65 -5.74 35.43
C ILE B 253 -19.44 -6.59 36.68
N ALA B 254 -19.38 -5.97 37.85
CA ALA B 254 -19.05 -6.68 39.07
C ALA B 254 -20.25 -7.45 39.58
N THR B 255 -19.97 -8.50 40.32
CA THR B 255 -21.02 -9.28 40.94
C THR B 255 -21.61 -8.51 42.13
N PRO B 256 -22.93 -8.35 42.22
CA PRO B 256 -23.50 -7.66 43.37
C PRO B 256 -23.32 -8.47 44.64
N LYS B 257 -23.29 -7.75 45.77
CA LYS B 257 -23.20 -8.43 47.06
C LYS B 257 -24.53 -9.03 47.49
N THR B 258 -25.65 -8.44 47.05
CA THR B 258 -26.97 -8.95 47.38
C THR B 258 -27.86 -8.88 46.14
N ASN B 259 -28.91 -9.69 46.15
CA ASN B 259 -29.89 -9.70 45.07
C ASN B 259 -30.93 -8.62 45.30
N ASP B 260 -31.90 -8.52 44.37
CA ASP B 260 -32.93 -7.51 44.49
C ASP B 260 -33.81 -7.72 45.71
N LYS B 261 -33.93 -8.96 46.18
CA LYS B 261 -34.72 -9.28 47.36
C LYS B 261 -33.89 -9.27 48.64
N GLY B 262 -32.60 -8.92 48.57
CA GLY B 262 -31.74 -8.85 49.73
C GLY B 262 -30.90 -10.09 49.98
N GLY B 263 -31.12 -11.16 49.22
CA GLY B 263 -30.43 -12.40 49.45
C GLY B 263 -28.96 -12.36 49.09
N ALA B 264 -28.32 -13.53 49.20
CA ALA B 264 -26.89 -13.63 49.00
C ALA B 264 -26.50 -13.75 47.53
N LYS B 265 -27.29 -14.48 46.73
CA LYS B 265 -26.90 -14.83 45.36
C LYS B 265 -27.97 -14.44 44.36
N THR B 266 -27.54 -13.91 43.22
CA THR B 266 -28.46 -13.55 42.15
C THR B 266 -28.96 -14.79 41.43
N VAL B 267 -30.08 -14.63 40.71
CA VAL B 267 -30.62 -15.72 39.91
C VAL B 267 -29.62 -16.16 38.85
N MET B 268 -29.04 -15.20 38.12
CA MET B 268 -28.05 -15.56 37.11
C MET B 268 -26.86 -16.29 37.73
N ASP B 269 -26.51 -15.95 38.97
CA ASP B 269 -25.46 -16.68 39.67
C ASP B 269 -25.92 -18.07 40.07
N ARG B 270 -27.22 -18.25 40.34
CA ARG B 270 -27.74 -19.53 40.81
C ARG B 270 -27.94 -20.54 39.68
N VAL B 271 -28.18 -20.08 38.45
CA VAL B 271 -28.29 -21.00 37.33
C VAL B 271 -26.92 -21.61 37.07
N ASP B 272 -26.89 -22.93 36.92
CA ASP B 272 -25.61 -23.62 36.78
C ASP B 272 -25.03 -23.43 35.39
N MET B 273 -25.86 -23.58 34.36
CA MET B 273 -25.41 -23.50 32.98
C MET B 273 -26.35 -22.60 32.19
N ILE B 274 -25.75 -21.63 31.50
CA ILE B 274 -26.50 -20.71 30.64
C ILE B 274 -25.91 -20.84 29.25
N THR B 275 -26.76 -21.17 28.28
CA THR B 275 -26.35 -21.25 26.89
C THR B 275 -26.99 -20.09 26.12
N GLY B 276 -26.27 -19.61 25.12
CA GLY B 276 -26.76 -18.55 24.27
C GLY B 276 -26.21 -18.74 22.87
N THR B 277 -26.67 -17.88 21.96
CA THR B 277 -26.21 -17.89 20.58
C THR B 277 -25.56 -16.57 20.23
N LEU B 278 -24.65 -16.61 19.28
CA LEU B 278 -24.14 -15.40 18.65
C LEU B 278 -24.89 -15.06 17.37
N GLY B 279 -25.85 -15.89 16.97
CA GLY B 279 -26.51 -15.78 15.69
C GLY B 279 -27.74 -14.92 15.65
N SER B 281 -29.20 -11.93 18.44
CA SER B 281 -29.00 -10.51 18.75
C SER B 281 -27.59 -9.98 18.44
N PHE B 282 -26.60 -10.86 18.54
CA PHE B 282 -25.23 -10.43 18.40
C PHE B 282 -24.76 -10.34 16.95
N GLY B 283 -25.65 -10.55 15.98
CA GLY B 283 -25.37 -10.22 14.59
C GLY B 283 -24.22 -10.99 13.98
N SER B 284 -24.09 -12.28 14.31
CA SER B 284 -22.92 -13.08 13.99
C SER B 284 -23.39 -14.52 13.82
N VAL B 285 -22.48 -15.47 13.95
CA VAL B 285 -22.82 -16.87 14.12
C VAL B 285 -22.07 -17.41 15.32
N GLY B 286 -22.66 -18.36 16.01
CA GLY B 286 -21.95 -19.10 17.04
C GLY B 286 -22.87 -19.49 18.17
N GLY B 287 -22.27 -20.13 19.17
CA GLY B 287 -22.98 -20.52 20.38
C GLY B 287 -21.99 -20.71 21.50
N TYR B 288 -22.52 -20.75 22.73
CA TYR B 288 -21.66 -20.82 23.90
C TYR B 288 -22.44 -21.36 25.08
N VAL B 289 -21.70 -21.79 26.10
CA VAL B 289 -22.24 -22.03 27.44
C VAL B 289 -21.38 -21.26 28.43
N ALA B 290 -22.03 -20.65 29.41
CA ALA B 290 -21.36 -19.94 30.50
C ALA B 290 -21.73 -20.61 31.81
N ALA B 291 -20.74 -20.87 32.64
CA ALA B 291 -20.94 -21.64 33.86
C ALA B 291 -19.68 -21.47 34.72
N SER B 292 -19.63 -22.20 35.83
CA SER B 292 -18.49 -22.15 36.72
C SER B 292 -17.26 -22.74 36.04
N ARG B 293 -16.09 -22.39 36.57
CA ARG B 293 -14.84 -22.87 36.00
C ARG B 293 -14.79 -24.40 35.97
N LYS B 294 -15.30 -25.05 37.02
CA LYS B 294 -15.27 -26.51 37.05
C LYS B 294 -16.10 -27.09 35.90
N LEU B 295 -17.30 -26.56 35.69
CA LEU B 295 -18.14 -27.04 34.59
C LEU B 295 -17.49 -26.77 33.23
N ILE B 296 -16.89 -25.59 33.06
CA ILE B 296 -16.30 -25.24 31.77
C ILE B 296 -15.15 -26.19 31.43
N ASP B 297 -14.27 -26.43 32.40
CA ASP B 297 -13.17 -27.37 32.16
C ASP B 297 -13.70 -28.78 31.96
N TRP B 298 -14.77 -29.14 32.67
CA TRP B 298 -15.37 -30.46 32.48
C TRP B 298 -15.84 -30.63 31.04
N PHE B 299 -16.66 -29.70 30.54
CA PHE B 299 -17.07 -29.75 29.14
C PHE B 299 -15.85 -29.72 28.23
N ARG B 300 -14.90 -28.83 28.51
CA ARG B 300 -13.74 -28.69 27.63
C ARG B 300 -12.92 -29.98 27.58
N SER B 301 -12.85 -30.70 28.69
CA SER B 301 -12.03 -31.91 28.71
C SER B 301 -12.74 -33.08 28.06
N PHE B 302 -13.98 -33.35 28.45
CA PHE B 302 -14.65 -34.61 28.12
C PHE B 302 -15.64 -34.54 26.97
N ALA B 303 -15.90 -33.37 26.41
CA ALA B 303 -16.75 -33.34 25.24
C ALA B 303 -15.97 -33.82 24.03
N PRO B 304 -16.65 -34.22 22.96
CA PRO B 304 -15.91 -34.67 21.76
C PRO B 304 -14.91 -33.62 21.34
N GLY B 305 -13.65 -34.05 21.19
CA GLY B 305 -12.59 -33.09 20.89
C GLY B 305 -12.80 -32.35 19.58
N PHE B 306 -13.52 -32.96 18.63
CA PHE B 306 -13.65 -32.36 17.31
C PHE B 306 -14.57 -31.14 17.29
N ILE B 307 -15.39 -30.93 18.33
CA ILE B 307 -16.18 -29.70 18.37
C ILE B 307 -15.33 -28.51 18.82
N PHE B 308 -14.17 -28.76 19.43
CA PHE B 308 -13.21 -27.71 19.75
C PHE B 308 -12.20 -27.43 18.64
N THR B 309 -11.68 -28.48 17.99
CA THR B 309 -10.69 -28.29 16.95
C THR B 309 -11.28 -27.57 15.74
N THR B 310 -12.55 -27.82 15.42
CA THR B 310 -13.26 -27.16 14.35
C THR B 310 -14.19 -26.11 14.97
N THR B 311 -13.89 -24.84 14.74
CA THR B 311 -14.67 -23.76 15.35
C THR B 311 -14.74 -22.58 14.39
N LEU B 312 -15.27 -21.48 14.91
CA LEU B 312 -15.56 -20.29 14.13
C LEU B 312 -14.28 -19.55 13.75
N PRO B 313 -14.27 -18.90 12.60
CA PRO B 313 -13.10 -18.10 12.21
C PRO B 313 -12.87 -16.98 13.20
N PRO B 314 -11.65 -16.43 13.24
CA PRO B 314 -11.39 -15.30 14.16
C PRO B 314 -12.16 -14.04 13.80
N SER B 315 -12.38 -13.77 12.52
CA SER B 315 -13.14 -12.58 12.13
C SER B 315 -14.57 -12.63 12.65
N VAL B 316 -15.16 -13.83 12.66
CA VAL B 316 -16.52 -13.97 13.18
C VAL B 316 -16.57 -13.74 14.68
N MET B 317 -15.57 -14.27 15.41
CA MET B 317 -15.52 -14.07 16.85
C MET B 317 -15.29 -12.61 17.21
N ALA B 318 -14.39 -11.94 16.49
CA ALA B 318 -14.15 -10.53 16.74
C ALA B 318 -15.42 -9.72 16.57
N GLY B 319 -16.21 -10.02 15.53
CA GLY B 319 -17.47 -9.32 15.35
C GLY B 319 -18.41 -9.53 16.51
N ALA B 320 -18.59 -10.78 16.94
CA ALA B 320 -19.49 -11.06 18.05
C ALA B 320 -19.00 -10.37 19.32
N THR B 321 -17.69 -10.39 19.54
CA THR B 321 -17.10 -9.72 20.70
C THR B 321 -17.45 -8.23 20.70
N ALA B 322 -17.27 -7.57 19.56
CA ALA B 322 -17.58 -6.15 19.46
C ALA B 322 -19.06 -5.89 19.77
N ALA B 323 -19.94 -6.74 19.25
CA ALA B 323 -21.37 -6.59 19.48
C ALA B 323 -21.70 -6.76 20.96
N ILE B 324 -21.06 -7.70 21.63
CA ILE B 324 -21.30 -7.92 23.06
C ILE B 324 -20.78 -6.74 23.87
N ARG B 325 -19.57 -6.26 23.57
CA ARG B 325 -19.02 -5.11 24.28
C ARG B 325 -19.91 -3.90 24.10
N TYR B 326 -20.35 -3.64 22.86
CA TYR B 326 -21.20 -2.48 22.58
C TYR B 326 -22.55 -2.60 23.27
N GLN B 327 -23.21 -3.77 23.15
CA GLN B 327 -24.58 -3.90 23.69
C GLN B 327 -24.60 -3.86 25.21
N ARG B 328 -23.50 -4.28 25.87
CA ARG B 328 -23.48 -4.28 27.33
C ARG B 328 -23.56 -2.88 27.90
N CYS B 329 -22.90 -1.92 27.26
CA CYS B 329 -22.91 -0.53 27.74
C CYS B 329 -23.89 0.36 27.02
N HIS B 330 -24.70 -0.17 26.10
CA HIS B 330 -25.81 0.59 25.51
C HIS B 330 -27.12 -0.10 25.87
N ILE B 331 -27.84 0.48 26.84
CA ILE B 331 -29.16 -0.02 27.18
C ILE B 331 -30.22 0.53 26.23
N ASP B 332 -29.90 1.63 25.54
CA ASP B 332 -30.83 2.21 24.58
C ASP B 332 -31.21 1.23 23.48
N LEU B 333 -30.37 0.23 23.19
CA LEU B 333 -30.76 -0.81 22.25
C LEU B 333 -31.97 -1.57 22.77
N ARG B 334 -31.97 -1.91 24.06
CA ARG B 334 -33.07 -2.66 24.64
C ARG B 334 -34.29 -1.77 24.83
N THR B 335 -34.11 -0.56 25.36
CA THR B 335 -35.24 0.34 25.53
C THR B 335 -35.82 0.78 24.20
N SER B 336 -34.99 0.82 23.14
CA SER B 336 -35.50 1.14 21.82
C SER B 336 -36.35 0.00 21.26
N GLN B 337 -35.84 -1.24 21.31
CA GLN B 337 -36.62 -2.38 20.83
C GLN B 337 -37.93 -2.49 21.58
N GLN B 338 -37.88 -2.43 22.92
CA GLN B 338 -39.09 -2.56 23.71
C GLN B 338 -40.11 -1.50 23.33
N LYS B 339 -39.67 -0.25 23.18
CA LYS B 339 -40.61 0.81 22.84
C LYS B 339 -41.25 0.57 21.48
N HIS B 340 -40.46 0.17 20.49
CA HIS B 340 -41.01 -0.12 19.16
C HIS B 340 -42.00 -1.28 19.19
N THR B 341 -41.68 -2.33 19.95
CA THR B 341 -42.61 -3.46 20.08
C THR B 341 -43.93 -2.99 20.71
N MET B 342 -43.84 -2.26 21.81
CA MET B 342 -45.05 -1.75 22.48
C MET B 342 -45.86 -0.90 21.52
N TYR B 343 -45.20 -0.03 20.74
CA TYR B 343 -45.89 0.77 19.74
C TYR B 343 -46.73 -0.12 18.81
N VAL B 344 -46.12 -1.19 18.29
CA VAL B 344 -46.83 -2.07 17.37
C VAL B 344 -47.96 -2.80 18.10
N LYS B 345 -47.71 -3.25 19.33
CA LYS B 345 -48.73 -3.97 20.09
C LYS B 345 -49.93 -3.07 20.38
N LYS B 346 -49.67 -1.84 20.85
CA LYS B 346 -50.77 -0.92 21.14
C LYS B 346 -51.60 -0.66 19.90
N ALA B 347 -50.95 -0.39 18.77
CA ALA B 347 -51.67 -0.15 17.53
C ALA B 347 -52.55 -1.34 17.15
N PHE B 348 -51.99 -2.55 17.23
CA PHE B 348 -52.78 -3.72 16.88
C PHE B 348 -53.94 -3.92 17.84
N HIS B 349 -53.73 -3.60 19.12
CA HIS B 349 -54.80 -3.71 20.10
C HIS B 349 -55.95 -2.78 19.76
N GLU B 350 -55.64 -1.55 19.33
CA GLU B 350 -56.69 -0.60 18.95
C GLU B 350 -57.43 -1.04 17.69
N LEU B 351 -56.77 -1.79 16.80
CA LEU B 351 -57.38 -2.24 15.56
C LEU B 351 -58.04 -3.61 15.69
N GLY B 352 -57.93 -4.27 16.83
CA GLY B 352 -58.46 -5.61 16.96
C GLY B 352 -57.64 -6.68 16.26
N ILE B 353 -56.37 -6.39 15.99
CA ILE B 353 -55.46 -7.37 15.40
C ILE B 353 -55.05 -8.36 16.48
N PRO B 354 -55.31 -9.66 16.31
CA PRO B 354 -55.13 -10.61 17.40
C PRO B 354 -53.68 -10.98 17.70
N VAL B 355 -53.01 -10.15 18.51
CA VAL B 355 -51.68 -10.49 19.01
C VAL B 355 -51.81 -11.43 20.20
N ILE B 356 -51.01 -12.50 20.22
CA ILE B 356 -50.97 -13.37 21.39
C ILE B 356 -50.30 -12.60 22.54
N PRO B 357 -50.96 -12.44 23.68
CA PRO B 357 -50.34 -11.66 24.77
C PRO B 357 -49.08 -12.33 25.28
N ASN B 358 -48.10 -11.51 25.65
CA ASN B 358 -46.81 -11.97 26.14
C ASN B 358 -45.97 -10.77 26.61
N PRO B 359 -45.18 -10.90 27.69
CA PRO B 359 -44.38 -9.78 28.19
C PRO B 359 -42.99 -9.72 27.60
N SER B 360 -42.90 -9.83 26.27
CA SER B 360 -41.60 -10.00 25.62
C SER B 360 -41.56 -9.12 24.38
N HIS B 361 -40.50 -9.28 23.60
CA HIS B 361 -40.28 -8.45 22.43
C HIS B 361 -41.01 -8.96 21.18
N ILE B 362 -41.65 -10.12 21.25
CA ILE B 362 -42.18 -10.80 20.08
C ILE B 362 -43.64 -10.40 19.88
N VAL B 363 -44.02 -10.19 18.62
CA VAL B 363 -45.38 -9.78 18.26
C VAL B 363 -46.00 -10.86 17.38
N PRO B 364 -46.40 -12.00 17.94
CA PRO B 364 -47.12 -13.00 17.14
C PRO B 364 -48.56 -12.57 16.87
N VAL B 365 -48.97 -12.62 15.60
CA VAL B 365 -50.32 -12.24 15.19
C VAL B 365 -51.07 -13.53 14.89
N LEU B 366 -52.13 -13.77 15.65
CA LEU B 366 -52.86 -15.04 15.55
C LEU B 366 -53.72 -15.04 14.29
N ILE B 367 -53.61 -16.13 13.52
CA ILE B 367 -54.44 -16.35 12.35
C ILE B 367 -55.46 -17.46 12.59
N GLY B 368 -54.99 -18.66 12.91
CA GLY B 368 -55.86 -19.75 13.27
C GLY B 368 -56.08 -20.77 12.17
N ASN B 369 -55.58 -20.52 10.98
CA ASN B 369 -55.72 -21.42 9.85
C ASN B 369 -54.44 -21.42 9.04
N ALA B 370 -53.99 -22.61 8.66
CA ALA B 370 -52.69 -22.71 8.00
C ALA B 370 -52.74 -22.09 6.60
N ASP B 371 -53.79 -22.39 5.83
CA ASP B 371 -53.88 -21.85 4.48
C ASP B 371 -53.97 -20.33 4.50
N LEU B 372 -54.77 -19.79 5.39
CA LEU B 372 -54.93 -18.33 5.46
C LEU B 372 -53.63 -17.65 5.87
N ALA B 373 -52.89 -18.26 6.80
CA ALA B 373 -51.64 -17.67 7.24
C ALA B 373 -50.63 -17.58 6.09
N LYS B 374 -50.54 -18.64 5.28
CA LYS B 374 -49.68 -18.59 4.11
C LYS B 374 -50.13 -17.47 3.16
N GLN B 375 -51.42 -17.42 2.87
CA GLN B 375 -51.93 -16.39 1.97
C GLN B 375 -51.66 -15.00 2.53
N ALA B 376 -51.81 -14.84 3.85
CA ALA B 376 -51.51 -13.55 4.46
C ALA B 376 -50.03 -13.20 4.34
N SER B 377 -49.15 -14.20 4.53
CA SER B 377 -47.73 -13.97 4.36
C SER B 377 -47.38 -13.66 2.91
N ASP B 378 -48.04 -14.33 1.96
CA ASP B 378 -47.80 -14.06 0.54
C ASP B 378 -48.30 -12.67 0.15
N ILE B 379 -49.52 -12.31 0.56
CA ILE B 379 -50.05 -11.00 0.23
C ILE B 379 -49.17 -9.90 0.81
N LEU B 380 -48.64 -10.10 2.02
CA LEU B 380 -47.86 -9.07 2.67
C LEU B 380 -46.58 -8.78 1.89
N ILE B 381 -45.91 -9.81 1.37
CA ILE B 381 -44.65 -9.59 0.67
C ILE B 381 -44.87 -9.14 -0.77
N ASN B 382 -45.87 -9.70 -1.46
CA ASN B 382 -46.10 -9.37 -2.86
C ASN B 382 -46.83 -8.03 -3.01
N LYS B 383 -47.89 -7.82 -2.24
CA LYS B 383 -48.65 -6.58 -2.36
C LYS B 383 -47.98 -5.44 -1.58
N HIS B 384 -47.63 -5.68 -0.32
CA HIS B 384 -47.15 -4.64 0.58
C HIS B 384 -45.64 -4.60 0.78
N GLN B 385 -44.88 -5.51 0.16
CA GLN B 385 -43.41 -5.52 0.29
C GLN B 385 -42.97 -5.68 1.75
N ILE B 386 -43.71 -6.50 2.50
CA ILE B 386 -43.40 -6.80 3.89
C ILE B 386 -43.08 -8.29 3.99
N TYR B 387 -41.95 -8.63 4.60
CA TYR B 387 -41.54 -10.01 4.78
C TYR B 387 -41.83 -10.46 6.20
N VAL B 388 -42.81 -11.35 6.36
CA VAL B 388 -43.13 -12.01 7.62
C VAL B 388 -43.40 -13.46 7.29
N GLN B 389 -42.69 -14.38 7.95
CA GLN B 389 -42.90 -15.79 7.69
C GLN B 389 -44.07 -16.31 8.50
N ALA B 390 -44.90 -17.13 7.87
CA ALA B 390 -46.03 -17.76 8.53
C ALA B 390 -45.55 -18.96 9.35
N ILE B 391 -46.24 -19.22 10.46
CA ILE B 391 -45.90 -20.31 11.37
C ILE B 391 -47.08 -21.26 11.45
N ASN B 392 -46.86 -22.52 11.09
CA ASN B 392 -47.88 -23.55 11.10
C ASN B 392 -47.30 -24.82 11.74
N PHE B 393 -48.12 -25.87 11.77
CA PHE B 393 -47.68 -27.18 12.27
C PHE B 393 -46.52 -27.69 11.41
N PRO B 394 -45.59 -28.45 12.01
CA PRO B 394 -45.40 -28.88 13.42
C PRO B 394 -44.96 -27.79 14.39
N THR B 395 -44.46 -26.67 13.87
CA THR B 395 -43.88 -25.65 14.73
C THR B 395 -44.88 -25.20 15.78
N VAL B 396 -46.16 -25.11 15.42
CA VAL B 396 -47.23 -24.78 16.35
C VAL B 396 -48.35 -25.78 16.16
N ALA B 397 -49.26 -25.83 17.14
CA ALA B 397 -50.39 -26.73 17.06
C ALA B 397 -51.38 -26.24 15.99
N ARG B 398 -51.98 -27.19 15.28
CA ARG B 398 -52.94 -26.82 14.25
C ARG B 398 -54.09 -26.03 14.84
N GLY B 399 -54.52 -25.00 14.12
CA GLY B 399 -55.51 -24.07 14.60
C GLY B 399 -54.95 -22.84 15.29
N THR B 400 -53.67 -22.88 15.69
CA THR B 400 -52.99 -21.75 16.32
C THR B 400 -52.09 -20.98 15.35
N GLU B 401 -52.13 -21.29 14.06
CA GLU B 401 -51.19 -20.71 13.10
C GLU B 401 -51.18 -19.18 13.22
N ARG B 402 -49.98 -18.60 13.07
CA ARG B 402 -49.76 -17.21 13.41
C ARG B 402 -48.67 -16.61 12.53
N LEU B 403 -48.63 -15.28 12.50
CA LEU B 403 -47.55 -14.54 11.86
C LEU B 403 -46.66 -13.97 12.96
N ARG B 404 -45.35 -14.22 12.85
CA ARG B 404 -44.40 -13.81 13.88
C ARG B 404 -43.65 -12.57 13.42
N ILE B 405 -43.85 -11.47 14.16
CA ILE B 405 -43.24 -10.17 13.84
C ILE B 405 -42.30 -9.82 14.99
N THR B 406 -41.10 -9.36 14.64
CA THR B 406 -40.03 -9.11 15.62
C THR B 406 -39.45 -7.72 15.42
N PRO B 407 -39.97 -6.71 16.11
CA PRO B 407 -39.41 -5.36 15.99
C PRO B 407 -38.00 -5.28 16.56
N THR B 408 -37.25 -4.29 16.05
CA THR B 408 -35.87 -4.08 16.48
C THR B 408 -35.69 -2.59 16.75
N PRO B 409 -34.51 -2.14 17.19
CA PRO B 409 -34.26 -0.69 17.28
C PRO B 409 -34.34 -0.01 15.94
N GLY B 410 -34.18 -0.75 14.84
CA GLY B 410 -34.23 -0.16 13.53
C GLY B 410 -35.61 0.04 12.97
N HIS B 411 -36.64 -0.58 13.57
CA HIS B 411 -38.00 -0.36 13.10
C HIS B 411 -38.53 0.84 13.87
N THR B 412 -38.49 1.99 13.21
CA THR B 412 -39.00 3.25 13.74
C THR B 412 -40.50 3.35 13.47
N ASN B 413 -41.15 4.24 14.24
CA ASN B 413 -42.60 4.34 14.16
C ASN B 413 -43.10 4.53 12.73
N ASP B 414 -42.30 5.20 11.88
CA ASP B 414 -42.72 5.38 10.49
C ASP B 414 -42.89 4.04 9.78
N LEU B 415 -41.88 3.16 9.91
CA LEU B 415 -41.97 1.82 9.34
C LEU B 415 -43.06 1.00 10.02
N SER B 416 -43.21 1.14 11.34
CA SER B 416 -44.27 0.42 12.03
C SER B 416 -45.65 0.77 11.46
N ASP B 417 -45.90 2.06 11.23
CA ASP B 417 -47.20 2.48 10.69
C ASP B 417 -47.50 1.76 9.39
N ILE B 418 -46.51 1.66 8.50
CA ILE B 418 -46.70 0.95 7.25
C ILE B 418 -47.06 -0.51 7.53
N LEU B 419 -46.32 -1.15 8.43
CA LEU B 419 -46.63 -2.53 8.79
C LEU B 419 -48.05 -2.64 9.32
N ILE B 420 -48.42 -1.72 10.23
CA ILE B 420 -49.74 -1.79 10.85
C ILE B 420 -50.83 -1.70 9.79
N ASN B 421 -50.78 -0.68 8.95
CA ASN B 421 -51.79 -0.54 7.90
C ASN B 421 -51.81 -1.76 6.99
N ALA B 422 -50.61 -2.25 6.63
CA ALA B 422 -50.54 -3.40 5.72
C ALA B 422 -51.19 -4.63 6.34
N VAL B 423 -50.90 -4.90 7.61
CA VAL B 423 -51.51 -6.05 8.29
C VAL B 423 -53.03 -5.87 8.34
N ASP B 424 -53.49 -4.66 8.69
CA ASP B 424 -54.91 -4.39 8.78
C ASP B 424 -55.60 -4.62 7.44
N ASP B 425 -54.98 -4.16 6.34
CA ASP B 425 -55.54 -4.41 5.01
C ASP B 425 -55.62 -5.90 4.71
N VAL B 426 -54.56 -6.65 5.02
CA VAL B 426 -54.58 -8.09 4.76
C VAL B 426 -55.70 -8.76 5.54
N PHE B 427 -55.93 -8.31 6.78
CA PHE B 427 -57.03 -8.85 7.56
C PHE B 427 -58.37 -8.54 6.91
N ASN B 428 -58.53 -7.34 6.37
CA ASN B 428 -59.75 -7.02 5.64
C ASN B 428 -59.86 -7.81 4.34
N GLU B 429 -58.76 -7.91 3.58
CA GLU B 429 -58.82 -8.56 2.28
C GLU B 429 -59.17 -10.04 2.42
N LEU B 430 -58.64 -10.70 3.44
CA LEU B 430 -58.92 -12.12 3.66
C LEU B 430 -60.04 -12.36 4.66
N GLN B 431 -60.63 -11.31 5.23
CA GLN B 431 -61.70 -11.45 6.21
C GLN B 431 -61.27 -12.37 7.35
N LEU B 432 -60.09 -12.08 7.90
CA LEU B 432 -59.52 -12.91 8.95
C LEU B 432 -60.09 -12.52 10.31
N PRO B 433 -60.12 -13.47 11.26
CA PRO B 433 -60.73 -13.18 12.55
C PRO B 433 -59.96 -12.12 13.33
N ARG B 434 -60.71 -11.19 13.93
CA ARG B 434 -60.15 -10.16 14.79
C ARG B 434 -60.25 -10.62 16.24
N VAL B 435 -59.75 -9.77 17.15
CA VAL B 435 -59.92 -10.04 18.58
C VAL B 435 -61.39 -10.22 18.91
N ARG B 436 -62.23 -9.35 18.33
CA ARG B 436 -63.68 -9.45 18.50
C ARG B 436 -64.18 -10.85 18.14
N ASP B 437 -63.66 -11.43 17.06
CA ASP B 437 -64.17 -12.70 16.54
C ASP B 437 -63.72 -13.88 17.39
N TRP B 438 -62.46 -13.90 17.83
CA TRP B 438 -61.98 -15.01 18.66
C TRP B 438 -62.76 -15.09 19.96
N GLU B 439 -63.15 -13.95 20.52
CA GLU B 439 -63.92 -13.96 21.76
C GLU B 439 -65.24 -14.68 21.56
N SER B 440 -65.86 -14.52 20.39
CA SER B 440 -67.19 -15.08 20.17
C SER B 440 -67.22 -16.59 20.36
N GLN B 441 -66.13 -17.28 20.01
CA GLN B 441 -66.03 -18.72 20.20
C GLN B 441 -65.34 -19.12 21.49
N GLY B 442 -65.03 -18.16 22.38
CA GLY B 442 -64.45 -18.44 23.67
C GLY B 442 -63.01 -18.00 23.82
N GLY B 443 -62.34 -17.62 22.75
CA GLY B 443 -60.97 -17.16 22.82
C GLY B 443 -59.96 -18.28 22.66
N LEU B 444 -58.74 -17.89 22.31
CA LEU B 444 -57.63 -18.83 22.18
C LEU B 444 -56.34 -18.17 22.63
N LEU B 445 -55.57 -18.89 23.45
CA LEU B 445 -54.24 -18.45 23.89
C LEU B 445 -54.25 -17.03 24.44
N GLY B 446 -55.28 -16.72 25.23
CA GLY B 446 -55.41 -15.41 25.82
C GLY B 446 -56.04 -14.36 24.94
N VAL B 447 -56.28 -14.65 23.66
CA VAL B 447 -56.90 -13.71 22.74
C VAL B 447 -58.42 -13.91 22.83
N GLY B 448 -59.13 -12.86 23.22
CA GLY B 448 -60.58 -12.95 23.34
C GLY B 448 -61.04 -13.91 24.42
N GLU B 449 -60.33 -13.97 25.54
CA GLU B 449 -60.70 -14.83 26.65
C GLU B 449 -61.14 -13.96 27.82
N SER B 450 -62.38 -14.15 28.27
CA SER B 450 -62.89 -13.36 29.38
C SER B 450 -62.08 -13.65 30.65
N GLY B 451 -61.80 -12.60 31.40
CA GLY B 451 -61.10 -12.74 32.67
C GLY B 451 -59.73 -13.36 32.57
N PHE B 452 -59.05 -13.19 31.43
CA PHE B 452 -57.71 -13.73 31.24
C PHE B 452 -56.69 -12.73 31.75
N VAL B 453 -55.79 -13.20 32.60
CA VAL B 453 -54.76 -12.34 33.21
C VAL B 453 -53.53 -12.36 32.32
N GLU B 454 -53.20 -11.19 31.77
CA GLU B 454 -52.00 -11.03 30.96
C GLU B 454 -50.85 -10.57 31.85
N GLU B 455 -49.67 -11.12 31.62
CA GLU B 455 -48.49 -10.76 32.39
C GLU B 455 -47.95 -9.42 31.91
N SER B 456 -47.48 -8.61 32.87
CA SER B 456 -46.95 -7.30 32.53
C SER B 456 -45.60 -7.45 31.83
N ASN B 457 -45.30 -6.50 30.95
CA ASN B 457 -44.07 -6.56 30.18
C ASN B 457 -42.89 -6.57 31.13
N LEU B 458 -41.90 -7.43 30.82
CA LEU B 458 -40.74 -7.58 31.71
C LEU B 458 -40.04 -6.25 31.94
N TRP B 459 -39.99 -5.40 30.91
CA TRP B 459 -39.37 -4.08 31.05
C TRP B 459 -40.40 -3.12 31.62
N THR B 460 -40.14 -2.64 32.82
CA THR B 460 -41.01 -1.69 33.49
C THR B 460 -40.76 -0.29 32.97
N SER B 461 -41.78 0.56 33.11
CA SER B 461 -41.64 1.95 32.68
C SER B 461 -40.41 2.60 33.30
N SER B 462 -40.09 2.23 34.54
CA SER B 462 -38.89 2.76 35.18
C SER B 462 -37.64 2.32 34.43
N GLN B 463 -37.60 1.06 33.99
CA GLN B 463 -36.43 0.56 33.28
C GLN B 463 -36.34 1.12 31.87
N LEU B 464 -37.49 1.32 31.21
CA LEU B 464 -37.49 1.88 29.87
C LEU B 464 -37.04 3.34 29.84
N SER B 465 -37.13 4.05 30.96
CA SER B 465 -36.68 5.44 31.00
C SER B 465 -35.18 5.57 31.26
N LEU B 466 -34.49 4.48 31.58
CA LEU B 466 -33.06 4.55 31.85
C LEU B 466 -32.31 4.89 30.55
N THR B 467 -31.12 5.46 30.72
CA THR B 467 -30.23 5.77 29.61
C THR B 467 -28.85 5.21 29.90
N ASN B 468 -27.93 5.38 28.94
CA ASN B 468 -26.62 4.74 29.04
C ASN B 468 -25.78 5.28 30.20
N ASP B 469 -25.99 6.54 30.59
CA ASP B 469 -25.23 7.08 31.72
C ASP B 469 -25.67 6.47 33.05
N ASP B 470 -26.85 5.85 33.09
CA ASP B 470 -27.31 5.17 34.29
C ASP B 470 -26.61 3.83 34.51
N LEU B 471 -25.88 3.32 33.53
CA LEU B 471 -25.11 2.11 33.72
C LEU B 471 -23.80 2.42 34.41
N ASN B 472 -23.30 1.45 35.18
CA ASN B 472 -22.08 1.65 35.94
C ASN B 472 -20.93 1.96 34.98
N PRO B 473 -20.09 2.95 35.28
CA PRO B 473 -18.99 3.30 34.35
C PRO B 473 -18.02 2.16 34.08
N ASN B 474 -18.01 1.11 34.90
CA ASN B 474 -17.07 0.01 34.67
C ASN B 474 -17.50 -0.92 33.54
N VAL B 475 -18.68 -0.74 32.96
CA VAL B 475 -19.09 -1.55 31.81
C VAL B 475 -18.59 -0.99 30.49
N ARG B 476 -18.18 0.28 30.44
CA ARG B 476 -17.73 0.91 29.21
C ARG B 476 -16.24 0.64 29.03
N ASP B 477 -15.91 -0.03 27.93
CA ASP B 477 -14.54 -0.37 27.57
C ASP B 477 -13.71 -0.82 28.77
N PRO B 478 -14.16 -1.80 29.54
CA PRO B 478 -13.28 -2.38 30.55
C PRO B 478 -12.28 -3.32 29.91
N ILE B 479 -11.13 -3.47 30.57
CA ILE B 479 -10.15 -4.44 30.10
C ILE B 479 -10.67 -5.85 30.39
N VAL B 480 -10.58 -6.73 29.40
CA VAL B 480 -11.06 -8.09 29.54
C VAL B 480 -10.05 -9.04 28.90
N GLY C 13 68.10 -35.53 3.62
CA GLY C 13 67.31 -34.60 2.85
C GLY C 13 67.45 -33.18 3.34
N PHE C 14 67.09 -32.20 2.50
CA PHE C 14 67.18 -30.80 2.87
C PHE C 14 66.33 -30.51 4.10
N ASP C 15 66.83 -29.64 4.97
CA ASP C 15 66.14 -29.35 6.23
C ASP C 15 65.23 -28.14 6.02
N TYR C 16 63.93 -28.40 5.96
CA TYR C 16 62.96 -27.33 5.79
C TYR C 16 62.62 -26.68 7.12
N GLU C 17 62.49 -27.49 8.17
CA GLU C 17 62.09 -26.95 9.47
C GLU C 17 63.14 -26.01 10.02
N GLY C 18 64.42 -26.31 9.80
CA GLY C 18 65.48 -25.43 10.27
C GLY C 18 65.46 -24.07 9.60
N LEU C 19 65.22 -24.06 8.28
CA LEU C 19 65.08 -22.78 7.57
C LEU C 19 63.90 -21.98 8.11
N ILE C 20 62.76 -22.63 8.29
CA ILE C 20 61.58 -21.96 8.83
C ILE C 20 61.89 -21.43 10.23
N ASP C 21 62.45 -22.28 11.09
CA ASP C 21 62.75 -21.87 12.45
C ASP C 21 63.72 -20.70 12.48
N SER C 22 64.77 -20.76 11.66
CA SER C 22 65.78 -19.68 11.66
C SER C 22 65.15 -18.35 11.25
N GLU C 23 64.31 -18.37 10.21
CA GLU C 23 63.74 -17.12 9.71
C GLU C 23 62.75 -16.52 10.71
N LEU C 24 61.94 -17.37 11.36
CA LEU C 24 60.94 -16.89 12.31
C LEU C 24 61.61 -16.27 13.54
N LYS C 57 34.71 -2.62 24.77
CA LYS C 57 34.30 -1.70 23.71
C LYS C 57 35.33 -0.59 23.50
N VAL C 58 35.62 -0.29 22.22
CA VAL C 58 36.57 0.75 21.86
C VAL C 58 35.99 1.55 20.70
N THR C 59 36.57 2.71 20.46
CA THR C 59 36.24 3.56 19.32
C THR C 59 37.30 3.40 18.24
N VAL C 60 36.88 3.09 17.02
CA VAL C 60 37.81 2.76 15.94
C VAL C 60 38.10 4.04 15.17
N TRP C 61 39.35 4.51 15.26
CA TRP C 61 39.80 5.67 14.49
C TRP C 61 40.68 5.33 13.27
N CYS C 62 41.05 4.07 13.06
CA CYS C 62 41.88 3.66 11.93
C CYS C 62 41.12 2.97 10.79
N SER C 63 39.79 2.89 10.86
CA SER C 63 39.04 1.97 10.02
C SER C 63 39.22 2.25 8.53
N ASN C 64 39.05 1.19 7.72
CA ASN C 64 39.05 1.29 6.27
C ASN C 64 37.74 1.82 5.70
N ASP C 65 36.67 1.83 6.49
CA ASP C 65 35.37 2.23 5.98
C ASP C 65 35.28 3.73 6.18
N TYR C 66 35.48 4.48 5.10
CA TYR C 66 35.69 5.91 5.21
C TYR C 66 34.37 6.66 5.31
N LEU C 67 33.34 6.17 4.64
CA LEU C 67 32.02 6.78 4.68
C LEU C 67 31.09 6.11 5.68
N ALA C 68 31.57 5.14 6.44
CA ALA C 68 30.76 4.43 7.44
C ALA C 68 29.54 3.78 6.80
N LEU C 69 29.66 3.38 5.53
CA LEU C 69 28.58 2.78 4.78
C LEU C 69 28.46 1.28 4.98
N SER C 70 29.44 0.64 5.62
CA SER C 70 29.39 -0.80 5.80
C SER C 70 28.14 -1.21 6.59
N LYS C 71 27.74 -0.39 7.57
CA LYS C 71 26.54 -0.64 8.37
C LYS C 71 25.32 0.17 7.93
N HIS C 72 25.41 0.91 6.83
CA HIS C 72 24.29 1.74 6.41
C HIS C 72 23.07 0.89 6.08
N PRO C 73 21.85 1.36 6.41
CA PRO C 73 20.65 0.52 6.19
C PRO C 73 20.42 0.06 4.76
N GLU C 74 20.65 0.92 3.78
CA GLU C 74 20.44 0.52 2.38
C GLU C 74 21.43 -0.56 1.96
N VAL C 75 22.63 -0.56 2.53
CA VAL C 75 23.58 -1.64 2.23
C VAL C 75 23.17 -2.92 2.95
N LEU C 76 22.83 -2.82 4.23
CA LEU C 76 22.40 -4.00 4.97
C LEU C 76 21.12 -4.58 4.39
N ASP C 77 20.19 -3.71 3.97
CA ASP C 77 18.96 -4.20 3.38
C ASP C 77 19.22 -4.94 2.07
N ALA C 78 20.11 -4.40 1.22
CA ALA C 78 20.37 -5.03 -0.07
C ALA C 78 21.01 -6.40 0.11
N MET C 79 21.87 -6.54 1.12
CA MET C 79 22.52 -7.83 1.36
C MET C 79 21.53 -8.86 1.86
N HIS C 80 20.73 -8.51 2.87
CA HIS C 80 19.74 -9.45 3.40
C HIS C 80 18.81 -9.94 2.29
N LYS C 81 18.27 -9.00 1.51
CA LYS C 81 17.34 -9.39 0.44
C LYS C 81 18.04 -10.24 -0.61
N THR C 82 19.29 -9.92 -0.94
CA THR C 82 20.03 -10.68 -1.95
C THR C 82 20.39 -12.07 -1.44
N ILE C 83 20.70 -12.20 -0.15
CA ILE C 83 20.97 -13.50 0.43
C ILE C 83 19.75 -14.40 0.31
N ASP C 84 18.59 -13.90 0.72
CA ASP C 84 17.37 -14.71 0.67
C ASP C 84 17.12 -15.22 -0.74
N LYS C 85 17.33 -14.38 -1.76
CA LYS C 85 17.05 -14.77 -3.12
C LYS C 85 18.17 -15.64 -3.71
N TYR C 86 19.42 -15.20 -3.59
CA TYR C 86 20.54 -15.87 -4.25
C TYR C 86 21.29 -16.85 -3.36
N GLY C 87 21.05 -16.85 -2.04
CA GLY C 87 21.89 -17.60 -1.14
C GLY C 87 23.21 -16.90 -0.85
N CYS C 88 24.20 -17.69 -0.43
CA CYS C 88 25.49 -17.13 0.01
C CYS C 88 26.47 -17.02 -1.16
N GLY C 89 27.02 -18.15 -1.60
CA GLY C 89 28.04 -18.12 -2.63
C GLY C 89 27.46 -18.02 -4.03
N ALA C 90 28.28 -17.49 -4.94
CA ALA C 90 27.86 -17.41 -6.33
C ALA C 90 27.72 -18.78 -6.96
N GLY C 91 28.52 -19.74 -6.51
CA GLY C 91 28.41 -21.10 -6.99
C GLY C 91 29.13 -21.38 -8.29
N GLY C 92 29.99 -20.47 -8.74
CA GLY C 92 30.69 -20.70 -9.99
C GLY C 92 31.58 -19.53 -10.32
N THR C 93 32.17 -19.61 -11.50
CA THR C 93 32.99 -18.54 -12.06
C THR C 93 32.20 -17.78 -13.11
N ARG C 94 32.81 -16.72 -13.65
CA ARG C 94 32.08 -15.92 -14.63
C ARG C 94 31.75 -16.73 -15.88
N ASN C 95 32.57 -17.73 -16.21
CA ASN C 95 32.28 -18.58 -17.35
C ASN C 95 31.28 -19.70 -17.02
N ILE C 96 31.32 -20.23 -15.80
CA ILE C 96 30.46 -21.35 -15.43
C ILE C 96 29.64 -20.94 -14.21
N ALA C 97 28.33 -20.73 -14.41
CA ALA C 97 27.36 -20.61 -13.32
C ALA C 97 27.56 -19.41 -12.40
N GLY C 98 28.65 -18.66 -12.57
CA GLY C 98 28.98 -17.55 -11.68
C GLY C 98 28.79 -16.16 -12.26
N HIS C 99 27.97 -16.05 -13.30
CA HIS C 99 27.65 -14.77 -13.93
C HIS C 99 26.16 -14.50 -13.72
N ASN C 100 25.83 -13.31 -13.20
CA ASN C 100 24.49 -13.07 -12.69
C ASN C 100 24.21 -11.58 -12.70
N ILE C 101 22.99 -11.21 -12.28
CA ILE C 101 22.50 -9.84 -12.36
C ILE C 101 23.28 -8.93 -11.42
N PRO C 102 23.49 -9.30 -10.16
CA PRO C 102 24.27 -8.41 -9.27
C PRO C 102 25.66 -8.10 -9.82
N THR C 103 26.25 -9.02 -10.58
CA THR C 103 27.51 -8.72 -11.26
C THR C 103 27.29 -7.69 -12.37
N LEU C 104 26.25 -7.86 -13.16
CA LEU C 104 26.00 -6.92 -14.26
C LEU C 104 25.68 -5.54 -13.73
N ASN C 105 24.91 -5.45 -12.65
CA ASN C 105 24.59 -4.14 -12.08
C ASN C 105 25.81 -3.49 -11.44
N LEU C 106 26.64 -4.27 -10.75
CA LEU C 106 27.81 -3.70 -10.09
C LEU C 106 28.79 -3.13 -11.12
N GLU C 107 29.08 -3.90 -12.17
CA GLU C 107 30.00 -3.41 -13.20
C GLU C 107 29.42 -2.21 -13.93
N ALA C 108 28.10 -2.21 -14.16
CA ALA C 108 27.47 -1.06 -14.80
C ALA C 108 27.53 0.18 -13.92
N GLU C 109 27.31 0.02 -12.61
CA GLU C 109 27.41 1.16 -11.70
C GLU C 109 28.83 1.70 -11.62
N LEU C 110 29.83 0.82 -11.64
CA LEU C 110 31.21 1.26 -11.56
C LEU C 110 31.63 2.00 -12.82
N ALA C 111 31.24 1.48 -14.00
CA ALA C 111 31.51 2.20 -15.23
C ALA C 111 30.83 3.56 -15.23
N THR C 112 29.62 3.64 -14.68
CA THR C 112 28.89 4.90 -14.66
C THR C 112 29.53 5.91 -13.71
N LEU C 113 30.03 5.43 -12.57
CA LEU C 113 30.68 6.33 -11.60
C LEU C 113 31.88 7.03 -12.23
N HIS C 114 32.72 6.26 -12.93
CA HIS C 114 33.91 6.78 -13.59
C HIS C 114 33.65 7.23 -15.02
N LYS C 115 32.40 7.17 -15.48
CA LYS C 115 32.02 7.63 -16.81
C LYS C 115 32.89 7.00 -17.88
N LYS C 116 33.10 5.70 -17.74
CA LYS C 116 33.91 4.89 -18.63
C LYS C 116 32.99 3.91 -19.36
N GLU C 117 33.48 3.41 -20.51
CA GLU C 117 32.71 2.47 -21.30
C GLU C 117 32.43 1.18 -20.53
N GLY C 118 33.34 0.75 -19.65
CA GLY C 118 33.15 -0.51 -18.96
C GLY C 118 33.94 -0.59 -17.66
N ALA C 119 33.60 -1.61 -16.88
CA ALA C 119 34.26 -1.91 -15.62
C ALA C 119 34.23 -3.41 -15.37
N LEU C 120 35.29 -3.92 -14.76
CA LEU C 120 35.45 -5.34 -14.51
C LEU C 120 35.78 -5.55 -13.04
N VAL C 121 35.05 -6.47 -12.40
CA VAL C 121 35.18 -6.74 -10.97
C VAL C 121 36.12 -7.92 -10.76
N PHE C 122 37.00 -7.81 -9.76
CA PHE C 122 37.92 -8.86 -9.37
C PHE C 122 37.70 -9.20 -7.90
N SER C 123 38.27 -10.33 -7.49
CA SER C 123 38.11 -10.81 -6.11
C SER C 123 38.45 -9.73 -5.09
N SER C 124 39.46 -8.92 -5.38
CA SER C 124 39.88 -7.89 -4.45
C SER C 124 40.68 -6.83 -5.21
N CYS C 125 41.05 -5.76 -4.49
CA CYS C 125 41.82 -4.69 -5.11
C CYS C 125 43.19 -5.19 -5.55
N TYR C 126 43.87 -5.97 -4.70
CA TYR C 126 45.22 -6.39 -5.05
C TYR C 126 45.20 -7.38 -6.21
N VAL C 127 44.14 -8.17 -6.35
CA VAL C 127 44.02 -9.04 -7.52
C VAL C 127 43.81 -8.23 -8.78
N ALA C 128 43.04 -7.13 -8.68
CA ALA C 128 42.79 -6.30 -9.85
C ALA C 128 44.08 -5.67 -10.36
N ASN C 129 44.86 -5.06 -9.46
CA ASN C 129 46.12 -4.46 -9.85
C ASN C 129 47.06 -5.49 -10.44
N ASP C 130 47.10 -6.68 -9.84
CA ASP C 130 48.02 -7.72 -10.31
C ASP C 130 47.61 -8.22 -11.69
N ALA C 131 46.30 -8.35 -11.93
CA ALA C 131 45.85 -8.88 -13.21
C ALA C 131 46.10 -7.89 -14.34
N VAL C 132 45.72 -6.63 -14.13
CA VAL C 132 45.91 -5.62 -15.16
C VAL C 132 47.39 -5.44 -15.47
N LEU C 133 48.19 -5.16 -14.45
CA LEU C 133 49.61 -4.93 -14.67
C LEU C 133 50.29 -6.15 -15.26
N SER C 134 49.93 -7.35 -14.81
CA SER C 134 50.55 -8.57 -15.34
C SER C 134 50.27 -8.73 -16.83
N LEU C 135 49.02 -8.52 -17.23
CA LEU C 135 48.67 -8.70 -18.63
C LEU C 135 49.37 -7.68 -19.52
N LEU C 136 49.45 -6.43 -19.07
CA LEU C 136 50.11 -5.39 -19.86
C LEU C 136 51.54 -5.80 -20.20
N GLY C 137 52.30 -6.28 -19.20
CA GLY C 137 53.67 -6.68 -19.45
C GLY C 137 53.77 -7.96 -20.26
N GLN C 138 52.86 -8.91 -20.01
CA GLN C 138 52.91 -10.16 -20.76
C GLN C 138 52.70 -9.91 -22.25
N LYS C 139 51.67 -9.13 -22.60
CA LYS C 139 51.31 -8.96 -24.00
C LYS C 139 52.15 -7.93 -24.72
N MET C 140 52.73 -6.97 -24.00
CA MET C 140 53.76 -6.09 -24.57
C MET C 140 55.06 -6.34 -23.80
N LYS C 141 55.97 -7.08 -24.41
CA LYS C 141 57.22 -7.42 -23.73
C LYS C 141 58.22 -6.28 -23.74
N ASP C 142 58.11 -5.38 -24.72
CA ASP C 142 58.99 -4.23 -24.82
C ASP C 142 58.48 -3.02 -24.02
N LEU C 143 57.33 -3.13 -23.36
CA LEU C 143 56.78 -2.00 -22.63
C LEU C 143 57.67 -1.59 -21.47
N VAL C 144 57.67 -0.29 -21.17
CA VAL C 144 58.44 0.28 -20.06
C VAL C 144 57.46 0.87 -19.08
N ILE C 145 57.60 0.52 -17.80
CA ILE C 145 56.70 0.96 -16.74
C ILE C 145 57.40 2.01 -15.89
N PHE C 146 56.74 3.14 -15.70
CA PHE C 146 57.25 4.24 -14.89
C PHE C 146 56.36 4.35 -13.65
N SER C 147 56.94 4.07 -12.48
CA SER C 147 56.19 3.84 -11.26
C SER C 147 56.59 4.85 -10.19
N ASP C 148 55.60 5.46 -9.55
CA ASP C 148 55.88 6.35 -8.42
C ASP C 148 56.48 5.54 -7.28
N GLU C 149 57.51 6.10 -6.65
CA GLU C 149 58.26 5.33 -5.65
C GLU C 149 57.41 4.88 -4.48
N LEU C 150 56.29 5.56 -4.20
CA LEU C 150 55.46 5.28 -3.04
C LEU C 150 54.27 4.36 -3.33
N ASN C 151 54.19 3.80 -4.54
CA ASN C 151 53.10 2.88 -4.85
C ASN C 151 53.10 1.71 -3.87
N HIS C 152 51.90 1.31 -3.44
CA HIS C 152 51.76 0.26 -2.45
C HIS C 152 52.11 -1.12 -3.04
N ALA C 153 52.34 -2.07 -2.13
CA ALA C 153 52.90 -3.37 -2.52
C ALA C 153 52.12 -4.02 -3.65
N SER C 154 50.80 -3.90 -3.65
CA SER C 154 50.00 -4.53 -4.70
C SER C 154 50.42 -4.08 -6.10
N MET C 155 50.71 -2.79 -6.29
CA MET C 155 51.18 -2.33 -7.59
C MET C 155 52.61 -2.78 -7.84
N ILE C 156 53.43 -2.79 -6.79
CA ILE C 156 54.81 -3.27 -6.92
C ILE C 156 54.81 -4.72 -7.40
N VAL C 157 54.01 -5.57 -6.75
CA VAL C 157 53.93 -6.98 -7.14
C VAL C 157 53.46 -7.11 -8.57
N GLY C 158 52.44 -6.35 -8.95
CA GLY C 158 51.96 -6.41 -10.33
C GLY C 158 53.01 -6.01 -11.34
N ILE C 159 53.81 -4.97 -11.00
CA ILE C 159 54.87 -4.54 -11.91
C ILE C 159 55.95 -5.61 -12.03
N LYS C 160 56.28 -6.26 -10.90
CA LYS C 160 57.20 -7.39 -10.95
C LYS C 160 56.65 -8.50 -11.84
N HIS C 161 55.37 -8.85 -11.64
CA HIS C 161 54.75 -9.90 -12.44
C HIS C 161 54.60 -9.50 -13.91
N ALA C 162 54.60 -8.21 -14.22
CA ALA C 162 54.57 -7.79 -15.62
C ALA C 162 55.86 -8.20 -16.34
N ASN C 163 56.96 -8.34 -15.60
CA ASN C 163 58.24 -8.80 -16.13
C ASN C 163 58.68 -7.96 -17.34
N VAL C 164 58.75 -6.64 -17.12
CA VAL C 164 59.23 -5.71 -18.12
C VAL C 164 60.17 -4.72 -17.44
N LYS C 165 60.89 -3.94 -18.25
CA LYS C 165 61.75 -2.90 -17.69
C LYS C 165 60.90 -1.87 -16.96
N LYS C 166 61.43 -1.35 -15.85
CA LYS C 166 60.71 -0.40 -15.03
C LYS C 166 61.63 0.71 -14.58
N HIS C 167 61.04 1.88 -14.31
CA HIS C 167 61.77 3.01 -13.74
C HIS C 167 60.95 3.56 -12.58
N ILE C 168 61.58 3.65 -11.41
CA ILE C 168 60.96 4.25 -10.24
C ILE C 168 61.38 5.72 -10.20
N PHE C 169 60.40 6.62 -10.23
CA PHE C 169 60.69 8.05 -10.12
C PHE C 169 60.33 8.55 -8.73
N LYS C 170 61.11 9.52 -8.24
CA LYS C 170 60.91 10.03 -6.90
C LYS C 170 59.48 10.51 -6.73
N HIS C 171 58.96 10.38 -5.51
CA HIS C 171 57.54 10.53 -5.27
C HIS C 171 57.04 11.86 -5.81
N ASN C 172 56.02 11.79 -6.65
CA ASN C 172 55.36 12.97 -7.21
C ASN C 172 56.33 13.91 -7.91
N ASP C 173 57.50 13.43 -8.34
CA ASP C 173 58.46 14.29 -9.01
C ASP C 173 58.17 14.16 -10.49
N LEU C 174 57.50 15.16 -11.06
CA LEU C 174 57.13 15.10 -12.46
C LEU C 174 58.21 15.67 -13.36
N ASN C 175 59.20 16.34 -12.77
CA ASN C 175 60.40 16.66 -13.54
C ASN C 175 61.17 15.39 -13.87
N GLU C 176 61.43 14.55 -12.87
CA GLU C 176 62.16 13.31 -13.13
C GLU C 176 61.35 12.37 -14.01
N LEU C 177 60.03 12.33 -13.82
CA LEU C 177 59.21 11.47 -14.67
C LEU C 177 59.36 11.85 -16.14
N GLU C 178 59.34 13.15 -16.45
CA GLU C 178 59.49 13.59 -17.83
C GLU C 178 60.89 13.31 -18.37
N GLN C 179 61.92 13.36 -17.53
CA GLN C 179 63.27 13.05 -17.99
C GLN C 179 63.41 11.57 -18.33
N LEU C 180 62.76 10.69 -17.56
CA LEU C 180 62.77 9.27 -17.87
C LEU C 180 61.99 8.98 -19.14
N LEU C 181 60.86 9.67 -19.33
CA LEU C 181 60.06 9.43 -20.52
C LEU C 181 60.79 9.88 -21.79
N GLN C 182 61.50 11.00 -21.73
CA GLN C 182 62.08 11.57 -22.95
C GLN C 182 63.28 10.77 -23.45
N SER C 183 63.90 9.97 -22.59
CA SER C 183 65.03 9.16 -23.03
C SER C 183 64.62 8.02 -23.96
N TYR C 184 63.31 7.81 -24.20
CA TYR C 184 62.79 6.77 -25.07
C TYR C 184 62.10 7.37 -26.29
N PRO C 185 62.11 6.65 -27.43
CA PRO C 185 61.26 7.06 -28.55
C PRO C 185 59.79 6.99 -28.15
N LYS C 186 58.98 7.81 -28.82
CA LYS C 186 57.54 7.83 -28.52
C LYS C 186 56.89 6.49 -28.85
N SER C 187 57.48 5.73 -29.78
CA SER C 187 56.88 4.49 -30.26
C SER C 187 57.05 3.33 -29.29
N VAL C 188 57.95 3.45 -28.31
CA VAL C 188 58.10 2.39 -27.32
C VAL C 188 56.86 2.38 -26.42
N PRO C 189 56.18 1.26 -26.25
CA PRO C 189 55.01 1.24 -25.37
C PRO C 189 55.43 1.53 -23.92
N LYS C 190 54.62 2.35 -23.24
CA LYS C 190 54.95 2.82 -21.91
C LYS C 190 53.69 2.83 -21.05
N LEU C 191 53.90 2.68 -19.74
CA LEU C 191 52.82 2.76 -18.77
C LEU C 191 53.30 3.61 -17.61
N ILE C 192 52.49 4.58 -17.21
CA ILE C 192 52.75 5.40 -16.03
C ILE C 192 51.76 4.96 -14.96
N ALA C 193 52.28 4.34 -13.90
CA ALA C 193 51.47 3.76 -12.83
C ALA C 193 51.64 4.58 -11.57
N PHE C 194 50.52 5.01 -10.98
CA PHE C 194 50.55 5.84 -9.80
C PHE C 194 49.21 5.75 -9.08
N GLU C 195 49.20 6.24 -7.84
CA GLU C 195 48.00 6.36 -7.03
C GLU C 195 47.56 7.81 -6.98
N SER C 196 46.25 8.02 -6.83
CA SER C 196 45.74 9.38 -6.68
C SER C 196 46.05 9.92 -5.29
N VAL C 197 45.82 9.10 -4.26
CA VAL C 197 46.07 9.48 -2.88
C VAL C 197 46.97 8.41 -2.26
N TYR C 198 48.09 8.84 -1.69
CA TYR C 198 49.01 7.93 -1.02
C TYR C 198 48.67 7.92 0.47
N SER C 199 48.26 6.75 0.96
CA SER C 199 47.48 6.67 2.20
C SER C 199 48.30 6.95 3.44
N MET C 200 49.63 6.75 3.39
CA MET C 200 50.41 6.84 4.62
C MET C 200 50.66 8.29 5.04
N ALA C 201 51.11 9.14 4.11
CA ALA C 201 51.24 10.57 4.39
C ALA C 201 50.13 11.43 3.79
N GLY C 202 49.20 10.85 3.02
CA GLY C 202 48.08 11.62 2.50
C GLY C 202 48.39 12.58 1.36
N SER C 203 49.53 12.44 0.69
CA SER C 203 49.81 13.30 -0.45
C SER C 203 48.99 12.90 -1.66
N VAL C 204 48.89 13.82 -2.62
CA VAL C 204 48.03 13.67 -3.79
C VAL C 204 48.85 13.87 -5.04
N ALA C 205 48.64 12.99 -6.02
CA ALA C 205 49.31 13.09 -7.30
C ALA C 205 48.62 14.10 -8.18
N ASP C 206 49.38 14.72 -9.08
CA ASP C 206 48.81 15.64 -10.06
C ASP C 206 48.48 14.78 -11.27
N ILE C 207 47.19 14.50 -11.45
CA ILE C 207 46.77 13.54 -12.46
C ILE C 207 46.73 14.21 -13.83
N GLU C 208 46.30 15.47 -13.87
CA GLU C 208 46.23 16.18 -15.14
C GLU C 208 47.62 16.31 -15.77
N LYS C 209 48.62 16.72 -14.99
CA LYS C 209 49.96 16.86 -15.54
C LYS C 209 50.52 15.51 -15.98
N ILE C 210 50.24 14.45 -15.24
CA ILE C 210 50.70 13.12 -15.64
C ILE C 210 50.01 12.70 -16.95
N CYS C 211 48.72 12.99 -17.08
CA CYS C 211 48.04 12.73 -18.35
C CYS C 211 48.74 13.49 -19.49
N ASP C 212 49.10 14.75 -19.25
CA ASP C 212 49.81 15.53 -20.28
C ASP C 212 51.09 14.82 -20.71
N LEU C 213 51.89 14.38 -19.73
CA LEU C 213 53.11 13.64 -20.05
C LEU C 213 52.81 12.36 -20.81
N ALA C 214 51.69 11.69 -20.48
CA ALA C 214 51.34 10.45 -21.17
C ALA C 214 51.01 10.70 -22.63
N ASP C 215 50.32 11.81 -22.93
CA ASP C 215 50.05 12.16 -24.32
C ASP C 215 51.33 12.47 -25.07
N LYS C 216 52.24 13.22 -24.43
CA LYS C 216 53.41 13.70 -25.12
C LYS C 216 54.35 12.56 -25.49
N TYR C 217 54.61 11.65 -24.55
CA TYR C 217 55.55 10.55 -24.74
C TYR C 217 54.88 9.24 -25.14
N GLY C 218 53.56 9.26 -25.38
CA GLY C 218 52.90 8.08 -25.94
C GLY C 218 52.72 6.96 -24.94
N ALA C 219 52.31 7.28 -23.72
CA ALA C 219 52.16 6.30 -22.67
C ALA C 219 50.68 6.11 -22.33
N LEU C 220 50.35 4.91 -21.88
CA LEU C 220 49.11 4.66 -21.15
C LEU C 220 49.27 5.07 -19.69
N THR C 221 48.15 5.37 -19.03
CA THR C 221 48.15 5.69 -17.61
C THR C 221 47.38 4.63 -16.83
N PHE C 222 47.93 4.25 -15.68
CA PHE C 222 47.29 3.31 -14.76
C PHE C 222 47.18 4.02 -13.41
N LEU C 223 45.95 4.30 -12.98
CA LEU C 223 45.69 5.11 -11.79
C LEU C 223 44.95 4.26 -10.76
N ASP C 224 45.52 4.17 -9.56
CA ASP C 224 44.91 3.49 -8.44
C ASP C 224 44.24 4.54 -7.55
N GLU C 225 42.91 4.53 -7.53
CA GLU C 225 42.09 5.47 -6.75
C GLU C 225 41.60 4.87 -5.43
N VAL C 226 42.09 3.70 -5.03
CA VAL C 226 41.56 2.94 -3.90
C VAL C 226 41.28 3.82 -2.69
N HIS C 227 42.20 4.73 -2.40
CA HIS C 227 42.07 5.62 -1.26
C HIS C 227 41.37 6.94 -1.59
N ALA C 228 40.79 7.04 -2.79
CA ALA C 228 40.05 8.22 -3.25
C ALA C 228 38.56 7.95 -3.41
N VAL C 229 38.20 6.92 -4.19
CA VAL C 229 36.80 6.71 -4.59
C VAL C 229 35.88 6.79 -3.39
N GLY C 230 34.80 7.57 -3.54
CA GLY C 230 33.86 7.87 -2.51
C GLY C 230 34.20 9.12 -1.71
N LEU C 231 35.48 9.50 -1.66
CA LEU C 231 35.92 10.67 -0.88
C LEU C 231 36.16 11.92 -1.70
N TYR C 232 36.18 11.85 -3.04
CA TYR C 232 36.59 13.00 -3.84
C TYR C 232 35.78 13.07 -5.12
N GLY C 233 35.67 14.29 -5.64
CA GLY C 233 34.76 14.60 -6.71
C GLY C 233 33.36 14.76 -6.14
N PRO C 234 32.49 15.46 -6.88
CA PRO C 234 31.12 15.65 -6.36
C PRO C 234 30.41 14.34 -6.07
N HIS C 235 30.61 13.33 -6.91
CA HIS C 235 29.90 12.07 -6.81
C HIS C 235 30.71 10.95 -6.16
N GLY C 236 31.93 11.22 -5.72
CA GLY C 236 32.75 10.18 -5.13
C GLY C 236 33.53 9.33 -6.10
N ALA C 237 33.69 9.80 -7.34
CA ALA C 237 34.44 9.05 -8.35
C ALA C 237 35.95 9.13 -8.16
N GLY C 238 36.44 9.90 -7.21
CA GLY C 238 37.86 9.98 -6.91
C GLY C 238 38.47 11.31 -7.31
N VAL C 239 39.79 11.36 -7.13
CA VAL C 239 40.53 12.60 -7.40
C VAL C 239 40.44 12.98 -8.86
N ALA C 240 40.44 12.00 -9.76
CA ALA C 240 40.29 12.30 -11.18
C ALA C 240 39.04 13.12 -11.43
N GLU C 241 37.91 12.72 -10.83
CA GLU C 241 36.68 13.50 -10.97
C GLU C 241 36.84 14.88 -10.37
N HIS C 242 37.53 14.97 -9.24
CA HIS C 242 37.74 16.26 -8.59
C HIS C 242 38.50 17.22 -9.51
N CYS C 243 39.32 16.69 -10.41
CA CYS C 243 40.13 17.54 -11.29
C CYS C 243 39.25 18.44 -12.14
N ASP C 244 38.12 17.92 -12.62
CA ASP C 244 37.07 18.78 -13.14
C ASP C 244 35.88 18.59 -12.20
N PHE C 245 35.78 19.46 -11.20
CA PHE C 245 34.73 19.30 -10.20
C PHE C 245 33.43 19.93 -10.67
N GLU C 246 33.51 21.12 -11.26
CA GLU C 246 32.32 21.84 -11.66
C GLU C 246 31.70 21.27 -12.92
N SER C 247 32.52 20.79 -13.85
CA SER C 247 31.99 20.13 -15.04
C SER C 247 31.21 18.88 -14.67
N HIS C 248 31.79 18.02 -13.83
CA HIS C 248 31.11 16.78 -13.44
C HIS C 248 29.87 17.07 -12.60
N ARG C 249 29.95 18.01 -11.66
CA ARG C 249 28.78 18.33 -10.83
C ARG C 249 27.63 18.83 -11.69
N ALA C 250 27.93 19.66 -12.69
CA ALA C 250 26.87 20.20 -13.55
C ALA C 250 26.23 19.09 -14.36
N SER C 251 27.03 18.27 -15.04
CA SER C 251 26.50 17.23 -15.90
C SER C 251 25.98 16.01 -15.13
N GLY C 252 26.39 15.86 -13.88
CA GLY C 252 25.89 14.73 -13.08
C GLY C 252 26.33 13.40 -13.67
N ILE C 253 25.34 12.54 -13.95
CA ILE C 253 25.64 11.20 -14.43
C ILE C 253 26.30 11.22 -15.80
N ALA C 254 26.01 12.25 -16.60
CA ALA C 254 26.42 12.30 -18.00
C ALA C 254 27.87 12.76 -18.13
N THR C 255 28.47 12.39 -19.27
CA THR C 255 29.77 12.95 -19.65
C THR C 255 29.61 14.42 -20.00
N PRO C 256 30.38 15.32 -19.39
CA PRO C 256 30.27 16.74 -19.75
C PRO C 256 30.87 17.01 -21.12
N LYS C 257 30.37 18.08 -21.75
CA LYS C 257 30.83 18.42 -23.09
C LYS C 257 32.22 19.04 -23.08
N THR C 258 32.60 19.71 -22.00
CA THR C 258 33.93 20.28 -21.85
C THR C 258 34.37 20.15 -20.40
N ASN C 259 35.68 20.20 -20.20
CA ASN C 259 36.24 20.10 -18.86
C ASN C 259 36.19 21.45 -18.17
N ASP C 260 36.72 21.51 -16.95
CA ASP C 260 36.64 22.74 -16.15
C ASP C 260 37.38 23.90 -16.80
N LYS C 261 38.35 23.63 -17.67
CA LYS C 261 39.11 24.67 -18.35
C LYS C 261 38.56 25.01 -19.73
N GLY C 262 37.47 24.39 -20.16
CA GLY C 262 36.95 24.58 -21.49
C GLY C 262 37.48 23.59 -22.52
N GLY C 263 38.43 22.75 -22.15
CA GLY C 263 38.98 21.77 -23.06
C GLY C 263 38.00 20.66 -23.38
N ALA C 264 38.44 19.76 -24.27
CA ALA C 264 37.55 18.77 -24.84
C ALA C 264 37.27 17.61 -23.89
N LYS C 265 38.30 17.11 -23.21
CA LYS C 265 38.19 15.89 -22.42
C LYS C 265 38.52 16.18 -20.96
N THR C 266 37.76 15.55 -20.07
CA THR C 266 38.04 15.64 -18.64
C THR C 266 39.24 14.77 -18.29
N VAL C 267 39.85 15.06 -17.14
CA VAL C 267 40.98 14.25 -16.68
C VAL C 267 40.57 12.79 -16.55
N MET C 268 39.44 12.53 -15.88
CA MET C 268 38.99 11.15 -15.66
C MET C 268 38.82 10.42 -16.99
N ASP C 269 38.37 11.12 -18.02
CA ASP C 269 38.22 10.50 -19.33
C ASP C 269 39.57 10.13 -19.93
N ARG C 270 40.60 10.96 -19.68
CA ARG C 270 41.90 10.75 -20.29
C ARG C 270 42.69 9.64 -19.64
N VAL C 271 42.39 9.29 -18.37
CA VAL C 271 43.07 8.17 -17.74
C VAL C 271 42.61 6.88 -18.39
N ASP C 272 43.57 6.02 -18.74
CA ASP C 272 43.25 4.83 -19.51
C ASP C 272 42.66 3.73 -18.63
N MET C 273 43.23 3.52 -17.45
CA MET C 273 42.79 2.46 -16.55
C MET C 273 42.71 3.01 -15.14
N ILE C 274 41.55 2.89 -14.52
CA ILE C 274 41.34 3.35 -13.16
C ILE C 274 40.97 2.13 -12.32
N THR C 275 41.79 1.83 -11.33
CA THR C 275 41.51 0.75 -10.39
C THR C 275 41.07 1.33 -9.06
N GLY C 276 40.17 0.61 -8.39
CA GLY C 276 39.66 0.99 -7.10
C GLY C 276 39.27 -0.26 -6.34
N THR C 277 38.78 -0.06 -5.11
CA THR C 277 38.32 -1.14 -4.26
C THR C 277 36.84 -0.97 -3.95
N LEU C 278 36.18 -2.09 -3.71
CA LEU C 278 34.87 -2.10 -3.07
C LEU C 278 34.98 -2.28 -1.57
N GLY C 279 36.20 -2.39 -1.05
CA GLY C 279 36.44 -2.77 0.32
C GLY C 279 36.58 -1.65 1.32
N LYS C 280 36.53 -0.38 0.89
CA LYS C 280 36.80 0.70 1.84
C LYS C 280 35.62 1.66 1.94
N SER C 281 35.50 2.59 0.99
CA SER C 281 34.40 3.55 1.07
C SER C 281 33.07 2.88 0.78
N PHE C 282 33.06 1.90 -0.11
CA PHE C 282 31.84 1.22 -0.53
C PHE C 282 31.43 0.09 0.42
N GLY C 283 32.15 -0.10 1.52
CA GLY C 283 31.71 -0.97 2.59
C GLY C 283 31.38 -2.39 2.17
N SER C 284 32.28 -3.00 1.40
CA SER C 284 32.06 -4.32 0.81
C SER C 284 33.41 -5.01 0.72
N VAL C 285 33.49 -6.06 -0.10
CA VAL C 285 34.78 -6.60 -0.50
C VAL C 285 34.81 -6.66 -2.02
N GLY C 286 35.98 -6.39 -2.60
CA GLY C 286 36.16 -6.59 -4.02
C GLY C 286 37.17 -5.61 -4.57
N GLY C 287 37.37 -5.71 -5.88
CA GLY C 287 38.22 -4.79 -6.62
C GLY C 287 37.69 -4.64 -8.02
N TYR C 288 38.15 -3.60 -8.71
CA TYR C 288 37.66 -3.37 -10.07
C TYR C 288 38.66 -2.54 -10.84
N VAL C 289 38.50 -2.56 -12.17
CA VAL C 289 39.12 -1.60 -13.07
C VAL C 289 38.03 -1.04 -13.97
N ALA C 290 38.12 0.26 -14.26
CA ALA C 290 37.23 0.92 -15.21
C ALA C 290 38.08 1.45 -16.35
N ALA C 291 37.68 1.16 -17.59
CA ALA C 291 38.45 1.53 -18.76
C ALA C 291 37.53 1.48 -19.98
N SER C 292 38.13 1.63 -21.17
CA SER C 292 37.39 1.41 -22.40
C SER C 292 36.93 -0.04 -22.49
N ARG C 293 35.84 -0.27 -23.22
CA ARG C 293 35.30 -1.62 -23.34
C ARG C 293 36.30 -2.55 -24.01
N LYS C 294 37.14 -2.04 -24.91
CA LYS C 294 38.15 -2.89 -25.53
C LYS C 294 39.18 -3.36 -24.51
N LEU C 295 39.59 -2.47 -23.59
CA LEU C 295 40.47 -2.90 -22.51
C LEU C 295 39.77 -3.86 -21.57
N ILE C 296 38.52 -3.57 -21.20
CA ILE C 296 37.80 -4.42 -20.27
C ILE C 296 37.70 -5.83 -20.81
N ASP C 297 37.22 -5.96 -22.06
CA ASP C 297 37.13 -7.27 -22.70
C ASP C 297 38.49 -7.95 -22.74
N TRP C 298 39.55 -7.17 -22.93
CA TRP C 298 40.91 -7.71 -22.90
C TRP C 298 41.19 -8.38 -21.57
N PHE C 299 41.00 -7.66 -20.47
CA PHE C 299 41.18 -8.25 -19.14
C PHE C 299 40.23 -9.43 -18.93
N ARG C 300 38.95 -9.22 -19.25
CA ARG C 300 37.97 -10.30 -19.12
C ARG C 300 38.43 -11.56 -19.84
N SER C 301 39.00 -11.42 -21.04
CA SER C 301 39.32 -12.59 -21.85
C SER C 301 40.65 -13.23 -21.46
N PHE C 302 41.69 -12.43 -21.17
CA PHE C 302 43.04 -12.97 -20.98
C PHE C 302 43.54 -13.04 -19.54
N ALA C 303 42.83 -12.48 -18.56
CA ALA C 303 43.41 -12.33 -17.23
C ALA C 303 43.11 -13.58 -16.40
N PRO C 304 44.10 -14.41 -16.08
CA PRO C 304 43.81 -15.61 -15.27
C PRO C 304 43.24 -15.29 -13.90
N GLY C 305 43.71 -14.20 -13.27
CA GLY C 305 43.18 -13.82 -11.97
C GLY C 305 41.70 -13.49 -12.00
N PHE C 306 41.17 -13.11 -13.17
CA PHE C 306 39.74 -12.90 -13.35
C PHE C 306 39.00 -14.19 -13.67
N ILE C 307 39.58 -15.01 -14.56
CA ILE C 307 38.86 -16.14 -15.13
C ILE C 307 38.73 -17.29 -14.14
N PHE C 308 39.82 -17.62 -13.46
CA PHE C 308 39.99 -18.90 -12.77
C PHE C 308 39.64 -18.87 -11.30
N THR C 309 38.96 -17.83 -10.82
CA THR C 309 38.55 -17.77 -9.43
C THR C 309 37.03 -17.66 -9.31
N THR C 310 36.50 -18.10 -8.17
CA THR C 310 35.05 -18.05 -7.93
C THR C 310 34.58 -16.60 -7.84
N THR C 311 33.43 -16.33 -8.46
CA THR C 311 32.85 -15.00 -8.43
C THR C 311 32.41 -14.64 -7.02
N LEU C 312 32.55 -13.36 -6.69
CA LEU C 312 32.19 -12.90 -5.36
C LEU C 312 30.71 -13.21 -5.09
N PRO C 313 30.34 -13.38 -3.82
CA PRO C 313 28.94 -13.64 -3.49
C PRO C 313 28.02 -12.55 -4.01
N PRO C 314 26.82 -12.90 -4.47
CA PRO C 314 25.90 -11.86 -4.98
C PRO C 314 25.54 -10.80 -3.96
N SER C 315 25.34 -11.19 -2.69
CA SER C 315 24.99 -10.21 -1.66
C SER C 315 26.12 -9.22 -1.44
N VAL C 316 27.36 -9.67 -1.54
CA VAL C 316 28.51 -8.77 -1.42
C VAL C 316 28.51 -7.75 -2.54
N MET C 317 28.16 -8.18 -3.75
CA MET C 317 28.06 -7.26 -4.88
C MET C 317 26.88 -6.32 -4.71
N ALA C 318 25.71 -6.86 -4.35
CA ALA C 318 24.53 -6.02 -4.17
C ALA C 318 24.76 -4.98 -3.08
N GLY C 319 25.47 -5.35 -2.02
CA GLY C 319 25.81 -4.38 -0.99
C GLY C 319 26.66 -3.25 -1.53
N ALA C 320 27.71 -3.59 -2.29
CA ALA C 320 28.58 -2.57 -2.88
C ALA C 320 27.81 -1.69 -3.85
N THR C 321 26.91 -2.29 -4.63
CA THR C 321 26.11 -1.50 -5.55
C THR C 321 25.27 -0.48 -4.80
N ALA C 322 24.61 -0.91 -3.72
CA ALA C 322 23.80 0.01 -2.92
C ALA C 322 24.64 1.17 -2.40
N ALA C 323 25.84 0.87 -1.90
CA ALA C 323 26.71 1.91 -1.36
C ALA C 323 27.10 2.90 -2.44
N ILE C 324 27.44 2.42 -3.64
CA ILE C 324 27.85 3.29 -4.74
C ILE C 324 26.70 4.22 -5.11
N ARG C 325 25.48 3.68 -5.19
CA ARG C 325 24.33 4.49 -5.57
C ARG C 325 24.03 5.54 -4.50
N TYR C 326 24.03 5.15 -3.23
CA TYR C 326 23.78 6.11 -2.16
C TYR C 326 24.85 7.20 -2.15
N GLN C 327 26.13 6.79 -2.20
CA GLN C 327 27.22 7.75 -2.05
C GLN C 327 27.35 8.65 -3.26
N ARG C 328 26.91 8.20 -4.44
CA ARG C 328 26.96 9.04 -5.62
C ARG C 328 26.16 10.32 -5.43
N CYS C 329 24.96 10.19 -4.89
CA CYS C 329 24.04 11.32 -4.76
C CYS C 329 24.06 11.97 -3.38
N HIS C 330 24.89 11.50 -2.45
CA HIS C 330 25.06 12.18 -1.16
C HIS C 330 26.47 12.75 -1.11
N ILE C 331 26.58 14.06 -1.35
CA ILE C 331 27.87 14.73 -1.20
C ILE C 331 28.13 15.07 0.26
N ASP C 332 27.08 15.09 1.09
CA ASP C 332 27.24 15.39 2.50
C ASP C 332 28.06 14.35 3.23
N LEU C 333 28.22 13.15 2.67
CA LEU C 333 29.19 12.21 3.22
C LEU C 333 30.60 12.74 3.08
N ARG C 334 30.94 13.27 1.90
CA ARG C 334 32.29 13.76 1.66
C ARG C 334 32.56 15.05 2.43
N THR C 335 31.61 15.97 2.43
CA THR C 335 31.80 17.21 3.19
C THR C 335 31.86 16.93 4.69
N SER C 336 31.07 15.96 5.16
CA SER C 336 31.10 15.59 6.57
C SER C 336 32.49 15.07 6.95
N GLN C 337 33.02 14.12 6.19
CA GLN C 337 34.33 13.56 6.51
C GLN C 337 35.42 14.63 6.46
N GLN C 338 35.40 15.48 5.43
CA GLN C 338 36.38 16.55 5.35
C GLN C 338 36.29 17.48 6.55
N LYS C 339 35.06 17.85 6.96
CA LYS C 339 34.90 18.74 8.09
C LYS C 339 35.35 18.09 9.40
N HIS C 340 35.06 16.81 9.57
CA HIS C 340 35.55 16.09 10.75
C HIS C 340 37.07 15.97 10.73
N THR C 341 37.65 15.69 9.57
CA THR C 341 39.11 15.64 9.46
C THR C 341 39.73 17.00 9.76
N MET C 342 39.15 18.08 9.24
CA MET C 342 39.67 19.42 9.51
C MET C 342 39.48 19.80 10.98
N TYR C 343 38.34 19.44 11.57
CA TYR C 343 38.10 19.69 12.99
C TYR C 343 39.21 19.08 13.84
N VAL C 344 39.58 17.83 13.56
CA VAL C 344 40.68 17.19 14.28
C VAL C 344 41.99 17.90 13.99
N LYS C 345 42.28 18.13 12.70
CA LYS C 345 43.54 18.78 12.33
C LYS C 345 43.69 20.13 13.02
N LYS C 346 42.60 20.92 13.06
CA LYS C 346 42.67 22.21 13.73
C LYS C 346 42.97 22.04 15.21
N ALA C 347 42.27 21.11 15.87
CA ALA C 347 42.46 20.95 17.31
C ALA C 347 43.87 20.49 17.64
N PHE C 348 44.39 19.52 16.88
CA PHE C 348 45.77 19.10 17.08
C PHE C 348 46.75 20.23 16.86
N HIS C 349 46.45 21.12 15.92
CA HIS C 349 47.34 22.26 15.67
C HIS C 349 47.42 23.19 16.87
N GLU C 350 46.28 23.49 17.50
CA GLU C 350 46.28 24.38 18.66
C GLU C 350 46.93 23.74 19.88
N LEU C 351 46.98 22.42 19.94
CA LEU C 351 47.65 21.71 21.03
C LEU C 351 49.09 21.37 20.71
N GLY C 352 49.60 21.76 19.55
CA GLY C 352 50.94 21.37 19.19
C GLY C 352 51.13 19.90 18.93
N ILE C 353 50.05 19.18 18.60
CA ILE C 353 50.15 17.79 18.19
C ILE C 353 50.66 17.78 16.75
N PRO C 354 51.81 17.12 16.48
CA PRO C 354 52.42 17.18 15.15
C PRO C 354 51.75 16.34 14.07
N VAL C 355 50.75 16.88 13.38
CA VAL C 355 50.16 16.22 12.21
C VAL C 355 50.98 16.56 10.97
N ILE C 356 51.31 15.53 10.18
CA ILE C 356 52.03 15.72 8.92
C ILE C 356 51.10 16.42 7.94
N PRO C 357 51.48 17.56 7.37
CA PRO C 357 50.56 18.30 6.49
C PRO C 357 50.27 17.54 5.20
N ASN C 358 48.98 17.43 4.87
CA ASN C 358 48.52 16.83 3.63
C ASN C 358 47.21 17.50 3.24
N PRO C 359 46.87 17.57 1.94
CA PRO C 359 45.59 18.12 1.51
C PRO C 359 44.49 17.06 1.32
N SER C 360 44.31 16.19 2.30
CA SER C 360 43.45 15.03 2.09
C SER C 360 42.77 14.68 3.42
N HIS C 361 42.18 13.49 3.47
CA HIS C 361 41.38 13.05 4.62
C HIS C 361 42.19 12.35 5.70
N ILE C 362 43.50 12.29 5.58
CA ILE C 362 44.34 11.54 6.51
C ILE C 362 44.84 12.48 7.59
N VAL C 363 44.96 11.97 8.80
CA VAL C 363 45.55 12.71 9.92
C VAL C 363 46.69 11.89 10.50
N PRO C 364 47.84 11.81 9.82
CA PRO C 364 49.00 11.13 10.41
C PRO C 364 49.62 11.98 11.50
N VAL C 365 49.90 11.36 12.64
CA VAL C 365 50.40 12.03 13.83
C VAL C 365 51.83 11.56 14.03
N LEU C 366 52.78 12.50 13.88
CA LEU C 366 54.19 12.15 13.89
C LEU C 366 54.64 11.81 15.31
N ILE C 367 55.33 10.69 15.45
CA ILE C 367 55.92 10.25 16.71
C ILE C 367 57.44 10.35 16.69
N GLY C 368 58.09 9.65 15.75
CA GLY C 368 59.51 9.77 15.55
C GLY C 368 60.33 8.63 16.11
N ASN C 369 59.69 7.70 16.81
CA ASN C 369 60.36 6.53 17.36
C ASN C 369 59.40 5.36 17.27
N ALA C 370 59.90 4.21 16.81
CA ALA C 370 59.02 3.07 16.60
C ALA C 370 58.44 2.58 17.91
N ASP C 371 59.28 2.39 18.92
CA ASP C 371 58.81 1.85 20.19
C ASP C 371 57.84 2.80 20.89
N LEU C 372 58.07 4.12 20.77
CA LEU C 372 57.15 5.08 21.39
C LEU C 372 55.81 5.11 20.66
N ALA C 373 55.81 4.93 19.34
CA ALA C 373 54.55 4.88 18.61
C ALA C 373 53.73 3.67 19.02
N LYS C 374 54.37 2.50 19.11
CA LYS C 374 53.68 1.32 19.59
C LYS C 374 53.17 1.53 21.01
N GLN C 375 53.98 2.16 21.86
CA GLN C 375 53.57 2.39 23.25
C GLN C 375 52.42 3.39 23.32
N ALA C 376 52.42 4.40 22.46
CA ALA C 376 51.35 5.39 22.46
C ALA C 376 50.03 4.76 22.03
N SER C 377 50.05 3.93 20.99
CA SER C 377 48.83 3.25 20.56
C SER C 377 48.32 2.31 21.65
N ASP C 378 49.23 1.55 22.28
CA ASP C 378 48.81 0.66 23.35
C ASP C 378 48.11 1.42 24.47
N ILE C 379 48.67 2.58 24.85
CA ILE C 379 48.06 3.40 25.88
C ILE C 379 46.71 3.94 25.41
N LEU C 380 46.60 4.32 24.15
CA LEU C 380 45.34 4.86 23.65
C LEU C 380 44.23 3.82 23.72
N ILE C 381 44.52 2.57 23.34
CA ILE C 381 43.49 1.54 23.33
C ILE C 381 43.20 1.04 24.73
N ASN C 382 44.25 0.75 25.52
CA ASN C 382 44.04 0.16 26.84
C ASN C 382 43.49 1.20 27.82
N LYS C 383 44.15 2.37 27.90
CA LYS C 383 43.74 3.37 28.88
C LYS C 383 42.53 4.17 28.40
N HIS C 384 42.56 4.68 27.18
CA HIS C 384 41.54 5.61 26.68
C HIS C 384 40.50 4.94 25.79
N GLN C 385 40.62 3.65 25.51
CA GLN C 385 39.67 2.94 24.63
C GLN C 385 39.60 3.59 23.25
N ILE C 386 40.76 3.97 22.72
CA ILE C 386 40.88 4.52 21.37
C ILE C 386 41.79 3.58 20.58
N TYR C 387 41.32 3.14 19.42
CA TYR C 387 42.11 2.28 18.55
C TYR C 387 42.72 3.14 17.43
N VAL C 388 44.04 3.24 17.42
CA VAL C 388 44.78 3.94 16.37
C VAL C 388 45.88 3.02 15.87
N GLN C 389 46.06 2.98 14.56
CA GLN C 389 47.08 2.12 13.97
C GLN C 389 48.43 2.83 13.99
N ALA C 390 49.42 2.21 14.61
CA ALA C 390 50.79 2.72 14.60
C ALA C 390 51.51 2.17 13.38
N ILE C 391 52.16 3.05 12.63
CA ILE C 391 52.84 2.71 11.38
C ILE C 391 54.34 2.79 11.61
N ASN C 392 55.07 1.75 11.20
CA ASN C 392 56.51 1.66 11.40
C ASN C 392 57.16 1.16 10.11
N PHE C 393 58.48 1.04 10.16
CA PHE C 393 59.26 0.47 9.06
C PHE C 393 58.86 -0.98 8.85
N PRO C 394 58.89 -1.48 7.61
CA PRO C 394 59.22 -0.85 6.32
C PRO C 394 58.21 0.15 5.78
N THR C 395 56.97 0.13 6.28
CA THR C 395 55.92 0.95 5.67
C THR C 395 56.35 2.40 5.54
N VAL C 396 57.04 2.92 6.56
CA VAL C 396 57.60 4.26 6.51
C VAL C 396 59.06 4.20 6.93
N ALA C 397 59.80 5.25 6.61
CA ALA C 397 61.21 5.30 6.96
C ALA C 397 61.38 5.37 8.48
N ARG C 398 62.41 4.67 8.97
CA ARG C 398 62.71 4.72 10.40
C ARG C 398 62.91 6.18 10.84
N GLY C 399 62.35 6.51 12.00
CA GLY C 399 62.36 7.86 12.48
C GLY C 399 61.15 8.69 12.10
N THR C 400 60.37 8.24 11.11
CA THR C 400 59.12 8.89 10.71
C THR C 400 57.88 8.21 11.30
N GLU C 401 58.05 7.26 12.22
CA GLU C 401 56.93 6.48 12.72
C GLU C 401 55.82 7.39 13.24
N ARG C 402 54.58 6.95 13.03
CA ARG C 402 53.43 7.83 13.18
C ARG C 402 52.20 7.02 13.58
N LEU C 403 51.17 7.72 14.04
CA LEU C 403 49.86 7.13 14.32
C LEU C 403 48.89 7.60 13.23
N ARG C 404 48.30 6.65 12.51
CA ARG C 404 47.41 6.97 11.40
C ARG C 404 45.97 7.05 11.90
N ILE C 405 45.30 8.15 11.57
CA ILE C 405 43.93 8.41 12.00
C ILE C 405 43.10 8.77 10.77
N THR C 406 41.96 8.11 10.60
CA THR C 406 41.11 8.29 9.42
C THR C 406 39.69 8.61 9.89
N PRO C 407 39.36 9.89 10.04
CA PRO C 407 37.99 10.25 10.41
C PRO C 407 36.99 9.95 9.30
N THR C 408 35.75 9.67 9.71
CA THR C 408 34.67 9.32 8.80
C THR C 408 33.47 10.21 9.10
N PRO C 409 32.38 10.11 8.34
CA PRO C 409 31.16 10.83 8.72
C PRO C 409 30.60 10.41 10.06
N GLY C 410 30.97 9.22 10.54
CA GLY C 410 30.52 8.74 11.83
C GLY C 410 31.29 9.25 13.02
N HIS C 411 32.43 9.91 12.82
CA HIS C 411 33.16 10.51 13.93
C HIS C 411 32.65 11.94 14.03
N THR C 412 31.73 12.16 14.97
CA THR C 412 31.21 13.47 15.29
C THR C 412 32.12 14.19 16.27
N ASN C 413 32.00 15.53 16.30
CA ASN C 413 32.91 16.33 17.11
C ASN C 413 32.96 15.87 18.57
N ASP C 414 31.87 15.29 19.09
CA ASP C 414 31.91 14.75 20.45
C ASP C 414 32.90 13.60 20.56
N LEU C 415 32.92 12.71 19.57
CA LEU C 415 33.96 11.68 19.53
C LEU C 415 35.33 12.28 19.31
N SER C 416 35.44 13.22 18.36
CA SER C 416 36.73 13.86 18.09
C SER C 416 37.29 14.53 19.33
N ASP C 417 36.43 15.13 20.16
CA ASP C 417 36.91 15.74 21.39
C ASP C 417 37.53 14.70 22.31
N ILE C 418 36.93 13.50 22.38
CA ILE C 418 37.49 12.42 23.19
C ILE C 418 38.86 12.02 22.64
N LEU C 419 38.94 11.77 21.34
CA LEU C 419 40.22 11.45 20.72
C LEU C 419 41.25 12.54 21.00
N ILE C 420 40.86 13.80 20.80
CA ILE C 420 41.81 14.91 20.93
C ILE C 420 42.36 14.98 22.35
N ASN C 421 41.49 14.84 23.36
CA ASN C 421 41.94 14.88 24.74
C ASN C 421 42.80 13.68 25.08
N ALA C 422 42.46 12.51 24.53
CA ALA C 422 43.23 11.31 24.82
C ALA C 422 44.63 11.40 24.21
N VAL C 423 44.71 11.84 22.95
CA VAL C 423 46.01 12.02 22.32
C VAL C 423 46.83 13.06 23.07
N ASP C 424 46.19 14.16 23.46
CA ASP C 424 46.88 15.17 24.27
C ASP C 424 47.39 14.59 25.58
N ASP C 425 46.60 13.71 26.21
CA ASP C 425 47.05 13.07 27.45
C ASP C 425 48.21 12.10 27.20
N VAL C 426 48.16 11.36 26.09
CA VAL C 426 49.23 10.42 25.78
C VAL C 426 50.55 11.17 25.56
N PHE C 427 50.50 12.31 24.87
CA PHE C 427 51.72 13.07 24.59
C PHE C 427 52.41 13.52 25.87
N ASN C 428 51.64 13.85 26.91
CA ASN C 428 52.23 14.24 28.20
C ASN C 428 52.79 13.03 28.93
N GLU C 429 52.05 11.92 28.94
CA GLU C 429 52.51 10.73 29.66
C GLU C 429 53.83 10.22 29.09
N LEU C 430 53.96 10.18 27.76
CA LEU C 430 55.14 9.65 27.12
C LEU C 430 56.17 10.71 26.75
N GLN C 431 55.93 11.97 27.10
CA GLN C 431 56.88 13.05 26.84
C GLN C 431 57.21 13.14 25.36
N LEU C 432 56.19 13.03 24.51
CA LEU C 432 56.42 12.97 23.08
C LEU C 432 56.68 14.37 22.52
N PRO C 433 57.51 14.48 21.47
CA PRO C 433 57.82 15.80 20.93
C PRO C 433 56.58 16.46 20.36
N ARG C 434 56.45 17.75 20.63
CA ARG C 434 55.39 18.58 20.08
C ARG C 434 55.89 19.27 18.82
N VAL C 435 55.01 20.06 18.19
CA VAL C 435 55.39 20.80 16.98
C VAL C 435 56.66 21.61 17.21
N ARG C 436 56.67 22.42 18.27
CA ARG C 436 57.84 23.26 18.54
C ARG C 436 59.09 22.42 18.69
N ASP C 437 58.97 21.25 19.34
CA ASP C 437 60.14 20.40 19.56
C ASP C 437 60.69 19.90 18.23
N TRP C 438 59.81 19.56 17.29
CA TRP C 438 60.25 19.26 15.93
C TRP C 438 60.76 20.50 15.23
N GLU C 439 60.16 21.65 15.52
CA GLU C 439 60.61 22.91 14.92
C GLU C 439 62.04 23.23 15.34
N SER C 440 62.40 22.93 16.59
CA SER C 440 63.74 23.24 17.08
C SER C 440 64.80 22.37 16.41
N GLN C 441 64.43 21.17 15.96
CA GLN C 441 65.33 20.26 15.28
C GLN C 441 65.31 20.44 13.77
N GLY C 442 64.62 21.45 13.27
CA GLY C 442 64.60 21.77 11.85
C GLY C 442 63.38 21.28 11.12
N GLY C 443 62.51 20.52 11.78
CA GLY C 443 61.32 20.00 11.16
C GLY C 443 61.55 18.65 10.49
N LEU C 444 60.46 17.92 10.32
CA LEU C 444 60.47 16.68 9.56
C LEU C 444 59.15 16.55 8.83
N LEU C 445 59.21 16.20 7.55
CA LEU C 445 58.02 15.95 6.74
C LEU C 445 57.01 17.09 6.85
N GLY C 446 57.50 18.33 6.88
CA GLY C 446 56.61 19.48 6.92
C GLY C 446 56.09 19.84 8.30
N VAL C 447 56.40 19.06 9.32
CA VAL C 447 56.06 19.43 10.69
C VAL C 447 57.18 20.33 11.21
N GLY C 448 56.82 21.56 11.56
CA GLY C 448 57.79 22.53 12.04
C GLY C 448 58.82 22.93 10.99
N GLU C 455 50.45 22.66 0.81
CA GLU C 455 49.40 22.46 -0.18
C GLU C 455 48.02 22.71 0.41
N SER C 456 47.17 23.38 -0.36
CA SER C 456 45.81 23.65 0.05
C SER C 456 44.94 22.40 -0.14
N ASN C 457 43.90 22.29 0.68
CA ASN C 457 43.05 21.11 0.67
C ASN C 457 42.43 20.89 -0.70
N LEU C 458 42.31 19.61 -1.07
CA LEU C 458 41.61 19.27 -2.31
C LEU C 458 40.18 19.80 -2.29
N TRP C 459 39.54 19.74 -1.13
CA TRP C 459 38.18 20.27 -0.97
C TRP C 459 38.29 21.72 -0.55
N THR C 460 37.89 22.62 -1.44
CA THR C 460 37.83 24.05 -1.16
C THR C 460 36.61 24.37 -0.29
N SER C 461 36.65 25.55 0.34
CA SER C 461 35.51 26.02 1.11
C SER C 461 34.24 26.03 0.29
N SER C 462 34.32 26.48 -0.97
CA SER C 462 33.14 26.51 -1.82
C SER C 462 32.57 25.11 -2.03
N GLN C 463 33.44 24.12 -2.23
CA GLN C 463 32.98 22.74 -2.41
C GLN C 463 32.42 22.18 -1.11
N LEU C 464 33.02 22.56 0.03
CA LEU C 464 32.55 22.07 1.32
C LEU C 464 31.21 22.66 1.72
N SER C 465 30.80 23.77 1.10
CA SER C 465 29.51 24.38 1.37
C SER C 465 28.38 23.77 0.55
N LEU C 466 28.70 22.89 -0.40
CA LEU C 466 27.68 22.26 -1.21
C LEU C 466 26.86 21.29 -0.38
N THR C 467 25.63 21.06 -0.82
CA THR C 467 24.74 20.09 -0.21
C THR C 467 24.27 19.12 -1.30
N ASN C 468 23.45 18.15 -0.89
CA ASN C 468 22.91 17.20 -1.86
C ASN C 468 21.98 17.87 -2.86
N ASP C 469 21.42 19.04 -2.52
CA ASP C 469 20.56 19.75 -3.44
C ASP C 469 21.35 20.38 -4.58
N ASP C 470 22.66 20.55 -4.42
CA ASP C 470 23.50 21.15 -5.45
C ASP C 470 23.98 20.14 -6.48
N LEU C 471 23.69 18.86 -6.29
CA LEU C 471 23.99 17.83 -7.28
C LEU C 471 22.88 17.73 -8.32
N ASN C 472 23.27 17.37 -9.53
CA ASN C 472 22.31 17.19 -10.61
C ASN C 472 21.30 16.13 -10.21
N PRO C 473 20.00 16.34 -10.47
CA PRO C 473 19.01 15.32 -10.09
C PRO C 473 19.17 13.98 -10.78
N ASN C 474 19.90 13.91 -11.89
CA ASN C 474 20.02 12.65 -12.61
C ASN C 474 20.93 11.64 -11.89
N VAL C 475 21.67 12.06 -10.86
CA VAL C 475 22.46 11.11 -10.07
C VAL C 475 21.64 10.47 -8.97
N ARG C 476 20.42 10.96 -8.72
CA ARG C 476 19.52 10.37 -7.74
C ARG C 476 18.60 9.37 -8.45
N ASP C 477 18.51 8.16 -7.91
CA ASP C 477 17.71 7.08 -8.46
C ASP C 477 17.89 6.90 -9.97
N PRO C 478 19.13 6.87 -10.45
CA PRO C 478 19.36 6.72 -11.89
C PRO C 478 19.16 5.29 -12.34
N ILE C 479 18.68 5.14 -13.57
CA ILE C 479 18.55 3.83 -14.19
C ILE C 479 19.85 3.55 -14.93
N VAL C 480 20.57 2.54 -14.48
CA VAL C 480 21.88 2.20 -15.02
C VAL C 480 21.72 0.95 -15.86
N LYS C 481 21.87 1.09 -17.17
CA LYS C 481 21.75 -0.05 -18.07
C LYS C 481 22.97 -0.96 -17.95
N GLN C 482 22.74 -2.26 -18.04
CA GLN C 482 23.82 -3.23 -18.01
C GLN C 482 24.67 -3.12 -19.27
N LEU C 483 25.90 -3.63 -19.17
CA LEU C 483 26.88 -3.50 -20.24
C LEU C 483 27.04 -4.82 -20.97
N GLU C 484 27.08 -4.75 -22.31
CA GLU C 484 27.28 -5.96 -23.10
C GLU C 484 28.64 -6.58 -22.83
N VAL C 485 29.67 -5.74 -22.63
CA VAL C 485 31.03 -6.24 -22.45
C VAL C 485 31.14 -7.11 -21.20
N SER C 486 30.31 -6.84 -20.18
CA SER C 486 30.31 -7.69 -18.99
C SER C 486 30.05 -9.15 -19.34
N SER C 487 29.24 -9.41 -20.38
CA SER C 487 28.95 -10.76 -20.87
C SER C 487 29.77 -11.15 -22.09
N GLY C 488 30.58 -10.26 -22.61
CA GLY C 488 31.22 -10.48 -23.89
C GLY C 488 30.45 -9.80 -25.01
N ILE C 489 31.20 -9.35 -26.02
CA ILE C 489 30.65 -8.53 -27.11
C ILE C 489 30.50 -9.39 -28.34
N LYS C 490 29.42 -9.16 -29.09
CA LYS C 490 29.13 -9.89 -30.31
C LYS C 490 29.49 -9.04 -31.52
N GLN C 491 30.23 -9.63 -32.47
CA GLN C 491 30.67 -8.94 -33.68
C GLN C 491 30.38 -9.77 -34.91
N GLU D 11 56.81 12.08 -34.03
CA GLU D 11 56.70 10.64 -33.81
C GLU D 11 55.25 10.28 -33.45
N SER D 12 54.91 8.99 -33.57
CA SER D 12 53.59 8.49 -33.22
C SER D 12 53.73 7.39 -32.17
N GLY D 13 52.76 7.35 -31.26
CA GLY D 13 52.80 6.39 -30.18
C GLY D 13 52.57 4.97 -30.66
N PHE D 14 52.87 4.03 -29.76
CA PHE D 14 52.53 2.64 -30.02
C PHE D 14 51.02 2.50 -30.18
N ASP D 15 50.60 1.56 -31.02
CA ASP D 15 49.18 1.34 -31.26
C ASP D 15 48.72 0.30 -30.25
N TYR D 16 48.07 0.77 -29.18
CA TYR D 16 47.64 -0.14 -28.12
C TYR D 16 46.32 -0.79 -28.49
N GLU D 17 45.41 -0.03 -29.08
CA GLU D 17 44.11 -0.56 -29.44
C GLU D 17 44.24 -1.57 -30.58
N GLY D 18 45.21 -1.40 -31.46
CA GLY D 18 45.45 -2.39 -32.49
C GLY D 18 45.91 -3.72 -31.92
N LEU D 19 46.81 -3.68 -30.94
CA LEU D 19 47.28 -4.93 -30.31
C LEU D 19 46.12 -5.63 -29.60
N ILE D 20 45.31 -4.86 -28.88
CA ILE D 20 44.16 -5.44 -28.18
C ILE D 20 43.18 -6.05 -29.17
N ASP D 21 42.89 -5.34 -30.26
CA ASP D 21 41.96 -5.86 -31.26
C ASP D 21 42.44 -7.17 -31.85
N SER D 22 43.71 -7.25 -32.24
CA SER D 22 44.20 -8.46 -32.89
C SER D 22 44.17 -9.63 -31.93
N GLU D 23 44.54 -9.42 -30.66
CA GLU D 23 44.55 -10.52 -29.71
C GLU D 23 43.13 -11.01 -29.44
N LEU D 24 42.20 -10.08 -29.21
CA LEU D 24 40.80 -10.47 -29.06
C LEU D 24 40.26 -11.11 -30.32
N GLN D 25 40.73 -10.66 -31.49
CA GLN D 25 40.28 -11.26 -32.74
C GLN D 25 40.77 -12.70 -32.87
N LYS D 26 41.97 -12.99 -32.37
CA LYS D 26 42.49 -14.35 -32.42
C LYS D 26 41.59 -15.30 -31.62
N LYS D 27 41.06 -14.84 -30.48
CA LYS D 27 40.15 -15.67 -29.71
C LYS D 27 38.83 -15.86 -30.44
N ARG D 28 38.40 -14.86 -31.20
CA ARG D 28 37.19 -15.01 -32.01
C ARG D 28 37.39 -16.03 -33.13
N LEU D 29 38.58 -16.03 -33.75
CA LEU D 29 38.84 -16.96 -34.84
C LEU D 29 38.84 -18.41 -34.37
N ASP D 30 39.52 -18.69 -33.25
CA ASP D 30 39.61 -20.06 -32.75
C ASP D 30 38.43 -20.45 -31.88
N LYS D 31 37.44 -19.57 -31.70
CA LYS D 31 36.20 -19.87 -30.99
C LYS D 31 36.41 -20.14 -29.51
N SER D 32 37.50 -19.62 -28.93
CA SER D 32 37.66 -19.63 -27.48
C SER D 32 37.14 -18.35 -26.83
N TYR D 33 36.75 -17.35 -27.62
CA TYR D 33 36.13 -16.16 -27.07
C TYR D 33 34.85 -16.58 -26.36
N ARG D 34 34.61 -15.99 -25.19
CA ARG D 34 33.61 -16.48 -24.26
C ARG D 34 32.46 -15.51 -24.11
N TYR D 35 31.26 -16.06 -24.01
CA TYR D 35 30.05 -15.31 -23.73
C TYR D 35 29.44 -15.84 -22.44
N PHE D 36 29.39 -15.01 -21.41
CA PHE D 36 28.88 -15.45 -20.12
C PHE D 36 27.36 -15.47 -20.14
N ASN D 37 26.79 -16.45 -19.45
CA ASN D 37 25.35 -16.61 -19.37
C ASN D 37 24.83 -15.98 -18.08
N ASN D 38 23.72 -15.25 -18.18
CA ASN D 38 23.13 -14.66 -16.99
C ASN D 38 22.37 -15.77 -16.28
N ILE D 39 22.85 -16.16 -15.10
CA ILE D 39 22.32 -17.28 -14.34
C ILE D 39 22.20 -16.82 -12.90
N ASN D 40 20.97 -16.74 -12.41
CA ASN D 40 20.69 -16.27 -11.06
C ASN D 40 20.11 -17.46 -10.29
N ARG D 41 20.93 -18.02 -9.41
CA ARG D 41 20.54 -19.24 -8.71
C ARG D 41 19.59 -18.90 -7.58
N LEU D 42 18.51 -19.65 -7.48
CA LEU D 42 17.44 -19.38 -6.53
C LEU D 42 17.69 -20.21 -5.28
N ALA D 43 17.98 -19.52 -4.16
CA ALA D 43 18.20 -20.19 -2.90
C ALA D 43 16.96 -20.97 -2.47
N LYS D 44 15.79 -20.46 -2.79
CA LYS D 44 14.55 -21.13 -2.41
C LYS D 44 14.16 -22.25 -3.36
N GLU D 45 14.63 -22.22 -4.60
CA GLU D 45 14.27 -23.19 -5.63
C GLU D 45 15.37 -24.18 -6.04
N PHE D 46 16.46 -24.29 -5.29
CA PHE D 46 17.63 -25.08 -5.75
C PHE D 46 17.23 -26.45 -6.32
N PRO D 47 17.91 -26.89 -7.40
CA PRO D 47 18.93 -26.22 -8.22
C PRO D 47 18.39 -25.45 -9.43
N LEU D 48 17.33 -24.67 -9.25
CA LEU D 48 16.84 -23.82 -10.33
C LEU D 48 17.60 -22.50 -10.39
N ALA D 49 17.56 -21.87 -11.56
CA ALA D 49 18.03 -20.51 -11.71
C ALA D 49 17.17 -19.81 -12.74
N HIS D 50 17.23 -18.48 -12.76
CA HIS D 50 16.52 -17.72 -13.79
C HIS D 50 17.51 -16.89 -14.59
N ARG D 51 17.10 -16.58 -15.82
CA ARG D 51 17.86 -15.76 -16.76
C ARG D 51 17.51 -14.30 -16.51
N GLN D 52 17.84 -13.40 -17.45
CA GLN D 52 17.57 -11.98 -17.21
C GLN D 52 16.11 -11.74 -16.84
N ARG D 53 15.19 -12.45 -17.50
CA ARG D 53 13.79 -12.46 -17.08
C ARG D 53 13.63 -13.45 -15.93
N GLU D 54 13.01 -12.99 -14.83
CA GLU D 54 12.78 -13.87 -13.69
C GLU D 54 11.80 -14.99 -14.02
N ALA D 55 10.99 -14.85 -15.07
CA ALA D 55 10.07 -15.90 -15.46
C ALA D 55 10.79 -17.07 -16.14
N ASP D 56 11.97 -16.85 -16.72
CA ASP D 56 12.66 -17.89 -17.47
C ASP D 56 13.56 -18.66 -16.51
N LYS D 57 13.17 -19.88 -16.18
CA LYS D 57 13.84 -20.68 -15.18
C LYS D 57 14.54 -21.86 -15.83
N VAL D 58 15.72 -22.22 -15.32
CA VAL D 58 16.49 -23.33 -15.84
C VAL D 58 17.01 -24.15 -14.68
N THR D 59 17.33 -25.41 -14.96
CA THR D 59 17.92 -26.32 -14.00
C THR D 59 19.44 -26.27 -14.19
N VAL D 60 20.16 -25.93 -13.13
CA VAL D 60 21.60 -25.75 -13.21
C VAL D 60 22.26 -27.09 -12.90
N TRP D 61 22.85 -27.70 -13.93
CA TRP D 61 23.59 -28.95 -13.77
C TRP D 61 25.11 -28.80 -13.76
N CYS D 62 25.64 -27.62 -14.04
CA CYS D 62 27.08 -27.41 -14.09
C CYS D 62 27.67 -26.68 -12.89
N SER D 63 26.89 -26.30 -11.90
CA SER D 63 27.42 -25.48 -10.82
C SER D 63 28.34 -26.28 -9.90
N ASN D 64 29.35 -25.59 -9.37
CA ASN D 64 30.34 -26.18 -8.48
C ASN D 64 29.93 -26.14 -7.02
N ASP D 65 28.69 -25.76 -6.72
CA ASP D 65 28.21 -25.83 -5.35
C ASP D 65 27.73 -27.27 -5.21
N TYR D 66 28.59 -28.11 -4.64
CA TYR D 66 28.44 -29.55 -4.79
C TYR D 66 27.46 -30.12 -3.78
N LEU D 67 27.47 -29.58 -2.56
CA LEU D 67 26.57 -30.01 -1.50
C LEU D 67 25.36 -29.11 -1.35
N ALA D 68 25.20 -28.11 -2.21
CA ALA D 68 24.06 -27.20 -2.14
C ALA D 68 24.05 -26.42 -0.82
N LEU D 69 25.22 -26.25 -0.22
CA LEU D 69 25.30 -25.56 1.06
C LEU D 69 25.23 -24.04 0.92
N SER D 70 25.29 -23.51 -0.30
CA SER D 70 25.19 -22.07 -0.48
C SER D 70 23.85 -21.54 0.00
N LYS D 71 22.79 -22.34 -0.14
CA LYS D 71 21.46 -21.97 0.34
C LYS D 71 21.07 -22.60 1.67
N HIS D 72 21.96 -23.36 2.31
CA HIS D 72 21.56 -24.14 3.48
C HIS D 72 21.17 -23.22 4.63
N PRO D 73 20.15 -23.59 5.43
CA PRO D 73 19.70 -22.70 6.53
C PRO D 73 20.80 -22.24 7.47
N GLU D 74 21.69 -23.12 7.92
CA GLU D 74 22.71 -22.71 8.87
C GLU D 74 23.66 -21.69 8.26
N VAL D 75 23.90 -21.77 6.95
CA VAL D 75 24.77 -20.81 6.29
C VAL D 75 24.08 -19.46 6.15
N LEU D 76 22.81 -19.47 5.71
CA LEU D 76 22.08 -18.22 5.55
C LEU D 76 21.87 -17.53 6.89
N ASP D 77 21.61 -18.31 7.94
CA ASP D 77 21.45 -17.70 9.25
C ASP D 77 22.76 -17.11 9.74
N ALA D 78 23.87 -17.78 9.47
CA ALA D 78 25.17 -17.26 9.88
C ALA D 78 25.45 -15.90 9.25
N MET D 79 25.10 -15.75 7.96
CA MET D 79 25.32 -14.46 7.30
C MET D 79 24.41 -13.39 7.87
N HIS D 80 23.11 -13.68 7.97
CA HIS D 80 22.16 -12.70 8.47
C HIS D 80 22.55 -12.21 9.86
N LYS D 81 22.73 -13.13 10.81
CA LYS D 81 23.07 -12.74 12.17
C LYS D 81 24.41 -12.03 12.22
N THR D 82 25.39 -12.49 11.43
CA THR D 82 26.70 -11.85 11.42
C THR D 82 26.65 -10.45 10.80
N ILE D 83 25.77 -10.25 9.81
CA ILE D 83 25.64 -8.93 9.20
C ILE D 83 25.05 -7.95 10.19
N ASP D 84 23.98 -8.37 10.89
CA ASP D 84 23.38 -7.51 11.91
C ASP D 84 24.43 -7.02 12.90
N LYS D 85 25.33 -7.91 13.32
CA LYS D 85 26.34 -7.54 14.31
C LYS D 85 27.52 -6.80 13.67
N TYR D 86 28.11 -7.35 12.61
CA TYR D 86 29.34 -6.83 12.04
C TYR D 86 29.16 -5.89 10.85
N GLY D 87 27.95 -5.77 10.30
CA GLY D 87 27.80 -5.04 9.05
C GLY D 87 28.24 -5.87 7.86
N CYS D 88 28.69 -5.19 6.80
CA CYS D 88 29.07 -5.87 5.56
C CYS D 88 30.57 -6.17 5.53
N GLY D 89 31.38 -5.14 5.29
CA GLY D 89 32.81 -5.32 5.14
C GLY D 89 33.55 -5.57 6.43
N ASN D 100 40.09 -10.58 14.10
CA ASN D 100 38.80 -10.67 14.78
C ASN D 100 38.41 -12.12 15.05
N ILE D 101 37.24 -12.31 15.67
CA ILE D 101 36.74 -13.65 16.03
C ILE D 101 36.41 -14.44 14.77
N PRO D 102 35.67 -13.89 13.80
CA PRO D 102 35.25 -14.71 12.65
C PRO D 102 36.40 -15.36 11.90
N THR D 103 37.56 -14.71 11.84
CA THR D 103 38.71 -15.32 11.15
C THR D 103 39.22 -16.53 11.94
N LEU D 104 39.36 -16.41 13.25
CA LEU D 104 39.87 -17.51 14.05
C LEU D 104 38.90 -18.68 14.06
N ASN D 105 37.59 -18.40 14.13
CA ASN D 105 36.61 -19.48 14.07
C ASN D 105 36.74 -20.25 12.78
N LEU D 106 36.86 -19.54 11.66
CA LEU D 106 36.96 -20.21 10.36
C LEU D 106 38.29 -20.93 10.21
N GLU D 107 39.39 -20.30 10.62
CA GLU D 107 40.69 -20.94 10.52
C GLU D 107 40.79 -22.16 11.44
N ALA D 108 40.10 -22.14 12.58
CA ALA D 108 40.14 -23.27 13.48
C ALA D 108 39.31 -24.43 12.94
N GLU D 109 38.24 -24.14 12.20
CA GLU D 109 37.43 -25.21 11.60
C GLU D 109 38.15 -25.86 10.43
N LEU D 110 38.92 -25.07 9.66
CA LEU D 110 39.67 -25.63 8.54
C LEU D 110 40.82 -26.49 9.04
N ALA D 111 41.51 -26.04 10.10
CA ALA D 111 42.55 -26.87 10.70
C ALA D 111 41.95 -28.14 11.28
N THR D 112 40.80 -28.03 11.93
CA THR D 112 40.11 -29.20 12.47
C THR D 112 39.71 -30.16 11.36
N LEU D 113 39.22 -29.63 10.24
CA LEU D 113 38.79 -30.48 9.14
C LEU D 113 39.93 -31.34 8.61
N HIS D 114 41.08 -30.74 8.35
CA HIS D 114 42.23 -31.45 7.82
C HIS D 114 43.14 -32.00 8.90
N LYS D 115 42.78 -31.84 10.18
CA LYS D 115 43.58 -32.35 11.28
C LYS D 115 45.02 -31.85 11.18
N LYS D 116 45.15 -30.56 10.92
CA LYS D 116 46.42 -29.86 10.84
C LYS D 116 46.51 -28.89 12.00
N GLU D 117 47.75 -28.58 12.40
CA GLU D 117 47.95 -27.70 13.54
C GLU D 117 47.30 -26.34 13.34
N GLY D 118 47.28 -25.84 12.10
CA GLY D 118 46.66 -24.57 11.82
C GLY D 118 46.22 -24.47 10.38
N ALA D 119 45.50 -23.39 10.10
CA ALA D 119 45.06 -23.06 8.74
C ALA D 119 45.07 -21.56 8.57
N LEU D 120 45.22 -21.11 7.33
CA LEU D 120 45.36 -19.69 7.01
C LEU D 120 44.39 -19.37 5.87
N VAL D 121 43.56 -18.35 6.06
CA VAL D 121 42.54 -17.97 5.08
C VAL D 121 43.09 -16.89 4.15
N PHE D 122 42.66 -16.95 2.90
CA PHE D 122 43.01 -15.98 1.87
C PHE D 122 41.72 -15.54 1.19
N SER D 123 41.83 -14.48 0.37
CA SER D 123 40.67 -14.01 -0.39
C SER D 123 40.08 -15.11 -1.25
N SER D 124 40.92 -15.96 -1.81
CA SER D 124 40.47 -17.07 -2.66
C SER D 124 41.57 -18.11 -2.70
N CYS D 125 41.21 -19.31 -3.16
CA CYS D 125 42.22 -20.36 -3.30
C CYS D 125 43.20 -20.04 -4.42
N TYR D 126 42.76 -19.33 -5.46
CA TYR D 126 43.70 -18.83 -6.46
C TYR D 126 44.81 -18.04 -5.80
N VAL D 127 44.45 -17.09 -4.93
CA VAL D 127 45.44 -16.33 -4.18
C VAL D 127 46.25 -17.25 -3.28
N ALA D 128 45.57 -18.16 -2.58
CA ALA D 128 46.27 -19.08 -1.68
C ALA D 128 47.35 -19.87 -2.41
N ASN D 129 46.99 -20.45 -3.56
CA ASN D 129 47.97 -21.20 -4.34
C ASN D 129 49.08 -20.28 -4.83
N ASP D 130 48.72 -19.08 -5.28
CA ASP D 130 49.72 -18.14 -5.78
C ASP D 130 50.65 -17.70 -4.66
N ALA D 131 50.12 -17.38 -3.49
CA ALA D 131 50.94 -16.88 -2.40
C ALA D 131 51.88 -17.95 -1.86
N VAL D 132 51.37 -19.16 -1.63
CA VAL D 132 52.18 -20.21 -1.03
C VAL D 132 53.32 -20.62 -1.97
N LEU D 133 52.99 -20.97 -3.21
CA LEU D 133 54.02 -21.38 -4.16
C LEU D 133 55.03 -20.27 -4.39
N SER D 134 54.55 -19.03 -4.54
CA SER D 134 55.46 -17.91 -4.67
C SER D 134 56.42 -17.82 -3.49
N LEU D 135 55.92 -18.03 -2.27
CA LEU D 135 56.77 -17.89 -1.10
C LEU D 135 57.80 -19.01 -1.02
N LEU D 136 57.39 -20.24 -1.35
CA LEU D 136 58.35 -21.34 -1.35
C LEU D 136 59.50 -21.06 -2.31
N GLY D 137 59.20 -20.44 -3.45
CA GLY D 137 60.24 -20.16 -4.43
C GLY D 137 61.15 -19.02 -4.06
N GLN D 138 60.64 -18.03 -3.33
CA GLN D 138 61.48 -16.92 -2.90
C GLN D 138 62.44 -17.36 -1.80
N LYS D 139 61.96 -18.16 -0.85
CA LYS D 139 62.78 -18.52 0.31
C LYS D 139 63.79 -19.60 0.00
N MET D 140 63.47 -20.53 -0.89
CA MET D 140 64.45 -21.52 -1.37
C MET D 140 64.63 -21.30 -2.87
N LYS D 141 65.76 -20.69 -3.24
CA LYS D 141 66.00 -20.41 -4.66
C LYS D 141 66.52 -21.64 -5.39
N ASP D 142 67.03 -22.62 -4.66
CA ASP D 142 67.46 -23.89 -5.23
C ASP D 142 66.31 -24.88 -5.36
N LEU D 143 65.10 -24.50 -4.99
CA LEU D 143 63.96 -25.40 -5.02
C LEU D 143 63.71 -25.88 -6.46
N VAL D 144 63.34 -27.15 -6.59
CA VAL D 144 62.90 -27.71 -7.85
C VAL D 144 61.46 -28.17 -7.68
N ILE D 145 60.57 -27.69 -8.53
CA ILE D 145 59.14 -27.97 -8.44
C ILE D 145 58.77 -29.02 -9.48
N PHE D 146 58.03 -30.03 -9.06
CA PHE D 146 57.55 -31.08 -9.94
C PHE D 146 56.03 -30.99 -9.99
N SER D 147 55.48 -30.74 -11.17
CA SER D 147 54.10 -30.31 -11.32
C SER D 147 53.36 -31.23 -12.27
N ASP D 148 52.17 -31.68 -11.85
CA ASP D 148 51.31 -32.47 -12.73
C ASP D 148 50.83 -31.60 -13.89
N GLU D 149 50.90 -32.14 -15.10
CA GLU D 149 50.61 -31.35 -16.30
C GLU D 149 49.22 -30.76 -16.29
N LEU D 150 48.29 -31.33 -15.53
CA LEU D 150 46.90 -30.86 -15.50
C LEU D 150 46.60 -29.91 -14.35
N ASN D 151 47.60 -29.50 -13.58
CA ASN D 151 47.37 -28.61 -12.44
C ASN D 151 46.63 -27.35 -12.88
N HIS D 152 45.85 -26.82 -11.94
CA HIS D 152 45.01 -25.64 -12.18
C HIS D 152 45.88 -24.42 -12.49
N ALA D 153 45.29 -23.47 -13.22
CA ALA D 153 46.02 -22.28 -13.62
C ALA D 153 46.66 -21.58 -12.43
N SER D 154 45.94 -21.51 -11.31
CA SER D 154 46.47 -20.84 -10.14
C SER D 154 47.75 -21.49 -9.65
N MET D 155 47.91 -22.80 -9.90
CA MET D 155 49.14 -23.49 -9.55
C MET D 155 50.24 -23.25 -10.58
N ILE D 156 49.88 -23.21 -11.86
CA ILE D 156 50.83 -22.85 -12.90
C ILE D 156 51.35 -21.43 -12.66
N VAL D 157 50.46 -20.51 -12.32
CA VAL D 157 50.85 -19.12 -12.05
C VAL D 157 51.76 -19.06 -10.83
N GLY D 158 51.36 -19.73 -9.75
CA GLY D 158 52.17 -19.71 -8.54
C GLY D 158 53.56 -20.29 -8.76
N ILE D 159 53.66 -21.34 -9.58
CA ILE D 159 54.96 -21.94 -9.87
C ILE D 159 55.81 -20.99 -10.71
N LYS D 160 55.20 -20.32 -11.69
CA LYS D 160 55.92 -19.31 -12.45
C LYS D 160 56.43 -18.21 -11.53
N HIS D 161 55.57 -17.71 -10.64
CA HIS D 161 55.98 -16.66 -9.72
C HIS D 161 57.05 -17.16 -8.75
N ALA D 162 57.07 -18.46 -8.45
CA ALA D 162 58.11 -19.01 -7.59
C ALA D 162 59.51 -18.77 -8.17
N ASN D 163 59.60 -18.63 -9.48
CA ASN D 163 60.87 -18.33 -10.16
C ASN D 163 61.96 -19.32 -9.73
N VAL D 164 61.65 -20.61 -9.87
CA VAL D 164 62.57 -21.70 -9.55
C VAL D 164 62.49 -22.74 -10.66
N LYS D 165 63.43 -23.67 -10.64
CA LYS D 165 63.40 -24.76 -11.61
C LYS D 165 62.15 -25.59 -11.42
N LYS D 166 61.48 -25.90 -12.53
CA LYS D 166 60.28 -26.71 -12.52
C LYS D 166 60.34 -27.79 -13.58
N HIS D 167 59.76 -28.95 -13.26
CA HIS D 167 59.59 -30.04 -14.19
C HIS D 167 58.12 -30.41 -14.23
N ILE D 168 57.54 -30.42 -15.42
CA ILE D 168 56.17 -30.92 -15.60
C ILE D 168 56.23 -32.40 -15.94
N PHE D 169 55.50 -33.21 -15.18
CA PHE D 169 55.35 -34.62 -15.50
C PHE D 169 53.98 -34.89 -16.12
N LYS D 170 53.94 -35.86 -17.03
CA LYS D 170 52.69 -36.23 -17.68
C LYS D 170 51.65 -36.63 -16.63
N HIS D 171 50.38 -36.38 -16.96
CA HIS D 171 49.33 -36.42 -15.94
C HIS D 171 49.28 -37.77 -15.24
N ASN D 172 49.36 -37.73 -13.91
CA ASN D 172 49.25 -38.91 -13.06
C ASN D 172 50.27 -39.99 -13.40
N ASP D 173 51.38 -39.63 -14.04
CA ASP D 173 52.40 -40.60 -14.42
C ASP D 173 53.41 -40.63 -13.27
N LEU D 174 53.33 -41.69 -12.46
CA LEU D 174 54.23 -41.79 -11.30
C LEU D 174 55.59 -42.33 -11.68
N ASN D 175 55.65 -43.12 -12.76
CA ASN D 175 56.94 -43.58 -13.26
C ASN D 175 57.80 -42.39 -13.70
N GLU D 176 57.22 -41.47 -14.47
CA GLU D 176 57.98 -40.31 -14.93
C GLU D 176 58.35 -39.39 -13.77
N LEU D 177 57.44 -39.24 -12.79
CA LEU D 177 57.75 -38.38 -11.65
C LEU D 177 58.96 -38.90 -10.88
N GLU D 178 59.06 -40.23 -10.71
CA GLU D 178 60.15 -40.78 -9.92
C GLU D 178 61.50 -40.54 -10.59
N GLN D 179 61.58 -40.72 -11.91
CA GLN D 179 62.86 -40.51 -12.58
C GLN D 179 63.25 -39.04 -12.57
N LEU D 180 62.28 -38.13 -12.63
CA LEU D 180 62.59 -36.71 -12.45
C LEU D 180 63.15 -36.45 -11.06
N LEU D 181 62.60 -37.11 -10.04
CA LEU D 181 63.12 -36.96 -8.69
C LEU D 181 64.47 -37.65 -8.53
N GLN D 182 64.72 -38.71 -9.29
CA GLN D 182 65.99 -39.43 -9.21
C GLN D 182 67.14 -38.61 -9.79
N SER D 183 66.86 -37.73 -10.73
CA SER D 183 67.93 -36.97 -11.39
C SER D 183 68.58 -35.94 -10.48
N TYR D 184 68.11 -35.78 -9.24
CA TYR D 184 68.70 -34.85 -8.30
C TYR D 184 69.18 -35.57 -7.05
N PRO D 185 70.18 -35.03 -6.35
CA PRO D 185 70.51 -35.53 -5.02
C PRO D 185 69.36 -35.29 -4.06
N LYS D 186 69.29 -36.14 -3.03
CA LYS D 186 68.22 -36.00 -2.04
C LYS D 186 68.30 -34.67 -1.30
N SER D 187 69.48 -34.05 -1.23
CA SER D 187 69.69 -32.82 -0.49
C SER D 187 69.17 -31.58 -1.22
N VAL D 188 68.82 -31.70 -2.49
CA VAL D 188 68.23 -30.56 -3.20
C VAL D 188 66.79 -30.39 -2.72
N PRO D 189 66.37 -29.18 -2.35
CA PRO D 189 64.97 -29.00 -1.94
C PRO D 189 64.03 -29.20 -3.12
N LYS D 190 62.94 -29.90 -2.88
CA LYS D 190 62.00 -30.24 -3.94
C LYS D 190 60.56 -30.05 -3.46
N LEU D 191 59.67 -29.79 -4.42
CA LEU D 191 58.25 -29.67 -4.14
C LEU D 191 57.47 -30.40 -5.23
N ILE D 192 56.51 -31.22 -4.82
CA ILE D 192 55.61 -31.91 -5.73
C ILE D 192 54.23 -31.27 -5.58
N ALA D 193 53.80 -30.57 -6.63
CA ALA D 193 52.54 -29.84 -6.62
C ALA D 193 51.54 -30.57 -7.50
N PHE D 194 50.38 -30.92 -6.94
CA PHE D 194 49.37 -31.66 -7.67
C PHE D 194 48.00 -31.39 -7.05
N GLU D 195 46.97 -31.97 -7.67
CA GLU D 195 45.60 -31.91 -7.17
C GLU D 195 45.16 -33.32 -6.79
N SER D 196 44.18 -33.40 -5.88
CA SER D 196 43.57 -34.68 -5.57
C SER D 196 42.55 -35.09 -6.62
N VAL D 197 41.64 -34.18 -6.98
CA VAL D 197 40.62 -34.42 -8.01
C VAL D 197 40.76 -33.36 -9.08
N TYR D 198 40.95 -33.80 -10.33
CA TYR D 198 41.06 -32.89 -11.47
C TYR D 198 39.67 -32.79 -12.10
N SER D 199 39.14 -31.57 -12.17
CA SER D 199 37.70 -31.38 -12.35
C SER D 199 37.23 -31.66 -13.77
N MET D 200 38.07 -31.41 -14.78
CA MET D 200 37.59 -31.50 -16.16
C MET D 200 37.30 -32.94 -16.55
N ALA D 201 38.25 -33.85 -16.31
CA ALA D 201 38.02 -35.26 -16.60
C ALA D 201 37.58 -36.08 -15.38
N GLY D 202 37.68 -35.54 -14.17
CA GLY D 202 37.32 -36.30 -12.99
C GLY D 202 38.32 -37.35 -12.51
N SER D 203 39.57 -37.27 -12.95
CA SER D 203 40.59 -38.21 -12.50
C SER D 203 41.02 -37.88 -11.09
N VAL D 204 41.62 -38.86 -10.42
CA VAL D 204 42.07 -38.73 -9.04
C VAL D 204 43.54 -39.11 -8.95
N ALA D 205 44.29 -38.33 -8.16
CA ALA D 205 45.70 -38.61 -7.95
C ALA D 205 45.87 -39.71 -6.91
N ASP D 206 47.00 -40.42 -7.00
CA ASP D 206 47.36 -41.39 -5.98
C ASP D 206 48.20 -40.61 -4.99
N ILE D 207 47.60 -40.28 -3.85
CA ILE D 207 48.26 -39.37 -2.92
C ILE D 207 49.28 -40.11 -2.09
N GLU D 208 48.97 -41.36 -1.70
CA GLU D 208 49.90 -42.11 -0.86
C GLU D 208 51.21 -42.39 -1.59
N LYS D 209 51.13 -42.81 -2.86
CA LYS D 209 52.35 -43.08 -3.61
C LYS D 209 53.19 -41.82 -3.77
N ILE D 210 52.56 -40.68 -4.02
CA ILE D 210 53.31 -39.43 -4.15
C ILE D 210 53.98 -39.07 -2.84
N CYS D 211 53.33 -39.36 -1.71
CA CYS D 211 53.98 -39.15 -0.43
C CYS D 211 55.19 -40.07 -0.28
N ASP D 212 55.04 -41.32 -0.70
CA ASP D 212 56.18 -42.26 -0.68
C ASP D 212 57.34 -41.69 -1.49
N LEU D 213 57.06 -41.23 -2.72
CA LEU D 213 58.09 -40.61 -3.52
C LEU D 213 58.65 -39.37 -2.84
N ALA D 214 57.79 -38.61 -2.17
CA ALA D 214 58.27 -37.42 -1.45
C ALA D 214 59.24 -37.81 -0.35
N ASP D 215 58.87 -38.82 0.45
CA ASP D 215 59.75 -39.25 1.53
C ASP D 215 61.07 -39.79 1.00
N LYS D 216 61.02 -40.52 -0.12
CA LYS D 216 62.22 -41.16 -0.65
C LYS D 216 63.22 -40.12 -1.14
N TYR D 217 62.75 -39.14 -1.92
CA TYR D 217 63.61 -38.17 -2.57
C TYR D 217 63.71 -36.83 -1.83
N GLY D 218 63.09 -36.72 -0.65
CA GLY D 218 63.23 -35.53 0.18
C GLY D 218 62.52 -34.32 -0.38
N ALA D 219 61.26 -34.49 -0.76
CA ALA D 219 60.46 -33.43 -1.34
C ALA D 219 59.28 -33.10 -0.44
N LEU D 220 58.91 -31.82 -0.43
CA LEU D 220 57.64 -31.40 0.18
C LEU D 220 56.50 -31.68 -0.77
N THR D 221 55.31 -31.88 -0.21
CA THR D 221 54.10 -32.08 -1.00
C THR D 221 53.18 -30.88 -0.88
N PHE D 222 52.62 -30.46 -2.02
CA PHE D 222 51.63 -29.39 -2.09
C PHE D 222 50.39 -29.98 -2.77
N LEU D 223 49.29 -30.05 -2.04
CA LEU D 223 48.09 -30.76 -2.49
C LEU D 223 46.93 -29.78 -2.58
N ASP D 224 46.32 -29.70 -3.76
CA ASP D 224 45.14 -28.87 -4.00
C ASP D 224 43.93 -29.80 -3.98
N GLU D 225 43.14 -29.74 -2.91
CA GLU D 225 41.98 -30.58 -2.69
C GLU D 225 40.67 -29.92 -3.12
N VAL D 226 40.75 -28.78 -3.82
CA VAL D 226 39.61 -27.91 -4.05
C VAL D 226 38.35 -28.68 -4.46
N HIS D 227 38.50 -29.66 -5.35
CA HIS D 227 37.36 -30.44 -5.82
C HIS D 227 37.13 -31.71 -5.01
N ALA D 228 38.00 -32.02 -4.06
CA ALA D 228 37.74 -33.05 -3.06
C ALA D 228 37.02 -32.53 -1.82
N VAL D 229 37.34 -31.32 -1.36
CA VAL D 229 36.92 -30.89 -0.02
C VAL D 229 35.41 -30.90 0.08
N GLY D 230 34.91 -31.53 1.14
CA GLY D 230 33.50 -31.70 1.38
C GLY D 230 32.89 -32.93 0.74
N LEU D 231 33.51 -33.45 -0.33
CA LEU D 231 32.97 -34.59 -1.07
C LEU D 231 33.62 -35.94 -0.72
N TYR D 232 34.75 -35.96 0.00
CA TYR D 232 35.51 -37.20 0.14
C TYR D 232 36.10 -37.31 1.53
N GLY D 233 36.28 -38.55 1.97
CA GLY D 233 36.51 -38.86 3.35
C GLY D 233 35.20 -38.87 4.10
N PRO D 234 35.16 -39.50 5.27
CA PRO D 234 33.90 -39.54 6.03
C PRO D 234 33.41 -38.17 6.46
N HIS D 235 34.33 -37.25 6.75
CA HIS D 235 33.97 -35.91 7.20
C HIS D 235 34.04 -34.87 6.10
N GLY D 236 34.34 -35.27 4.86
CA GLY D 236 34.49 -34.31 3.78
C GLY D 236 35.80 -33.57 3.78
N ALA D 237 36.84 -34.11 4.43
CA ALA D 237 38.17 -33.51 4.41
C ALA D 237 38.91 -33.73 3.11
N GLY D 238 38.36 -34.48 2.17
CA GLY D 238 38.94 -34.67 0.86
C GLY D 238 39.49 -36.07 0.65
N VAL D 239 40.16 -36.24 -0.50
CA VAL D 239 40.67 -37.54 -0.89
C VAL D 239 41.77 -37.99 0.07
N ALA D 240 42.57 -37.05 0.59
CA ALA D 240 43.62 -37.43 1.53
C ALA D 240 43.02 -38.14 2.74
N GLU D 241 41.86 -37.68 3.21
CA GLU D 241 41.20 -38.35 4.33
C GLU D 241 40.59 -39.68 3.90
N HIS D 242 40.02 -39.74 2.70
CA HIS D 242 39.47 -40.99 2.20
C HIS D 242 40.53 -42.09 2.15
N CYS D 243 41.80 -41.71 1.94
CA CYS D 243 42.89 -42.70 1.87
C CYS D 243 42.92 -43.56 3.12
N ASP D 244 42.74 -42.96 4.29
CA ASP D 244 42.42 -43.74 5.48
C ASP D 244 40.99 -43.34 5.88
N PHE D 245 40.03 -44.10 5.39
CA PHE D 245 38.64 -43.74 5.59
C PHE D 245 38.13 -44.24 6.95
N GLU D 246 38.48 -45.47 7.28
CA GLU D 246 38.00 -46.08 8.51
C GLU D 246 38.72 -45.50 9.72
N SER D 247 40.03 -45.25 9.57
CA SER D 247 40.80 -44.68 10.67
C SER D 247 40.27 -43.30 11.06
N HIS D 248 39.90 -42.49 10.07
CA HIS D 248 39.36 -41.15 10.34
C HIS D 248 37.92 -41.21 10.81
N ARG D 249 37.10 -42.09 10.22
CA ARG D 249 35.72 -42.24 10.68
C ARG D 249 35.68 -42.63 12.15
N ALA D 250 36.49 -43.61 12.54
CA ALA D 250 36.48 -44.10 13.91
C ALA D 250 36.93 -43.00 14.88
N SER D 251 38.07 -42.37 14.60
CA SER D 251 38.58 -41.35 15.51
C SER D 251 37.81 -40.05 15.43
N GLY D 252 36.99 -39.86 14.39
CA GLY D 252 36.19 -38.66 14.28
C GLY D 252 37.02 -37.40 14.13
N ILE D 253 36.83 -36.46 15.06
CA ILE D 253 37.59 -35.21 15.02
C ILE D 253 39.05 -35.43 15.43
N ALA D 254 39.33 -36.49 16.18
CA ALA D 254 40.65 -36.74 16.73
C ALA D 254 41.57 -37.35 15.68
N THR D 255 42.86 -37.16 15.88
CA THR D 255 43.87 -37.78 15.04
C THR D 255 43.98 -39.27 15.38
N PRO D 256 43.82 -40.17 14.42
CA PRO D 256 43.93 -41.60 14.73
C PRO D 256 45.36 -41.98 15.12
N LYS D 257 45.47 -43.07 15.88
CA LYS D 257 46.77 -43.56 16.28
C LYS D 257 47.46 -44.34 15.15
N THR D 258 46.69 -44.93 14.24
CA THR D 258 47.24 -45.69 13.14
C THR D 258 46.43 -45.42 11.88
N ASN D 259 47.05 -45.65 10.73
CA ASN D 259 46.39 -45.49 9.45
C ASN D 259 45.69 -46.80 9.06
N ASP D 260 45.00 -46.78 7.92
CA ASP D 260 44.22 -47.94 7.49
C ASP D 260 45.10 -49.16 7.22
N LYS D 261 46.35 -48.94 6.85
CA LYS D 261 47.29 -50.03 6.61
C LYS D 261 48.08 -50.41 7.86
N GLY D 262 47.77 -49.80 9.01
CA GLY D 262 48.41 -50.13 10.26
C GLY D 262 49.61 -49.28 10.63
N GLY D 263 50.00 -48.34 9.76
CA GLY D 263 51.19 -47.54 9.98
C GLY D 263 50.99 -46.43 10.99
N ALA D 264 52.03 -45.62 11.14
CA ALA D 264 52.05 -44.60 12.18
C ALA D 264 51.29 -43.34 11.79
N LYS D 265 51.36 -42.93 10.52
CA LYS D 265 50.84 -41.64 10.08
C LYS D 265 49.87 -41.81 8.92
N THR D 266 48.78 -41.04 8.97
CA THR D 266 47.80 -41.01 7.89
C THR D 266 48.33 -40.21 6.70
N VAL D 267 47.76 -40.49 5.53
CA VAL D 267 48.13 -39.78 4.32
C VAL D 267 47.92 -38.28 4.50
N MET D 268 46.76 -37.89 5.04
CA MET D 268 46.48 -36.46 5.22
C MET D 268 47.49 -35.80 6.15
N ASP D 269 47.92 -36.53 7.19
CA ASP D 269 48.95 -36.00 8.07
C ASP D 269 50.28 -35.86 7.36
N ARG D 270 50.55 -36.74 6.39
CA ARG D 270 51.84 -36.73 5.70
C ARG D 270 51.93 -35.65 4.62
N VAL D 271 50.80 -35.15 4.10
CA VAL D 271 50.84 -34.08 3.13
C VAL D 271 51.22 -32.78 3.82
N ASP D 272 52.25 -32.11 3.31
CA ASP D 272 52.80 -30.96 4.01
C ASP D 272 51.85 -29.76 3.95
N MET D 273 51.29 -29.49 2.78
CA MET D 273 50.42 -28.33 2.58
C MET D 273 49.20 -28.77 1.80
N ILE D 274 48.02 -28.47 2.32
CA ILE D 274 46.75 -28.78 1.68
C ILE D 274 46.03 -27.46 1.45
N THR D 275 45.71 -27.18 0.18
CA THR D 275 44.94 -26.00 -0.16
C THR D 275 43.53 -26.39 -0.55
N GLY D 276 42.58 -25.51 -0.23
CA GLY D 276 41.21 -25.71 -0.59
C GLY D 276 40.55 -24.37 -0.81
N THR D 277 39.30 -24.43 -1.26
CA THR D 277 38.51 -23.24 -1.50
C THR D 277 37.27 -23.26 -0.63
N LEU D 278 36.76 -22.07 -0.34
CA LEU D 278 35.44 -21.90 0.25
C LEU D 278 34.37 -21.60 -0.79
N GLY D 279 34.75 -21.53 -2.07
CA GLY D 279 33.86 -21.08 -3.12
C GLY D 279 33.08 -22.16 -3.85
N SER D 281 32.25 -26.34 -2.71
CA SER D 281 31.37 -27.15 -1.86
C SER D 281 30.82 -26.40 -0.66
N PHE D 282 31.60 -25.44 -0.15
CA PHE D 282 31.24 -24.73 1.07
C PHE D 282 30.37 -23.52 0.83
N GLY D 283 29.94 -23.29 -0.41
CA GLY D 283 28.87 -22.36 -0.72
C GLY D 283 29.16 -20.93 -0.30
N SER D 284 30.39 -20.49 -0.49
CA SER D 284 30.87 -19.22 0.03
C SER D 284 31.88 -18.67 -0.97
N VAL D 285 32.71 -17.74 -0.54
CA VAL D 285 33.92 -17.38 -1.28
C VAL D 285 35.09 -17.46 -0.30
N GLY D 286 36.24 -17.86 -0.81
CA GLY D 286 37.45 -17.83 -0.01
C GLY D 286 38.40 -18.95 -0.42
N GLY D 287 39.55 -18.96 0.24
CA GLY D 287 40.54 -20.01 0.05
C GLY D 287 41.43 -20.10 1.27
N TYR D 288 42.14 -21.22 1.38
CA TYR D 288 42.95 -21.47 2.56
C TYR D 288 44.09 -22.43 2.23
N VAL D 289 45.05 -22.48 3.15
CA VAL D 289 46.03 -23.56 3.23
C VAL D 289 45.97 -24.14 4.65
N ALA D 290 46.04 -25.46 4.74
CA ALA D 290 46.14 -26.16 6.02
C ALA D 290 47.47 -26.88 6.07
N ALA D 291 48.20 -26.70 7.17
CA ALA D 291 49.55 -27.21 7.29
C ALA D 291 49.97 -27.16 8.75
N SER D 292 51.22 -27.54 9.01
CA SER D 292 51.76 -27.50 10.36
C SER D 292 51.87 -26.05 10.85
N ARG D 293 51.91 -25.90 12.17
CA ARG D 293 51.96 -24.57 12.76
C ARG D 293 53.14 -23.77 12.21
N LYS D 294 54.28 -24.42 12.00
CA LYS D 294 55.47 -23.70 11.53
C LYS D 294 55.28 -23.21 10.10
N LEU D 295 54.76 -24.06 9.23
CA LEU D 295 54.44 -23.61 7.88
C LEU D 295 53.45 -22.46 7.90
N ILE D 296 52.43 -22.55 8.77
CA ILE D 296 51.40 -21.51 8.82
C ILE D 296 52.01 -20.19 9.26
N ASP D 297 52.80 -20.20 10.33
CA ASP D 297 53.45 -18.97 10.76
C ASP D 297 54.40 -18.45 9.69
N TRP D 298 55.09 -19.35 9.01
CA TRP D 298 56.01 -18.95 7.95
C TRP D 298 55.28 -18.18 6.86
N PHE D 299 54.20 -18.78 6.32
CA PHE D 299 53.40 -18.09 5.32
C PHE D 299 52.87 -16.77 5.87
N ARG D 300 52.36 -16.79 7.11
CA ARG D 300 51.75 -15.61 7.68
C ARG D 300 52.75 -14.46 7.79
N SER D 301 54.00 -14.78 8.13
CA SER D 301 55.01 -13.74 8.37
C SER D 301 55.59 -13.20 7.06
N PHE D 302 56.00 -14.08 6.15
CA PHE D 302 56.80 -13.68 5.01
C PHE D 302 56.04 -13.55 3.70
N ALA D 303 54.76 -13.85 3.66
CA ALA D 303 54.01 -13.56 2.45
C ALA D 303 53.68 -12.07 2.41
N PRO D 304 53.38 -11.53 1.24
CA PRO D 304 53.05 -10.11 1.17
C PRO D 304 51.94 -9.78 2.16
N GLY D 305 52.18 -8.78 3.00
CA GLY D 305 51.23 -8.45 4.04
C GLY D 305 49.88 -8.01 3.52
N PHE D 306 49.81 -7.51 2.27
CA PHE D 306 48.57 -6.95 1.77
C PHE D 306 47.51 -8.01 1.48
N ILE D 307 47.90 -9.27 1.31
CA ILE D 307 46.89 -10.31 1.10
C ILE D 307 46.22 -10.66 2.43
N PHE D 308 46.94 -10.54 3.54
CA PHE D 308 46.35 -10.79 4.84
C PHE D 308 45.53 -9.61 5.35
N THR D 309 45.93 -8.39 5.02
CA THR D 309 45.19 -7.20 5.45
C THR D 309 43.84 -7.10 4.72
N THR D 310 43.80 -7.43 3.43
CA THR D 310 42.55 -7.47 2.68
C THR D 310 41.99 -8.89 2.82
N THR D 311 40.86 -9.02 3.51
CA THR D 311 40.31 -10.33 3.84
C THR D 311 38.82 -10.34 3.59
N LEU D 312 38.27 -11.55 3.57
CA LEU D 312 36.85 -11.72 3.33
C LEU D 312 36.05 -11.06 4.43
N PRO D 313 34.87 -10.54 4.12
CA PRO D 313 34.04 -9.95 5.16
C PRO D 313 33.72 -10.99 6.22
N PRO D 314 33.39 -10.56 7.44
CA PRO D 314 33.06 -11.53 8.49
C PRO D 314 31.81 -12.35 8.17
N SER D 315 30.84 -11.76 7.48
CA SER D 315 29.62 -12.48 7.14
C SER D 315 29.91 -13.64 6.20
N VAL D 316 30.85 -13.45 5.29
CA VAL D 316 31.23 -14.53 4.37
C VAL D 316 31.95 -15.63 5.14
N MET D 317 32.84 -15.27 6.05
CA MET D 317 33.56 -16.28 6.83
C MET D 317 32.60 -17.05 7.72
N ALA D 318 31.64 -16.37 8.34
CA ALA D 318 30.68 -17.07 9.19
C ALA D 318 29.90 -18.09 8.39
N GLY D 319 29.39 -17.71 7.22
CA GLY D 319 28.66 -18.65 6.40
C GLY D 319 29.48 -19.89 6.07
N ALA D 320 30.72 -19.68 5.62
CA ALA D 320 31.57 -20.81 5.26
C ALA D 320 31.82 -21.71 6.46
N THR D 321 31.97 -21.12 7.65
CA THR D 321 32.18 -21.90 8.86
C THR D 321 31.00 -22.84 9.11
N ALA D 322 29.78 -22.30 9.06
CA ALA D 322 28.60 -23.14 9.27
C ALA D 322 28.53 -24.25 8.24
N ALA D 323 28.89 -23.95 6.99
CA ALA D 323 28.90 -24.97 5.95
C ALA D 323 29.90 -26.07 6.26
N ILE D 324 31.08 -25.69 6.75
CA ILE D 324 32.06 -26.70 7.15
C ILE D 324 31.58 -27.48 8.37
N ARG D 325 31.12 -26.78 9.41
CA ARG D 325 30.62 -27.46 10.60
C ARG D 325 29.52 -28.45 10.25
N TYR D 326 28.54 -28.00 9.47
CA TYR D 326 27.43 -28.88 9.11
C TYR D 326 27.92 -30.07 8.29
N GLN D 327 28.72 -29.82 7.25
CA GLN D 327 29.09 -30.90 6.34
C GLN D 327 29.99 -31.93 7.01
N ARG D 328 30.77 -31.51 8.02
CA ARG D 328 31.66 -32.45 8.71
C ARG D 328 30.87 -33.55 9.39
N CYS D 329 29.76 -33.20 10.05
CA CYS D 329 28.95 -34.16 10.80
C CYS D 329 27.74 -34.69 10.03
N HIS D 330 27.60 -34.36 8.75
CA HIS D 330 26.59 -34.97 7.90
C HIS D 330 27.27 -35.67 6.74
N ILE D 331 27.32 -37.00 6.79
CA ILE D 331 27.89 -37.78 5.70
C ILE D 331 26.86 -38.03 4.61
N ASP D 332 25.57 -37.83 4.91
CA ASP D 332 24.51 -38.06 3.93
C ASP D 332 24.66 -37.15 2.72
N LEU D 333 25.29 -35.99 2.89
CA LEU D 333 25.55 -35.11 1.76
C LEU D 333 26.40 -35.82 0.72
N ARG D 334 27.47 -36.48 1.17
CA ARG D 334 28.39 -37.13 0.24
C ARG D 334 27.78 -38.38 -0.35
N THR D 335 27.14 -39.21 0.49
CA THR D 335 26.48 -40.41 -0.03
C THR D 335 25.33 -40.06 -0.95
N SER D 336 24.63 -38.96 -0.66
CA SER D 336 23.56 -38.51 -1.53
C SER D 336 24.10 -38.09 -2.89
N GLN D 337 25.14 -37.25 -2.89
CA GLN D 337 25.76 -36.82 -4.15
C GLN D 337 26.26 -38.02 -4.92
N GLN D 338 27.00 -38.92 -4.25
CA GLN D 338 27.56 -40.08 -4.93
C GLN D 338 26.46 -40.91 -5.58
N LYS D 339 25.37 -41.15 -4.85
CA LYS D 339 24.27 -41.95 -5.41
C LYS D 339 23.63 -41.25 -6.61
N HIS D 340 23.45 -39.93 -6.52
CA HIS D 340 22.90 -39.17 -7.64
C HIS D 340 23.83 -39.21 -8.84
N THR D 341 25.15 -39.09 -8.62
CA THR D 341 26.09 -39.18 -9.73
C THR D 341 26.05 -40.55 -10.38
N MET D 342 25.99 -41.61 -9.56
CA MET D 342 25.94 -42.96 -10.11
C MET D 342 24.65 -43.22 -10.85
N TYR D 343 23.53 -42.69 -10.35
CA TYR D 343 22.27 -42.81 -11.08
C TYR D 343 22.40 -42.25 -12.49
N VAL D 344 22.97 -41.06 -12.63
CA VAL D 344 23.10 -40.43 -13.95
C VAL D 344 24.12 -41.17 -14.80
N LYS D 345 25.21 -41.65 -14.19
CA LYS D 345 26.21 -42.40 -14.94
C LYS D 345 25.62 -43.71 -15.46
N LYS D 346 24.97 -44.47 -14.58
CA LYS D 346 24.31 -45.70 -15.03
C LYS D 346 23.40 -45.42 -16.22
N ALA D 347 22.48 -44.47 -16.07
CA ALA D 347 21.53 -44.18 -17.14
C ALA D 347 22.23 -43.83 -18.45
N PHE D 348 23.32 -43.05 -18.38
CA PHE D 348 24.02 -42.68 -19.60
C PHE D 348 24.73 -43.86 -20.22
N HIS D 349 25.21 -44.79 -19.41
CA HIS D 349 25.83 -46.00 -19.95
C HIS D 349 24.79 -46.85 -20.67
N GLU D 350 23.57 -46.90 -20.15
CA GLU D 350 22.51 -47.72 -20.74
C GLU D 350 22.05 -47.15 -22.08
N LEU D 351 22.10 -45.83 -22.25
CA LEU D 351 21.70 -45.17 -23.48
C LEU D 351 22.87 -44.95 -24.43
N GLY D 352 24.08 -45.34 -24.04
CA GLY D 352 25.22 -45.09 -24.90
C GLY D 352 25.67 -43.66 -24.94
N ILE D 353 25.31 -42.86 -23.93
CA ILE D 353 25.80 -41.50 -23.79
C ILE D 353 27.25 -41.55 -23.33
N PRO D 354 28.20 -41.01 -24.08
CA PRO D 354 29.62 -41.23 -23.77
C PRO D 354 30.16 -40.44 -22.59
N VAL D 355 30.00 -40.97 -21.37
CA VAL D 355 30.63 -40.40 -20.19
C VAL D 355 32.09 -40.83 -20.13
N ILE D 356 32.98 -39.89 -19.81
CA ILE D 356 34.39 -40.21 -19.59
C ILE D 356 34.49 -40.95 -18.26
N PRO D 357 34.95 -42.19 -18.24
CA PRO D 357 34.99 -42.95 -16.98
C PRO D 357 35.89 -42.29 -15.95
N ASN D 358 35.47 -42.36 -14.68
CA ASN D 358 36.18 -41.70 -13.59
C ASN D 358 35.53 -42.04 -12.25
N PRO D 359 36.30 -42.25 -11.17
CA PRO D 359 35.74 -42.68 -9.90
C PRO D 359 35.38 -41.53 -8.96
N SER D 360 34.69 -40.53 -9.49
CA SER D 360 34.47 -39.30 -8.74
C SER D 360 33.05 -38.80 -9.01
N HIS D 361 32.78 -37.58 -8.57
CA HIS D 361 31.45 -36.97 -8.66
C HIS D 361 31.17 -36.33 -10.01
N ILE D 362 32.14 -36.28 -10.93
CA ILE D 362 32.00 -35.55 -12.17
C ILE D 362 31.37 -36.44 -13.23
N VAL D 363 30.49 -35.85 -14.03
CA VAL D 363 29.86 -36.58 -15.13
C VAL D 363 30.20 -35.85 -16.43
N PRO D 364 31.45 -35.90 -16.89
CA PRO D 364 31.77 -35.29 -18.19
C PRO D 364 31.24 -36.13 -19.33
N VAL D 365 30.52 -35.48 -20.24
CA VAL D 365 29.91 -36.15 -21.38
C VAL D 365 30.73 -35.77 -22.60
N LEU D 366 31.30 -36.79 -23.26
CA LEU D 366 32.21 -36.56 -24.37
C LEU D 366 31.42 -36.19 -25.63
N ILE D 367 31.79 -35.06 -26.24
CA ILE D 367 31.22 -34.62 -27.50
C ILE D 367 32.22 -34.89 -28.61
N GLY D 368 33.41 -34.30 -28.48
CA GLY D 368 34.50 -34.54 -29.39
C GLY D 368 34.72 -33.45 -30.41
N ASN D 369 33.83 -32.46 -30.46
CA ASN D 369 33.88 -31.40 -31.44
C ASN D 369 33.43 -30.12 -30.77
N ALA D 370 34.14 -29.02 -31.04
CA ALA D 370 33.86 -27.77 -30.35
C ALA D 370 32.55 -27.14 -30.81
N ASP D 371 32.29 -27.13 -32.11
CA ASP D 371 31.05 -26.54 -32.62
C ASP D 371 29.84 -27.34 -32.13
N LEU D 372 29.89 -28.67 -32.25
CA LEU D 372 28.77 -29.50 -31.80
C LEU D 372 28.53 -29.34 -30.31
N ALA D 373 29.59 -29.21 -29.52
CA ALA D 373 29.45 -29.06 -28.07
C ALA D 373 28.74 -27.75 -27.72
N LYS D 374 29.12 -26.66 -28.39
CA LYS D 374 28.40 -25.41 -28.17
C LYS D 374 26.94 -25.54 -28.56
N GLN D 375 26.67 -26.13 -29.73
CA GLN D 375 25.29 -26.27 -30.19
C GLN D 375 24.48 -27.12 -29.23
N ALA D 376 25.07 -28.20 -28.71
CA ALA D 376 24.36 -29.03 -27.74
C ALA D 376 24.02 -28.23 -26.49
N SER D 377 24.97 -27.41 -26.01
CA SER D 377 24.70 -26.60 -24.83
C SER D 377 23.60 -25.58 -25.09
N ASP D 378 23.57 -25.00 -26.30
CA ASP D 378 22.52 -24.05 -26.63
C ASP D 378 21.16 -24.74 -26.73
N ILE D 379 21.11 -25.90 -27.40
CA ILE D 379 19.85 -26.63 -27.49
C ILE D 379 19.37 -27.05 -26.11
N LEU D 380 20.31 -27.45 -25.24
CA LEU D 380 19.91 -27.92 -23.92
C LEU D 380 19.26 -26.83 -23.09
N ILE D 381 19.78 -25.60 -23.16
CA ILE D 381 19.22 -24.52 -22.34
C ILE D 381 17.98 -23.90 -23.00
N ASN D 382 18.01 -23.71 -24.32
CA ASN D 382 16.90 -23.06 -25.01
C ASN D 382 15.72 -24.00 -25.20
N LYS D 383 15.97 -25.23 -25.66
CA LYS D 383 14.88 -26.19 -25.89
C LYS D 383 14.45 -26.88 -24.60
N HIS D 384 15.42 -27.39 -23.83
CA HIS D 384 15.12 -28.24 -22.68
C HIS D 384 15.23 -27.53 -21.32
N GLN D 385 15.61 -26.25 -21.29
CA GLN D 385 15.75 -25.51 -20.04
C GLN D 385 16.75 -26.19 -19.09
N ILE D 386 17.84 -26.71 -19.66
CA ILE D 386 18.95 -27.31 -18.90
C ILE D 386 20.21 -26.49 -19.14
N TYR D 387 20.89 -26.11 -18.06
CA TYR D 387 22.11 -25.32 -18.14
C TYR D 387 23.32 -26.24 -17.90
N VAL D 388 24.08 -26.49 -18.97
CA VAL D 388 25.36 -27.19 -18.90
C VAL D 388 26.31 -26.45 -19.82
N GLN D 389 27.43 -25.98 -19.29
CA GLN D 389 28.37 -25.22 -20.09
C GLN D 389 29.27 -26.16 -20.90
N ALA D 390 29.48 -25.83 -22.16
CA ALA D 390 30.34 -26.62 -23.02
C ALA D 390 31.80 -26.32 -22.70
N ILE D 391 32.64 -27.36 -22.82
CA ILE D 391 34.06 -27.27 -22.51
C ILE D 391 34.84 -27.54 -23.79
N ASN D 392 35.63 -26.55 -24.23
CA ASN D 392 36.45 -26.68 -25.42
C ASN D 392 37.82 -26.09 -25.14
N PHE D 393 38.69 -26.14 -26.16
CA PHE D 393 40.05 -25.63 -26.06
C PHE D 393 40.04 -24.15 -25.66
N PRO D 394 41.05 -23.69 -24.91
CA PRO D 394 42.22 -24.33 -24.28
C PRO D 394 41.95 -25.23 -23.06
N THR D 395 40.76 -25.10 -22.45
CA THR D 395 40.49 -25.85 -21.22
C THR D 395 40.71 -27.34 -21.41
N VAL D 396 40.39 -27.86 -22.60
CA VAL D 396 40.64 -29.25 -22.95
C VAL D 396 41.27 -29.30 -24.33
N ALA D 397 41.91 -30.42 -24.63
CA ALA D 397 42.55 -30.59 -25.94
C ALA D 397 41.50 -30.66 -27.04
N ARG D 398 41.88 -30.19 -28.23
CA ARG D 398 40.97 -30.25 -29.36
C ARG D 398 40.60 -31.69 -29.68
N GLY D 399 39.33 -31.91 -30.04
CA GLY D 399 38.79 -33.22 -30.25
C GLY D 399 38.23 -33.88 -29.00
N THR D 400 38.58 -33.36 -27.83
CA THR D 400 38.10 -33.87 -26.54
C THR D 400 36.96 -33.05 -25.93
N GLU D 401 36.39 -32.09 -26.68
CA GLU D 401 35.37 -31.21 -26.12
C GLU D 401 34.24 -32.01 -25.48
N ARG D 402 33.72 -31.51 -24.36
CA ARG D 402 32.81 -32.28 -23.53
C ARG D 402 31.81 -31.34 -22.84
N LEU D 403 30.73 -31.95 -22.34
CA LEU D 403 29.77 -31.27 -21.48
C LEU D 403 29.98 -31.77 -20.06
N ARG D 404 30.14 -30.85 -19.12
CA ARG D 404 30.47 -31.20 -17.74
C ARG D 404 29.22 -31.08 -16.86
N ILE D 405 28.80 -32.20 -16.29
CA ILE D 405 27.62 -32.28 -15.44
C ILE D 405 28.06 -32.68 -14.04
N THR D 406 27.57 -31.95 -13.04
CA THR D 406 27.96 -32.16 -11.64
C THR D 406 26.71 -32.33 -10.78
N PRO D 407 26.28 -33.57 -10.55
CA PRO D 407 25.13 -33.81 -9.66
C PRO D 407 25.45 -33.49 -8.21
N THR D 408 24.40 -33.13 -7.47
CA THR D 408 24.54 -32.73 -6.07
C THR D 408 23.49 -33.46 -5.24
N PRO D 409 23.49 -33.30 -3.92
CA PRO D 409 22.40 -33.87 -3.13
C PRO D 409 21.04 -33.33 -3.50
N GLY D 410 20.99 -32.21 -4.22
CA GLY D 410 19.74 -31.62 -4.61
C GLY D 410 19.18 -32.16 -5.90
N HIS D 411 20.01 -32.84 -6.70
CA HIS D 411 19.52 -33.36 -7.98
C HIS D 411 19.01 -34.75 -7.67
N THR D 412 17.69 -34.86 -7.55
CA THR D 412 17.07 -36.11 -7.19
C THR D 412 16.74 -36.86 -8.47
N ASN D 413 16.23 -38.08 -8.34
CA ASN D 413 16.05 -38.92 -9.51
C ASN D 413 15.04 -38.32 -10.48
N ASP D 414 14.04 -37.58 -9.98
CA ASP D 414 13.08 -36.93 -10.86
C ASP D 414 13.77 -35.95 -11.79
N LEU D 415 14.64 -35.09 -11.24
CA LEU D 415 15.36 -34.11 -12.06
C LEU D 415 16.37 -34.80 -12.97
N SER D 416 16.99 -35.89 -12.51
CA SER D 416 17.93 -36.62 -13.34
C SER D 416 17.26 -37.20 -14.59
N ASP D 417 16.07 -37.79 -14.42
CA ASP D 417 15.36 -38.36 -15.55
C ASP D 417 15.15 -37.32 -16.65
N ILE D 418 14.87 -36.07 -16.27
CA ILE D 418 14.68 -35.01 -17.25
C ILE D 418 16.00 -34.71 -17.96
N LEU D 419 17.10 -34.64 -17.21
CA LEU D 419 18.40 -34.42 -17.83
C LEU D 419 18.75 -35.56 -18.77
N ILE D 420 18.45 -36.80 -18.38
CA ILE D 420 18.83 -37.96 -19.20
C ILE D 420 18.10 -37.93 -20.54
N ASN D 421 16.77 -37.79 -20.51
CA ASN D 421 16.01 -37.71 -21.75
C ASN D 421 16.46 -36.52 -22.59
N ALA D 422 16.74 -35.40 -21.95
CA ALA D 422 17.12 -34.20 -22.68
C ALA D 422 18.45 -34.39 -23.40
N VAL D 423 19.45 -34.94 -22.70
CA VAL D 423 20.75 -35.19 -23.34
C VAL D 423 20.59 -36.19 -24.47
N ASP D 424 19.80 -37.25 -24.24
CA ASP D 424 19.56 -38.24 -25.29
C ASP D 424 18.88 -37.60 -26.49
N ASP D 425 17.89 -36.73 -26.25
CA ASP D 425 17.24 -36.03 -27.36
C ASP D 425 18.23 -35.14 -28.11
N VAL D 426 19.10 -34.43 -27.38
CA VAL D 426 20.08 -33.57 -28.04
C VAL D 426 21.05 -34.41 -28.86
N PHE D 427 21.42 -35.59 -28.36
CA PHE D 427 22.28 -36.48 -29.13
C PHE D 427 21.59 -36.93 -30.41
N ASN D 428 20.32 -37.30 -30.32
CA ASN D 428 19.59 -37.73 -31.51
C ASN D 428 19.37 -36.58 -32.48
N GLU D 429 19.06 -35.38 -31.96
CA GLU D 429 18.81 -34.25 -32.85
C GLU D 429 20.05 -33.89 -33.66
N LEU D 430 21.22 -33.91 -33.04
CA LEU D 430 22.47 -33.54 -33.70
C LEU D 430 23.22 -34.73 -34.27
N GLN D 431 22.73 -35.95 -34.06
CA GLN D 431 23.43 -37.17 -34.51
C GLN D 431 24.86 -37.20 -33.98
N LEU D 432 24.99 -37.04 -32.64
CA LEU D 432 26.31 -37.00 -32.02
C LEU D 432 26.79 -38.42 -31.72
N PRO D 433 28.11 -38.62 -31.66
CA PRO D 433 28.64 -39.98 -31.46
C PRO D 433 28.25 -40.56 -30.11
N ARG D 434 27.81 -41.81 -30.13
CA ARG D 434 27.55 -42.56 -28.91
C ARG D 434 28.80 -43.33 -28.52
N VAL D 435 28.70 -44.16 -27.47
CA VAL D 435 29.84 -44.99 -27.08
C VAL D 435 30.29 -45.86 -28.24
N ARG D 436 29.34 -46.57 -28.86
CA ARG D 436 29.69 -47.48 -29.95
C ARG D 436 30.33 -46.73 -31.13
N ASP D 437 30.00 -45.46 -31.31
CA ASP D 437 30.63 -44.67 -32.37
C ASP D 437 32.06 -44.31 -31.99
N TRP D 438 32.30 -43.93 -30.73
CA TRP D 438 33.67 -43.74 -30.27
C TRP D 438 34.42 -45.06 -30.27
N GLU D 439 33.73 -46.15 -29.88
CA GLU D 439 34.32 -47.47 -29.92
C GLU D 439 34.77 -47.82 -31.33
N SER D 440 33.94 -47.51 -32.33
CA SER D 440 34.26 -47.88 -33.71
C SER D 440 35.54 -47.22 -34.19
N GLN D 441 35.84 -46.01 -33.72
CA GLN D 441 37.01 -45.25 -34.15
C GLN D 441 38.22 -45.41 -33.23
N GLY D 442 38.15 -46.34 -32.26
CA GLY D 442 39.28 -46.67 -31.43
C GLY D 442 39.18 -46.19 -30.00
N GLY D 443 38.19 -45.37 -29.70
CA GLY D 443 37.98 -44.95 -28.33
C GLY D 443 38.83 -43.75 -27.96
N LEU D 444 38.34 -42.99 -27.00
CA LEU D 444 39.04 -41.81 -26.49
C LEU D 444 38.82 -41.70 -25.00
N LEU D 445 39.93 -41.51 -24.27
CA LEU D 445 39.89 -41.27 -22.82
C LEU D 445 39.06 -42.32 -22.08
N GLY D 446 39.15 -43.56 -22.52
CA GLY D 446 38.44 -44.65 -21.90
C GLY D 446 37.07 -44.94 -22.49
N VAL D 447 36.53 -44.04 -23.30
CA VAL D 447 35.21 -44.24 -23.89
C VAL D 447 35.36 -45.09 -25.15
N GLY D 448 34.72 -46.25 -25.17
CA GLY D 448 34.84 -47.14 -26.30
C GLY D 448 36.25 -47.66 -26.50
N GLU D 449 36.92 -48.06 -25.43
CA GLU D 449 38.24 -48.66 -25.52
C GLU D 449 38.17 -50.11 -25.04
N SER D 450 38.73 -51.02 -25.84
CA SER D 450 38.66 -52.45 -25.56
C SER D 450 39.66 -52.77 -24.46
N GLY D 451 39.26 -53.68 -23.57
CA GLY D 451 40.13 -54.07 -22.48
C GLY D 451 40.61 -52.91 -21.65
N PHE D 452 39.84 -51.82 -21.60
CA PHE D 452 40.20 -50.67 -20.78
C PHE D 452 39.77 -50.92 -19.35
N VAL D 453 40.69 -50.70 -18.42
CA VAL D 453 40.45 -50.94 -17.00
C VAL D 453 39.96 -49.64 -16.38
N GLU D 454 38.70 -49.62 -15.96
CA GLU D 454 38.13 -48.46 -15.29
C GLU D 454 38.39 -48.58 -13.79
N GLU D 455 38.77 -47.46 -13.18
CA GLU D 455 39.00 -47.46 -11.75
C GLU D 455 37.68 -47.52 -11.00
N SER D 456 37.66 -48.31 -9.93
CA SER D 456 36.47 -48.42 -9.11
C SER D 456 36.25 -47.12 -8.34
N ASN D 457 34.98 -46.86 -8.01
CA ASN D 457 34.61 -45.61 -7.36
C ASN D 457 35.34 -45.45 -6.03
N LEU D 458 35.75 -44.21 -5.74
CA LEU D 458 36.35 -43.91 -4.45
C LEU D 458 35.41 -44.25 -3.30
N TRP D 459 34.11 -44.04 -3.48
CA TRP D 459 33.11 -44.42 -2.48
C TRP D 459 32.67 -45.84 -2.74
N THR D 460 33.02 -46.75 -1.83
CA THR D 460 32.66 -48.15 -1.88
C THR D 460 31.22 -48.36 -1.42
N SER D 461 30.66 -49.52 -1.77
CA SER D 461 29.31 -49.88 -1.36
C SER D 461 29.14 -49.78 0.16
N SER D 462 30.14 -50.22 0.92
CA SER D 462 30.07 -50.12 2.38
C SER D 462 30.04 -48.66 2.83
N GLN D 463 30.86 -47.81 2.19
CA GLN D 463 30.90 -46.40 2.59
C GLN D 463 29.61 -45.68 2.26
N LEU D 464 28.97 -46.05 1.15
CA LEU D 464 27.71 -45.41 0.75
C LEU D 464 26.56 -45.76 1.68
N SER D 465 26.62 -46.91 2.35
CA SER D 465 25.55 -47.30 3.27
C SER D 465 25.69 -46.67 4.64
N LEU D 466 26.81 -46.01 4.93
CA LEU D 466 26.95 -45.35 6.21
C LEU D 466 25.97 -44.19 6.33
N THR D 467 25.61 -43.88 7.57
CA THR D 467 24.72 -42.76 7.87
C THR D 467 25.38 -41.87 8.91
N ASN D 468 24.72 -40.76 9.24
CA ASN D 468 25.31 -39.81 10.18
C ASN D 468 25.52 -40.43 11.55
N ASP D 469 24.72 -41.44 11.91
CA ASP D 469 24.90 -42.10 13.19
C ASP D 469 26.24 -42.81 13.30
N ASP D 470 26.84 -43.20 12.16
CA ASP D 470 28.09 -43.94 12.17
C ASP D 470 29.30 -43.05 12.46
N LEU D 471 29.14 -41.75 12.51
CA LEU D 471 30.24 -40.84 12.81
C LEU D 471 30.42 -40.70 14.32
N ASN D 472 31.66 -40.49 14.72
CA ASN D 472 31.97 -40.28 16.13
C ASN D 472 31.21 -39.07 16.65
N PRO D 473 30.52 -39.16 17.79
CA PRO D 473 29.75 -38.02 18.27
C PRO D 473 30.55 -36.74 18.49
N ASN D 474 31.89 -36.83 18.55
CA ASN D 474 32.69 -35.64 18.80
C ASN D 474 32.79 -34.72 17.59
N VAL D 475 32.34 -35.15 16.41
CA VAL D 475 32.29 -34.25 15.28
C VAL D 475 31.07 -33.33 15.36
N ARG D 476 30.04 -33.74 16.11
CA ARG D 476 28.83 -32.95 16.25
C ARG D 476 29.08 -31.81 17.22
N ASP D 477 28.78 -30.60 16.79
CA ASP D 477 28.94 -29.41 17.61
C ASP D 477 30.29 -29.41 18.31
N GLY E 13 8.02 59.16 10.53
CA GLY E 13 6.65 59.18 10.05
C GLY E 13 5.74 58.27 10.86
N PHE E 14 4.49 58.13 10.43
CA PHE E 14 3.54 57.26 11.11
C PHE E 14 4.11 55.86 11.19
N ASP E 15 3.88 55.18 12.32
CA ASP E 15 4.41 53.82 12.49
C ASP E 15 3.32 52.88 12.02
N TYR E 16 3.50 52.33 10.82
CA TYR E 16 2.52 51.41 10.26
C TYR E 16 2.73 49.99 10.76
N GLU E 17 3.98 49.54 10.81
CA GLU E 17 4.27 48.18 11.24
C GLU E 17 3.86 47.97 12.70
N GLY E 18 4.00 48.99 13.53
CA GLY E 18 3.60 48.87 14.92
C GLY E 18 2.10 48.65 15.08
N LEU E 19 1.30 49.41 14.32
CA LEU E 19 -0.14 49.23 14.38
C LEU E 19 -0.53 47.80 14.02
N ILE E 20 0.02 47.28 12.91
CA ILE E 20 -0.35 45.95 12.46
C ILE E 20 0.02 44.91 13.51
N ASP E 21 1.24 45.00 14.05
CA ASP E 21 1.70 43.99 15.01
C ASP E 21 0.78 43.93 16.23
N SER E 22 0.42 45.10 16.77
CA SER E 22 -0.41 45.13 17.97
C SER E 22 -1.74 44.42 17.75
N GLU E 23 -2.38 44.69 16.61
CA GLU E 23 -3.66 44.05 16.31
C GLU E 23 -3.49 42.56 16.05
N LEU E 24 -2.39 42.16 15.39
CA LEU E 24 -2.18 40.76 15.08
C LEU E 24 -1.99 39.92 16.34
N GLN E 25 -1.30 40.45 17.34
CA GLN E 25 -1.09 39.71 18.59
C GLN E 25 -2.44 39.41 19.26
N LYS E 57 -6.99 10.32 4.39
CA LYS E 57 -8.39 10.34 3.96
C LYS E 57 -9.33 10.48 5.15
N VAL E 58 -10.33 11.37 4.99
CA VAL E 58 -11.34 11.63 6.01
C VAL E 58 -12.70 11.74 5.32
N THR E 59 -13.76 11.68 6.12
CA THR E 59 -15.13 11.84 5.63
C THR E 59 -15.62 13.24 6.02
N VAL E 60 -16.08 13.99 5.02
CA VAL E 60 -16.46 15.39 5.19
C VAL E 60 -17.95 15.45 5.50
N TRP E 61 -18.29 15.88 6.72
CA TRP E 61 -19.68 16.10 7.07
C TRP E 61 -20.10 17.57 7.09
N CYS E 62 -19.17 18.52 6.92
CA CYS E 62 -19.50 19.95 6.97
C CYS E 62 -19.59 20.64 5.60
N SER E 63 -19.48 19.91 4.50
CA SER E 63 -19.28 20.54 3.20
C SER E 63 -20.44 21.45 2.82
N ASN E 64 -20.12 22.44 1.98
CA ASN E 64 -21.12 23.35 1.42
C ASN E 64 -21.97 22.70 0.34
N ASP E 65 -21.51 21.60 -0.25
CA ASP E 65 -22.15 21.06 -1.43
C ASP E 65 -23.23 20.08 -0.96
N TYR E 66 -24.47 20.55 -0.99
CA TYR E 66 -25.55 19.88 -0.26
C TYR E 66 -26.11 18.70 -1.04
N LEU E 67 -26.15 18.79 -2.36
CA LEU E 67 -26.63 17.72 -3.22
C LEU E 67 -25.50 16.88 -3.79
N ALA E 68 -24.24 17.12 -3.38
CA ALA E 68 -23.08 16.39 -3.89
C ALA E 68 -22.99 16.47 -5.42
N LEU E 69 -23.44 17.60 -5.98
CA LEU E 69 -23.46 17.74 -7.43
C LEU E 69 -22.15 18.25 -8.00
N SER E 70 -21.19 18.64 -7.15
CA SER E 70 -19.91 19.12 -7.67
C SER E 70 -19.21 18.04 -8.49
N LYS E 71 -19.32 16.77 -8.08
CA LYS E 71 -18.71 15.67 -8.81
C LYS E 71 -19.69 14.91 -9.71
N HIS E 72 -20.94 15.34 -9.83
CA HIS E 72 -21.89 14.60 -10.64
C HIS E 72 -21.43 14.57 -12.10
N PRO E 73 -21.60 13.44 -12.81
CA PRO E 73 -21.07 13.36 -14.18
C PRO E 73 -21.57 14.46 -15.10
N GLU E 74 -22.87 14.80 -15.04
CA GLU E 74 -23.41 15.81 -15.94
C GLU E 74 -22.79 17.18 -15.69
N VAL E 75 -22.39 17.47 -14.46
CA VAL E 75 -21.69 18.73 -14.19
C VAL E 75 -20.26 18.65 -14.70
N LEU E 76 -19.55 17.57 -14.36
CA LEU E 76 -18.18 17.40 -14.83
C LEU E 76 -18.12 17.34 -16.35
N ASP E 77 -19.10 16.70 -16.97
CA ASP E 77 -19.10 16.61 -18.42
C ASP E 77 -19.33 17.98 -19.06
N ALA E 78 -20.16 18.83 -18.43
CA ALA E 78 -20.40 20.14 -18.98
C ALA E 78 -19.15 21.01 -18.92
N MET E 79 -18.38 20.90 -17.84
CA MET E 79 -17.18 21.72 -17.70
C MET E 79 -16.10 21.28 -18.67
N HIS E 80 -15.85 19.97 -18.77
CA HIS E 80 -14.88 19.46 -19.73
C HIS E 80 -15.24 19.90 -21.15
N LYS E 81 -16.51 19.72 -21.53
CA LYS E 81 -16.92 20.08 -22.89
C LYS E 81 -16.80 21.58 -23.12
N THR E 82 -17.17 22.39 -22.12
CA THR E 82 -17.10 23.85 -22.26
C THR E 82 -15.66 24.33 -22.27
N ILE E 83 -14.79 23.74 -21.44
CA ILE E 83 -13.39 24.13 -21.40
C ILE E 83 -12.76 23.96 -22.79
N ASP E 84 -12.94 22.78 -23.40
CA ASP E 84 -12.32 22.53 -24.69
C ASP E 84 -12.73 23.57 -25.71
N LYS E 85 -14.00 23.96 -25.70
CA LYS E 85 -14.51 24.91 -26.68
C LYS E 85 -14.15 26.35 -26.33
N TYR E 86 -14.39 26.77 -25.09
CA TYR E 86 -14.22 28.17 -24.68
C TYR E 86 -12.88 28.49 -24.04
N GLY E 87 -12.11 27.49 -23.66
CA GLY E 87 -10.93 27.75 -22.85
C GLY E 87 -11.28 27.90 -21.37
N CYS E 88 -10.39 28.58 -20.66
CA CYS E 88 -10.50 28.70 -19.20
C CYS E 88 -11.28 29.96 -18.82
N GLY E 89 -10.67 31.12 -18.99
CA GLY E 89 -11.31 32.35 -18.59
C GLY E 89 -12.26 32.90 -19.65
N ALA E 90 -13.13 33.81 -19.21
CA ALA E 90 -14.05 34.46 -20.13
C ALA E 90 -13.34 35.48 -21.00
N GLY E 91 -12.29 36.10 -20.46
CA GLY E 91 -11.51 37.03 -21.26
C GLY E 91 -12.12 38.39 -21.42
N GLY E 92 -12.99 38.79 -20.51
CA GLY E 92 -13.54 40.13 -20.55
C GLY E 92 -14.66 40.28 -19.55
N THR E 93 -15.25 41.47 -19.56
CA THR E 93 -16.41 41.77 -18.75
C THR E 93 -17.67 41.62 -19.60
N ARG E 94 -18.82 41.76 -18.95
CA ARG E 94 -20.08 41.60 -19.68
C ARG E 94 -20.20 42.62 -20.80
N ASN E 95 -19.59 43.80 -20.63
CA ASN E 95 -19.69 44.84 -21.66
C ASN E 95 -18.71 44.60 -22.81
N ILE E 96 -17.49 44.13 -22.51
CA ILE E 96 -16.47 43.94 -23.53
C ILE E 96 -16.00 42.48 -23.47
N ALA E 97 -16.34 41.71 -24.51
CA ALA E 97 -15.78 40.38 -24.76
C ALA E 97 -16.15 39.30 -23.75
N GLY E 98 -16.81 39.65 -22.64
CA GLY E 98 -17.11 38.69 -21.59
C GLY E 98 -18.57 38.27 -21.51
N HIS E 99 -19.33 38.48 -22.58
CA HIS E 99 -20.73 38.08 -22.64
C HIS E 99 -20.89 36.99 -23.69
N ASN E 100 -21.51 35.87 -23.29
CA ASN E 100 -21.46 34.67 -24.11
C ASN E 100 -22.70 33.81 -23.85
N ILE E 101 -22.75 32.66 -24.52
CA ILE E 101 -23.89 31.75 -24.45
C ILE E 101 -24.00 31.10 -23.06
N PRO E 102 -22.89 30.63 -22.46
CA PRO E 102 -23.01 30.07 -21.11
C PRO E 102 -23.53 31.06 -20.09
N THR E 103 -23.26 32.35 -20.27
CA THR E 103 -23.88 33.37 -19.41
C THR E 103 -25.38 33.48 -19.70
N LEU E 104 -25.75 33.52 -20.98
CA LEU E 104 -27.16 33.66 -21.32
C LEU E 104 -27.99 32.48 -20.82
N ASN E 105 -27.45 31.26 -20.95
CA ASN E 105 -28.18 30.08 -20.51
C ASN E 105 -28.28 30.01 -18.99
N LEU E 106 -27.21 30.40 -18.29
CA LEU E 106 -27.24 30.35 -16.83
C LEU E 106 -28.26 31.33 -16.27
N GLU E 107 -28.23 32.57 -16.73
CA GLU E 107 -29.20 33.55 -16.27
C GLU E 107 -30.62 33.12 -16.63
N ALA E 108 -30.81 32.53 -17.80
CA ALA E 108 -32.14 32.06 -18.19
C ALA E 108 -32.61 30.92 -17.29
N GLU E 109 -31.73 29.96 -16.98
CA GLU E 109 -32.11 28.83 -16.12
C GLU E 109 -32.48 29.31 -14.73
N LEU E 110 -31.74 30.27 -14.19
CA LEU E 110 -32.01 30.74 -12.84
C LEU E 110 -33.36 31.43 -12.76
N ALA E 111 -33.67 32.28 -13.75
CA ALA E 111 -34.98 32.94 -13.79
C ALA E 111 -36.10 31.92 -13.92
N THR E 112 -35.86 30.85 -14.67
CA THR E 112 -36.86 29.80 -14.82
C THR E 112 -37.06 29.04 -13.52
N LEU E 113 -35.97 28.77 -12.80
CA LEU E 113 -36.07 28.05 -11.53
C LEU E 113 -36.91 28.82 -10.52
N HIS E 114 -36.72 30.14 -10.45
CA HIS E 114 -37.48 30.99 -9.56
C HIS E 114 -38.72 31.58 -10.22
N LYS E 115 -38.99 31.23 -11.48
CA LYS E 115 -40.18 31.71 -12.19
C LYS E 115 -40.27 33.24 -12.13
N LYS E 116 -39.13 33.88 -12.42
CA LYS E 116 -39.01 35.32 -12.43
C LYS E 116 -38.68 35.77 -13.85
N GLU E 117 -38.97 37.04 -14.12
CA GLU E 117 -38.75 37.59 -15.45
C GLU E 117 -37.27 37.57 -15.85
N GLY E 118 -36.36 37.65 -14.88
CA GLY E 118 -34.95 37.68 -15.20
C GLY E 118 -34.08 37.33 -14.01
N ALA E 119 -32.80 37.10 -14.31
CA ALA E 119 -31.79 36.80 -13.30
C ALA E 119 -30.46 37.37 -13.78
N LEU E 120 -29.62 37.76 -12.81
CA LEU E 120 -28.34 38.38 -13.09
C LEU E 120 -27.26 37.70 -12.26
N VAL E 121 -26.20 37.27 -12.91
CA VAL E 121 -25.12 36.51 -12.28
C VAL E 121 -24.00 37.45 -11.85
N PHE E 122 -23.49 37.25 -10.65
CA PHE E 122 -22.41 38.03 -10.07
C PHE E 122 -21.27 37.10 -9.72
N SER E 123 -20.11 37.69 -9.45
CA SER E 123 -18.90 36.92 -9.16
C SER E 123 -19.14 35.90 -8.04
N SER E 124 -19.91 36.27 -7.03
CA SER E 124 -20.17 35.37 -5.92
C SER E 124 -21.44 35.81 -5.20
N CYS E 125 -21.86 35.01 -4.21
CA CYS E 125 -23.07 35.31 -3.46
C CYS E 125 -22.93 36.63 -2.69
N TYR E 126 -21.77 36.84 -2.06
CA TYR E 126 -21.61 38.05 -1.26
C TYR E 126 -21.45 39.30 -2.11
N VAL E 127 -20.98 39.15 -3.36
CA VAL E 127 -20.97 40.29 -4.28
C VAL E 127 -22.38 40.64 -4.70
N ALA E 128 -23.24 39.63 -4.89
CA ALA E 128 -24.62 39.88 -5.29
C ALA E 128 -25.37 40.65 -4.21
N ASN E 129 -25.30 40.17 -2.97
CA ASN E 129 -25.96 40.87 -1.87
C ASN E 129 -25.45 42.31 -1.75
N ASP E 130 -24.15 42.50 -1.89
CA ASP E 130 -23.58 43.83 -1.71
C ASP E 130 -24.01 44.77 -2.84
N ALA E 131 -24.11 44.25 -4.06
CA ALA E 131 -24.49 45.10 -5.19
C ALA E 131 -25.95 45.52 -5.09
N VAL E 132 -26.84 44.57 -4.85
CA VAL E 132 -28.27 44.90 -4.76
C VAL E 132 -28.54 45.85 -3.61
N LEU E 133 -28.07 45.48 -2.41
CA LEU E 133 -28.36 46.30 -1.22
C LEU E 133 -27.73 47.68 -1.34
N SER E 134 -26.50 47.77 -1.85
CA SER E 134 -25.85 49.07 -2.03
C SER E 134 -26.64 49.93 -2.99
N LEU E 135 -27.04 49.38 -4.13
CA LEU E 135 -27.73 50.18 -5.15
C LEU E 135 -29.08 50.66 -4.65
N LEU E 136 -29.80 49.81 -3.90
CA LEU E 136 -31.08 50.23 -3.35
C LEU E 136 -30.91 51.46 -2.48
N GLY E 137 -29.97 51.41 -1.53
CA GLY E 137 -29.76 52.54 -0.63
C GLY E 137 -29.17 53.75 -1.31
N GLN E 138 -28.33 53.53 -2.33
CA GLN E 138 -27.74 54.65 -3.06
C GLN E 138 -28.83 55.46 -3.75
N LYS E 139 -29.67 54.79 -4.54
CA LYS E 139 -30.65 55.48 -5.37
C LYS E 139 -31.90 55.92 -4.61
N MET E 140 -32.21 55.29 -3.49
CA MET E 140 -33.21 55.80 -2.55
C MET E 140 -32.50 56.13 -1.24
N LYS E 141 -32.27 57.42 -0.99
CA LYS E 141 -31.54 57.83 0.20
C LYS E 141 -32.43 57.84 1.44
N ASP E 142 -33.75 57.98 1.26
CA ASP E 142 -34.70 57.98 2.37
C ASP E 142 -35.18 56.58 2.71
N LEU E 143 -34.77 55.55 1.97
CA LEU E 143 -35.24 54.20 2.24
C LEU E 143 -34.83 53.74 3.63
N VAL E 144 -35.68 52.94 4.24
CA VAL E 144 -35.42 52.37 5.57
C VAL E 144 -35.35 50.86 5.40
N ILE E 145 -34.30 50.25 5.97
CA ILE E 145 -34.04 48.83 5.83
C ILE E 145 -34.36 48.15 7.15
N PHE E 146 -35.13 47.07 7.09
CA PHE E 146 -35.50 46.28 8.25
C PHE E 146 -34.86 44.90 8.10
N SER E 147 -33.88 44.60 8.96
CA SER E 147 -32.96 43.49 8.74
C SER E 147 -33.05 42.51 9.91
N ASP E 148 -33.18 41.22 9.59
CA ASP E 148 -33.22 40.20 10.62
C ASP E 148 -31.86 40.12 11.31
N GLU E 149 -31.89 39.99 12.64
CA GLU E 149 -30.66 40.09 13.41
C GLU E 149 -29.65 39.00 13.06
N LEU E 150 -30.09 37.89 12.50
CA LEU E 150 -29.20 36.77 12.18
C LEU E 150 -28.70 36.76 10.74
N ASN E 151 -28.98 37.80 9.96
CA ASN E 151 -28.48 37.85 8.58
C ASN E 151 -26.96 37.80 8.59
N HIS E 152 -26.40 37.07 7.63
CA HIS E 152 -24.95 36.86 7.60
C HIS E 152 -24.23 38.13 7.18
N ALA E 153 -22.92 38.14 7.45
CA ALA E 153 -22.11 39.34 7.29
C ALA E 153 -22.27 39.97 5.91
N SER E 154 -22.42 39.14 4.87
CA SER E 154 -22.56 39.68 3.52
C SER E 154 -23.74 40.62 3.41
N MET E 155 -24.88 40.26 4.03
CA MET E 155 -26.03 41.15 4.03
C MET E 155 -25.79 42.35 4.93
N ILE E 156 -25.11 42.13 6.06
CA ILE E 156 -24.79 43.22 6.97
C ILE E 156 -23.92 44.25 6.28
N VAL E 157 -22.90 43.80 5.54
CA VAL E 157 -22.04 44.72 4.81
C VAL E 157 -22.84 45.46 3.73
N GLY E 158 -23.67 44.74 3.00
CA GLY E 158 -24.46 45.39 1.95
C GLY E 158 -25.36 46.47 2.51
N ILE E 159 -25.99 46.21 3.65
CA ILE E 159 -26.86 47.21 4.28
C ILE E 159 -26.03 48.41 4.73
N LYS E 160 -24.85 48.15 5.30
CA LYS E 160 -23.95 49.25 5.67
C LYS E 160 -23.62 50.10 4.45
N HIS E 161 -23.17 49.45 3.36
CA HIS E 161 -22.84 50.19 2.15
C HIS E 161 -24.05 50.92 1.57
N ALA E 162 -25.27 50.45 1.86
CA ALA E 162 -26.47 51.15 1.40
C ALA E 162 -26.58 52.53 2.02
N ASN E 163 -25.98 52.72 3.20
CA ASN E 163 -25.91 54.01 3.86
C ASN E 163 -27.28 54.67 3.95
N VAL E 164 -28.23 53.93 4.54
CA VAL E 164 -29.56 54.43 4.86
C VAL E 164 -29.90 53.99 6.27
N LYS E 165 -30.94 54.60 6.84
CA LYS E 165 -31.36 54.19 8.18
C LYS E 165 -31.78 52.73 8.16
N LYS E 166 -31.45 52.01 9.23
CA LYS E 166 -31.77 50.59 9.32
C LYS E 166 -32.34 50.27 10.70
N HIS E 167 -33.13 49.19 10.76
CA HIS E 167 -33.66 48.68 12.02
C HIS E 167 -33.44 47.17 12.07
N ILE E 168 -32.78 46.71 13.11
CA ILE E 168 -32.56 45.29 13.34
C ILE E 168 -33.68 44.78 14.24
N PHE E 169 -34.47 43.83 13.76
CA PHE E 169 -35.54 43.24 14.54
C PHE E 169 -35.13 41.87 15.03
N LYS E 170 -35.62 41.50 16.21
CA LYS E 170 -35.26 40.22 16.82
C LYS E 170 -35.57 39.08 15.85
N HIS E 171 -34.74 38.04 15.91
CA HIS E 171 -34.77 37.00 14.90
C HIS E 171 -36.15 36.38 14.78
N ASN E 172 -36.70 36.40 13.57
CA ASN E 172 -37.99 35.79 13.25
C ASN E 172 -39.12 36.34 14.10
N ASP E 173 -38.98 37.54 14.64
CA ASP E 173 -40.03 38.16 15.43
C ASP E 173 -40.82 39.04 14.47
N LEU E 174 -42.01 38.59 14.09
CA LEU E 174 -42.83 39.34 13.14
C LEU E 174 -43.77 40.31 13.83
N ASN E 175 -43.91 40.19 15.15
CA ASN E 175 -44.60 41.23 15.91
C ASN E 175 -43.75 42.49 16.00
N GLU E 176 -42.45 42.34 16.28
CA GLU E 176 -41.58 43.50 16.33
C GLU E 176 -41.39 44.11 14.94
N LEU E 177 -41.23 43.27 13.91
CA LEU E 177 -41.09 43.79 12.56
C LEU E 177 -42.29 44.67 12.20
N GLU E 178 -43.51 44.22 12.53
CA GLU E 178 -44.70 45.01 12.21
C GLU E 178 -44.73 46.32 12.98
N GLN E 179 -44.27 46.31 14.23
CA GLN E 179 -44.20 47.54 15.01
C GLN E 179 -43.23 48.53 14.39
N LEU E 180 -42.11 48.03 13.85
CA LEU E 180 -41.15 48.91 13.20
C LEU E 180 -41.70 49.45 11.89
N LEU E 181 -42.47 48.63 11.16
CA LEU E 181 -43.03 49.09 9.89
C LEU E 181 -44.14 50.11 10.11
N GLN E 182 -44.97 49.89 11.14
CA GLN E 182 -46.13 50.76 11.34
C GLN E 182 -45.74 52.15 11.85
N SER E 183 -44.53 52.31 12.41
CA SER E 183 -44.09 53.61 12.89
C SER E 183 -43.76 54.58 11.76
N TYR E 184 -43.81 54.14 10.51
CA TYR E 184 -43.55 54.99 9.36
C TYR E 184 -44.81 55.11 8.50
N PRO E 185 -44.97 56.20 7.76
CA PRO E 185 -46.01 56.25 6.74
C PRO E 185 -45.77 55.15 5.71
N LYS E 186 -46.86 54.73 5.05
CA LYS E 186 -46.72 53.74 3.99
C LYS E 186 -45.89 54.28 2.84
N SER E 187 -45.90 55.61 2.64
CA SER E 187 -45.24 56.21 1.49
C SER E 187 -43.72 56.18 1.58
N VAL E 188 -43.17 55.97 2.77
CA VAL E 188 -41.71 55.92 2.91
C VAL E 188 -41.20 54.64 2.26
N PRO E 189 -40.18 54.68 1.41
CA PRO E 189 -39.65 53.44 0.83
C PRO E 189 -39.01 52.57 1.90
N LYS E 190 -39.28 51.27 1.84
CA LYS E 190 -38.81 50.35 2.86
C LYS E 190 -38.36 49.04 2.21
N LEU E 191 -37.39 48.39 2.86
CA LEU E 191 -36.87 47.10 2.42
C LEU E 191 -36.81 46.17 3.62
N ILE E 192 -37.38 44.99 3.47
CA ILE E 192 -37.29 43.93 4.47
C ILE E 192 -36.30 42.91 3.93
N ALA E 193 -35.17 42.76 4.61
CA ALA E 193 -34.08 41.91 4.16
C ALA E 193 -33.93 40.74 5.13
N PHE E 194 -34.02 39.52 4.62
CA PHE E 194 -33.96 38.34 5.48
C PHE E 194 -33.50 37.14 4.66
N GLU E 195 -33.30 36.03 5.35
CA GLU E 195 -32.92 34.77 4.75
C GLU E 195 -34.03 33.76 4.94
N SER E 196 -34.12 32.80 4.03
CA SER E 196 -35.12 31.75 4.16
C SER E 196 -34.68 30.73 5.21
N VAL E 197 -33.42 30.30 5.15
CA VAL E 197 -32.88 29.30 6.07
C VAL E 197 -31.61 29.89 6.69
N TYR E 198 -31.60 29.97 8.01
CA TYR E 198 -30.43 30.47 8.74
C TYR E 198 -29.56 29.28 9.10
N SER E 199 -28.32 29.30 8.63
CA SER E 199 -27.51 28.08 8.51
C SER E 199 -26.97 27.59 9.84
N MET E 200 -26.83 28.46 10.84
CA MET E 200 -26.13 28.04 12.05
C MET E 200 -27.02 27.19 12.95
N ALA E 201 -28.25 27.62 13.21
CA ALA E 201 -29.24 26.78 13.91
C ALA E 201 -30.30 26.16 13.01
N GLY E 202 -30.33 26.51 11.72
CA GLY E 202 -31.27 25.89 10.80
C GLY E 202 -32.71 26.35 10.87
N SER E 203 -32.99 27.49 11.52
CA SER E 203 -34.35 28.01 11.58
C SER E 203 -34.75 28.62 10.24
N VAL E 204 -36.06 28.78 10.06
CA VAL E 204 -36.65 29.20 8.79
C VAL E 204 -37.52 30.44 9.01
N ALA E 205 -37.44 31.38 8.06
CA ALA E 205 -38.27 32.56 8.09
C ALA E 205 -39.66 32.25 7.54
N ASP E 206 -40.67 32.99 8.03
CA ASP E 206 -42.02 32.84 7.49
C ASP E 206 -42.13 33.87 6.38
N ILE E 207 -42.05 33.38 5.14
CA ILE E 207 -41.90 34.28 4.00
C ILE E 207 -43.24 34.88 3.62
N GLU E 208 -44.30 34.06 3.64
CA GLU E 208 -45.63 34.57 3.32
C GLU E 208 -46.02 35.72 4.25
N LYS E 209 -45.86 35.51 5.56
CA LYS E 209 -46.26 36.56 6.50
C LYS E 209 -45.44 37.83 6.31
N ILE E 210 -44.15 37.69 6.01
CA ILE E 210 -43.33 38.87 5.74
C ILE E 210 -43.81 39.56 4.48
N CYS E 211 -44.12 38.80 3.43
CA CYS E 211 -44.72 39.38 2.25
C CYS E 211 -46.01 40.12 2.58
N ASP E 212 -46.87 39.51 3.40
CA ASP E 212 -48.09 40.19 3.84
C ASP E 212 -47.79 41.52 4.50
N LEU E 213 -46.79 41.55 5.39
CA LEU E 213 -46.38 42.81 6.01
C LEU E 213 -45.79 43.76 4.97
N ALA E 214 -45.09 43.22 3.98
CA ALA E 214 -44.50 44.07 2.94
C ALA E 214 -45.58 44.74 2.10
N ASP E 215 -46.64 44.00 1.76
CA ASP E 215 -47.76 44.60 1.04
C ASP E 215 -48.44 45.68 1.87
N LYS E 216 -48.66 45.40 3.15
CA LYS E 216 -49.45 46.29 4.00
C LYS E 216 -48.75 47.62 4.22
N TYR E 217 -47.46 47.57 4.52
CA TYR E 217 -46.67 48.76 4.85
C TYR E 217 -45.86 49.29 3.68
N GLY E 218 -45.97 48.70 2.50
CA GLY E 218 -45.39 49.25 1.29
C GLY E 218 -43.89 49.04 1.14
N ALA E 219 -43.39 47.88 1.52
CA ALA E 219 -41.96 47.61 1.52
C ALA E 219 -41.59 46.62 0.43
N LEU E 220 -40.38 46.76 -0.10
CA LEU E 220 -39.80 45.73 -0.92
C LEU E 220 -39.27 44.62 -0.04
N THR E 221 -39.19 43.41 -0.60
CA THR E 221 -38.61 42.26 0.09
C THR E 221 -37.33 41.85 -0.60
N PHE E 222 -36.31 41.57 0.21
CA PHE E 222 -35.03 41.04 -0.26
C PHE E 222 -34.79 39.73 0.48
N LEU E 223 -34.75 38.63 -0.29
CA LEU E 223 -34.72 37.29 0.30
C LEU E 223 -33.47 36.56 -0.14
N ASP E 224 -32.70 36.07 0.83
CA ASP E 224 -31.47 35.31 0.58
C ASP E 224 -31.79 33.83 0.79
N GLU E 225 -31.83 33.09 -0.33
CA GLU E 225 -32.13 31.66 -0.35
C GLU E 225 -30.86 30.79 -0.42
N VAL E 226 -29.68 31.38 -0.20
CA VAL E 226 -28.42 30.66 -0.39
C VAL E 226 -28.45 29.27 0.23
N HIS E 227 -28.99 29.14 1.44
CA HIS E 227 -29.02 27.87 2.14
C HIS E 227 -30.27 27.06 1.85
N ALA E 228 -31.09 27.51 0.91
CA ALA E 228 -32.30 26.84 0.49
C ALA E 228 -32.16 26.24 -0.91
N VAL E 229 -31.79 27.04 -1.91
CA VAL E 229 -31.91 26.62 -3.31
C VAL E 229 -31.29 25.26 -3.51
N GLY E 230 -32.02 24.39 -4.22
CA GLY E 230 -31.67 23.01 -4.42
C GLY E 230 -32.21 22.06 -3.36
N LEU E 231 -32.44 22.56 -2.15
CA LEU E 231 -32.91 21.75 -1.03
C LEU E 231 -34.41 21.81 -0.76
N TYR E 232 -35.15 22.76 -1.36
CA TYR E 232 -36.53 22.99 -0.96
C TYR E 232 -37.38 23.32 -2.18
N GLY E 233 -38.67 23.05 -2.05
CA GLY E 233 -39.59 23.09 -3.15
C GLY E 233 -39.44 21.84 -3.98
N PRO E 234 -40.47 21.50 -4.76
CA PRO E 234 -40.34 20.29 -5.59
C PRO E 234 -39.15 20.33 -6.52
N HIS E 235 -38.85 21.49 -7.09
CA HIS E 235 -37.79 21.65 -8.08
C HIS E 235 -36.50 22.22 -7.51
N GLY E 236 -36.42 22.46 -6.22
CA GLY E 236 -35.22 23.02 -5.63
C GLY E 236 -35.11 24.52 -5.72
N ALA E 237 -36.18 25.21 -6.09
CA ALA E 237 -36.15 26.67 -6.17
C ALA E 237 -36.08 27.35 -4.80
N GLY E 238 -36.13 26.59 -3.70
CA GLY E 238 -35.98 27.15 -2.37
C GLY E 238 -37.26 27.13 -1.58
N VAL E 239 -37.19 27.74 -0.39
CA VAL E 239 -38.29 27.73 0.56
C VAL E 239 -39.49 28.49 0.00
N ALA E 240 -39.24 29.58 -0.72
CA ALA E 240 -40.33 30.33 -1.32
C ALA E 240 -41.18 29.43 -2.21
N GLU E 241 -40.54 28.56 -3.00
CA GLU E 241 -41.30 27.61 -3.80
C GLU E 241 -42.02 26.61 -2.91
N HIS E 242 -41.36 26.15 -1.84
CA HIS E 242 -41.99 25.22 -0.91
C HIS E 242 -43.28 25.80 -0.32
N CYS E 243 -43.34 27.12 -0.16
CA CYS E 243 -44.52 27.76 0.43
C CYS E 243 -45.78 27.43 -0.36
N ASP E 244 -45.69 27.40 -1.68
CA ASP E 244 -46.73 26.77 -2.48
C ASP E 244 -46.06 25.57 -3.14
N PHE E 245 -46.18 24.41 -2.49
CA PHE E 245 -45.47 23.24 -2.96
C PHE E 245 -46.25 22.54 -4.07
N GLU E 246 -47.55 22.33 -3.86
CA GLU E 246 -48.36 21.57 -4.80
C GLU E 246 -48.71 22.38 -6.04
N SER E 247 -48.91 23.69 -5.89
CA SER E 247 -49.14 24.53 -7.06
C SER E 247 -47.94 24.51 -8.00
N HIS E 248 -46.72 24.58 -7.45
CA HIS E 248 -45.54 24.55 -8.30
C HIS E 248 -45.29 23.15 -8.86
N ARG E 249 -45.48 22.12 -8.05
CA ARG E 249 -45.29 20.75 -8.54
C ARG E 249 -46.24 20.43 -9.67
N ALA E 250 -47.52 20.82 -9.53
CA ALA E 250 -48.49 20.57 -10.59
C ALA E 250 -48.13 21.33 -11.86
N SER E 251 -47.79 22.60 -11.73
CA SER E 251 -47.52 23.43 -12.90
C SER E 251 -46.14 23.18 -13.49
N GLY E 252 -45.20 22.65 -12.71
CA GLY E 252 -43.86 22.38 -13.21
C GLY E 252 -43.07 23.62 -13.54
N ILE E 253 -42.60 23.70 -14.79
CA ILE E 253 -41.79 24.83 -15.22
C ILE E 253 -42.61 26.11 -15.24
N ALA E 254 -43.92 26.00 -15.48
CA ALA E 254 -44.79 27.14 -15.70
C ALA E 254 -45.17 27.81 -14.38
N THR E 255 -45.59 29.06 -14.48
CA THR E 255 -46.21 29.76 -13.37
C THR E 255 -47.60 29.16 -13.12
N PRO E 256 -47.97 28.84 -11.88
CA PRO E 256 -49.33 28.35 -11.62
C PRO E 256 -50.36 29.47 -11.62
N LYS E 257 -51.59 29.10 -11.98
CA LYS E 257 -52.67 30.09 -12.07
C LYS E 257 -53.12 30.55 -10.68
N THR E 258 -52.97 29.70 -9.67
CA THR E 258 -53.33 30.05 -8.31
C THR E 258 -52.33 29.41 -7.35
N ASN E 259 -52.21 30.00 -6.18
CA ASN E 259 -51.30 29.50 -5.17
C ASN E 259 -51.96 28.36 -4.41
N ASP E 260 -51.24 27.81 -3.42
CA ASP E 260 -51.73 26.64 -2.70
C ASP E 260 -53.02 26.92 -1.94
N LYS E 261 -53.32 28.17 -1.63
CA LYS E 261 -54.55 28.54 -0.93
C LYS E 261 -55.67 28.96 -1.86
N GLY E 262 -55.46 28.90 -3.19
CA GLY E 262 -56.44 29.36 -4.14
C GLY E 262 -56.30 30.80 -4.54
N GLY E 263 -55.41 31.55 -3.91
CA GLY E 263 -55.20 32.95 -4.22
C GLY E 263 -54.46 33.15 -5.54
N ALA E 264 -54.28 34.42 -5.87
CA ALA E 264 -53.78 34.77 -7.20
C ALA E 264 -52.29 34.46 -7.35
N LYS E 265 -51.47 34.92 -6.40
CA LYS E 265 -50.02 34.95 -6.57
C LYS E 265 -49.33 34.06 -5.54
N THR E 266 -48.34 33.32 -6.01
CA THR E 266 -47.53 32.48 -5.12
C THR E 266 -46.58 33.35 -4.30
N VAL E 267 -46.10 32.78 -3.19
CA VAL E 267 -45.14 33.48 -2.34
C VAL E 267 -43.90 33.84 -3.15
N MET E 268 -43.34 32.86 -3.86
CA MET E 268 -42.12 33.10 -4.63
C MET E 268 -42.33 34.25 -5.62
N ASP E 269 -43.53 34.37 -6.18
CA ASP E 269 -43.81 35.47 -7.10
C ASP E 269 -43.82 36.80 -6.37
N ARG E 270 -44.33 36.83 -5.13
CA ARG E 270 -44.48 38.09 -4.40
C ARG E 270 -43.17 38.64 -3.86
N VAL E 271 -42.16 37.78 -3.65
CA VAL E 271 -40.85 38.28 -3.27
C VAL E 271 -40.28 39.11 -4.40
N ASP E 272 -39.81 40.31 -4.07
CA ASP E 272 -39.31 41.23 -5.10
C ASP E 272 -37.93 40.83 -5.61
N MET E 273 -37.02 40.48 -4.69
CA MET E 273 -35.66 40.12 -5.05
C MET E 273 -35.27 38.87 -4.28
N ILE E 274 -34.82 37.84 -5.02
CA ILE E 274 -34.32 36.60 -4.44
C ILE E 274 -32.86 36.46 -4.85
N THR E 275 -31.98 36.33 -3.86
CA THR E 275 -30.57 36.07 -4.10
C THR E 275 -30.24 34.63 -3.72
N GLY E 276 -29.29 34.04 -4.44
CA GLY E 276 -28.81 32.71 -4.17
C GLY E 276 -27.36 32.60 -4.61
N THR E 277 -26.78 31.43 -4.36
CA THR E 277 -25.40 31.14 -4.71
C THR E 277 -25.35 29.97 -5.68
N LEU E 278 -24.34 29.98 -6.53
CA LEU E 278 -24.00 28.81 -7.33
C LEU E 278 -22.94 27.97 -6.65
N GLY E 279 -22.51 28.37 -5.46
CA GLY E 279 -21.38 27.78 -4.77
C GLY E 279 -21.68 26.65 -3.81
N LYS E 280 -22.94 26.30 -3.58
CA LYS E 280 -23.24 25.27 -2.60
C LYS E 280 -24.01 24.11 -3.22
N SER E 281 -25.32 24.24 -3.38
CA SER E 281 -26.10 23.11 -3.88
C SER E 281 -25.81 22.85 -5.35
N PHE E 282 -25.56 23.89 -6.13
CA PHE E 282 -25.30 23.78 -7.56
C PHE E 282 -23.84 23.47 -7.86
N GLY E 283 -23.01 23.25 -6.84
CA GLY E 283 -21.68 22.68 -7.02
C GLY E 283 -20.80 23.44 -7.98
N SER E 284 -20.78 24.76 -7.87
CA SER E 284 -20.08 25.65 -8.79
C SER E 284 -19.57 26.83 -7.97
N VAL E 285 -19.29 27.94 -8.63
CA VAL E 285 -19.03 29.20 -7.94
C VAL E 285 -19.87 30.29 -8.60
N GLY E 286 -20.34 31.22 -7.80
CA GLY E 286 -21.02 32.39 -8.33
C GLY E 286 -22.11 32.86 -7.39
N GLY E 287 -22.81 33.91 -7.84
CA GLY E 287 -23.96 34.43 -7.13
C GLY E 287 -24.91 35.07 -8.13
N TYR E 288 -26.16 35.24 -7.70
CA TYR E 288 -27.18 35.75 -8.61
C TYR E 288 -28.32 36.38 -7.83
N VAL E 289 -29.08 37.21 -8.54
CA VAL E 289 -30.35 37.74 -8.05
C VAL E 289 -31.40 37.49 -9.13
N ALA E 290 -32.59 37.10 -8.71
CA ALA E 290 -33.72 36.91 -9.62
C ALA E 290 -34.84 37.85 -9.20
N ALA E 291 -35.40 38.57 -10.16
CA ALA E 291 -36.39 39.61 -9.89
C ALA E 291 -37.13 39.92 -11.19
N SER E 292 -37.93 40.98 -11.17
CA SER E 292 -38.54 41.50 -12.39
C SER E 292 -37.44 41.98 -13.34
N ARG E 293 -37.76 41.98 -14.64
CA ARG E 293 -36.76 42.37 -15.62
C ARG E 293 -36.33 43.82 -15.45
N LYS E 294 -37.21 44.67 -14.92
CA LYS E 294 -36.82 46.06 -14.67
C LYS E 294 -35.79 46.15 -13.57
N LEU E 295 -35.96 45.39 -12.48
CA LEU E 295 -34.94 45.34 -11.44
C LEU E 295 -33.65 44.75 -11.97
N ILE E 296 -33.74 43.71 -12.79
CA ILE E 296 -32.54 43.08 -13.35
C ILE E 296 -31.78 44.07 -14.23
N ASP E 297 -32.50 44.72 -15.15
CA ASP E 297 -31.88 45.73 -16.01
C ASP E 297 -31.34 46.88 -15.18
N TRP E 298 -32.00 47.18 -14.06
CA TRP E 298 -31.53 48.22 -13.15
C TRP E 298 -30.16 47.86 -12.59
N PHE E 299 -30.04 46.69 -11.97
CA PHE E 299 -28.76 46.25 -11.43
C PHE E 299 -27.72 46.14 -12.55
N ARG E 300 -28.10 45.52 -13.66
CA ARG E 300 -27.18 45.36 -14.78
C ARG E 300 -26.56 46.69 -15.19
N SER E 301 -27.37 47.76 -15.18
CA SER E 301 -26.92 49.06 -15.68
C SER E 301 -26.12 49.84 -14.64
N PHE E 302 -26.55 49.83 -13.37
CA PHE E 302 -25.98 50.70 -12.35
C PHE E 302 -25.04 50.05 -11.35
N ALA E 303 -24.87 48.73 -11.35
CA ALA E 303 -24.15 48.08 -10.24
C ALA E 303 -22.67 47.94 -10.60
N PRO E 304 -21.77 48.72 -9.98
CA PRO E 304 -20.35 48.59 -10.33
C PRO E 304 -19.79 47.20 -10.05
N GLY E 305 -20.24 46.55 -8.97
CA GLY E 305 -19.78 45.21 -8.65
C GLY E 305 -20.15 44.17 -9.70
N PHE E 306 -21.16 44.46 -10.52
CA PHE E 306 -21.45 43.65 -11.70
C PHE E 306 -20.62 44.07 -12.91
N ILE E 307 -20.51 45.39 -13.14
CA ILE E 307 -20.02 45.90 -14.42
C ILE E 307 -18.52 45.71 -14.55
N PHE E 308 -17.77 46.07 -13.51
CA PHE E 308 -16.34 46.32 -13.57
C PHE E 308 -15.49 45.10 -13.21
N THR E 309 -16.09 43.91 -13.14
CA THR E 309 -15.34 42.70 -12.84
C THR E 309 -15.41 41.73 -14.02
N THR E 310 -14.39 40.86 -14.11
CA THR E 310 -14.33 39.85 -15.16
C THR E 310 -15.45 38.84 -15.00
N THR E 311 -16.06 38.46 -16.11
CA THR E 311 -17.12 37.46 -16.09
C THR E 311 -16.55 36.12 -15.63
N LEU E 312 -17.39 35.32 -14.97
CA LEU E 312 -16.96 34.03 -14.50
C LEU E 312 -16.57 33.15 -15.70
N PRO E 313 -15.69 32.18 -15.49
CA PRO E 313 -15.32 31.27 -16.58
C PRO E 313 -16.54 30.62 -17.19
N PRO E 314 -16.57 30.44 -18.51
CA PRO E 314 -17.73 29.76 -19.14
C PRO E 314 -17.98 28.36 -18.63
N SER E 315 -16.92 27.58 -18.39
CA SER E 315 -17.09 26.22 -17.90
C SER E 315 -17.75 26.22 -16.53
N VAL E 316 -17.37 27.17 -15.68
CA VAL E 316 -18.01 27.30 -14.37
C VAL E 316 -19.51 27.53 -14.54
N MET E 317 -19.89 28.35 -15.51
CA MET E 317 -21.31 28.60 -15.76
C MET E 317 -21.99 27.37 -16.34
N ALA E 318 -21.33 26.68 -17.27
CA ALA E 318 -21.93 25.48 -17.84
C ALA E 318 -22.10 24.40 -16.78
N GLY E 319 -21.17 24.31 -15.83
CA GLY E 319 -21.31 23.35 -14.75
C GLY E 319 -22.49 23.67 -13.85
N ALA E 320 -22.63 24.93 -13.46
CA ALA E 320 -23.78 25.33 -12.66
C ALA E 320 -25.09 25.07 -13.40
N THR E 321 -25.12 25.37 -14.69
CA THR E 321 -26.34 25.14 -15.47
C THR E 321 -26.71 23.66 -15.51
N ALA E 322 -25.72 22.78 -15.66
CA ALA E 322 -26.00 21.35 -15.64
C ALA E 322 -26.57 20.94 -14.29
N ALA E 323 -26.04 21.50 -13.21
CA ALA E 323 -26.52 21.15 -11.87
C ALA E 323 -27.94 21.65 -11.66
N ILE E 324 -28.24 22.86 -12.12
CA ILE E 324 -29.59 23.41 -11.98
C ILE E 324 -30.59 22.55 -12.75
N ARG E 325 -30.23 22.15 -13.97
CA ARG E 325 -31.16 21.37 -14.78
C ARG E 325 -31.36 19.97 -14.21
N TYR E 326 -30.26 19.32 -13.80
CA TYR E 326 -30.39 18.01 -13.19
C TYR E 326 -31.23 18.07 -11.92
N GLN E 327 -30.88 18.99 -11.01
CA GLN E 327 -31.53 19.03 -9.71
C GLN E 327 -33.00 19.44 -9.82
N ARG E 328 -33.33 20.29 -10.80
CA ARG E 328 -34.73 20.70 -10.97
C ARG E 328 -35.65 19.50 -11.11
N CYS E 329 -35.26 18.53 -11.95
CA CYS E 329 -36.10 17.39 -12.26
C CYS E 329 -35.78 16.13 -11.44
N HIS E 330 -34.83 16.20 -10.51
CA HIS E 330 -34.61 15.10 -9.58
C HIS E 330 -34.99 15.56 -8.17
N ILE E 331 -36.18 15.15 -7.72
CA ILE E 331 -36.59 15.44 -6.35
C ILE E 331 -35.96 14.43 -5.39
N ASP E 332 -35.51 13.30 -5.91
CA ASP E 332 -34.90 12.29 -5.05
C ASP E 332 -33.64 12.80 -4.36
N LEU E 333 -33.02 13.85 -4.90
CA LEU E 333 -31.91 14.49 -4.19
C LEU E 333 -32.39 15.12 -2.89
N ARG E 334 -33.51 15.85 -2.96
CA ARG E 334 -34.03 16.53 -1.77
C ARG E 334 -34.60 15.54 -0.76
N THR E 335 -35.32 14.51 -1.24
CA THR E 335 -35.82 13.50 -0.32
C THR E 335 -34.70 12.66 0.27
N SER E 336 -33.66 12.38 -0.53
CA SER E 336 -32.51 11.65 -0.03
C SER E 336 -31.83 12.42 1.10
N GLN E 337 -31.51 13.70 0.86
CA GLN E 337 -30.86 14.50 1.89
C GLN E 337 -31.71 14.60 3.15
N GLN E 338 -33.01 14.84 2.98
CA GLN E 338 -33.89 14.95 4.14
C GLN E 338 -33.93 13.65 4.92
N LYS E 339 -34.02 12.51 4.22
CA LYS E 339 -34.07 11.23 4.91
C LYS E 339 -32.78 10.95 5.66
N HIS E 340 -31.64 11.31 5.07
CA HIS E 340 -30.36 11.11 5.76
C HIS E 340 -30.25 12.03 6.97
N THR E 341 -30.64 13.30 6.83
CA THR E 341 -30.66 14.21 7.97
C THR E 341 -31.54 13.66 9.09
N MET E 342 -32.76 13.22 8.74
CA MET E 342 -33.65 12.69 9.76
C MET E 342 -33.09 11.42 10.38
N TYR E 343 -32.43 10.59 9.57
CA TYR E 343 -31.78 9.38 10.09
C TYR E 343 -30.76 9.73 11.17
N VAL E 344 -29.87 10.69 10.89
CA VAL E 344 -28.88 11.12 11.87
C VAL E 344 -29.58 11.69 13.11
N LYS E 345 -30.51 12.62 12.89
CA LYS E 345 -31.19 13.26 14.02
C LYS E 345 -31.82 12.23 14.95
N LYS E 346 -32.52 11.25 14.38
CA LYS E 346 -33.17 10.23 15.18
C LYS E 346 -32.17 9.44 16.02
N ALA E 347 -31.08 8.99 15.40
CA ALA E 347 -30.09 8.22 16.14
C ALA E 347 -29.44 9.06 17.23
N PHE E 348 -29.16 10.33 16.95
CA PHE E 348 -28.66 11.23 17.99
C PHE E 348 -29.68 11.38 19.11
N HIS E 349 -30.97 11.39 18.77
CA HIS E 349 -32.01 11.51 19.79
C HIS E 349 -32.03 10.31 20.70
N GLU E 350 -31.95 9.10 20.14
CA GLU E 350 -31.97 7.90 20.94
C GLU E 350 -30.72 7.74 21.80
N LEU E 351 -29.63 8.40 21.44
CA LEU E 351 -28.41 8.37 22.23
C LEU E 351 -28.29 9.56 23.18
N GLY E 352 -29.27 10.46 23.18
CA GLY E 352 -29.16 11.66 23.99
C GLY E 352 -28.12 12.63 23.50
N ILE E 353 -27.76 12.57 22.22
CA ILE E 353 -26.87 13.56 21.62
C ILE E 353 -27.69 14.84 21.39
N PRO E 354 -27.31 15.96 22.01
CA PRO E 354 -28.15 17.16 21.96
C PRO E 354 -28.11 17.91 20.63
N VAL E 355 -29.00 17.56 19.70
CA VAL E 355 -29.17 18.32 18.46
C VAL E 355 -30.15 19.48 18.69
N ILE E 356 -29.75 20.68 18.28
CA ILE E 356 -30.63 21.85 18.37
C ILE E 356 -31.79 21.63 17.42
N PRO E 357 -33.05 21.66 17.89
CA PRO E 357 -34.19 21.34 17.01
C PRO E 357 -34.37 22.41 15.93
N ASN E 358 -34.50 21.95 14.68
CA ASN E 358 -34.78 22.80 13.54
C ASN E 358 -35.57 22.00 12.52
N PRO E 359 -36.43 22.65 11.70
CA PRO E 359 -37.17 21.95 10.64
C PRO E 359 -36.48 21.96 9.29
N SER E 360 -35.18 21.65 9.25
CA SER E 360 -34.39 21.86 8.04
C SER E 360 -33.33 20.77 7.96
N HIS E 361 -32.38 20.97 7.04
CA HIS E 361 -31.38 19.97 6.70
C HIS E 361 -30.15 20.02 7.59
N ILE E 362 -30.10 20.90 8.59
CA ILE E 362 -28.91 21.10 9.40
C ILE E 362 -29.03 20.32 10.69
N VAL E 363 -27.92 19.73 11.12
CA VAL E 363 -27.86 18.98 12.38
C VAL E 363 -26.84 19.63 13.30
N PRO E 364 -27.17 20.77 13.91
CA PRO E 364 -26.25 21.36 14.89
C PRO E 364 -26.26 20.57 16.18
N VAL E 365 -25.07 20.24 16.66
CA VAL E 365 -24.90 19.45 17.88
C VAL E 365 -24.39 20.40 18.94
N LEU E 366 -25.18 20.55 20.01
CA LEU E 366 -24.86 21.49 21.06
C LEU E 366 -23.73 20.95 21.92
N ILE E 367 -22.71 21.78 22.11
CA ILE E 367 -21.60 21.49 23.01
C ILE E 367 -21.69 22.34 24.27
N GLY E 368 -21.67 23.67 24.11
CA GLY E 368 -21.84 24.58 25.21
C GLY E 368 -20.56 25.22 25.69
N ASN E 369 -19.41 24.82 25.15
CA ASN E 369 -18.13 25.37 25.53
C ASN E 369 -17.26 25.42 24.28
N ALA E 370 -16.56 26.55 24.09
CA ALA E 370 -15.74 26.71 22.89
C ALA E 370 -14.60 25.72 22.86
N ASP E 371 -13.86 25.59 23.96
CA ASP E 371 -12.69 24.71 23.96
C ASP E 371 -13.09 23.25 23.82
N LEU E 372 -14.22 22.86 24.43
CA LEU E 372 -14.69 21.48 24.29
C LEU E 372 -15.23 21.21 22.90
N ALA E 373 -15.80 22.22 22.25
CA ALA E 373 -16.24 22.06 20.86
C ALA E 373 -15.05 21.88 19.94
N LYS E 374 -14.03 22.74 20.08
CA LYS E 374 -12.82 22.61 19.27
C LYS E 374 -12.15 21.26 19.53
N GLN E 375 -12.07 20.85 20.79
CA GLN E 375 -11.42 19.59 21.12
C GLN E 375 -12.20 18.40 20.58
N ALA E 376 -13.53 18.46 20.64
CA ALA E 376 -14.35 17.39 20.08
C ALA E 376 -14.12 17.26 18.58
N SER E 377 -14.04 18.39 17.87
CA SER E 377 -13.76 18.35 16.45
C SER E 377 -12.38 17.76 16.17
N ASP E 378 -11.37 18.20 16.93
CA ASP E 378 -10.03 17.67 16.72
C ASP E 378 -10.00 16.16 16.91
N ILE E 379 -10.65 15.66 17.96
CA ILE E 379 -10.72 14.23 18.19
C ILE E 379 -11.45 13.54 17.05
N LEU E 380 -12.53 14.15 16.56
CA LEU E 380 -13.31 13.53 15.50
C LEU E 380 -12.49 13.37 14.23
N ILE E 381 -11.70 14.38 13.88
CA ILE E 381 -10.93 14.30 12.63
C ILE E 381 -9.70 13.42 12.81
N ASN E 382 -8.98 13.58 13.91
CA ASN E 382 -7.73 12.86 14.08
C ASN E 382 -7.95 11.39 14.40
N LYS E 383 -8.80 11.10 15.40
CA LYS E 383 -9.01 9.71 15.82
C LYS E 383 -10.00 8.98 14.91
N HIS E 384 -11.14 9.60 14.63
CA HIS E 384 -12.23 8.93 13.91
C HIS E 384 -12.27 9.23 12.42
N GLN E 385 -11.42 10.13 11.92
CA GLN E 385 -11.44 10.51 10.51
C GLN E 385 -12.80 11.06 10.11
N ILE E 386 -13.36 11.92 10.96
CA ILE E 386 -14.62 12.62 10.71
C ILE E 386 -14.30 14.12 10.78
N TYR E 387 -14.61 14.84 9.72
CA TYR E 387 -14.40 16.29 9.66
C TYR E 387 -15.74 16.98 9.90
N VAL E 388 -15.84 17.66 11.04
CA VAL E 388 -16.98 18.50 11.38
C VAL E 388 -16.41 19.84 11.86
N GLN E 389 -17.01 20.94 11.43
CA GLN E 389 -16.53 22.25 11.85
C GLN E 389 -17.23 22.68 13.14
N ALA E 390 -16.42 23.08 14.12
CA ALA E 390 -16.95 23.61 15.37
C ALA E 390 -17.25 25.10 15.21
N ILE E 391 -18.40 25.52 15.73
CA ILE E 391 -18.88 26.89 15.60
C ILE E 391 -18.77 27.56 16.96
N ASN E 392 -18.13 28.73 16.99
CA ASN E 392 -17.90 29.48 18.22
C ASN E 392 -18.26 30.94 17.99
N PHE E 393 -18.06 31.74 19.04
CA PHE E 393 -18.23 33.19 18.96
C PHE E 393 -17.23 33.77 17.97
N PRO E 394 -17.58 34.88 17.29
CA PRO E 394 -18.84 35.63 17.23
C PRO E 394 -19.99 34.94 16.51
N THR E 395 -19.70 33.92 15.69
CA THR E 395 -20.73 33.31 14.87
C THR E 395 -21.96 32.94 15.69
N VAL E 396 -21.76 32.42 16.90
CA VAL E 396 -22.84 32.07 17.80
C VAL E 396 -22.51 32.62 19.18
N ALA E 397 -23.54 32.77 20.00
CA ALA E 397 -23.36 33.35 21.33
C ALA E 397 -22.49 32.44 22.18
N ARG E 398 -21.64 33.04 23.00
CA ARG E 398 -20.82 32.26 23.91
C ARG E 398 -21.71 31.40 24.79
N GLY E 399 -21.28 30.17 25.03
CA GLY E 399 -22.08 29.19 25.74
C GLY E 399 -22.97 28.34 24.86
N THR E 400 -23.20 28.76 23.62
CA THR E 400 -23.97 27.99 22.65
C THR E 400 -23.11 27.19 21.67
N GLU E 401 -21.79 27.15 21.87
CA GLU E 401 -20.89 26.55 20.88
C GLU E 401 -21.35 25.15 20.50
N ARG E 402 -21.18 24.79 19.22
CA ARG E 402 -21.82 23.63 18.64
C ARG E 402 -20.97 23.08 17.50
N LEU E 403 -21.31 21.85 17.08
CA LEU E 403 -20.70 21.21 15.92
C LEU E 403 -21.74 21.18 14.80
N ARG E 404 -21.39 21.73 13.64
CA ARG E 404 -22.32 21.82 12.52
C ARG E 404 -22.13 20.63 11.60
N ILE E 405 -23.23 19.93 11.30
CA ILE E 405 -23.21 18.74 10.46
C ILE E 405 -24.23 18.90 9.34
N THR E 406 -23.79 18.71 8.09
CA THR E 406 -24.60 18.95 6.90
C THR E 406 -24.67 17.66 6.09
N PRO E 407 -25.67 16.82 6.31
CA PRO E 407 -25.77 15.59 5.52
C PRO E 407 -26.22 15.89 4.09
N THR E 408 -25.78 15.03 3.16
CA THR E 408 -26.09 15.19 1.74
C THR E 408 -26.64 13.88 1.20
N PRO E 409 -27.07 13.83 -0.06
CA PRO E 409 -27.48 12.54 -0.64
C PRO E 409 -26.37 11.52 -0.66
N GLY E 410 -25.11 11.97 -0.59
CA GLY E 410 -23.99 11.06 -0.60
C GLY E 410 -23.69 10.40 0.74
N HIS E 411 -24.24 10.93 1.84
CA HIS E 411 -23.97 10.32 3.14
C HIS E 411 -25.05 9.26 3.33
N THR E 412 -24.68 8.02 3.05
CA THR E 412 -25.54 6.86 3.20
C THR E 412 -25.51 6.35 4.64
N ASN E 413 -26.56 5.61 5.01
CA ASN E 413 -26.69 5.17 6.40
C ASN E 413 -25.45 4.44 6.91
N ASP E 414 -24.69 3.79 6.03
CA ASP E 414 -23.43 3.20 6.47
C ASP E 414 -22.46 4.28 6.95
N LEU E 415 -22.42 5.42 6.25
CA LEU E 415 -21.57 6.53 6.67
C LEU E 415 -22.17 7.22 7.89
N SER E 416 -23.50 7.37 7.93
CA SER E 416 -24.16 7.94 9.10
C SER E 416 -23.90 7.09 10.34
N ASP E 417 -23.92 5.77 10.18
CA ASP E 417 -23.67 4.88 11.33
C ASP E 417 -22.27 5.12 11.90
N ILE E 418 -21.28 5.33 11.03
CA ILE E 418 -19.93 5.63 11.50
C ILE E 418 -19.92 6.96 12.25
N LEU E 419 -20.53 8.00 11.65
CA LEU E 419 -20.59 9.31 12.30
C LEU E 419 -21.26 9.20 13.66
N ILE E 420 -22.39 8.51 13.73
CA ILE E 420 -23.17 8.42 14.97
C ILE E 420 -22.33 7.77 16.06
N ASN E 421 -21.69 6.64 15.75
CA ASN E 421 -20.88 5.95 16.74
C ASN E 421 -19.69 6.81 17.17
N ALA E 422 -19.07 7.52 16.23
CA ALA E 422 -17.92 8.35 16.57
C ALA E 422 -18.33 9.49 17.49
N VAL E 423 -19.37 10.25 17.09
CA VAL E 423 -19.88 11.32 17.96
C VAL E 423 -20.21 10.77 19.33
N ASP E 424 -20.92 9.65 19.37
CA ASP E 424 -21.26 9.02 20.65
C ASP E 424 -20.02 8.70 21.45
N ASP E 425 -18.96 8.23 20.77
CA ASP E 425 -17.71 7.92 21.45
C ASP E 425 -17.05 9.18 22.00
N VAL E 426 -17.03 10.25 21.21
CA VAL E 426 -16.39 11.49 21.64
C VAL E 426 -17.10 12.06 22.86
N PHE E 427 -18.43 12.00 22.88
CA PHE E 427 -19.18 12.51 24.02
C PHE E 427 -18.76 11.84 25.32
N ASN E 428 -18.40 10.56 25.28
CA ASN E 428 -17.94 9.86 26.48
C ASN E 428 -16.52 10.26 26.86
N GLU E 429 -15.63 10.39 25.87
CA GLU E 429 -14.24 10.70 26.17
C GLU E 429 -14.09 12.08 26.82
N LEU E 430 -14.86 13.06 26.36
CA LEU E 430 -14.78 14.41 26.90
C LEU E 430 -15.84 14.70 27.96
N GLN E 431 -16.68 13.73 28.31
CA GLN E 431 -17.70 13.89 29.35
C GLN E 431 -18.72 14.96 28.97
N LEU E 432 -19.02 15.09 27.68
CA LEU E 432 -19.84 16.20 27.22
C LEU E 432 -21.29 16.02 27.66
N PRO E 433 -22.00 17.12 27.91
CA PRO E 433 -23.38 17.00 28.40
C PRO E 433 -24.26 16.31 27.37
N ARG E 434 -25.17 15.47 27.88
CA ARG E 434 -26.20 14.84 27.06
C ARG E 434 -27.48 15.65 27.15
N VAL E 435 -28.51 15.19 26.44
CA VAL E 435 -29.82 15.85 26.49
C VAL E 435 -30.30 15.94 27.93
N ARG E 436 -30.27 14.82 28.66
CA ARG E 436 -30.73 14.83 30.04
C ARG E 436 -30.00 15.86 30.87
N ASP E 437 -28.71 16.07 30.59
CA ASP E 437 -27.93 17.03 31.36
C ASP E 437 -28.38 18.46 31.08
N TRP E 438 -28.62 18.80 29.80
CA TRP E 438 -29.17 20.11 29.48
C TRP E 438 -30.58 20.27 30.03
N GLU E 439 -31.32 19.17 30.14
CA GLU E 439 -32.66 19.22 30.70
C GLU E 439 -32.65 19.59 32.18
N SER E 440 -31.62 19.17 32.92
CA SER E 440 -31.52 19.49 34.33
C SER E 440 -31.19 20.96 34.56
N GLN E 441 -30.49 21.59 33.63
CA GLN E 441 -30.12 23.00 33.73
C GLN E 441 -31.16 23.92 33.11
N GLY E 442 -32.31 23.38 32.69
CA GLY E 442 -33.40 24.17 32.16
C GLY E 442 -33.51 24.16 30.66
N GLY E 443 -32.53 23.58 29.97
CA GLY E 443 -32.52 23.55 28.53
C GLY E 443 -31.84 24.76 27.92
N LEU E 444 -31.42 24.59 26.68
CA LEU E 444 -30.86 25.69 25.90
C LEU E 444 -31.26 25.50 24.45
N LEU E 445 -31.70 26.59 23.83
CA LEU E 445 -32.02 26.61 22.40
C LEU E 445 -32.91 25.43 22.00
N GLY E 446 -33.90 25.13 22.84
CA GLY E 446 -34.84 24.08 22.54
C GLY E 446 -34.37 22.69 22.88
N VAL E 447 -33.13 22.53 23.33
CA VAL E 447 -32.61 21.23 23.77
C VAL E 447 -32.95 21.07 25.25
N GLY E 448 -33.71 20.04 25.58
CA GLY E 448 -34.03 19.75 26.97
C GLY E 448 -34.85 20.84 27.64
N GLU E 449 -35.73 21.48 26.89
CA GLU E 449 -36.55 22.58 27.40
C GLU E 449 -37.95 22.08 27.69
N SER E 450 -38.41 22.28 28.91
CA SER E 450 -39.73 21.80 29.33
C SER E 450 -40.81 22.40 28.46
N GLY E 451 -41.64 21.54 27.87
CA GLY E 451 -42.80 22.00 27.12
C GLY E 451 -42.49 22.73 25.85
N PHE E 452 -41.31 22.52 25.27
CA PHE E 452 -40.93 23.20 24.05
C PHE E 452 -41.44 22.41 22.86
N VAL E 453 -42.18 23.08 21.97
CA VAL E 453 -42.79 22.44 20.81
C VAL E 453 -41.91 22.69 19.60
N GLU E 454 -41.39 21.60 19.02
CA GLU E 454 -40.46 21.70 17.90
C GLU E 454 -41.23 22.02 16.62
N GLU E 455 -40.70 22.95 15.84
CA GLU E 455 -41.27 23.24 14.52
C GLU E 455 -41.26 21.98 13.67
N SER E 456 -42.38 21.68 13.03
CA SER E 456 -42.46 20.51 12.17
C SER E 456 -41.61 20.71 10.92
N ASN E 457 -41.11 19.60 10.39
CA ASN E 457 -40.21 19.66 9.25
C ASN E 457 -40.86 20.34 8.06
N LEU E 458 -40.09 21.16 7.36
CA LEU E 458 -40.58 21.76 6.13
C LEU E 458 -40.99 20.69 5.15
N TRP E 459 -40.28 19.57 5.13
CA TRP E 459 -40.60 18.46 4.25
C TRP E 459 -41.54 17.51 5.01
N THR E 460 -42.80 17.48 4.57
CA THR E 460 -43.80 16.61 5.16
C THR E 460 -43.58 15.16 4.69
N SER E 461 -44.18 14.23 5.44
CA SER E 461 -44.14 12.82 5.04
C SER E 461 -44.70 12.63 3.63
N SER E 462 -45.76 13.35 3.29
CA SER E 462 -46.32 13.25 1.94
C SER E 462 -45.30 13.70 0.91
N GLN E 463 -44.57 14.78 1.18
CA GLN E 463 -43.59 15.29 0.23
C GLN E 463 -42.37 14.38 0.15
N LEU E 464 -41.98 13.77 1.29
CA LEU E 464 -40.82 12.89 1.29
C LEU E 464 -41.08 11.58 0.56
N SER E 465 -42.34 11.23 0.32
CA SER E 465 -42.66 10.02 -0.42
C SER E 465 -42.63 10.22 -1.93
N LEU E 466 -42.60 11.47 -2.39
CA LEU E 466 -42.64 11.76 -3.82
C LEU E 466 -41.38 11.22 -4.50
N THR E 467 -41.54 10.85 -5.77
CA THR E 467 -40.43 10.39 -6.61
C THR E 467 -40.32 11.31 -7.82
N ASN E 468 -39.33 11.02 -8.69
CA ASN E 468 -39.16 11.82 -9.89
C ASN E 468 -40.33 11.67 -10.86
N ASP E 469 -41.09 10.58 -10.77
CA ASP E 469 -42.26 10.41 -11.62
C ASP E 469 -43.40 11.32 -11.21
N ASP E 470 -43.37 11.86 -9.99
CA ASP E 470 -44.42 12.74 -9.50
C ASP E 470 -44.21 14.19 -9.94
N LEU E 471 -43.10 14.51 -10.59
CA LEU E 471 -42.86 15.84 -11.13
C LEU E 471 -43.47 15.98 -12.51
N ASN E 472 -43.88 17.20 -12.83
CA ASN E 472 -44.42 17.49 -14.16
C ASN E 472 -43.37 17.15 -15.22
N PRO E 473 -43.74 16.46 -16.30
CA PRO E 473 -42.73 16.09 -17.31
C PRO E 473 -42.03 17.28 -17.95
N ASN E 474 -42.59 18.49 -17.86
CA ASN E 474 -42.00 19.64 -18.53
C ASN E 474 -40.74 20.16 -17.84
N VAL E 475 -40.43 19.68 -16.63
CA VAL E 475 -39.19 20.08 -15.97
C VAL E 475 -38.01 19.20 -16.33
N ARG E 476 -38.22 18.10 -17.04
CA ARG E 476 -37.13 17.26 -17.54
C ARG E 476 -36.78 17.70 -18.95
N ASP E 477 -35.49 17.94 -19.19
CA ASP E 477 -34.98 18.40 -20.48
C ASP E 477 -35.84 19.52 -21.05
N PRO E 478 -36.06 20.61 -20.29
CA PRO E 478 -36.81 21.74 -20.85
C PRO E 478 -35.96 22.57 -21.79
N ILE E 479 -36.62 23.23 -22.72
CA ILE E 479 -35.97 24.20 -23.61
C ILE E 479 -36.14 25.58 -22.98
N VAL E 480 -35.04 26.14 -22.49
CA VAL E 480 -35.07 27.41 -21.77
C VAL E 480 -34.55 28.48 -22.73
N LYS E 481 -35.44 29.37 -23.16
CA LYS E 481 -35.05 30.45 -24.05
C LYS E 481 -34.23 31.48 -23.29
N GLN E 482 -33.26 32.06 -23.98
CA GLN E 482 -32.43 33.11 -23.40
C GLN E 482 -33.27 34.36 -23.19
N LEU E 483 -32.78 35.24 -22.32
CA LEU E 483 -33.52 36.43 -21.94
C LEU E 483 -32.90 37.65 -22.62
N GLU E 484 -33.76 38.56 -23.09
CA GLU E 484 -33.29 39.79 -23.68
C GLU E 484 -32.59 40.67 -22.65
N VAL E 485 -33.14 40.76 -21.44
CA VAL E 485 -32.59 41.65 -20.43
C VAL E 485 -31.14 41.30 -20.08
N SER E 486 -30.73 40.05 -20.32
CA SER E 486 -29.33 39.69 -20.10
C SER E 486 -28.39 40.47 -20.99
N SER E 487 -28.81 40.78 -22.22
CA SER E 487 -28.02 41.59 -23.15
C SER E 487 -28.42 43.05 -23.16
N GLY E 488 -29.43 43.44 -22.41
CA GLY E 488 -30.03 44.75 -22.52
C GLY E 488 -31.26 44.71 -23.41
N ILE E 489 -32.23 45.55 -23.08
CA ILE E 489 -33.55 45.54 -23.71
C ILE E 489 -33.61 46.65 -24.76
N LYS E 490 -34.03 46.29 -25.98
CA LYS E 490 -34.26 47.28 -27.01
C LYS E 490 -35.59 47.98 -26.74
N GLN E 491 -35.59 49.30 -26.88
CA GLN E 491 -36.73 50.11 -26.47
C GLN E 491 -37.37 50.81 -27.66
N GLU F 11 -53.48 55.67 1.83
CA GLU F 11 -52.18 56.11 1.33
C GLU F 11 -51.70 55.19 0.21
N SER F 12 -50.70 55.66 -0.54
CA SER F 12 -50.10 54.90 -1.61
C SER F 12 -48.61 54.71 -1.32
N GLY F 13 -48.06 53.59 -1.77
CA GLY F 13 -46.65 53.34 -1.57
C GLY F 13 -45.78 54.12 -2.54
N PHE F 14 -44.49 54.17 -2.21
CA PHE F 14 -43.52 54.80 -3.10
C PHE F 14 -43.56 54.11 -4.46
N ASP F 15 -43.35 54.89 -5.51
CA ASP F 15 -43.37 54.34 -6.86
C ASP F 15 -41.94 53.92 -7.15
N TYR F 16 -41.68 52.60 -7.08
CA TYR F 16 -40.35 52.08 -7.30
C TYR F 16 -40.06 51.91 -8.79
N GLU F 17 -41.03 51.39 -9.53
CA GLU F 17 -40.85 51.20 -10.97
C GLU F 17 -40.67 52.53 -11.68
N GLY F 18 -41.37 53.57 -11.20
CA GLY F 18 -41.16 54.90 -11.77
C GLY F 18 -39.73 55.38 -11.58
N LEU F 19 -39.18 55.20 -10.39
CA LEU F 19 -37.80 55.60 -10.15
C LEU F 19 -36.84 54.86 -11.06
N ILE F 20 -37.00 53.54 -11.16
CA ILE F 20 -36.13 52.74 -12.02
C ILE F 20 -36.27 53.18 -13.47
N ASP F 21 -37.50 53.43 -13.92
CA ASP F 21 -37.72 53.79 -15.31
C ASP F 21 -37.05 55.10 -15.66
N SER F 22 -37.18 56.11 -14.80
CA SER F 22 -36.54 57.40 -15.08
C SER F 22 -35.03 57.26 -15.20
N GLU F 23 -34.42 56.49 -14.29
CA GLU F 23 -32.98 56.34 -14.30
C GLU F 23 -32.50 55.57 -15.53
N LEU F 24 -33.18 54.46 -15.86
CA LEU F 24 -32.84 53.75 -17.08
C LEU F 24 -33.11 54.58 -18.32
N GLN F 25 -34.13 55.43 -18.29
CA GLN F 25 -34.41 56.28 -19.45
C GLN F 25 -33.32 57.31 -19.64
N LYS F 26 -32.75 57.82 -18.55
CA LYS F 26 -31.66 58.79 -18.67
C LYS F 26 -30.47 58.18 -19.39
N LYS F 27 -30.17 56.89 -19.12
CA LYS F 27 -29.07 56.25 -19.82
C LYS F 27 -29.38 56.03 -21.29
N ARG F 28 -30.67 55.87 -21.64
CA ARG F 28 -31.03 55.76 -23.04
C ARG F 28 -30.90 57.11 -23.76
N LEU F 29 -31.20 58.20 -23.07
CA LEU F 29 -31.10 59.52 -23.68
C LEU F 29 -29.65 59.86 -23.99
N ASP F 30 -28.75 59.67 -23.03
CA ASP F 30 -27.35 60.03 -23.21
C ASP F 30 -26.55 58.94 -23.94
N LYS F 31 -27.21 57.88 -24.39
CA LYS F 31 -26.59 56.82 -25.18
C LYS F 31 -25.55 56.03 -24.40
N SER F 32 -25.63 56.04 -23.08
CA SER F 32 -24.75 55.21 -22.25
C SER F 32 -25.40 53.88 -21.86
N TYR F 33 -26.68 53.68 -22.18
CA TYR F 33 -27.31 52.39 -21.98
C TYR F 33 -26.60 51.37 -22.86
N ARG F 34 -26.28 50.22 -22.29
CA ARG F 34 -25.35 49.29 -22.91
C ARG F 34 -26.09 48.09 -23.46
N TYR F 35 -25.61 47.59 -24.60
CA TYR F 35 -26.10 46.36 -25.21
C TYR F 35 -24.93 45.40 -25.31
N PHE F 36 -25.02 44.29 -24.60
CA PHE F 36 -23.94 43.31 -24.62
C PHE F 36 -24.01 42.48 -25.89
N ASN F 37 -22.84 42.15 -26.43
CA ASN F 37 -22.74 41.35 -27.64
C ASN F 37 -22.44 39.91 -27.26
N ASN F 38 -23.08 38.98 -27.96
CA ASN F 38 -22.82 37.56 -27.74
C ASN F 38 -21.51 37.23 -28.45
N ILE F 39 -20.49 36.89 -27.67
CA ILE F 39 -19.16 36.63 -28.19
C ILE F 39 -18.65 35.38 -27.48
N ASN F 40 -18.45 34.32 -28.25
CA ASN F 40 -18.01 33.04 -27.71
C ASN F 40 -16.61 32.78 -28.28
N ARG F 41 -15.60 32.91 -27.42
CA ARG F 41 -14.22 32.78 -27.88
C ARG F 41 -13.87 31.32 -28.02
N LEU F 42 -13.26 30.97 -29.15
CA LEU F 42 -12.96 29.59 -29.48
C LEU F 42 -11.54 29.29 -28.99
N ALA F 43 -11.42 28.42 -28.00
CA ALA F 43 -10.11 28.01 -27.53
C ALA F 43 -9.27 27.39 -28.64
N LYS F 44 -9.91 26.67 -29.56
CA LYS F 44 -9.17 26.02 -30.63
C LYS F 44 -8.82 26.99 -31.77
N GLU F 45 -9.61 28.05 -31.96
CA GLU F 45 -9.48 28.95 -33.09
C GLU F 45 -8.87 30.33 -32.78
N PHE F 46 -8.30 30.54 -31.60
CA PHE F 46 -7.91 31.89 -31.14
C PHE F 46 -7.18 32.72 -32.21
N PRO F 47 -7.44 34.04 -32.26
CA PRO F 47 -8.41 34.82 -31.48
C PRO F 47 -9.78 34.95 -32.14
N LEU F 48 -10.32 33.84 -32.63
CA LEU F 48 -11.65 33.85 -33.23
C LEU F 48 -12.72 33.68 -32.17
N ALA F 49 -13.93 34.16 -32.50
CA ALA F 49 -15.12 33.91 -31.70
C ALA F 49 -16.32 33.85 -32.62
N HIS F 50 -17.37 33.18 -32.16
CA HIS F 50 -18.63 33.12 -32.89
C HIS F 50 -19.73 33.81 -32.10
N ARG F 51 -20.74 34.28 -32.83
CA ARG F 51 -21.92 34.93 -32.28
C ARG F 51 -22.96 33.85 -31.99
N GLN F 52 -24.22 34.23 -31.74
CA GLN F 52 -25.19 33.22 -31.34
C GLN F 52 -25.27 32.07 -32.32
N ARG F 53 -25.06 32.35 -33.61
CA ARG F 53 -24.87 31.29 -34.61
C ARG F 53 -23.39 30.89 -34.64
N GLU F 54 -23.13 29.59 -34.55
CA GLU F 54 -21.74 29.11 -34.60
C GLU F 54 -21.11 29.41 -35.96
N ALA F 55 -21.91 29.50 -37.02
CA ALA F 55 -21.37 29.72 -38.35
C ALA F 55 -20.80 31.13 -38.49
N ASP F 56 -21.34 32.11 -37.77
CA ASP F 56 -20.85 33.48 -37.90
C ASP F 56 -19.64 33.64 -36.99
N LYS F 57 -18.47 33.84 -37.60
CA LYS F 57 -17.22 33.94 -36.87
C LYS F 57 -16.69 35.37 -37.00
N VAL F 58 -16.03 35.83 -35.94
CA VAL F 58 -15.42 37.15 -35.91
C VAL F 58 -14.05 37.03 -35.25
N THR F 59 -13.18 37.99 -35.55
CA THR F 59 -11.86 38.06 -34.95
C THR F 59 -11.91 39.07 -33.80
N VAL F 60 -11.50 38.62 -32.61
CA VAL F 60 -11.66 39.43 -31.40
C VAL F 60 -10.38 40.24 -31.20
N TRP F 61 -10.47 41.56 -31.41
CA TRP F 61 -9.36 42.47 -31.19
C TRP F 61 -9.43 43.28 -29.90
N CYS F 62 -10.52 43.23 -29.15
CA CYS F 62 -10.64 44.01 -27.92
C CYS F 62 -10.48 43.22 -26.62
N SER F 63 -10.23 41.91 -26.68
CA SER F 63 -10.26 41.12 -25.46
C SER F 63 -9.08 41.45 -24.55
N ASN F 64 -9.31 41.27 -23.25
CA ASN F 64 -8.29 41.48 -22.23
C ASN F 64 -7.48 40.23 -21.95
N ASP F 65 -7.66 39.17 -22.73
CA ASP F 65 -6.84 37.98 -22.55
C ASP F 65 -5.59 38.30 -23.36
N TYR F 66 -4.57 38.80 -22.66
CA TYR F 66 -3.50 39.51 -23.33
C TYR F 66 -2.47 38.57 -23.92
N LEU F 67 -2.17 37.50 -23.19
CA LEU F 67 -1.21 36.50 -23.62
C LEU F 67 -1.86 35.30 -24.26
N ALA F 68 -3.18 35.30 -24.41
CA ALA F 68 -3.91 34.16 -24.95
C ALA F 68 -3.74 32.92 -24.09
N LEU F 69 -3.44 33.09 -22.81
CA LEU F 69 -3.23 31.95 -21.93
C LEU F 69 -4.53 31.27 -21.51
N SER F 70 -5.68 31.89 -21.79
CA SER F 70 -6.95 31.26 -21.45
C SER F 70 -7.09 29.91 -22.13
N LYS F 71 -6.59 29.79 -23.36
CA LYS F 71 -6.66 28.55 -24.13
C LYS F 71 -5.36 27.73 -24.11
N HIS F 72 -4.34 28.14 -23.35
CA HIS F 72 -3.05 27.46 -23.42
C HIS F 72 -3.15 26.03 -22.89
N PRO F 73 -2.39 25.09 -23.48
CA PRO F 73 -2.48 23.69 -23.03
C PRO F 73 -2.28 23.47 -21.53
N GLU F 74 -1.27 24.10 -20.93
CA GLU F 74 -0.98 23.84 -19.52
C GLU F 74 -2.07 24.41 -18.62
N VAL F 75 -2.78 25.44 -19.07
CA VAL F 75 -3.94 25.92 -18.35
C VAL F 75 -5.10 24.95 -18.50
N LEU F 76 -5.41 24.55 -19.74
CA LEU F 76 -6.50 23.61 -19.98
C LEU F 76 -6.21 22.26 -19.35
N ASP F 77 -4.96 21.82 -19.39
CA ASP F 77 -4.62 20.55 -18.76
C ASP F 77 -4.79 20.63 -17.25
N ALA F 78 -4.41 21.75 -16.65
CA ALA F 78 -4.55 21.90 -15.20
C ALA F 78 -6.01 21.85 -14.78
N MET F 79 -6.90 22.43 -15.58
CA MET F 79 -8.33 22.43 -15.24
C MET F 79 -8.91 21.04 -15.34
N HIS F 80 -8.69 20.37 -16.47
CA HIS F 80 -9.25 19.04 -16.68
C HIS F 80 -8.81 18.08 -15.58
N LYS F 81 -7.50 18.02 -15.31
CA LYS F 81 -7.00 17.12 -14.28
C LYS F 81 -7.51 17.52 -12.90
N THR F 82 -7.59 18.83 -12.63
CA THR F 82 -8.05 19.28 -11.32
C THR F 82 -9.54 19.05 -11.13
N ILE F 83 -10.31 19.07 -12.22
CA ILE F 83 -11.73 18.76 -12.13
C ILE F 83 -11.92 17.29 -11.78
N ASP F 84 -11.18 16.41 -12.46
CA ASP F 84 -11.30 14.98 -12.20
C ASP F 84 -11.05 14.68 -10.72
N LYS F 85 -10.04 15.31 -10.13
CA LYS F 85 -9.71 15.03 -8.74
C LYS F 85 -10.64 15.78 -7.78
N TYR F 86 -10.79 17.09 -7.96
CA TYR F 86 -11.54 17.91 -7.02
C TYR F 86 -13.00 18.16 -7.39
N GLY F 87 -13.42 17.84 -8.61
CA GLY F 87 -14.76 18.22 -9.05
C GLY F 87 -14.81 19.69 -9.48
N CYS F 88 -16.00 20.28 -9.32
CA CYS F 88 -16.23 21.65 -9.81
C CYS F 88 -16.00 22.69 -8.71
N GLY F 89 -16.91 22.78 -7.75
CA GLY F 89 -16.86 23.83 -6.75
C GLY F 89 -15.67 23.79 -5.80
N ASN F 100 -7.08 24.56 1.24
CA ASN F 100 -6.65 23.36 0.52
C ASN F 100 -5.33 23.61 -0.22
N ILE F 101 -4.82 22.58 -0.89
CA ILE F 101 -3.56 22.73 -1.63
C ILE F 101 -3.67 23.75 -2.74
N PRO F 102 -4.71 23.75 -3.58
CA PRO F 102 -4.75 24.71 -4.71
C PRO F 102 -4.66 26.17 -4.30
N THR F 103 -5.18 26.54 -3.12
CA THR F 103 -5.07 27.93 -2.70
C THR F 103 -3.64 28.30 -2.34
N LEU F 104 -2.94 27.41 -1.62
CA LEU F 104 -1.56 27.71 -1.25
C LEU F 104 -0.66 27.75 -2.47
N ASN F 105 -0.83 26.80 -3.39
CA ASN F 105 -0.02 26.81 -4.60
C ASN F 105 -0.18 28.12 -5.37
N LEU F 106 -1.43 28.58 -5.51
CA LEU F 106 -1.68 29.82 -6.24
C LEU F 106 -1.14 31.03 -5.49
N GLU F 107 -1.39 31.09 -4.17
CA GLU F 107 -0.89 32.22 -3.40
C GLU F 107 0.63 32.23 -3.34
N ALA F 108 1.26 31.06 -3.35
CA ALA F 108 2.72 30.99 -3.36
C ALA F 108 3.28 31.50 -4.68
N GLU F 109 2.65 31.12 -5.81
CA GLU F 109 3.14 31.56 -7.11
C GLU F 109 2.96 33.07 -7.29
N LEU F 110 1.88 33.62 -6.77
CA LEU F 110 1.68 35.06 -6.87
C LEU F 110 2.69 35.81 -6.01
N ALA F 111 2.96 35.31 -4.81
CA ALA F 111 4.02 35.89 -3.98
C ALA F 111 5.37 35.76 -4.66
N THR F 112 5.65 34.60 -5.26
CA THR F 112 6.90 34.40 -5.97
C THR F 112 7.04 35.40 -7.12
N LEU F 113 5.97 35.59 -7.89
CA LEU F 113 6.04 36.48 -9.04
C LEU F 113 6.46 37.89 -8.63
N HIS F 114 5.84 38.43 -7.60
CA HIS F 114 6.12 39.78 -7.14
C HIS F 114 7.25 39.84 -6.11
N LYS F 115 7.87 38.72 -5.78
CA LYS F 115 8.93 38.68 -4.79
C LYS F 115 8.50 39.38 -3.51
N LYS F 116 7.31 39.00 -3.05
CA LYS F 116 6.74 39.45 -1.80
C LYS F 116 6.64 38.27 -0.85
N GLU F 117 6.63 38.57 0.45
CA GLU F 117 6.62 37.52 1.45
C GLU F 117 5.38 36.64 1.33
N GLY F 118 4.25 37.20 0.89
CA GLY F 118 3.04 36.42 0.74
C GLY F 118 2.06 37.10 -0.20
N ALA F 119 1.00 36.35 -0.52
CA ALA F 119 -0.08 36.86 -1.36
C ALA F 119 -1.39 36.24 -0.91
N LEU F 120 -2.47 36.97 -1.14
CA LEU F 120 -3.81 36.59 -0.71
C LEU F 120 -4.75 36.68 -1.91
N VAL F 121 -5.49 35.60 -2.16
CA VAL F 121 -6.40 35.51 -3.31
C VAL F 121 -7.80 35.93 -2.90
N PHE F 122 -8.50 36.58 -3.83
CA PHE F 122 -9.90 36.96 -3.66
C PHE F 122 -10.68 36.52 -4.90
N SER F 123 -12.01 36.55 -4.80
CA SER F 123 -12.84 36.15 -5.93
C SER F 123 -12.52 36.96 -7.18
N SER F 124 -12.15 38.22 -7.01
CA SER F 124 -11.82 39.07 -8.14
C SER F 124 -10.95 40.22 -7.63
N CYS F 125 -10.30 40.91 -8.56
CA CYS F 125 -9.50 42.06 -8.14
C CYS F 125 -10.37 43.23 -7.72
N TYR F 126 -11.57 43.36 -8.29
CA TYR F 126 -12.53 44.34 -7.80
C TYR F 126 -12.75 44.15 -6.30
N VAL F 127 -12.92 42.90 -5.87
CA VAL F 127 -13.08 42.59 -4.46
C VAL F 127 -11.80 42.87 -3.70
N ALA F 128 -10.65 42.50 -4.28
CA ALA F 128 -9.37 42.70 -3.59
C ALA F 128 -9.13 44.18 -3.32
N ASN F 129 -9.36 45.04 -4.31
CA ASN F 129 -9.23 46.47 -4.11
C ASN F 129 -10.21 46.96 -3.05
N ASP F 130 -11.47 46.54 -3.15
CA ASP F 130 -12.48 46.97 -2.19
C ASP F 130 -12.16 46.50 -0.78
N ALA F 131 -11.70 45.25 -0.63
CA ALA F 131 -11.38 44.73 0.69
C ALA F 131 -10.18 45.43 1.29
N VAL F 132 -9.08 45.54 0.53
CA VAL F 132 -7.86 46.12 1.07
C VAL F 132 -8.06 47.59 1.39
N LEU F 133 -8.57 48.37 0.43
CA LEU F 133 -8.74 49.80 0.66
C LEU F 133 -9.71 50.05 1.82
N SER F 134 -10.79 49.27 1.89
CA SER F 134 -11.73 49.42 2.99
C SER F 134 -11.06 49.16 4.33
N LEU F 135 -10.25 48.11 4.42
CA LEU F 135 -9.65 47.74 5.70
C LEU F 135 -8.62 48.77 6.14
N LEU F 136 -7.88 49.36 5.20
CA LEU F 136 -6.96 50.43 5.58
C LEU F 136 -7.71 51.59 6.21
N GLY F 137 -8.87 51.94 5.65
CA GLY F 137 -9.63 53.05 6.18
C GLY F 137 -10.32 52.74 7.49
N GLN F 138 -10.74 51.49 7.70
CA GLN F 138 -11.38 51.13 8.96
C GLN F 138 -10.35 51.16 10.09
N LYS F 139 -9.17 50.57 9.86
CA LYS F 139 -8.19 50.45 10.94
C LYS F 139 -7.50 51.76 11.26
N MET F 140 -7.26 52.61 10.27
CA MET F 140 -6.72 53.95 10.50
C MET F 140 -7.78 54.95 10.05
N LYS F 141 -8.43 55.61 11.01
CA LYS F 141 -9.45 56.57 10.68
C LYS F 141 -8.85 57.92 10.30
N ASP F 142 -7.64 58.22 10.79
CA ASP F 142 -6.94 59.43 10.41
C ASP F 142 -6.34 59.37 9.01
N LEU F 143 -6.41 58.21 8.37
CA LEU F 143 -5.76 58.03 7.07
C LEU F 143 -6.22 59.08 6.08
N VAL F 144 -5.29 59.54 5.27
CA VAL F 144 -5.59 60.41 4.13
C VAL F 144 -5.17 59.65 2.88
N ILE F 145 -6.10 59.50 1.94
CA ILE F 145 -5.86 58.75 0.72
C ILE F 145 -5.66 59.73 -0.43
N PHE F 146 -4.60 59.52 -1.19
CA PHE F 146 -4.29 60.34 -2.36
C PHE F 146 -4.42 59.44 -3.58
N SER F 147 -5.38 59.77 -4.46
CA SER F 147 -5.84 58.85 -5.50
C SER F 147 -5.77 59.50 -6.87
N ASP F 148 -5.15 58.81 -7.82
CA ASP F 148 -5.08 59.30 -9.20
C ASP F 148 -6.48 59.39 -9.80
N GLU F 149 -6.74 60.48 -10.51
CA GLU F 149 -8.09 60.76 -11.00
C GLU F 149 -8.62 59.67 -11.92
N LEU F 150 -7.75 58.89 -12.55
CA LEU F 150 -8.15 57.85 -13.48
C LEU F 150 -8.23 56.46 -12.87
N ASN F 151 -8.08 56.34 -11.54
CA ASN F 151 -8.10 55.04 -10.90
C ASN F 151 -9.39 54.30 -11.24
N HIS F 152 -9.29 52.98 -11.29
CA HIS F 152 -10.40 52.12 -11.68
C HIS F 152 -11.56 52.23 -10.70
N ALA F 153 -12.76 51.92 -11.20
CA ALA F 153 -13.96 52.02 -10.38
C ALA F 153 -13.83 51.23 -9.08
N SER F 154 -13.22 50.05 -9.16
CA SER F 154 -13.02 49.25 -7.95
C SER F 154 -12.21 50.02 -6.91
N MET F 155 -11.22 50.79 -7.35
CA MET F 155 -10.42 51.57 -6.41
C MET F 155 -11.21 52.75 -5.87
N ILE F 156 -12.01 53.40 -6.71
CA ILE F 156 -12.85 54.50 -6.25
C ILE F 156 -13.82 54.00 -5.18
N VAL F 157 -14.47 52.87 -5.44
CA VAL F 157 -15.42 52.29 -4.50
C VAL F 157 -14.73 51.96 -3.18
N GLY F 158 -13.57 51.29 -3.26
CA GLY F 158 -12.84 50.97 -2.04
C GLY F 158 -12.46 52.18 -1.23
N ILE F 159 -12.05 53.27 -1.90
CA ILE F 159 -11.71 54.49 -1.18
C ILE F 159 -12.94 55.07 -0.50
N LYS F 160 -14.07 55.09 -1.20
CA LYS F 160 -15.31 55.52 -0.58
C LYS F 160 -15.63 54.66 0.64
N HIS F 161 -15.55 53.33 0.49
CA HIS F 161 -15.80 52.44 1.62
C HIS F 161 -14.79 52.65 2.75
N ALA F 162 -13.58 53.11 2.41
CA ALA F 162 -12.60 53.39 3.46
C ALA F 162 -13.09 54.47 4.41
N ASN F 163 -13.95 55.37 3.94
CA ASN F 163 -14.57 56.39 4.76
C ASN F 163 -13.51 57.22 5.50
N VAL F 164 -12.57 57.76 4.73
CA VAL F 164 -11.52 58.61 5.26
C VAL F 164 -11.36 59.81 4.32
N LYS F 165 -10.61 60.80 4.78
CA LYS F 165 -10.34 61.96 3.94
C LYS F 165 -9.55 61.52 2.72
N LYS F 166 -9.94 62.04 1.56
CA LYS F 166 -9.28 61.68 0.31
C LYS F 166 -9.02 62.92 -0.52
N HIS F 167 -7.95 62.87 -1.30
CA HIS F 167 -7.62 63.93 -2.25
C HIS F 167 -7.36 63.30 -3.61
N ILE F 168 -8.02 63.81 -4.63
CA ILE F 168 -7.87 63.35 -6.00
C ILE F 168 -6.90 64.29 -6.72
N PHE F 169 -5.78 63.76 -7.19
CA PHE F 169 -4.81 64.54 -7.94
C PHE F 169 -4.95 64.27 -9.43
N LYS F 170 -4.70 65.30 -10.22
CA LYS F 170 -4.81 65.18 -11.67
C LYS F 170 -3.90 64.06 -12.17
N HIS F 171 -4.31 63.45 -13.28
CA HIS F 171 -3.72 62.18 -13.71
C HIS F 171 -2.21 62.32 -13.93
N ASN F 172 -1.45 61.45 -13.26
CA ASN F 172 0.00 61.38 -13.42
C ASN F 172 0.69 62.71 -13.17
N ASP F 173 0.07 63.60 -12.39
CA ASP F 173 0.69 64.86 -12.02
C ASP F 173 1.38 64.63 -10.69
N LEU F 174 2.71 64.54 -10.74
CA LEU F 174 3.49 64.31 -9.52
C LEU F 174 3.75 65.59 -8.76
N ASN F 175 3.77 66.73 -9.46
CA ASN F 175 3.86 68.01 -8.77
C ASN F 175 2.68 68.19 -7.83
N GLU F 176 1.46 68.05 -8.35
CA GLU F 176 0.28 68.23 -7.51
C GLU F 176 0.25 67.22 -6.37
N LEU F 177 0.62 65.97 -6.65
CA LEU F 177 0.64 64.97 -5.59
C LEU F 177 1.56 65.40 -4.45
N GLU F 178 2.74 65.93 -4.77
CA GLU F 178 3.69 66.29 -3.73
C GLU F 178 3.16 67.42 -2.86
N GLN F 179 2.54 68.44 -3.46
CA GLN F 179 2.05 69.55 -2.67
C GLN F 179 0.88 69.14 -1.79
N LEU F 180 0.05 68.21 -2.25
CA LEU F 180 -0.99 67.66 -1.38
C LEU F 180 -0.37 66.91 -0.21
N LEU F 181 0.70 66.14 -0.46
CA LEU F 181 1.39 65.45 0.62
C LEU F 181 2.09 66.42 1.56
N GLN F 182 2.54 67.57 1.04
CA GLN F 182 3.25 68.55 1.88
C GLN F 182 2.32 69.19 2.90
N SER F 183 1.03 69.32 2.58
CA SER F 183 0.08 70.00 3.46
C SER F 183 -0.16 69.27 4.77
N TYR F 184 0.37 68.07 4.94
CA TYR F 184 0.17 67.31 6.16
C TYR F 184 1.51 67.04 6.84
N PRO F 185 1.53 66.93 8.17
CA PRO F 185 2.72 66.44 8.85
C PRO F 185 3.04 65.03 8.41
N LYS F 186 4.32 64.68 8.50
CA LYS F 186 4.74 63.33 8.12
C LYS F 186 4.12 62.27 9.02
N SER F 187 3.74 62.63 10.24
CA SER F 187 3.18 61.65 11.17
C SER F 187 1.76 61.24 10.82
N VAL F 188 1.09 61.99 9.96
CA VAL F 188 -0.27 61.62 9.55
C VAL F 188 -0.18 60.37 8.66
N PRO F 189 -0.95 59.32 8.92
CA PRO F 189 -0.93 58.17 8.02
C PRO F 189 -1.51 58.53 6.66
N LYS F 190 -0.84 58.10 5.60
CA LYS F 190 -1.24 58.46 4.25
C LYS F 190 -1.14 57.24 3.34
N LEU F 191 -1.96 57.25 2.29
CA LEU F 191 -1.96 56.20 1.28
C LEU F 191 -1.99 56.85 -0.10
N ILE F 192 -1.14 56.36 -1.00
CA ILE F 192 -1.13 56.78 -2.39
C ILE F 192 -1.61 55.59 -3.22
N ALA F 193 -2.78 55.73 -3.85
CA ALA F 193 -3.42 54.66 -4.58
C ALA F 193 -3.43 55.01 -6.06
N PHE F 194 -2.82 54.15 -6.88
CA PHE F 194 -2.68 54.43 -8.31
C PHE F 194 -2.55 53.10 -9.06
N GLU F 195 -2.49 53.18 -10.38
CA GLU F 195 -2.29 52.04 -11.25
C GLU F 195 -0.96 52.17 -11.98
N SER F 196 -0.38 51.03 -12.35
CA SER F 196 0.82 51.06 -13.18
C SER F 196 0.49 51.35 -14.63
N VAL F 197 -0.52 50.67 -15.17
CA VAL F 197 -1.01 50.91 -16.53
C VAL F 197 -2.49 51.23 -16.45
N TYR F 198 -2.86 52.37 -17.02
CA TYR F 198 -4.25 52.79 -17.14
C TYR F 198 -4.74 52.36 -18.51
N SER F 199 -5.76 51.51 -18.54
CA SER F 199 -6.02 50.70 -19.73
C SER F 199 -6.66 51.48 -20.87
N MET F 200 -7.51 52.46 -20.56
CA MET F 200 -8.32 53.06 -21.62
C MET F 200 -7.46 53.90 -22.56
N ALA F 201 -6.56 54.74 -22.02
CA ALA F 201 -5.62 55.47 -22.86
C ALA F 201 -4.23 54.85 -22.95
N GLY F 202 -3.93 53.83 -22.17
CA GLY F 202 -2.62 53.20 -22.22
C GLY F 202 -1.49 53.93 -21.54
N SER F 203 -1.78 54.93 -20.70
CA SER F 203 -0.74 55.67 -20.01
C SER F 203 -0.12 54.84 -18.88
N VAL F 204 1.05 55.27 -18.42
CA VAL F 204 1.83 54.55 -17.42
C VAL F 204 2.23 55.53 -16.32
N ALA F 205 2.10 55.08 -15.07
CA ALA F 205 2.54 55.88 -13.93
C ALA F 205 4.04 55.75 -13.75
N ASP F 206 4.63 56.76 -13.12
CA ASP F 206 6.03 56.69 -12.72
C ASP F 206 6.03 56.16 -11.30
N ILE F 207 6.40 54.89 -11.14
CA ILE F 207 6.28 54.23 -9.85
C ILE F 207 7.42 54.62 -8.93
N GLU F 208 8.63 54.77 -9.49
CA GLU F 208 9.78 55.08 -8.65
C GLU F 208 9.64 56.45 -7.99
N LYS F 209 9.15 57.44 -8.74
CA LYS F 209 8.98 58.76 -8.15
C LYS F 209 7.89 58.75 -7.08
N ILE F 210 6.80 58.01 -7.30
CA ILE F 210 5.74 57.94 -6.30
C ILE F 210 6.25 57.25 -5.04
N CYS F 211 7.10 56.23 -5.19
CA CYS F 211 7.71 55.62 -4.03
C CYS F 211 8.64 56.60 -3.31
N ASP F 212 9.33 57.46 -4.07
CA ASP F 212 10.16 58.48 -3.46
C ASP F 212 9.31 59.44 -2.62
N LEU F 213 8.20 59.92 -3.20
CA LEU F 213 7.31 60.80 -2.45
C LEU F 213 6.76 60.10 -1.21
N ALA F 214 6.46 58.80 -1.32
CA ALA F 214 5.95 58.06 -0.18
C ALA F 214 6.97 58.00 0.94
N ASP F 215 8.25 57.75 0.61
CA ASP F 215 9.29 57.71 1.63
C ASP F 215 9.46 59.06 2.30
N LYS F 216 9.36 60.15 1.54
CA LYS F 216 9.57 61.48 2.08
C LYS F 216 8.45 61.86 3.04
N TYR F 217 7.20 61.69 2.63
CA TYR F 217 6.03 62.12 3.39
C TYR F 217 5.40 61.01 4.22
N GLY F 218 6.03 59.84 4.29
CA GLY F 218 5.60 58.80 5.21
C GLY F 218 4.30 58.12 4.85
N ALA F 219 4.11 57.78 3.58
CA ALA F 219 2.86 57.21 3.09
C ALA F 219 3.09 55.78 2.62
N LEU F 220 2.06 54.95 2.77
CA LEU F 220 2.02 53.66 2.11
C LEU F 220 1.63 53.84 0.65
N THR F 221 2.04 52.90 -0.19
CA THR F 221 1.67 52.90 -1.60
C THR F 221 0.73 51.73 -1.88
N PHE F 222 -0.29 52.00 -2.69
CA PHE F 222 -1.21 50.97 -3.17
C PHE F 222 -1.18 51.01 -4.69
N LEU F 223 -0.72 49.92 -5.30
CA LEU F 223 -0.45 49.87 -6.74
C LEU F 223 -1.31 48.79 -7.37
N ASP F 224 -2.09 49.19 -8.39
CA ASP F 224 -2.92 48.26 -9.15
C ASP F 224 -2.19 47.96 -10.47
N GLU F 225 -1.63 46.76 -10.57
CA GLU F 225 -0.85 46.32 -11.71
C GLU F 225 -1.67 45.56 -12.74
N VAL F 226 -2.99 45.56 -12.60
CA VAL F 226 -3.86 44.63 -13.32
C VAL F 226 -3.49 44.54 -14.80
N HIS F 227 -3.21 45.69 -15.44
CA HIS F 227 -2.89 45.72 -16.86
C HIS F 227 -1.39 45.65 -17.13
N ALA F 228 -0.60 45.43 -16.08
CA ALA F 228 0.83 45.21 -16.16
C ALA F 228 1.17 43.73 -16.05
N VAL F 229 0.72 43.08 -14.96
CA VAL F 229 1.15 41.72 -14.64
C VAL F 229 1.01 40.83 -15.86
N GLY F 230 2.10 40.12 -16.16
CA GLY F 230 2.22 39.24 -17.31
C GLY F 230 2.73 39.92 -18.57
N LEU F 231 2.53 41.22 -18.71
CA LEU F 231 2.99 41.95 -19.88
C LEU F 231 4.31 42.70 -19.70
N TYR F 232 4.80 42.86 -18.47
CA TYR F 232 5.91 43.76 -18.21
C TYR F 232 6.82 43.18 -17.14
N GLY F 233 8.08 43.61 -17.20
CA GLY F 233 9.13 42.96 -16.46
C GLY F 233 9.57 41.72 -17.20
N PRO F 234 10.78 41.22 -16.92
CA PRO F 234 11.23 40.02 -17.62
C PRO F 234 10.33 38.83 -17.39
N HIS F 235 9.80 38.69 -16.17
CA HIS F 235 8.96 37.56 -15.81
C HIS F 235 7.46 37.86 -15.83
N GLY F 236 7.07 39.07 -16.19
CA GLY F 236 5.67 39.44 -16.17
C GLY F 236 5.14 39.80 -14.80
N ALA F 237 6.01 40.26 -13.90
CA ALA F 237 5.56 40.72 -12.59
C ALA F 237 5.06 42.17 -12.60
N GLY F 238 5.02 42.81 -13.77
CA GLY F 238 4.44 44.12 -13.93
C GLY F 238 5.47 45.22 -14.16
N VAL F 239 4.96 46.44 -14.21
CA VAL F 239 5.80 47.61 -14.43
C VAL F 239 6.75 47.82 -13.26
N ALA F 240 6.34 47.46 -12.05
CA ALA F 240 7.22 47.59 -10.90
C ALA F 240 8.48 46.75 -11.08
N GLU F 241 8.36 45.59 -11.71
CA GLU F 241 9.54 44.79 -12.02
C GLU F 241 10.32 45.38 -13.19
N HIS F 242 9.61 45.89 -14.19
CA HIS F 242 10.28 46.54 -15.32
C HIS F 242 11.18 47.68 -14.85
N CYS F 243 10.80 48.33 -13.74
CA CYS F 243 11.56 49.49 -13.25
C CYS F 243 13.00 49.10 -12.93
N ASP F 244 13.21 47.89 -12.41
CA ASP F 244 14.53 47.28 -12.48
C ASP F 244 14.36 46.03 -13.33
N PHE F 245 14.65 46.16 -14.63
CA PHE F 245 14.46 45.03 -15.53
C PHE F 245 15.66 44.10 -15.49
N GLU F 246 16.86 44.68 -15.53
CA GLU F 246 18.08 43.86 -15.57
C GLU F 246 18.36 43.23 -14.21
N SER F 247 18.09 43.97 -13.14
CA SER F 247 18.31 43.43 -11.81
C SER F 247 17.43 42.20 -11.56
N HIS F 248 16.18 42.24 -12.00
CA HIS F 248 15.29 41.11 -11.83
C HIS F 248 15.59 39.99 -12.83
N ARG F 249 15.89 40.32 -14.09
CA ARG F 249 16.25 39.28 -15.05
C ARG F 249 17.46 38.49 -14.57
N ALA F 250 18.50 39.20 -14.13
CA ALA F 250 19.72 38.53 -13.67
C ALA F 250 19.41 37.57 -12.52
N SER F 251 18.70 38.05 -11.50
CA SER F 251 18.42 37.23 -10.32
C SER F 251 17.31 36.23 -10.54
N GLY F 252 16.45 36.43 -11.54
CA GLY F 252 15.39 35.49 -11.81
C GLY F 252 14.37 35.42 -10.70
N ILE F 253 14.16 34.23 -10.15
CA ILE F 253 13.20 34.05 -9.06
C ILE F 253 13.67 34.71 -7.78
N ALA F 254 14.99 34.89 -7.62
CA ALA F 254 15.57 35.42 -6.40
C ALA F 254 15.39 36.93 -6.34
N THR F 255 15.47 37.46 -5.13
CA THR F 255 15.52 38.91 -4.93
C THR F 255 16.91 39.42 -5.27
N PRO F 256 17.03 40.45 -6.10
CA PRO F 256 18.36 40.99 -6.41
C PRO F 256 18.95 41.71 -5.21
N LYS F 257 20.28 41.75 -5.17
CA LYS F 257 20.97 42.45 -4.09
C LYS F 257 20.93 43.97 -4.27
N THR F 258 20.87 44.45 -5.51
CA THR F 258 20.78 45.88 -5.78
C THR F 258 19.82 46.12 -6.93
N ASN F 259 19.30 47.34 -7.01
CA ASN F 259 18.41 47.72 -8.10
C ASN F 259 19.23 48.16 -9.32
N ASP F 260 18.52 48.54 -10.39
CA ASP F 260 19.20 48.94 -11.62
C ASP F 260 20.04 50.20 -11.46
N LYS F 261 19.70 51.05 -10.50
CA LYS F 261 20.45 52.27 -10.25
C LYS F 261 21.54 52.09 -9.19
N GLY F 262 21.74 50.87 -8.69
CA GLY F 262 22.76 50.59 -7.71
C GLY F 262 22.28 50.60 -6.28
N GLY F 263 21.02 50.96 -6.04
CA GLY F 263 20.49 51.07 -4.70
C GLY F 263 20.23 49.72 -4.06
N ALA F 264 19.70 49.79 -2.83
CA ALA F 264 19.54 48.60 -2.01
C ALA F 264 18.29 47.80 -2.35
N LYS F 265 17.17 48.47 -2.63
CA LYS F 265 15.87 47.81 -2.76
C LYS F 265 15.21 48.18 -4.08
N THR F 266 14.61 47.19 -4.73
CA THR F 266 13.94 47.39 -6.01
C THR F 266 12.61 48.11 -5.81
N VAL F 267 12.14 48.74 -6.89
CA VAL F 267 10.84 49.41 -6.87
C VAL F 267 9.74 48.44 -6.44
N MET F 268 9.69 47.26 -7.06
CA MET F 268 8.67 46.29 -6.69
C MET F 268 8.79 45.90 -5.23
N ASP F 269 10.01 45.93 -4.69
CA ASP F 269 10.20 45.67 -3.27
C ASP F 269 9.72 46.83 -2.42
N ARG F 270 9.78 48.05 -2.94
CA ARG F 270 9.41 49.25 -2.18
C ARG F 270 7.92 49.49 -2.11
N VAL F 271 7.15 49.00 -3.09
CA VAL F 271 5.70 49.15 -3.04
C VAL F 271 5.15 48.27 -1.93
N ASP F 272 4.26 48.83 -1.10
CA ASP F 272 3.73 48.09 0.04
C ASP F 272 2.69 47.06 -0.38
N MET F 273 1.75 47.45 -1.25
CA MET F 273 0.65 46.59 -1.65
C MET F 273 0.52 46.61 -3.18
N ILE F 274 0.57 45.43 -3.79
CA ILE F 274 0.41 45.27 -5.23
C ILE F 274 -0.81 44.39 -5.45
N THR F 275 -1.80 44.91 -6.15
CA THR F 275 -3.00 44.14 -6.48
C THR F 275 -3.01 43.82 -7.97
N GLY F 276 -3.49 42.62 -8.30
CA GLY F 276 -3.61 42.20 -9.68
C GLY F 276 -4.82 41.31 -9.84
N THR F 277 -5.12 40.99 -11.09
CA THR F 277 -6.24 40.12 -11.42
C THR F 277 -5.74 38.84 -12.08
N LEU F 278 -6.54 37.79 -11.95
CA LEU F 278 -6.34 36.57 -12.71
C LEU F 278 -7.19 36.54 -13.97
N GLY F 279 -7.99 37.58 -14.19
CA GLY F 279 -8.96 37.59 -15.27
C GLY F 279 -8.47 38.14 -16.59
N SER F 281 -4.51 38.89 -18.12
CA SER F 281 -3.40 38.18 -18.78
C SER F 281 -3.29 36.69 -18.41
N PHE F 282 -3.77 36.33 -17.22
CA PHE F 282 -3.62 34.97 -16.72
C PHE F 282 -4.77 34.05 -17.13
N GLY F 283 -5.68 34.51 -17.99
CA GLY F 283 -6.63 33.63 -18.65
C GLY F 283 -7.52 32.84 -17.73
N SER F 284 -8.01 33.46 -16.67
CA SER F 284 -8.73 32.80 -15.59
C SER F 284 -9.70 33.82 -15.01
N VAL F 285 -10.15 33.58 -13.78
CA VAL F 285 -10.84 34.61 -13.01
C VAL F 285 -10.16 34.70 -11.64
N GLY F 286 -10.16 35.88 -11.06
CA GLY F 286 -9.70 36.04 -9.70
C GLY F 286 -9.04 37.38 -9.48
N GLY F 287 -8.53 37.55 -8.26
CA GLY F 287 -7.79 38.73 -7.88
C GLY F 287 -6.95 38.43 -6.65
N TYR F 288 -5.98 39.30 -6.41
CA TYR F 288 -5.03 39.08 -5.31
C TYR F 288 -4.39 40.38 -4.88
N VAL F 289 -3.80 40.35 -3.69
CA VAL F 289 -2.86 41.37 -3.25
C VAL F 289 -1.57 40.67 -2.84
N ALA F 290 -0.43 41.25 -3.22
CA ALA F 290 0.88 40.76 -2.80
C ALA F 290 1.54 41.85 -1.95
N ALA F 291 2.10 41.46 -0.81
CA ALA F 291 2.63 42.42 0.15
C ALA F 291 3.46 41.66 1.18
N SER F 292 3.93 42.39 2.18
CA SER F 292 4.70 41.78 3.25
C SER F 292 3.83 40.83 4.05
N ARG F 293 4.48 39.89 4.74
CA ARG F 293 3.77 38.90 5.54
C ARG F 293 2.84 39.56 6.55
N LYS F 294 3.25 40.68 7.13
CA LYS F 294 2.44 41.33 8.16
C LYS F 294 1.19 41.95 7.55
N LEU F 295 1.31 42.63 6.41
CA LEU F 295 0.13 43.16 5.73
C LEU F 295 -0.81 42.05 5.30
N ILE F 296 -0.26 40.93 4.83
CA ILE F 296 -1.11 39.84 4.34
C ILE F 296 -1.96 39.26 5.47
N ASP F 297 -1.33 38.93 6.59
CA ASP F 297 -2.10 38.39 7.71
C ASP F 297 -3.04 39.44 8.28
N TRP F 298 -2.66 40.71 8.20
CA TRP F 298 -3.56 41.80 8.61
C TRP F 298 -4.83 41.76 7.79
N PHE F 299 -4.70 41.74 6.46
CA PHE F 299 -5.87 41.60 5.60
C PHE F 299 -6.57 40.27 5.86
N ARG F 300 -5.81 39.21 6.09
CA ARG F 300 -6.41 37.90 6.28
C ARG F 300 -7.25 37.88 7.55
N SER F 301 -6.78 38.52 8.61
CA SER F 301 -7.47 38.46 9.89
C SER F 301 -8.67 39.39 9.94
N PHE F 302 -8.48 40.67 9.59
CA PHE F 302 -9.44 41.72 9.89
C PHE F 302 -10.35 42.11 8.73
N ALA F 303 -10.16 41.55 7.55
CA ALA F 303 -11.12 41.78 6.49
C ALA F 303 -12.34 40.90 6.73
N PRO F 304 -13.49 41.25 6.17
CA PRO F 304 -14.70 40.44 6.41
C PRO F 304 -14.43 38.97 6.10
N GLY F 305 -14.74 38.11 7.05
CA GLY F 305 -14.41 36.70 6.92
C GLY F 305 -15.06 36.02 5.74
N PHE F 306 -16.18 36.57 5.25
CA PHE F 306 -16.91 35.91 4.17
C PHE F 306 -16.23 36.02 2.81
N ILE F 307 -15.30 36.96 2.63
CA ILE F 307 -14.55 37.04 1.38
C ILE F 307 -13.44 35.99 1.32
N PHE F 308 -13.24 35.25 2.41
CA PHE F 308 -12.31 34.12 2.46
C PHE F 308 -13.03 32.79 2.31
N THR F 309 -14.00 32.51 3.18
CA THR F 309 -14.78 31.28 3.09
C THR F 309 -15.35 31.07 1.68
N THR F 310 -15.81 32.13 1.02
CA THR F 310 -16.27 32.05 -0.36
C THR F 310 -15.10 32.40 -1.26
N THR F 311 -14.58 31.40 -1.96
CA THR F 311 -13.36 31.56 -2.75
C THR F 311 -13.54 30.92 -4.13
N LEU F 312 -12.46 30.85 -4.90
CA LEU F 312 -12.55 30.33 -6.23
C LEU F 312 -12.47 28.80 -6.24
N PRO F 313 -13.09 28.15 -7.22
CA PRO F 313 -12.97 26.70 -7.33
C PRO F 313 -11.52 26.28 -7.48
N PRO F 314 -11.16 25.06 -7.10
CA PRO F 314 -9.77 24.62 -7.26
C PRO F 314 -9.34 24.53 -8.71
N SER F 315 -10.25 24.12 -9.61
CA SER F 315 -9.90 24.02 -11.02
C SER F 315 -9.54 25.38 -11.59
N VAL F 316 -10.24 26.44 -11.15
CA VAL F 316 -9.91 27.79 -11.60
C VAL F 316 -8.53 28.20 -11.12
N MET F 317 -8.21 27.90 -9.85
CA MET F 317 -6.92 28.29 -9.30
C MET F 317 -5.78 27.52 -9.94
N ALA F 318 -5.98 26.22 -10.19
CA ALA F 318 -4.96 25.44 -10.88
C ALA F 318 -4.68 26.00 -12.27
N GLY F 319 -5.73 26.41 -12.98
CA GLY F 319 -5.53 27.02 -14.29
C GLY F 319 -4.69 28.28 -14.20
N ALA F 320 -5.02 29.17 -13.26
CA ALA F 320 -4.26 30.40 -13.11
C ALA F 320 -2.82 30.10 -12.70
N THR F 321 -2.61 29.10 -11.84
CA THR F 321 -1.25 28.74 -11.45
C THR F 321 -0.42 28.33 -12.65
N ALA F 322 -0.97 27.43 -13.48
CA ALA F 322 -0.26 27.05 -14.71
C ALA F 322 0.05 28.29 -15.54
N ALA F 323 -0.92 29.18 -15.69
CA ALA F 323 -0.71 30.37 -16.51
C ALA F 323 0.43 31.22 -15.97
N ILE F 324 0.51 31.36 -14.64
CA ILE F 324 1.56 32.17 -14.02
C ILE F 324 2.91 31.48 -14.15
N ARG F 325 2.97 30.18 -13.85
CA ARG F 325 4.23 29.45 -13.96
C ARG F 325 4.76 29.50 -15.39
N TYR F 326 3.88 29.26 -16.38
CA TYR F 326 4.34 29.26 -17.76
C TYR F 326 4.82 30.65 -18.17
N GLN F 327 4.04 31.68 -17.86
CA GLN F 327 4.34 33.01 -18.36
C GLN F 327 5.60 33.57 -17.70
N ARG F 328 5.93 33.10 -16.48
CA ARG F 328 7.11 33.62 -15.79
C ARG F 328 8.39 33.23 -16.51
N CYS F 329 8.46 31.99 -17.01
CA CYS F 329 9.66 31.51 -17.68
C CYS F 329 9.62 31.63 -19.19
N HIS F 330 8.55 32.19 -19.77
CA HIS F 330 8.49 32.49 -21.20
C HIS F 330 8.37 33.99 -21.36
N ILE F 331 9.48 34.64 -21.77
CA ILE F 331 9.44 36.06 -22.06
C ILE F 331 8.92 36.30 -23.48
N ASP F 332 8.94 35.28 -24.33
CA ASP F 332 8.49 35.43 -25.72
C ASP F 332 7.04 35.90 -25.78
N LEU F 333 6.22 35.54 -24.78
CA LEU F 333 4.85 36.03 -24.76
C LEU F 333 4.82 37.55 -24.74
N ARG F 334 5.67 38.16 -23.91
CA ARG F 334 5.72 39.62 -23.85
C ARG F 334 6.38 40.20 -25.09
N THR F 335 7.50 39.64 -25.54
CA THR F 335 8.13 40.16 -26.75
C THR F 335 7.27 39.93 -27.98
N SER F 336 6.45 38.87 -27.98
CA SER F 336 5.54 38.65 -29.09
C SER F 336 4.43 39.70 -29.10
N GLN F 337 3.79 39.93 -27.94
CA GLN F 337 2.71 40.93 -27.88
C GLN F 337 3.23 42.31 -28.24
N GLN F 338 4.36 42.72 -27.66
CA GLN F 338 4.91 44.03 -27.95
C GLN F 338 5.17 44.20 -29.44
N LYS F 339 5.80 43.20 -30.07
CA LYS F 339 6.09 43.30 -31.49
C LYS F 339 4.82 43.39 -32.31
N HIS F 340 3.80 42.61 -31.95
CA HIS F 340 2.53 42.67 -32.67
C HIS F 340 1.85 44.02 -32.49
N THR F 341 1.97 44.61 -31.30
CA THR F 341 1.43 45.94 -31.08
C THR F 341 2.18 46.98 -31.91
N MET F 342 3.51 46.92 -31.90
CA MET F 342 4.31 47.86 -32.66
C MET F 342 4.04 47.75 -34.15
N TYR F 343 3.84 46.53 -34.64
CA TYR F 343 3.47 46.32 -36.04
C TYR F 343 2.20 47.09 -36.39
N VAL F 344 1.16 46.95 -35.57
CA VAL F 344 -0.11 47.62 -35.84
C VAL F 344 0.04 49.13 -35.73
N LYS F 345 0.73 49.60 -34.70
CA LYS F 345 0.93 51.03 -34.53
C LYS F 345 1.64 51.63 -35.73
N LYS F 346 2.79 51.06 -36.09
CA LYS F 346 3.56 51.56 -37.22
C LYS F 346 2.70 51.63 -38.48
N ALA F 347 1.97 50.56 -38.78
CA ALA F 347 1.08 50.55 -39.94
C ALA F 347 0.05 51.67 -39.85
N PHE F 348 -0.56 51.84 -38.68
CA PHE F 348 -1.52 52.92 -38.50
C PHE F 348 -0.87 54.29 -38.65
N HIS F 349 0.38 54.42 -38.19
CA HIS F 349 1.07 55.70 -38.34
C HIS F 349 1.23 56.06 -39.81
N GLU F 350 1.63 55.10 -40.64
CA GLU F 350 1.84 55.37 -42.07
C GLU F 350 0.52 55.67 -42.78
N LEU F 351 -0.59 55.15 -42.28
CA LEU F 351 -1.89 55.37 -42.90
C LEU F 351 -2.61 56.59 -42.33
N GLY F 352 -2.01 57.30 -41.39
CA GLY F 352 -2.71 58.41 -40.77
C GLY F 352 -3.88 58.02 -39.92
N ILE F 353 -3.89 56.80 -39.39
CA ILE F 353 -4.89 56.36 -38.42
C ILE F 353 -4.53 56.94 -37.06
N PRO F 354 -5.42 57.70 -36.43
CA PRO F 354 -5.05 58.42 -35.20
C PRO F 354 -4.97 57.52 -33.98
N VAL F 355 -3.81 56.86 -33.79
CA VAL F 355 -3.54 56.12 -32.55
C VAL F 355 -3.05 57.10 -31.49
N ILE F 356 -3.69 57.06 -30.32
CA ILE F 356 -3.22 57.88 -29.19
C ILE F 356 -1.86 57.35 -28.81
N PRO F 357 -0.80 58.17 -28.87
CA PRO F 357 0.53 57.66 -28.53
C PRO F 357 0.61 57.21 -27.07
N ASN F 358 1.40 56.16 -26.84
CA ASN F 358 1.53 55.58 -25.51
C ASN F 358 2.58 54.48 -25.54
N PRO F 359 3.38 54.32 -24.48
CA PRO F 359 4.44 53.31 -24.44
C PRO F 359 4.00 51.97 -23.85
N SER F 360 2.88 51.44 -24.35
CA SER F 360 2.29 50.24 -23.74
C SER F 360 1.75 49.34 -24.83
N HIS F 361 1.00 48.32 -24.41
CA HIS F 361 0.45 47.32 -25.30
C HIS F 361 -0.87 47.74 -25.94
N ILE F 362 -1.40 48.91 -25.62
CA ILE F 362 -2.74 49.31 -26.02
C ILE F 362 -2.67 50.07 -27.34
N VAL F 363 -3.67 49.85 -28.19
CA VAL F 363 -3.78 50.58 -29.46
C VAL F 363 -5.11 51.32 -29.48
N PRO F 364 -5.26 52.40 -28.73
CA PRO F 364 -6.49 53.20 -28.85
C PRO F 364 -6.49 54.01 -30.14
N VAL F 365 -7.60 53.93 -30.87
CA VAL F 365 -7.78 54.64 -32.13
C VAL F 365 -8.76 55.77 -31.88
N LEU F 366 -8.30 57.00 -32.04
CA LEU F 366 -9.11 58.16 -31.71
C LEU F 366 -10.18 58.38 -32.77
N ILE F 367 -11.42 58.52 -32.31
CA ILE F 367 -12.55 58.86 -33.18
C ILE F 367 -12.99 60.30 -32.95
N GLY F 368 -13.41 60.62 -31.74
CA GLY F 368 -13.76 61.98 -31.36
C GLY F 368 -15.24 62.26 -31.28
N ASN F 369 -16.07 61.30 -31.70
CA ASN F 369 -17.52 61.46 -31.66
C ASN F 369 -18.13 60.14 -31.28
N ALA F 370 -19.11 60.18 -30.36
CA ALA F 370 -19.69 58.94 -29.86
C ALA F 370 -20.47 58.22 -30.94
N ASP F 371 -21.31 58.95 -31.68
CA ASP F 371 -22.11 58.31 -32.71
C ASP F 371 -21.25 57.68 -33.79
N LEU F 372 -20.17 58.37 -34.18
CA LEU F 372 -19.28 57.82 -35.21
C LEU F 372 -18.51 56.60 -34.69
N ALA F 373 -18.12 56.64 -33.42
CA ALA F 373 -17.40 55.49 -32.86
C ALA F 373 -18.28 54.25 -32.83
N LYS F 374 -19.56 54.41 -32.45
CA LYS F 374 -20.48 53.28 -32.50
C LYS F 374 -20.62 52.76 -33.92
N GLN F 375 -20.86 53.67 -34.87
CA GLN F 375 -21.04 53.25 -36.26
C GLN F 375 -19.79 52.56 -36.78
N ALA F 376 -18.61 53.06 -36.42
CA ALA F 376 -17.38 52.40 -36.85
C ALA F 376 -17.28 51.01 -36.26
N SER F 377 -17.64 50.85 -34.99
CA SER F 377 -17.64 49.52 -34.37
C SER F 377 -18.63 48.59 -35.07
N ASP F 378 -19.84 49.11 -35.36
CA ASP F 378 -20.84 48.28 -36.03
C ASP F 378 -20.39 47.89 -37.43
N ILE F 379 -19.83 48.84 -38.18
CA ILE F 379 -19.33 48.53 -39.51
C ILE F 379 -18.21 47.49 -39.44
N LEU F 380 -17.34 47.61 -38.44
CA LEU F 380 -16.20 46.71 -38.34
C LEU F 380 -16.64 45.27 -38.10
N ILE F 381 -17.64 45.06 -37.25
CA ILE F 381 -18.10 43.70 -36.95
C ILE F 381 -19.04 43.18 -38.03
N ASN F 382 -19.92 44.03 -38.54
CA ASN F 382 -20.92 43.56 -39.51
C ASN F 382 -20.35 43.45 -40.92
N LYS F 383 -19.55 44.44 -41.36
CA LYS F 383 -18.96 44.35 -42.69
C LYS F 383 -17.69 43.49 -42.70
N HIS F 384 -16.76 43.77 -41.78
CA HIS F 384 -15.42 43.17 -41.82
C HIS F 384 -15.22 42.00 -40.86
N GLN F 385 -16.23 41.63 -40.07
CA GLN F 385 -16.10 40.54 -39.10
C GLN F 385 -14.98 40.81 -38.09
N ILE F 386 -14.84 42.08 -37.69
CA ILE F 386 -13.86 42.50 -36.70
C ILE F 386 -14.60 43.02 -35.49
N TYR F 387 -14.24 42.52 -34.30
CA TYR F 387 -14.90 42.92 -33.06
C TYR F 387 -14.00 43.92 -32.32
N VAL F 388 -14.45 45.16 -32.27
CA VAL F 388 -13.82 46.21 -31.47
C VAL F 388 -14.93 46.96 -30.76
N GLN F 389 -14.82 47.09 -29.44
CA GLN F 389 -15.83 47.85 -28.69
C GLN F 389 -15.49 49.34 -28.76
N ALA F 390 -16.50 50.15 -29.07
CA ALA F 390 -16.34 51.59 -29.06
C ALA F 390 -16.44 52.12 -27.64
N ILE F 391 -15.61 53.10 -27.33
CA ILE F 391 -15.52 53.69 -26.00
C ILE F 391 -16.06 55.11 -26.05
N ASN F 392 -17.03 55.42 -25.18
CA ASN F 392 -17.60 56.75 -25.10
C ASN F 392 -17.74 57.13 -23.63
N PHE F 393 -18.33 58.30 -23.39
CA PHE F 393 -18.61 58.80 -22.05
C PHE F 393 -19.59 57.85 -21.36
N PRO F 394 -19.50 57.69 -20.02
CA PRO F 394 -18.55 58.25 -19.03
C PRO F 394 -17.12 57.69 -19.07
N THR F 395 -16.92 56.55 -19.72
CA THR F 395 -15.62 55.89 -19.69
C THR F 395 -14.51 56.83 -20.14
N VAL F 396 -14.79 57.67 -21.12
CA VAL F 396 -13.86 58.69 -21.58
C VAL F 396 -14.58 60.01 -21.69
N ALA F 397 -13.81 61.10 -21.75
CA ALA F 397 -14.39 62.43 -21.86
C ALA F 397 -15.06 62.60 -23.22
N ARG F 398 -16.19 63.29 -23.23
CA ARG F 398 -16.89 63.55 -24.49
C ARG F 398 -15.96 64.26 -25.46
N GLY F 399 -16.01 63.83 -26.72
CA GLY F 399 -15.10 64.33 -27.73
C GLY F 399 -13.82 63.52 -27.88
N THR F 400 -13.48 62.68 -26.91
CA THR F 400 -12.33 61.80 -26.96
C THR F 400 -12.68 60.37 -27.38
N GLU F 401 -13.92 60.11 -27.78
CA GLU F 401 -14.37 58.75 -28.05
C GLU F 401 -13.40 58.03 -28.99
N ARG F 402 -13.17 56.75 -28.71
CA ARG F 402 -12.08 56.01 -29.36
C ARG F 402 -12.47 54.55 -29.51
N LEU F 403 -11.72 53.84 -30.36
CA LEU F 403 -11.79 52.39 -30.48
C LEU F 403 -10.53 51.79 -29.86
N ARG F 404 -10.71 50.84 -28.95
CA ARG F 404 -9.61 50.24 -28.22
C ARG F 404 -9.27 48.87 -28.81
N ILE F 405 -8.02 48.73 -29.27
CA ILE F 405 -7.52 47.50 -29.86
C ILE F 405 -6.38 46.99 -28.99
N THR F 406 -6.39 45.68 -28.71
CA THR F 406 -5.42 45.06 -27.80
C THR F 406 -4.79 43.84 -28.46
N PRO F 407 -3.70 44.02 -29.21
CA PRO F 407 -3.03 42.87 -29.82
C PRO F 407 -2.45 41.93 -28.78
N THR F 408 -2.30 40.66 -29.16
CA THR F 408 -1.77 39.61 -28.29
C THR F 408 -0.73 38.80 -29.06
N PRO F 409 -0.05 37.86 -28.41
CA PRO F 409 0.85 36.98 -29.16
C PRO F 409 0.15 36.18 -30.25
N GLY F 410 -1.18 36.03 -30.16
CA GLY F 410 -1.94 35.31 -31.16
C GLY F 410 -2.39 36.13 -32.34
N HIS F 411 -2.24 37.45 -32.30
CA HIS F 411 -2.53 38.24 -33.48
C HIS F 411 -1.23 38.35 -34.25
N THR F 412 -1.09 37.51 -35.27
CA THR F 412 0.06 37.51 -36.15
C THR F 412 -0.12 38.54 -37.25
N ASN F 413 0.99 38.93 -37.87
CA ASN F 413 0.95 39.98 -38.87
C ASN F 413 -0.13 39.74 -39.91
N ASP F 414 -0.41 38.47 -40.26
CA ASP F 414 -1.46 38.19 -41.24
C ASP F 414 -2.81 38.72 -40.76
N LEU F 415 -3.19 38.41 -39.50
CA LEU F 415 -4.45 38.92 -38.96
C LEU F 415 -4.41 40.43 -38.78
N SER F 416 -3.25 40.97 -38.37
CA SER F 416 -3.12 42.41 -38.23
C SER F 416 -3.37 43.11 -39.55
N ASP F 417 -2.81 42.58 -40.65
CA ASP F 417 -3.01 43.20 -41.95
C ASP F 417 -4.49 43.28 -42.32
N ILE F 418 -5.26 42.24 -41.98
CA ILE F 418 -6.70 42.30 -42.20
C ILE F 418 -7.32 43.42 -41.38
N LEU F 419 -6.97 43.49 -40.09
CA LEU F 419 -7.47 44.57 -39.25
C LEU F 419 -7.12 45.92 -39.84
N ILE F 420 -5.86 46.10 -40.25
CA ILE F 420 -5.40 47.40 -40.73
C ILE F 420 -6.23 47.86 -41.92
N ASN F 421 -6.37 47.00 -42.92
CA ASN F 421 -7.16 47.37 -44.10
C ASN F 421 -8.62 47.60 -43.74
N ALA F 422 -9.15 46.87 -42.76
CA ALA F 422 -10.53 47.06 -42.34
C ALA F 422 -10.73 48.43 -41.70
N VAL F 423 -9.84 48.80 -40.78
CA VAL F 423 -9.95 50.12 -40.14
C VAL F 423 -9.78 51.22 -41.19
N ASP F 424 -8.83 51.04 -42.11
CA ASP F 424 -8.61 52.04 -43.15
C ASP F 424 -9.85 52.23 -44.01
N ASP F 425 -10.53 51.13 -44.36
CA ASP F 425 -11.74 51.24 -45.17
C ASP F 425 -12.85 51.96 -44.40
N VAL F 426 -13.02 51.65 -43.12
CA VAL F 426 -14.07 52.28 -42.34
C VAL F 426 -13.82 53.77 -42.21
N PHE F 427 -12.56 54.16 -41.99
CA PHE F 427 -12.23 55.59 -41.93
C PHE F 427 -12.57 56.30 -43.23
N ASN F 428 -12.38 55.61 -44.37
CA ASN F 428 -12.78 56.20 -45.65
C ASN F 428 -14.30 56.21 -45.80
N GLU F 429 -14.96 55.13 -45.38
CA GLU F 429 -16.41 55.05 -45.56
C GLU F 429 -17.14 56.12 -44.76
N LEU F 430 -16.72 56.36 -43.52
CA LEU F 430 -17.37 57.35 -42.66
C LEU F 430 -16.72 58.73 -42.75
N GLN F 431 -15.63 58.87 -43.51
CA GLN F 431 -14.90 60.14 -43.61
C GLN F 431 -14.46 60.62 -42.22
N LEU F 432 -13.82 59.73 -41.47
CA LEU F 432 -13.42 60.04 -40.11
C LEU F 432 -12.09 60.80 -40.10
N PRO F 433 -11.84 61.61 -39.08
CA PRO F 433 -10.61 62.40 -39.06
C PRO F 433 -9.36 61.53 -39.01
N ARG F 434 -8.37 61.90 -39.83
CA ARG F 434 -7.05 61.27 -39.79
C ARG F 434 -6.13 62.09 -38.89
N VAL F 435 -4.88 61.64 -38.75
CA VAL F 435 -3.92 62.35 -37.91
C VAL F 435 -3.84 63.81 -38.32
N ARG F 436 -3.65 64.06 -39.62
CA ARG F 436 -3.52 65.43 -40.09
C ARG F 436 -4.78 66.24 -39.81
N ASP F 437 -5.95 65.60 -39.85
CA ASP F 437 -7.19 66.31 -39.55
C ASP F 437 -7.24 66.76 -38.09
N TRP F 438 -6.76 65.91 -37.17
CA TRP F 438 -6.64 66.34 -35.78
C TRP F 438 -5.62 67.46 -35.64
N GLU F 439 -4.53 67.38 -36.40
CA GLU F 439 -3.56 68.48 -36.41
C GLU F 439 -4.19 69.74 -36.98
N SER F 440 -5.10 69.60 -37.95
CA SER F 440 -5.74 70.76 -38.55
C SER F 440 -6.65 71.50 -37.59
N GLN F 441 -7.05 70.86 -36.48
CA GLN F 441 -7.67 71.58 -35.37
C GLN F 441 -6.72 71.84 -34.20
N GLY F 442 -5.46 71.46 -34.32
CA GLY F 442 -4.46 71.70 -33.29
C GLY F 442 -4.02 70.46 -32.53
N GLY F 443 -4.73 69.34 -32.66
CA GLY F 443 -4.31 68.10 -32.01
C GLY F 443 -4.97 67.89 -30.68
N LEU F 444 -5.10 66.61 -30.30
CA LEU F 444 -5.69 66.21 -29.04
C LEU F 444 -4.98 64.98 -28.49
N LEU F 445 -4.70 65.01 -27.18
CA LEU F 445 -4.14 63.86 -26.47
C LEU F 445 -2.90 63.29 -27.17
N GLY F 446 -2.09 64.19 -27.73
CA GLY F 446 -0.87 63.80 -28.39
C GLY F 446 -1.01 63.47 -29.86
N VAL F 447 -2.24 63.41 -30.37
CA VAL F 447 -2.48 63.14 -31.79
C VAL F 447 -2.51 64.47 -32.54
N GLY F 448 -1.62 64.63 -33.51
CA GLY F 448 -1.58 65.85 -34.30
C GLY F 448 -1.27 67.09 -33.50
N GLU F 449 -0.41 66.98 -32.51
CA GLU F 449 -0.02 68.11 -31.66
C GLU F 449 1.42 68.49 -31.98
N SER F 450 1.63 69.75 -32.36
CA SER F 450 2.95 70.22 -32.72
C SER F 450 3.87 70.21 -31.50
N GLY F 451 5.11 69.76 -31.72
CA GLY F 451 6.09 69.74 -30.64
C GLY F 451 5.70 68.87 -29.46
N PHE F 452 4.93 67.82 -29.69
CA PHE F 452 4.52 66.92 -28.63
C PHE F 452 5.56 65.81 -28.44
N VAL F 453 6.00 65.61 -27.21
CA VAL F 453 6.97 64.59 -26.88
C VAL F 453 6.23 63.29 -26.57
N GLU F 454 6.51 62.25 -27.33
CA GLU F 454 5.94 60.93 -27.11
C GLU F 454 6.93 60.08 -26.32
N GLU F 455 6.46 59.43 -25.28
CA GLU F 455 7.34 58.62 -24.44
C GLU F 455 7.78 57.38 -25.19
N SER F 456 9.06 57.02 -25.02
CA SER F 456 9.58 55.82 -25.65
C SER F 456 8.99 54.58 -24.99
N ASN F 457 8.89 53.51 -25.78
CA ASN F 457 8.24 52.29 -25.31
C ASN F 457 8.94 51.74 -24.07
N LEU F 458 8.14 51.24 -23.14
CA LEU F 458 8.69 50.59 -21.96
C LEU F 458 9.61 49.44 -22.33
N TRP F 459 9.30 48.75 -23.42
CA TRP F 459 10.14 47.66 -23.92
C TRP F 459 11.15 48.22 -24.91
N THR F 460 12.42 48.23 -24.53
CA THR F 460 13.50 48.71 -25.36
C THR F 460 13.88 47.66 -26.39
N SER F 461 14.53 48.13 -27.47
CA SER F 461 15.03 47.20 -28.49
C SER F 461 15.90 46.11 -27.86
N SER F 462 16.69 46.47 -26.85
CA SER F 462 17.53 45.48 -26.18
C SER F 462 16.68 44.43 -25.48
N GLN F 463 15.56 44.84 -24.88
CA GLN F 463 14.71 43.90 -24.15
C GLN F 463 13.90 43.02 -25.11
N LEU F 464 13.45 43.58 -26.23
CA LEU F 464 12.65 42.81 -27.18
C LEU F 464 13.46 41.71 -27.86
N SER F 465 14.79 41.83 -27.88
CA SER F 465 15.64 40.83 -28.52
C SER F 465 15.95 39.66 -27.60
N LEU F 466 15.61 39.74 -26.32
CA LEU F 466 15.85 38.63 -25.42
C LEU F 466 14.95 37.45 -25.76
N THR F 467 15.39 36.26 -25.41
CA THR F 467 14.61 35.03 -25.58
C THR F 467 14.54 34.30 -24.25
N ASN F 468 13.82 33.18 -24.24
CA ASN F 468 13.66 32.45 -22.98
C ASN F 468 14.99 31.92 -22.46
N ASP F 469 15.96 31.68 -23.36
CA ASP F 469 17.26 31.21 -22.93
C ASP F 469 18.00 32.23 -22.08
N ASP F 470 17.66 33.52 -22.20
CA ASP F 470 18.32 34.55 -21.42
C ASP F 470 17.82 34.61 -19.98
N LEU F 471 16.77 33.87 -19.64
CA LEU F 471 16.24 33.88 -18.28
C LEU F 471 17.00 32.93 -17.38
N ASN F 472 17.10 33.30 -16.12
CA ASN F 472 17.79 32.47 -15.14
C ASN F 472 17.12 31.10 -15.09
N PRO F 473 17.88 30.00 -15.13
CA PRO F 473 17.24 28.67 -15.11
C PRO F 473 16.34 28.43 -13.90
N ASN F 474 16.50 29.19 -12.81
CA ASN F 474 15.74 28.90 -11.61
C ASN F 474 14.26 29.27 -11.72
N VAL F 475 13.85 29.96 -12.79
CA VAL F 475 12.44 30.26 -12.98
C VAL F 475 11.69 29.15 -13.70
N ARG F 476 12.39 28.22 -14.35
CA ARG F 476 11.75 27.11 -15.04
C ARG F 476 11.50 26.00 -14.04
N ASP F 477 10.23 25.58 -13.93
CA ASP F 477 9.83 24.52 -13.02
C ASP F 477 10.52 24.66 -11.66
N PRO F 478 10.44 25.81 -11.01
CA PRO F 478 10.95 25.90 -9.65
C PRO F 478 9.99 25.20 -8.71
N ILE F 479 10.54 24.58 -7.68
CA ILE F 479 9.70 23.99 -6.65
C ILE F 479 9.14 25.10 -5.77
N VAL F 480 7.83 25.10 -5.58
CA VAL F 480 7.17 26.12 -4.78
C VAL F 480 6.12 25.47 -3.90
#